data_9RMM
#
_entry.id   9RMM
#
_cell.length_a   88.055
_cell.length_b   326.789
_cell.length_c   88.101
_cell.angle_alpha   90.000
_cell.angle_beta   120.270
_cell.angle_gamma   90.000
#
_symmetry.space_group_name_H-M   'P 1 21 1'
#
loop_
_entity.id
_entity.type
_entity.pdbx_description
1 polymer 'Probable outer membrane lipoprotein SilC'
2 polymer 'Probable outer membrane lipoprotein SilC'
#
loop_
_entity_poly.entity_id
_entity_poly.type
_entity_poly.pdbx_seq_one_letter_code
_entity_poly.pdbx_strand_id
1 'polypeptide(L)'
;MFKLKLLSISTIFILAGCVSLAPEYQRPPAPVPQQFSLSKNSLTPAVNSYQDTGWRNFFVDPQVSRLIGEALNNNRDLRM
AALKVEEARAQFNVTDADRYPQLNASSGITYNGGLKGDKPTTQEYDAGLELSYELDFFGKLKNMSEADRQNYFASEEARR
AVHILLVSNVSQSYFSQQLAYEQLRIARETLKNYEQSYAFVEQQLVTGSTNVLALEQARGQIESTRAEIAKREGDLAQAN
NALQLVLGTYRAVPSEKGIKGGEIAPVKLPPNLSSQILLQRPDIMEAEYQLKAADANIGAARAAFFPSITLTSGLSSSST
ELSSLFTSGSGMWNFIPKIEIPIFNAGRNKANLKLAEIRQQQSVVNYEQKIQSAFKDVSDTLALRDSLSQQLESQQRYLD
SLQITLQRARGLYASGAVSYIEVLDAERSLFATQQTILDLTYSRQVNEINLFTALGGGWVEK
;
A,B,D,E,F
2 'polypeptide(L)'
;MFKLKLLSISTIFILAGCVSLAPEYQRPPAPVPQQFSLSKNSLTPAVNSYQDTGWRNFFVDPQVSRLIGEALNNNRDLRM
AALKVEEARAQFNVTDADRYPQLNASSGITYNGGLKGDKPTTQEYDAGLELSYELDFFGKLKNMSEADRQNYFASEEARR
AVHILLVSNVSQSYFSQQLAYEQLRIARETLKNYEQSYAFVEQQLVTGSTNVLALEQARGQIESTRAEIAKREGDLAQAN
NALQLVLGTYRAVPSEKGIKGGEIAPVKLPPNLSSQILLQRPDIMEAEYQLKAADANIGAARAAFFPSITLTSGLSSSST
ELSSLFTSGSGMWNFIPKIEIPIFNAGRNKANLKLAEIRQQQSVVNYEQKIQSAFKDVSDTLALRDSLSQQLESQQRYLD
SLQITLQRARGLYASGAVSYIEVLDAERSLFATQQTILDLTYSRQVNEINLFTALGGGWVEKH
;
C
#
# COMPACT_ATOMS: atom_id res chain seq x y z
N CYS A 18 26.41 59.71 42.50
CA CYS A 18 26.16 58.27 42.45
C CYS A 18 25.87 57.86 40.99
N VAL A 19 26.38 56.71 40.56
CA VAL A 19 26.29 56.19 39.20
C VAL A 19 25.72 54.78 39.24
N SER A 20 24.90 54.43 38.25
CA SER A 20 24.49 53.05 38.03
C SER A 20 25.00 52.57 36.68
N LEU A 21 25.88 51.59 36.69
CA LEU A 21 26.42 51.07 35.44
C LEU A 21 25.55 50.01 34.79
N ALA A 22 24.46 49.58 35.44
CA ALA A 22 23.60 48.57 34.85
C ALA A 22 23.00 49.08 33.53
N PRO A 23 22.64 48.18 32.63
CA PRO A 23 22.03 48.58 31.36
C PRO A 23 20.55 48.91 31.51
N GLU A 24 20.04 49.67 30.54
CA GLU A 24 18.61 49.91 30.46
C GLU A 24 17.87 48.64 30.09
N TYR A 25 16.69 48.49 30.68
CA TYR A 25 15.91 47.30 30.42
C TYR A 25 15.23 47.45 29.08
N GLN A 26 15.36 46.41 28.26
CA GLN A 26 14.56 46.24 27.06
C GLN A 26 13.90 44.88 27.20
N ARG A 27 12.60 44.80 26.95
CA ARG A 27 11.96 43.49 26.98
C ARG A 27 12.25 42.74 25.69
N PRO A 28 12.72 41.50 25.74
CA PRO A 28 12.98 40.75 24.51
C PRO A 28 11.69 40.51 23.74
N PRO A 29 11.76 40.70 22.44
CA PRO A 29 10.59 40.44 21.57
C PRO A 29 10.20 38.97 21.64
N ALA A 30 8.89 38.71 21.77
CA ALA A 30 8.43 37.34 22.07
C ALA A 30 8.54 36.44 20.85
N PRO A 31 9.23 35.37 20.94
CA PRO A 31 9.48 34.55 19.75
C PRO A 31 8.34 33.57 19.47
N VAL A 32 7.19 34.11 19.11
CA VAL A 32 6.01 33.31 18.83
C VAL A 32 5.09 34.11 17.90
N PRO A 33 4.23 33.43 17.14
CA PRO A 33 3.27 34.12 16.27
C PRO A 33 2.52 35.22 17.00
N GLN A 34 2.12 36.25 16.27
CA GLN A 34 1.36 37.31 16.94
C GLN A 34 -0.02 36.84 17.35
N GLN A 35 -0.53 35.78 16.72
CA GLN A 35 -1.88 35.32 16.96
C GLN A 35 -1.88 33.82 17.13
N PHE A 36 -2.83 33.34 17.93
CA PHE A 36 -3.17 31.93 17.89
C PHE A 36 -4.04 31.67 16.66
N SER A 37 -3.98 30.42 16.19
CA SER A 37 -4.75 30.03 15.00
C SER A 37 -6.25 30.23 15.19
N LEU A 38 -6.84 29.61 16.22
CA LEU A 38 -8.27 29.75 16.56
C LEU A 38 -9.21 29.39 15.40
N ASN A 48 -15.45 40.28 22.42
CA ASN A 48 -14.89 41.56 21.94
C ASN A 48 -13.44 41.75 22.39
N SER A 49 -13.20 41.50 23.68
CA SER A 49 -11.88 41.59 24.31
C SER A 49 -11.87 40.57 25.44
N TYR A 50 -10.75 39.87 25.62
CA TYR A 50 -10.67 38.93 26.73
C TYR A 50 -10.38 39.67 28.04
N GLN A 51 -11.19 39.38 29.06
CA GLN A 51 -10.96 39.89 30.40
C GLN A 51 -10.98 38.72 31.38
N ASP A 52 -10.27 38.88 32.51
CA ASP A 52 -10.24 37.87 33.57
C ASP A 52 -11.40 38.19 34.51
N THR A 53 -12.55 37.60 34.22
CA THR A 53 -13.62 37.46 35.22
C THR A 53 -13.17 36.43 36.25
N GLY A 54 -13.35 36.73 37.53
CA GLY A 54 -12.78 35.91 38.59
C GLY A 54 -13.01 34.42 38.49
N TRP A 55 -12.23 33.59 39.20
CA TRP A 55 -12.50 32.16 39.11
C TRP A 55 -13.82 31.77 39.73
N ARG A 56 -14.53 32.74 40.32
CA ARG A 56 -15.90 32.48 40.77
C ARG A 56 -16.87 32.38 39.60
N ASN A 57 -16.67 33.19 38.53
CA ASN A 57 -17.50 33.09 37.32
C ASN A 57 -17.23 31.81 36.55
N PHE A 58 -15.95 31.40 36.49
CA PHE A 58 -15.57 30.26 35.67
C PHE A 58 -16.11 28.98 36.26
N PHE A 59 -15.95 28.80 37.56
CA PHE A 59 -16.42 27.58 38.22
C PHE A 59 -17.85 27.75 38.66
N VAL A 60 -18.75 27.27 37.82
CA VAL A 60 -20.17 27.36 38.09
C VAL A 60 -20.53 26.53 39.32
N ASP A 61 -20.04 25.28 39.39
CA ASP A 61 -20.32 24.36 40.50
C ASP A 61 -19.90 24.97 41.83
N PRO A 62 -20.78 25.02 42.83
CA PRO A 62 -20.39 25.62 44.10
C PRO A 62 -19.47 24.73 44.95
N GLN A 63 -19.38 23.44 44.62
CA GLN A 63 -18.53 22.56 45.41
C GLN A 63 -17.08 22.81 45.10
N VAL A 64 -16.74 22.97 43.82
CA VAL A 64 -15.37 23.31 43.46
C VAL A 64 -14.98 24.67 44.05
N SER A 65 -15.92 25.62 44.12
CA SER A 65 -15.62 26.88 44.78
C SER A 65 -15.28 26.67 46.25
N ARG A 66 -16.03 25.81 46.94
CA ARG A 66 -15.83 25.64 48.37
C ARG A 66 -14.56 24.85 48.69
N LEU A 67 -14.20 23.92 47.82
CA LEU A 67 -12.95 23.18 48.01
C LEU A 67 -11.74 24.05 47.74
N ILE A 68 -11.83 24.92 46.71
CA ILE A 68 -10.77 25.88 46.44
C ILE A 68 -10.51 26.75 47.65
N GLY A 69 -11.58 27.22 48.29
CA GLY A 69 -11.41 28.01 49.48
C GLY A 69 -10.70 27.24 50.57
N GLU A 70 -11.09 25.97 50.74
CA GLU A 70 -10.47 25.17 51.78
C GLU A 70 -9.00 24.96 51.48
N ALA A 71 -8.69 24.70 50.21
CA ALA A 71 -7.31 24.42 49.81
C ALA A 71 -6.46 25.67 49.83
N LEU A 72 -7.03 26.83 49.46
CA LEU A 72 -6.29 28.09 49.56
C LEU A 72 -5.82 28.43 50.96
N ASN A 73 -6.33 27.77 51.99
CA ASN A 73 -5.93 28.05 53.36
C ASN A 73 -5.20 26.89 54.00
N ASN A 74 -5.04 25.77 53.28
CA ASN A 74 -4.46 24.58 53.89
C ASN A 74 -3.46 23.84 53.03
N ASN A 75 -3.38 24.09 51.74
CA ASN A 75 -2.39 23.37 50.96
C ASN A 75 -0.97 23.75 51.36
N ARG A 76 -0.14 22.73 51.67
CA ARG A 76 1.24 23.01 52.09
C ARG A 76 2.09 23.61 50.97
N ASP A 77 1.87 23.25 49.71
CA ASP A 77 2.69 23.78 48.63
C ASP A 77 2.51 25.27 48.48
N LEU A 78 1.28 25.75 48.66
CA LEU A 78 1.11 27.19 48.61
C LEU A 78 1.81 27.82 49.80
N ARG A 79 1.75 27.18 50.97
N ARG A 79 1.74 27.19 50.98
CA ARG A 79 2.40 27.71 52.17
CA ARG A 79 2.40 27.73 52.16
C ARG A 79 3.90 27.83 51.97
C ARG A 79 3.90 27.84 51.95
N MET A 80 4.51 26.83 51.35
CA MET A 80 5.92 26.89 51.03
C MET A 80 6.23 28.03 50.05
N ALA A 81 5.31 28.31 49.13
CA ALA A 81 5.58 29.32 48.11
C ALA A 81 5.57 30.72 48.70
N ALA A 82 4.67 30.93 49.66
CA ALA A 82 4.61 32.16 50.42
C ALA A 82 5.84 32.33 51.31
N LEU A 83 6.23 31.26 52.02
CA LEU A 83 7.50 31.31 52.76
C LEU A 83 8.67 31.64 51.86
N LYS A 84 8.62 31.21 50.60
CA LYS A 84 9.72 31.50 49.68
C LYS A 84 9.75 32.97 49.31
N VAL A 85 8.58 33.61 49.34
CA VAL A 85 8.51 35.04 49.14
C VAL A 85 9.15 35.77 50.30
N GLU A 86 8.92 35.27 51.51
CA GLU A 86 9.45 35.91 52.71
C GLU A 86 10.97 35.71 52.78
N GLU A 87 11.42 34.53 52.38
CA GLU A 87 12.85 34.29 52.28
C GLU A 87 13.49 35.37 51.45
N ALA A 88 12.85 35.71 50.33
CA ALA A 88 13.44 36.59 49.32
C ALA A 88 13.47 38.04 49.76
N ARG A 89 12.47 38.46 50.54
CA ARG A 89 12.45 39.78 51.17
C ARG A 89 13.48 39.89 52.28
N ALA A 90 13.61 38.86 53.11
CA ALA A 90 14.70 38.86 54.06
C ALA A 90 16.05 38.88 53.33
N GLN A 91 16.18 38.14 52.23
CA GLN A 91 17.47 38.13 51.55
C GLN A 91 17.83 39.50 50.98
N PHE A 92 16.81 40.30 50.66
CA PHE A 92 17.07 41.64 50.16
C PHE A 92 17.57 42.57 51.26
N ASN A 93 17.04 42.39 52.47
CA ASN A 93 17.47 43.20 53.62
C ASN A 93 18.88 42.85 54.06
N VAL A 94 19.27 41.58 53.96
CA VAL A 94 20.64 41.19 54.25
C VAL A 94 21.61 41.85 53.28
N THR A 95 21.23 41.92 52.00
CA THR A 95 22.13 42.49 51.00
C THR A 95 22.11 44.01 51.02
N ASP A 96 21.00 44.62 51.46
CA ASP A 96 20.90 46.06 51.45
C ASP A 96 21.71 46.68 52.57
N ALA A 97 22.04 45.90 53.59
CA ALA A 97 22.70 46.43 54.79
C ALA A 97 24.05 47.03 54.47
N ASP A 98 24.72 46.49 53.45
CA ASP A 98 26.00 47.00 53.01
C ASP A 98 25.92 48.45 52.56
N ARG A 99 24.74 48.96 52.26
CA ARG A 99 24.73 50.31 51.73
C ARG A 99 24.77 51.36 52.83
N TYR A 100 24.68 50.97 54.09
CA TYR A 100 24.45 51.88 55.20
C TYR A 100 25.69 51.96 56.10
N PRO A 101 25.89 53.08 56.83
CA PRO A 101 27.03 53.14 57.76
C PRO A 101 26.89 52.08 58.85
N GLN A 102 28.03 51.65 59.37
CA GLN A 102 28.12 50.50 60.27
C GLN A 102 28.92 50.86 61.51
N LEU A 103 28.45 50.42 62.68
CA LEU A 103 29.06 50.83 63.93
C LEU A 103 29.44 49.60 64.77
N ASN A 104 30.71 49.53 65.19
CA ASN A 104 31.20 48.38 65.93
C ASN A 104 32.14 48.85 67.03
N ALA A 105 32.14 48.14 68.16
CA ALA A 105 32.98 48.39 69.31
C ALA A 105 33.89 47.20 69.57
N SER A 106 35.03 47.47 70.19
CA SER A 106 35.97 46.40 70.48
C SER A 106 36.84 46.85 71.63
N SER A 107 37.02 45.95 72.58
CA SER A 107 37.94 46.15 73.68
C SER A 107 39.06 45.14 73.56
N GLY A 108 40.07 45.35 74.41
CA GLY A 108 41.25 44.52 74.36
C GLY A 108 42.39 44.96 75.25
N ILE A 109 42.99 43.96 75.88
CA ILE A 109 44.26 44.08 76.59
C ILE A 109 45.35 43.40 75.78
N THR A 110 46.54 44.00 75.77
CA THR A 110 47.66 43.44 75.04
C THR A 110 48.84 43.32 75.99
N TYR A 111 49.31 42.10 76.19
CA TYR A 111 50.52 41.80 76.96
C TYR A 111 51.69 41.58 76.01
N ASN A 112 52.86 42.07 76.41
CA ASN A 112 53.99 42.07 75.51
C ASN A 112 55.26 42.07 76.36
N GLY A 113 56.13 41.08 76.18
CA GLY A 113 57.40 41.04 76.90
C GLY A 113 58.43 40.27 76.09
N GLY A 114 59.68 40.29 76.57
CA GLY A 114 60.75 39.53 75.94
C GLY A 114 61.04 38.21 76.63
N LEU A 115 61.67 37.28 75.89
CA LEU A 115 61.93 35.92 76.38
C LEU A 115 63.15 35.83 77.28
N LYS A 116 64.29 36.40 76.85
CA LYS A 116 65.49 36.46 77.67
C LYS A 116 65.81 37.86 78.17
N GLY A 117 65.73 38.87 77.30
CA GLY A 117 66.02 40.24 77.67
C GLY A 117 65.09 40.78 78.74
N ASP A 118 65.64 41.25 79.86
CA ASP A 118 64.79 41.75 80.95
C ASP A 118 64.12 43.05 80.53
N LYS A 119 63.05 42.92 79.77
CA LYS A 119 62.20 44.05 79.40
C LYS A 119 60.86 43.82 80.07
N PRO A 120 60.58 44.49 81.19
CA PRO A 120 59.32 44.28 81.92
C PRO A 120 58.11 44.13 80.99
N THR A 121 57.18 43.24 81.35
CA THR A 121 56.05 42.91 80.49
C THR A 121 55.04 44.06 80.41
N THR A 122 54.78 44.52 79.18
CA THR A 122 53.96 45.69 78.95
C THR A 122 52.48 45.33 79.07
N GLN A 123 51.65 46.36 79.23
CA GLN A 123 50.21 46.22 79.30
C GLN A 123 49.61 47.37 78.53
N GLU A 124 48.84 47.04 77.50
CA GLU A 124 48.16 48.02 76.66
C GLU A 124 46.69 47.67 76.69
N TYR A 125 45.92 48.51 77.35
CA TYR A 125 44.48 48.40 77.42
C TYR A 125 43.88 49.27 76.33
N ASP A 126 42.87 48.75 75.64
CA ASP A 126 42.30 49.52 74.55
C ASP A 126 40.80 49.30 74.50
N ALA A 127 40.08 50.36 74.16
CA ALA A 127 38.66 50.29 73.82
C ALA A 127 38.41 51.20 72.63
N GLY A 128 37.51 50.80 71.74
CA GLY A 128 37.31 51.52 70.49
C GLY A 128 35.90 51.43 69.95
N LEU A 129 35.54 52.42 69.15
CA LEU A 129 34.22 52.53 68.52
C LEU A 129 34.44 53.01 67.08
N GLU A 130 34.13 52.15 66.10
CA GLU A 130 34.51 52.44 64.72
C GLU A 130 33.25 52.55 63.89
N LEU A 131 33.28 53.44 62.90
CA LEU A 131 32.13 53.73 62.05
C LEU A 131 32.60 53.63 60.60
N SER A 132 32.18 52.56 59.93
CA SER A 132 32.62 52.24 58.58
C SER A 132 31.50 52.61 57.61
N TYR A 133 31.89 52.95 56.38
CA TYR A 133 30.89 53.32 55.40
C TYR A 133 31.48 53.24 54.00
N GLU A 134 30.92 52.38 53.14
CA GLU A 134 31.32 52.36 51.74
C GLU A 134 30.52 53.40 50.97
N LEU A 135 31.23 54.28 50.27
CA LEU A 135 30.56 55.26 49.43
C LEU A 135 29.70 54.60 48.36
N ASP A 136 30.31 53.77 47.50
CA ASP A 136 29.64 53.11 46.37
C ASP A 136 29.33 54.13 45.28
N PHE A 137 30.35 54.85 44.85
CA PHE A 137 30.12 55.95 43.93
C PHE A 137 29.68 55.47 42.56
N PHE A 138 29.96 54.22 42.23
CA PHE A 138 29.67 53.67 40.90
C PHE A 138 28.57 52.62 40.95
N GLY A 139 27.89 52.50 42.09
CA GLY A 139 26.69 51.71 42.22
C GLY A 139 26.93 50.22 42.13
N LYS A 140 27.92 49.72 42.87
CA LYS A 140 28.12 48.29 42.98
C LYS A 140 27.12 47.69 43.95
N LEU A 141 27.15 48.16 45.19
CA LEU A 141 26.24 47.62 46.18
C LEU A 141 24.80 47.98 45.85
N LYS A 142 24.57 49.17 45.29
CA LYS A 142 23.21 49.53 44.93
C LYS A 142 22.68 48.58 43.86
N ASN A 143 23.48 48.25 42.84
CA ASN A 143 23.01 47.29 41.85
C ASN A 143 22.78 45.91 42.44
N MET A 144 23.59 45.48 43.40
CA MET A 144 23.41 44.15 43.98
C MET A 144 22.18 44.07 44.86
N SER A 145 21.85 45.14 45.55
CA SER A 145 20.56 45.18 46.21
C SER A 145 19.41 45.14 45.20
N GLU A 146 19.59 45.74 44.02
CA GLU A 146 18.49 45.76 43.06
C GLU A 146 18.27 44.40 42.42
N ALA A 147 19.34 43.67 42.15
CA ALA A 147 19.18 42.30 41.71
C ALA A 147 18.33 41.50 42.69
N ASP A 148 18.53 41.74 43.98
CA ASP A 148 17.77 41.03 44.99
C ASP A 148 16.37 41.59 45.13
N ARG A 149 16.19 42.89 44.95
CA ARG A 149 14.83 43.39 44.80
C ARG A 149 14.14 42.64 43.66
N GLN A 150 14.76 42.58 42.49
CA GLN A 150 14.12 41.94 41.36
C GLN A 150 13.81 40.48 41.65
N ASN A 151 14.71 39.82 42.35
CA ASN A 151 14.50 38.42 42.64
C ASN A 151 13.37 38.23 43.63
N TYR A 152 13.03 39.26 44.37
CA TYR A 152 11.89 39.15 45.27
C TYR A 152 10.60 39.23 44.48
N PHE A 153 10.54 40.15 43.54
CA PHE A 153 9.42 40.19 42.64
C PHE A 153 9.27 38.88 41.93
N ALA A 154 10.38 38.31 41.46
CA ALA A 154 10.29 36.98 40.86
C ALA A 154 9.59 36.01 41.81
N SER A 155 10.06 35.93 43.05
CA SER A 155 9.49 34.99 44.00
C SER A 155 8.01 35.26 44.25
N GLU A 156 7.56 36.50 44.10
CA GLU A 156 6.14 36.80 44.21
C GLU A 156 5.36 36.25 43.02
N GLU A 157 5.85 36.45 41.80
CA GLU A 157 5.21 35.83 40.65
C GLU A 157 5.25 34.32 40.75
N ALA A 158 6.21 33.78 41.46
CA ALA A 158 6.28 32.33 41.64
C ALA A 158 5.15 31.83 42.53
N ARG A 159 4.92 32.50 43.67
CA ARG A 159 3.78 32.20 44.51
C ARG A 159 2.51 32.19 43.68
N ARG A 160 2.31 33.25 42.89
CA ARG A 160 1.12 33.37 42.04
C ARG A 160 0.96 32.17 41.12
N ALA A 161 2.03 31.76 40.45
CA ALA A 161 2.00 30.57 39.62
C ALA A 161 1.62 29.33 40.43
N VAL A 162 2.21 29.16 41.61
CA VAL A 162 1.81 28.06 42.49
C VAL A 162 0.34 28.17 42.87
N HIS A 163 -0.14 29.40 43.05
CA HIS A 163 -1.53 29.62 43.42
C HIS A 163 -2.46 29.10 42.34
N ILE A 164 -2.32 29.63 41.12
CA ILE A 164 -3.27 29.24 40.08
C ILE A 164 -3.13 27.75 39.76
N LEU A 165 -1.91 27.21 39.79
CA LEU A 165 -1.74 25.78 39.58
C LEU A 165 -2.40 24.98 40.69
N LEU A 166 -2.44 25.52 41.90
CA LEU A 166 -3.21 24.85 42.95
C LEU A 166 -4.67 24.83 42.57
N VAL A 167 -5.20 25.96 42.13
CA VAL A 167 -6.58 26.04 41.70
C VAL A 167 -6.84 24.94 40.66
N SER A 168 -5.98 24.84 39.64
CA SER A 168 -6.19 23.84 38.59
C SER A 168 -6.18 22.43 39.16
N ASN A 169 -5.28 22.15 40.09
CA ASN A 169 -5.19 20.79 40.63
C ASN A 169 -6.37 20.46 41.50
N VAL A 170 -6.85 21.43 42.28
CA VAL A 170 -7.98 21.17 43.14
C VAL A 170 -9.19 20.84 42.28
N SER A 171 -9.48 21.68 41.28
CA SER A 171 -10.68 21.51 40.48
C SER A 171 -10.64 20.19 39.70
N GLN A 172 -9.54 19.92 39.01
CA GLN A 172 -9.44 18.67 38.30
C GLN A 172 -9.55 17.49 39.26
N SER A 173 -9.07 17.66 40.49
CA SER A 173 -9.12 16.59 41.46
C SER A 173 -10.55 16.28 41.85
N TYR A 174 -11.36 17.33 42.01
CA TYR A 174 -12.76 17.12 42.32
C TYR A 174 -13.47 16.55 41.11
N PHE A 175 -13.28 17.17 39.94
CA PHE A 175 -13.95 16.64 38.77
C PHE A 175 -13.54 15.19 38.53
N SER A 176 -12.30 14.84 38.84
CA SER A 176 -11.88 13.46 38.63
C SER A 176 -12.60 12.52 39.58
N GLN A 177 -12.76 12.93 40.84
CA GLN A 177 -13.56 12.16 41.79
C GLN A 177 -14.97 11.92 41.26
N GLN A 178 -15.64 12.99 40.82
CA GLN A 178 -16.99 12.89 40.29
C GLN A 178 -17.07 11.87 39.16
N LEU A 179 -16.16 11.95 38.18
CA LEU A 179 -16.09 10.92 37.15
C LEU A 179 -16.08 9.52 37.77
N ALA A 180 -15.17 9.28 38.72
CA ALA A 180 -15.13 7.99 39.38
C ALA A 180 -16.51 7.59 39.92
N TYR A 181 -17.26 8.56 40.44
CA TYR A 181 -18.59 8.28 40.98
C TYR A 181 -19.54 7.81 39.90
N GLU A 182 -19.56 8.51 38.75
CA GLU A 182 -20.43 8.14 37.64
C GLU A 182 -20.06 6.76 37.11
N GLN A 183 -18.77 6.55 36.81
CA GLN A 183 -18.34 5.27 36.23
C GLN A 183 -18.73 4.13 37.14
N LEU A 184 -18.56 4.31 38.44
CA LEU A 184 -18.96 3.27 39.37
C LEU A 184 -20.46 3.08 39.31
N ARG A 185 -21.21 4.16 39.11
CA ARG A 185 -22.64 4.02 39.27
C ARG A 185 -23.22 3.30 38.06
N ILE A 186 -22.80 3.72 36.86
CA ILE A 186 -23.30 3.07 35.67
C ILE A 186 -22.80 1.64 35.53
N ALA A 187 -21.67 1.32 36.16
CA ALA A 187 -21.24 -0.07 36.18
C ALA A 187 -22.20 -0.90 37.00
N ARG A 188 -22.56 -0.41 38.18
CA ARG A 188 -23.59 -1.08 38.97
C ARG A 188 -24.89 -1.19 38.20
N GLU A 189 -25.27 -0.14 37.46
CA GLU A 189 -26.49 -0.20 36.68
C GLU A 189 -26.41 -1.27 35.59
N THR A 190 -25.30 -1.30 34.85
CA THR A 190 -25.14 -2.32 33.82
C THR A 190 -25.30 -3.70 34.41
N LEU A 191 -24.69 -3.91 35.57
CA LEU A 191 -24.73 -5.20 36.23
C LEU A 191 -26.18 -5.62 36.50
N LYS A 192 -27.04 -4.67 36.89
CA LYS A 192 -28.42 -5.05 37.10
C LYS A 192 -29.10 -5.33 35.78
N ASN A 193 -28.67 -4.65 34.73
CA ASN A 193 -29.19 -4.93 33.41
C ASN A 193 -28.85 -6.34 32.99
N TYR A 194 -27.58 -6.70 33.14
CA TYR A 194 -27.16 -8.01 32.65
C TYR A 194 -27.72 -9.14 33.49
N GLU A 195 -28.06 -8.87 34.75
CA GLU A 195 -28.75 -9.88 35.56
C GLU A 195 -30.14 -10.15 35.00
N GLN A 196 -30.84 -9.09 34.59
CA GLN A 196 -32.15 -9.25 33.97
C GLN A 196 -32.05 -9.97 32.62
N SER A 197 -31.08 -9.61 31.79
CA SER A 197 -30.78 -10.43 30.62
C SER A 197 -30.68 -11.89 31.02
N TYR A 198 -29.89 -12.17 32.06
CA TYR A 198 -29.70 -13.57 32.43
C TYR A 198 -31.03 -14.22 32.76
N ALA A 199 -31.95 -13.46 33.36
CA ALA A 199 -33.28 -13.99 33.66
C ALA A 199 -34.04 -14.25 32.38
N PHE A 200 -34.13 -13.22 31.53
CA PHE A 200 -34.76 -13.35 30.23
C PHE A 200 -34.30 -14.61 29.51
N VAL A 201 -33.01 -14.91 29.51
CA VAL A 201 -32.53 -16.15 28.89
C VAL A 201 -32.88 -17.37 29.75
N GLU A 202 -32.71 -17.26 31.07
CA GLU A 202 -32.97 -18.36 31.98
C GLU A 202 -34.38 -18.95 31.86
N GLN A 203 -35.41 -18.09 31.74
CA GLN A 203 -36.78 -18.62 31.63
C GLN A 203 -37.03 -19.29 30.29
N GLN A 204 -36.39 -18.82 29.22
CA GLN A 204 -36.57 -19.49 27.94
C GLN A 204 -35.82 -20.82 27.83
N LEU A 205 -34.86 -21.07 28.71
CA LEU A 205 -34.15 -22.35 28.74
C LEU A 205 -34.85 -23.40 29.61
N VAL A 206 -35.47 -22.97 30.72
CA VAL A 206 -36.37 -23.82 31.51
C VAL A 206 -37.49 -24.38 30.66
N THR A 207 -37.84 -23.68 29.58
CA THR A 207 -38.91 -24.07 28.68
C THR A 207 -38.41 -24.29 27.24
N GLY A 208 -37.12 -24.57 27.06
CA GLY A 208 -36.57 -25.14 25.85
C GLY A 208 -36.54 -24.29 24.58
N SER A 209 -36.90 -22.99 24.63
CA SER A 209 -36.92 -22.21 23.40
C SER A 209 -35.51 -21.95 22.85
N THR A 210 -34.52 -21.71 23.73
CA THR A 210 -33.15 -21.32 23.38
C THR A 210 -32.16 -22.47 23.56
N ASN A 211 -30.88 -22.15 23.41
CA ASN A 211 -29.78 -23.04 23.75
C ASN A 211 -29.21 -22.63 25.09
N VAL A 212 -28.36 -23.49 25.64
CA VAL A 212 -27.67 -23.15 26.87
C VAL A 212 -26.44 -22.27 26.60
N LEU A 213 -26.08 -22.07 25.32
CA LEU A 213 -24.96 -21.20 24.98
C LEU A 213 -25.29 -19.75 25.30
N ALA A 214 -26.52 -19.34 25.01
CA ALA A 214 -26.98 -18.03 25.44
C ALA A 214 -26.70 -17.83 26.92
N LEU A 215 -27.09 -18.82 27.74
CA LEU A 215 -27.07 -18.63 29.19
C LEU A 215 -25.64 -18.51 29.70
N GLU A 216 -24.69 -19.22 29.09
CA GLU A 216 -23.31 -19.03 29.53
C GLU A 216 -22.75 -17.71 29.05
N GLN A 217 -23.20 -17.25 27.87
CA GLN A 217 -22.86 -15.90 27.41
C GLN A 217 -23.39 -14.84 28.36
N ALA A 218 -24.64 -14.97 28.81
CA ALA A 218 -25.16 -14.03 29.81
C ALA A 218 -24.48 -14.22 31.16
N ARG A 219 -24.26 -15.46 31.60
CA ARG A 219 -23.49 -15.62 32.83
C ARG A 219 -22.14 -14.91 32.69
N GLY A 220 -21.52 -15.00 31.51
CA GLY A 220 -20.20 -14.40 31.33
C GLY A 220 -20.20 -12.91 31.61
N GLN A 221 -21.09 -12.19 30.95
CA GLN A 221 -21.19 -10.75 31.08
C GLN A 221 -21.34 -10.36 32.54
N ILE A 222 -22.13 -11.13 33.29
CA ILE A 222 -22.36 -10.79 34.69
C ILE A 222 -21.04 -10.79 35.44
N GLU A 223 -20.28 -11.87 35.32
CA GLU A 223 -19.01 -11.94 36.06
C GLU A 223 -18.03 -10.89 35.57
N SER A 224 -17.97 -10.66 34.27
CA SER A 224 -17.16 -9.57 33.73
C SER A 224 -17.51 -8.24 34.39
N THR A 225 -18.79 -7.87 34.35
CA THR A 225 -19.18 -6.60 34.92
C THR A 225 -18.89 -6.53 36.41
N ARG A 226 -19.09 -7.63 37.14
CA ARG A 226 -18.70 -7.66 38.53
C ARG A 226 -17.24 -7.24 38.72
N ALA A 227 -16.34 -7.70 37.84
CA ALA A 227 -14.95 -7.29 37.96
C ALA A 227 -14.82 -5.78 37.73
N GLU A 228 -15.49 -5.24 36.71
CA GLU A 228 -15.41 -3.81 36.43
C GLU A 228 -15.79 -2.99 37.64
N ILE A 229 -16.88 -3.36 38.31
CA ILE A 229 -17.29 -2.65 39.52
C ILE A 229 -16.15 -2.60 40.52
N ALA A 230 -15.42 -3.71 40.67
CA ALA A 230 -14.30 -3.71 41.61
C ALA A 230 -13.24 -2.69 41.20
N LYS A 231 -12.94 -2.63 39.90
CA LYS A 231 -11.98 -1.66 39.39
C LYS A 231 -12.42 -0.23 39.71
N ARG A 232 -13.70 0.09 39.45
CA ARG A 232 -14.18 1.46 39.62
C ARG A 232 -14.22 1.89 41.08
N GLU A 233 -14.58 0.97 42.01
CA GLU A 233 -14.46 1.25 43.44
C GLU A 233 -13.03 1.60 43.81
N GLY A 234 -12.06 0.80 43.35
CA GLY A 234 -10.67 1.17 43.51
C GLY A 234 -10.35 2.55 42.97
N ASP A 235 -10.90 2.88 41.81
CA ASP A 235 -10.64 4.19 41.24
C ASP A 235 -11.25 5.28 42.09
N LEU A 236 -12.44 5.03 42.64
CA LEU A 236 -13.08 6.02 43.50
C LEU A 236 -12.30 6.21 44.79
N ALA A 237 -11.77 5.12 45.33
CA ALA A 237 -11.03 5.24 46.56
C ALA A 237 -9.83 6.15 46.33
N GLN A 238 -9.10 5.91 45.26
CA GLN A 238 -7.89 6.67 45.01
C GLN A 238 -8.19 8.12 44.64
N ALA A 239 -9.32 8.37 43.99
CA ALA A 239 -9.69 9.76 43.70
C ALA A 239 -9.98 10.52 44.98
N ASN A 240 -10.63 9.87 45.94
CA ASN A 240 -10.84 10.49 47.24
C ASN A 240 -9.52 10.89 47.89
N ASN A 241 -8.59 9.94 48.01
CA ASN A 241 -7.36 10.21 48.72
C ASN A 241 -6.58 11.34 48.07
N ALA A 242 -6.53 11.37 46.73
CA ALA A 242 -5.85 12.45 46.03
C ALA A 242 -6.56 13.79 46.23
N LEU A 243 -7.89 13.79 46.39
CA LEU A 243 -8.60 15.03 46.65
C LEU A 243 -8.32 15.56 48.05
N GLN A 244 -8.12 14.65 49.01
CA GLN A 244 -7.79 15.08 50.36
C GLN A 244 -6.35 15.54 50.49
N LEU A 245 -5.43 14.93 49.73
CA LEU A 245 -4.02 15.37 49.72
C LEU A 245 -3.89 16.81 49.25
N VAL A 246 -4.59 17.14 48.14
CA VAL A 246 -4.52 18.45 47.53
C VAL A 246 -5.24 19.48 48.38
N LEU A 247 -6.38 19.09 48.98
CA LEU A 247 -7.04 19.97 49.94
C LEU A 247 -6.11 20.31 51.11
N GLY A 248 -5.37 19.32 51.62
CA GLY A 248 -4.64 19.43 52.87
C GLY A 248 -5.50 19.28 54.11
N THR A 249 -6.81 19.13 53.97
CA THR A 249 -7.70 18.85 55.07
C THR A 249 -8.47 17.57 54.76
N TYR A 250 -8.79 16.83 55.82
CA TYR A 250 -9.27 15.48 55.64
C TYR A 250 -10.73 15.35 56.07
N ARG A 251 -11.50 16.42 55.90
CA ARG A 251 -12.89 16.36 56.26
C ARG A 251 -13.64 15.52 55.22
N ALA A 252 -14.95 15.43 55.39
CA ALA A 252 -15.74 14.53 54.57
C ALA A 252 -15.64 14.92 53.11
N VAL A 253 -15.28 13.98 52.26
CA VAL A 253 -15.16 14.26 50.84
C VAL A 253 -16.53 14.44 50.22
N PRO A 254 -16.62 15.22 49.15
CA PRO A 254 -17.90 15.38 48.46
C PRO A 254 -18.42 14.09 47.87
N SER A 255 -19.73 13.97 47.87
CA SER A 255 -20.38 12.81 47.30
C SER A 255 -20.63 13.08 45.84
N GLU A 256 -21.48 12.26 45.21
CA GLU A 256 -21.77 12.45 43.80
C GLU A 256 -22.83 13.53 43.65
N LYS A 257 -22.74 14.27 42.58
CA LYS A 257 -23.71 15.31 42.25
C LYS A 257 -24.91 14.69 41.52
N GLY A 258 -26.13 15.01 41.97
CA GLY A 258 -27.32 14.59 41.25
C GLY A 258 -27.49 15.27 39.90
N ILE A 259 -27.15 16.58 39.83
CA ILE A 259 -27.15 17.40 38.61
C ILE A 259 -25.89 17.11 37.78
N LYS A 260 -26.04 16.92 36.47
CA LYS A 260 -24.89 16.82 35.60
C LYS A 260 -24.98 17.91 34.54
N GLY A 261 -23.89 18.66 34.36
CA GLY A 261 -23.83 19.68 33.31
C GLY A 261 -23.76 21.14 33.75
N GLY A 262 -22.97 21.93 33.03
CA GLY A 262 -22.90 23.36 33.29
C GLY A 262 -21.99 23.76 34.41
N GLU A 263 -21.21 22.80 34.92
CA GLU A 263 -20.31 23.02 36.05
C GLU A 263 -19.29 24.11 35.76
N ILE A 264 -18.91 24.29 34.50
CA ILE A 264 -17.88 25.24 34.11
C ILE A 264 -18.43 26.21 33.08
N ALA A 265 -18.05 27.49 33.20
CA ALA A 265 -18.37 28.49 32.19
C ALA A 265 -17.11 28.74 31.35
N PRO A 266 -16.97 28.12 30.17
CA PRO A 266 -15.72 28.22 29.41
C PRO A 266 -15.26 29.64 29.19
N VAL A 267 -14.00 29.83 28.80
CA VAL A 267 -13.52 31.17 28.48
C VAL A 267 -14.08 31.63 27.15
N LYS A 268 -14.51 32.88 27.10
CA LYS A 268 -15.00 33.50 25.87
C LYS A 268 -13.84 34.25 25.21
N LEU A 269 -13.52 33.87 24.01
CA LEU A 269 -12.30 34.40 23.43
C LEU A 269 -12.62 35.26 22.22
N PRO A 270 -11.90 36.34 22.00
CA PRO A 270 -12.21 37.24 20.85
C PRO A 270 -11.89 36.56 19.53
N PRO A 271 -12.32 37.17 18.36
CA PRO A 271 -12.03 36.53 17.06
C PRO A 271 -10.56 36.26 16.83
N ASN A 272 -9.75 37.30 16.69
CA ASN A 272 -8.30 37.15 16.60
C ASN A 272 -7.75 37.38 18.01
N LEU A 273 -7.02 36.40 18.54
CA LEU A 273 -6.47 36.55 19.89
C LEU A 273 -4.96 36.77 19.83
N SER A 274 -4.45 37.64 20.70
CA SER A 274 -3.04 38.04 20.66
C SER A 274 -2.19 37.20 21.62
N SER A 275 -0.99 36.80 21.15
CA SER A 275 -0.02 36.12 22.00
C SER A 275 0.32 36.93 23.23
N GLN A 276 0.28 38.27 23.11
CA GLN A 276 0.60 39.16 24.22
C GLN A 276 -0.06 38.74 25.54
N ILE A 277 -1.24 38.12 25.49
CA ILE A 277 -1.88 37.60 26.71
C ILE A 277 -0.88 36.76 27.51
N LEU A 278 -0.04 35.98 26.81
CA LEU A 278 0.91 35.12 27.52
C LEU A 278 1.84 35.93 28.41
N LEU A 279 2.20 37.14 27.98
CA LEU A 279 3.21 37.91 28.68
C LEU A 279 2.82 38.23 30.12
N GLN A 280 1.55 38.11 30.48
CA GLN A 280 1.18 38.33 31.87
C GLN A 280 1.04 37.02 32.64
N ARG A 281 1.54 35.92 32.10
CA ARG A 281 1.53 34.68 32.85
C ARG A 281 2.55 34.74 33.99
N PRO A 282 2.25 34.12 35.14
CA PRO A 282 3.18 34.21 36.27
C PRO A 282 4.55 33.67 35.91
N ASP A 283 4.62 32.53 35.22
CA ASP A 283 5.92 31.90 35.00
C ASP A 283 6.76 32.73 34.05
N ILE A 284 6.11 33.43 33.14
CA ILE A 284 6.83 34.29 32.21
C ILE A 284 7.24 35.58 32.89
N MET A 285 6.33 36.18 33.67
CA MET A 285 6.70 37.35 34.45
C MET A 285 7.86 37.03 35.38
N GLU A 286 7.85 35.83 35.99
CA GLU A 286 8.94 35.43 36.88
C GLU A 286 10.26 35.30 36.13
N ALA A 287 10.21 34.81 34.88
CA ALA A 287 11.40 34.80 34.05
C ALA A 287 11.83 36.21 33.68
N GLU A 288 10.86 37.13 33.59
CA GLU A 288 11.21 38.51 33.25
C GLU A 288 11.90 39.19 34.43
N TYR A 289 11.38 39.01 35.64
CA TYR A 289 12.01 39.61 36.80
C TYR A 289 13.42 39.08 37.01
N GLN A 290 13.64 37.81 36.74
CA GLN A 290 14.99 37.27 36.84
C GLN A 290 15.91 37.87 35.78
N LEU A 291 15.34 38.21 34.62
CA LEU A 291 16.10 38.86 33.54
C LEU A 291 16.50 40.28 33.92
N LYS A 292 15.62 40.99 34.61
CA LYS A 292 15.97 42.25 35.24
C LYS A 292 17.08 42.05 36.27
N ALA A 293 16.98 41.02 37.11
CA ALA A 293 18.00 40.86 38.13
C ALA A 293 19.37 40.63 37.50
N ALA A 294 19.41 40.04 36.30
CA ALA A 294 20.71 39.77 35.68
C ALA A 294 21.33 41.02 35.08
N ASP A 295 20.50 41.98 34.69
CA ASP A 295 21.02 43.28 34.27
C ASP A 295 21.69 43.96 35.44
N ALA A 296 21.05 43.93 36.60
CA ALA A 296 21.65 44.53 37.78
C ALA A 296 23.01 43.91 38.07
N ASN A 297 23.12 42.58 37.92
CA ASN A 297 24.39 41.92 38.19
C ASN A 297 25.45 42.36 37.20
N ILE A 298 25.04 42.68 35.97
CA ILE A 298 25.97 43.23 34.98
C ILE A 298 26.48 44.58 35.44
N GLY A 299 25.61 45.36 36.08
CA GLY A 299 26.02 46.65 36.60
C GLY A 299 27.04 46.53 37.73
N ALA A 300 26.80 45.59 38.65
CA ALA A 300 27.80 45.32 39.66
C ALA A 300 29.10 44.82 39.05
N ALA A 301 29.03 43.90 38.08
CA ALA A 301 30.25 43.43 37.42
C ALA A 301 31.05 44.60 36.90
N ARG A 302 30.37 45.56 36.29
CA ARG A 302 31.04 46.70 35.68
C ARG A 302 31.63 47.63 36.74
N ALA A 303 30.87 47.94 37.80
CA ALA A 303 31.39 48.75 38.89
C ALA A 303 32.70 48.21 39.42
N ALA A 304 32.95 46.91 39.26
CA ALA A 304 34.16 46.29 39.79
C ALA A 304 35.41 46.87 39.17
N PHE A 305 35.31 47.48 38.01
CA PHE A 305 36.48 48.06 37.38
C PHE A 305 36.90 49.38 38.02
N PHE A 306 35.94 50.18 38.51
CA PHE A 306 36.16 51.56 38.94
C PHE A 306 36.59 51.61 40.40
N PRO A 307 37.15 52.74 40.86
CA PRO A 307 37.64 52.79 42.24
C PRO A 307 36.48 52.80 43.24
N SER A 308 36.82 52.46 44.49
CA SER A 308 35.88 52.49 45.61
C SER A 308 36.44 53.43 46.68
N ILE A 309 35.54 54.11 47.37
CA ILE A 309 35.87 55.11 48.37
C ILE A 309 35.22 54.71 49.67
N THR A 310 36.02 54.60 50.74
CA THR A 310 35.53 54.09 52.00
C THR A 310 35.92 55.02 53.13
N LEU A 311 34.95 55.47 53.90
CA LEU A 311 35.17 56.25 55.09
C LEU A 311 35.28 55.32 56.30
N THR A 312 36.08 55.73 57.29
CA THR A 312 36.23 54.92 58.51
C THR A 312 36.77 55.80 59.64
N SER A 313 35.85 56.35 60.43
CA SER A 313 36.07 57.20 61.60
C SER A 313 35.91 56.44 62.91
N GLY A 314 36.69 56.86 63.91
CA GLY A 314 36.85 56.08 65.11
C GLY A 314 37.20 56.93 66.31
N LEU A 315 36.67 56.55 67.46
CA LEU A 315 36.95 57.14 68.76
C LEU A 315 37.44 56.05 69.69
N SER A 316 38.71 56.06 70.03
CA SER A 316 39.26 55.01 70.87
C SER A 316 39.78 55.58 72.19
N SER A 317 40.26 54.69 73.05
CA SER A 317 40.85 55.11 74.33
C SER A 317 41.82 54.03 74.80
N SER A 318 43.11 54.37 74.84
CA SER A 318 44.11 53.40 75.28
C SER A 318 44.77 53.88 76.56
N SER A 319 45.46 52.95 77.21
CA SER A 319 46.12 53.22 78.47
C SER A 319 47.18 52.16 78.69
N THR A 320 47.95 52.32 79.78
CA THR A 320 48.95 51.36 80.19
C THR A 320 48.68 50.77 81.57
N GLU A 321 47.77 51.36 82.35
CA GLU A 321 47.18 50.69 83.50
C GLU A 321 45.67 50.81 83.43
N LEU A 322 44.98 49.74 83.84
CA LEU A 322 43.52 49.69 83.74
C LEU A 322 42.86 50.80 84.54
N SER A 323 43.56 51.32 85.55
CA SER A 323 42.98 52.34 86.41
C SER A 323 42.49 53.55 85.62
N SER A 324 43.23 53.95 84.58
CA SER A 324 42.97 55.18 83.86
C SER A 324 42.55 54.94 82.40
N LEU A 325 41.79 53.86 82.15
CA LEU A 325 41.37 53.52 80.79
C LEU A 325 40.36 54.52 80.24
N PHE A 326 39.39 54.91 81.04
CA PHE A 326 38.43 55.92 80.64
C PHE A 326 38.70 57.19 81.44
N THR A 327 39.85 57.79 81.16
CA THR A 327 40.20 59.08 81.75
C THR A 327 40.31 60.13 80.66
N SER A 328 41.02 61.23 80.93
CA SER A 328 40.97 62.38 80.03
C SER A 328 42.08 62.35 78.99
N GLY A 329 43.32 62.12 79.42
CA GLY A 329 44.45 62.04 78.53
C GLY A 329 44.51 60.84 77.60
N SER A 330 43.47 60.00 77.55
CA SER A 330 43.56 58.74 76.81
C SER A 330 42.70 58.71 75.57
N GLY A 331 41.67 59.56 75.54
CA GLY A 331 40.73 59.50 74.44
C GLY A 331 41.33 60.07 73.17
N MET A 332 41.10 59.36 72.06
CA MET A 332 41.62 59.77 70.77
C MET A 332 40.56 59.56 69.69
N TRP A 333 40.55 60.43 68.67
CA TRP A 333 39.65 60.27 67.54
C TRP A 333 40.46 60.10 66.24
N ASN A 334 39.77 59.73 65.17
CA ASN A 334 40.39 59.21 63.96
C ASN A 334 39.44 59.39 62.78
N PHE A 335 39.99 59.52 61.57
CA PHE A 335 39.11 59.70 60.42
C PHE A 335 39.91 59.43 59.14
N ILE A 336 39.64 58.29 58.52
CA ILE A 336 40.46 57.87 57.40
C ILE A 336 39.61 57.65 56.16
N PRO A 337 39.51 58.61 55.25
CA PRO A 337 38.97 58.30 53.91
C PRO A 337 40.01 57.52 53.12
N LYS A 338 39.54 56.57 52.31
CA LYS A 338 40.46 55.76 51.55
C LYS A 338 39.87 55.50 50.17
N ILE A 339 40.71 55.49 49.13
CA ILE A 339 40.27 55.13 47.79
C ILE A 339 41.19 54.05 47.24
N GLU A 340 40.62 52.93 46.83
CA GLU A 340 41.36 51.83 46.26
C GLU A 340 40.94 51.62 44.81
N ILE A 341 41.91 51.30 43.96
CA ILE A 341 41.74 51.21 42.51
C ILE A 341 42.34 49.89 42.03
N PRO A 342 41.66 49.16 41.14
CA PRO A 342 42.29 47.99 40.50
C PRO A 342 43.03 48.41 39.23
N ILE A 343 44.20 47.78 38.99
CA ILE A 343 45.09 48.12 37.88
C ILE A 343 45.39 46.90 37.00
N PHE A 344 45.82 45.81 37.61
CA PHE A 344 45.98 44.60 36.84
C PHE A 344 45.63 43.42 37.72
N ASN A 345 44.56 42.73 37.35
CA ASN A 345 44.11 41.55 38.06
C ASN A 345 44.20 40.28 37.23
N ALA A 346 44.99 40.29 36.15
CA ALA A 346 45.10 39.15 35.24
C ALA A 346 43.75 38.87 34.58
N GLY A 347 42.98 39.93 34.40
CA GLY A 347 41.67 39.85 33.79
C GLY A 347 40.61 39.14 34.58
N ARG A 348 40.61 39.26 35.91
CA ARG A 348 39.52 38.70 36.70
C ARG A 348 38.25 39.53 36.54
N ASN A 349 38.40 40.83 36.48
CA ASN A 349 37.21 41.66 36.41
C ASN A 349 36.53 41.49 35.06
N LYS A 350 37.32 41.50 33.98
CA LYS A 350 36.82 41.11 32.65
C LYS A 350 36.02 39.82 32.69
N ALA A 351 36.68 38.72 33.08
CA ALA A 351 36.02 37.43 33.09
C ALA A 351 34.77 37.45 33.96
N ASN A 352 34.82 38.12 35.10
CA ASN A 352 33.58 38.26 35.88
C ASN A 352 32.54 39.09 35.16
N LEU A 353 32.94 40.03 34.30
CA LEU A 353 31.94 40.73 33.51
C LEU A 353 31.38 39.84 32.42
N LYS A 354 32.24 39.04 31.78
CA LYS A 354 31.77 38.13 30.75
C LYS A 354 30.73 37.17 31.32
N LEU A 355 31.03 36.57 32.47
CA LEU A 355 30.10 35.71 33.22
C LEU A 355 28.74 36.36 33.42
N ALA A 356 28.72 37.63 33.81
CA ALA A 356 27.48 38.35 34.02
C ALA A 356 26.70 38.44 32.73
N GLU A 357 27.37 38.85 31.66
CA GLU A 357 26.70 39.06 30.41
C GLU A 357 26.22 37.75 29.84
N ILE A 358 27.04 36.72 29.95
CA ILE A 358 26.63 35.40 29.50
C ILE A 358 25.39 34.95 30.27
N ARG A 359 25.47 34.98 31.60
CA ARG A 359 24.31 34.62 32.39
C ARG A 359 23.07 35.46 32.03
N GLN A 360 23.27 36.72 31.65
CA GLN A 360 22.14 37.55 31.25
C GLN A 360 21.51 37.01 29.98
N GLN A 361 22.33 36.68 28.98
CA GLN A 361 21.79 36.02 27.81
C GLN A 361 21.09 34.72 28.18
N GLN A 362 21.61 34.00 29.17
CA GLN A 362 20.89 32.83 29.63
C GLN A 362 19.51 33.20 30.13
N SER A 363 19.38 34.37 30.73
CA SER A 363 18.08 34.78 31.26
C SER A 363 17.15 35.17 30.13
N VAL A 364 17.73 35.68 29.04
CA VAL A 364 16.93 35.95 27.87
C VAL A 364 16.42 34.65 27.28
N VAL A 365 17.31 33.68 27.12
CA VAL A 365 16.87 32.39 26.60
C VAL A 365 15.81 31.77 27.51
N ASN A 366 16.02 31.80 28.82
CA ASN A 366 15.01 31.25 29.71
C ASN A 366 13.66 31.92 29.48
N TYR A 367 13.64 33.26 29.39
CA TYR A 367 12.39 33.98 29.05
C TYR A 367 11.73 33.44 27.78
N GLU A 368 12.47 33.39 26.68
CA GLU A 368 11.94 32.88 25.40
C GLU A 368 11.35 31.48 25.54
N GLN A 369 12.03 30.60 26.29
CA GLN A 369 11.53 29.25 26.50
C GLN A 369 10.18 29.24 27.20
N LYS A 370 10.00 30.09 28.21
CA LYS A 370 8.76 30.05 28.96
C LYS A 370 7.62 30.51 28.08
N ILE A 371 7.91 31.46 27.19
CA ILE A 371 6.92 32.00 26.25
C ILE A 371 6.53 30.94 25.22
N GLN A 372 7.51 30.37 24.52
CA GLN A 372 7.22 29.40 23.47
C GLN A 372 6.40 28.25 24.01
N SER A 373 6.73 27.75 25.20
CA SER A 373 5.94 26.66 25.76
C SER A 373 4.53 27.11 26.00
N ALA A 374 4.39 28.21 26.74
CA ALA A 374 3.08 28.77 27.02
C ALA A 374 2.26 28.83 25.75
N PHE A 375 2.86 29.29 24.66
CA PHE A 375 2.11 29.42 23.42
C PHE A 375 1.67 28.07 22.90
N LYS A 376 2.56 27.06 23.00
CA LYS A 376 2.16 25.72 22.59
C LYS A 376 0.94 25.27 23.39
N ASP A 377 1.05 25.26 24.71
CA ASP A 377 -0.04 24.86 25.61
C ASP A 377 -1.38 25.44 25.20
N VAL A 378 -1.43 26.75 25.00
CA VAL A 378 -2.70 27.38 24.71
C VAL A 378 -3.22 26.88 23.37
N SER A 379 -2.37 26.95 22.33
CA SER A 379 -2.69 26.37 21.04
C SER A 379 -3.24 24.96 21.12
N ASP A 380 -2.70 24.13 22.02
CA ASP A 380 -3.17 22.76 22.15
C ASP A 380 -4.58 22.71 22.69
N THR A 381 -4.86 23.45 23.75
CA THR A 381 -6.21 23.39 24.30
C THR A 381 -7.22 23.98 23.37
N LEU A 382 -6.84 24.99 22.59
CA LEU A 382 -7.75 25.52 21.60
C LEU A 382 -8.13 24.46 20.58
N ALA A 383 -7.13 23.77 20.06
CA ALA A 383 -7.42 22.67 19.16
C ALA A 383 -8.23 21.61 19.88
N LEU A 384 -7.82 21.25 21.09
CA LEU A 384 -8.52 20.21 21.81
C LEU A 384 -9.97 20.56 22.07
N ARG A 385 -10.23 21.85 22.27
CA ARG A 385 -11.60 22.34 22.40
C ARG A 385 -12.47 21.83 21.25
N ASP A 386 -11.98 21.94 20.02
CA ASP A 386 -12.78 21.50 18.89
C ASP A 386 -12.73 19.99 18.75
N SER A 387 -11.58 19.40 19.06
CA SER A 387 -11.49 17.96 18.88
C SER A 387 -12.42 17.23 19.83
N LEU A 388 -12.54 17.74 21.06
CA LEU A 388 -13.32 17.07 22.09
C LEU A 388 -14.81 17.28 21.93
N SER A 389 -15.23 18.47 21.52
CA SER A 389 -16.64 18.65 21.25
C SER A 389 -17.11 17.70 20.15
N GLN A 390 -16.39 17.64 19.01
CA GLN A 390 -16.83 16.79 17.90
C GLN A 390 -16.78 15.30 18.23
N GLN A 391 -15.74 14.85 18.90
CA GLN A 391 -15.72 13.49 19.42
C GLN A 391 -16.96 13.21 20.24
N LEU A 392 -17.21 14.05 21.24
CA LEU A 392 -18.29 13.80 22.16
C LEU A 392 -19.64 13.74 21.42
N GLU A 393 -19.88 14.64 20.48
CA GLU A 393 -21.17 14.62 19.77
C GLU A 393 -21.32 13.38 18.89
N SER A 394 -20.28 13.01 18.13
CA SER A 394 -20.37 11.78 17.34
C SER A 394 -20.46 10.54 18.20
N GLN A 395 -19.92 10.57 19.40
CA GLN A 395 -20.05 9.42 20.28
C GLN A 395 -21.48 9.27 20.79
N GLN A 396 -22.15 10.37 21.10
CA GLN A 396 -23.55 10.26 21.49
C GLN A 396 -24.39 9.69 20.37
N ARG A 397 -24.06 10.02 19.11
CA ARG A 397 -24.80 9.47 17.96
C ARG A 397 -24.52 7.98 17.78
N TYR A 398 -23.28 7.55 17.96
CA TYR A 398 -23.02 6.13 18.00
C TYR A 398 -23.80 5.48 19.13
N LEU A 399 -23.81 6.12 20.31
CA LEU A 399 -24.65 5.66 21.40
C LEU A 399 -26.07 5.38 20.94
N ASP A 400 -26.81 6.43 20.57
CA ASP A 400 -28.18 6.30 20.09
C ASP A 400 -28.32 5.12 19.14
N SER A 401 -27.43 5.02 18.16
CA SER A 401 -27.49 3.89 17.25
C SER A 401 -27.26 2.58 17.96
N LEU A 402 -26.42 2.57 18.99
CA LEU A 402 -26.20 1.30 19.66
C LEU A 402 -27.43 0.86 20.43
N GLN A 403 -28.18 1.80 21.03
CA GLN A 403 -29.38 1.43 21.81
C GLN A 403 -30.45 0.81 20.93
N ILE A 404 -30.62 1.33 19.71
CA ILE A 404 -31.52 0.72 18.73
C ILE A 404 -31.03 -0.67 18.38
N THR A 405 -29.74 -0.83 18.14
CA THR A 405 -29.21 -2.13 17.79
C THR A 405 -29.50 -3.16 18.87
N LEU A 406 -29.28 -2.77 20.13
CA LEU A 406 -29.52 -3.68 21.25
C LEU A 406 -30.99 -4.07 21.34
N GLN A 407 -31.91 -3.13 21.19
CA GLN A 407 -33.32 -3.51 21.28
C GLN A 407 -33.69 -4.42 20.11
N ARG A 408 -33.11 -4.15 18.93
CA ARG A 408 -33.40 -4.99 17.79
C ARG A 408 -32.76 -6.37 17.91
N ALA A 409 -31.48 -6.45 18.29
CA ALA A 409 -30.89 -7.76 18.58
C ALA A 409 -31.68 -8.53 19.64
N ARG A 410 -32.15 -7.84 20.71
CA ARG A 410 -32.98 -8.52 21.73
C ARG A 410 -34.31 -8.98 21.16
N GLY A 411 -34.94 -8.14 20.33
CA GLY A 411 -36.19 -8.53 19.70
C GLY A 411 -36.04 -9.72 18.77
N LEU A 412 -35.05 -9.68 17.88
CA LEU A 412 -34.86 -10.76 16.93
C LEU A 412 -34.37 -12.05 17.59
N TYR A 413 -33.56 -11.95 18.65
CA TYR A 413 -33.14 -13.14 19.37
C TYR A 413 -34.33 -13.86 19.99
N ALA A 414 -35.25 -13.11 20.61
CA ALA A 414 -36.45 -13.64 21.24
C ALA A 414 -37.38 -14.34 20.26
N SER A 415 -37.19 -14.13 18.96
CA SER A 415 -37.95 -14.82 17.94
C SER A 415 -37.10 -15.81 17.14
N GLY A 416 -35.87 -16.08 17.55
CA GLY A 416 -35.07 -17.13 16.94
C GLY A 416 -34.40 -16.75 15.64
N ALA A 417 -34.43 -15.46 15.26
CA ALA A 417 -33.92 -14.92 14.01
C ALA A 417 -32.40 -14.72 13.97
N VAL A 418 -31.76 -14.59 15.14
CA VAL A 418 -30.33 -14.33 15.28
C VAL A 418 -29.88 -15.00 16.56
N SER A 419 -28.61 -15.37 16.63
CA SER A 419 -28.19 -15.99 17.88
C SER A 419 -27.83 -14.91 18.90
N TYR A 420 -27.63 -15.33 20.15
CA TYR A 420 -27.49 -14.34 21.20
C TYR A 420 -26.18 -13.58 21.12
N ILE A 421 -25.26 -13.99 20.27
CA ILE A 421 -24.02 -13.22 20.14
C ILE A 421 -24.31 -11.80 19.66
N GLU A 422 -25.43 -11.61 18.95
CA GLU A 422 -25.78 -10.26 18.51
C GLU A 422 -26.22 -9.40 19.69
N VAL A 423 -26.85 -10.02 20.67
CA VAL A 423 -27.19 -9.27 21.86
C VAL A 423 -25.94 -8.98 22.67
N LEU A 424 -25.05 -9.96 22.77
CA LEU A 424 -23.81 -9.77 23.51
C LEU A 424 -23.05 -8.58 22.97
N ASP A 425 -22.81 -8.59 21.66
CA ASP A 425 -22.06 -7.50 21.04
C ASP A 425 -22.71 -6.16 21.37
N ALA A 426 -24.02 -6.06 21.20
CA ALA A 426 -24.69 -4.79 21.41
C ALA A 426 -24.46 -4.28 22.84
N GLU A 427 -24.67 -5.14 23.83
CA GLU A 427 -24.46 -4.73 25.21
C GLU A 427 -23.01 -4.33 25.44
N ARG A 428 -22.07 -5.14 24.93
CA ARG A 428 -20.67 -4.81 25.00
C ARG A 428 -20.40 -3.41 24.43
N SER A 429 -20.67 -3.21 23.13
CA SER A 429 -20.41 -1.92 22.51
C SER A 429 -21.08 -0.80 23.28
N LEU A 430 -22.27 -1.05 23.80
CA LEU A 430 -23.00 0.00 24.53
C LEU A 430 -22.27 0.38 25.81
N PHE A 431 -21.87 -0.62 26.61
CA PHE A 431 -21.09 -0.33 27.83
C PHE A 431 -19.87 0.51 27.51
N ALA A 432 -19.10 0.08 26.52
CA ALA A 432 -17.85 0.73 26.17
C ALA A 432 -18.10 2.18 25.78
N THR A 433 -19.16 2.40 25.02
CA THR A 433 -19.47 3.74 24.58
C THR A 433 -19.93 4.61 25.73
N GLN A 434 -20.74 4.06 26.66
CA GLN A 434 -21.11 4.84 27.83
C GLN A 434 -19.88 5.27 28.63
N GLN A 435 -18.89 4.39 28.75
CA GLN A 435 -17.71 4.74 29.55
C GLN A 435 -16.87 5.79 28.84
N THR A 436 -16.76 5.68 27.52
CA THR A 436 -16.04 6.68 26.77
C THR A 436 -16.75 8.02 26.81
N ILE A 437 -18.07 8.04 26.75
CA ILE A 437 -18.71 9.34 26.80
C ILE A 437 -18.43 10.00 28.15
N LEU A 438 -18.46 9.22 29.23
CA LEU A 438 -18.13 9.75 30.55
C LEU A 438 -16.72 10.33 30.61
N ASP A 439 -15.74 9.56 30.13
CA ASP A 439 -14.35 10.02 30.04
C ASP A 439 -14.21 11.25 29.14
N LEU A 440 -15.03 11.34 28.09
CA LEU A 440 -14.92 12.43 27.11
C LEU A 440 -15.31 13.77 27.72
N THR A 441 -16.50 13.86 28.30
CA THR A 441 -16.96 15.09 28.93
C THR A 441 -16.03 15.51 30.07
N TYR A 442 -15.45 14.55 30.77
CA TYR A 442 -14.37 14.86 31.69
C TYR A 442 -13.25 15.59 30.97
N SER A 443 -12.65 14.92 29.99
CA SER A 443 -11.60 15.54 29.19
C SER A 443 -12.03 16.92 28.74
N ARG A 444 -13.28 17.03 28.28
CA ARG A 444 -13.78 18.31 27.81
C ARG A 444 -13.66 19.38 28.87
N GLN A 445 -14.17 19.12 30.07
CA GLN A 445 -14.19 20.21 31.03
C GLN A 445 -12.84 20.41 31.71
N VAL A 446 -11.98 19.39 31.72
CA VAL A 446 -10.62 19.60 32.22
C VAL A 446 -9.83 20.44 31.21
N ASN A 447 -10.04 20.18 29.92
CA ASN A 447 -9.42 20.98 28.88
C ASN A 447 -9.80 22.44 29.10
N GLU A 448 -11.07 22.70 29.39
CA GLU A 448 -11.51 24.07 29.62
C GLU A 448 -10.82 24.70 30.82
N ILE A 449 -10.71 23.95 31.92
CA ILE A 449 -9.87 24.37 33.03
C ILE A 449 -8.46 24.65 32.54
N ASN A 450 -7.95 23.83 31.62
CA ASN A 450 -6.57 24.05 31.23
C ASN A 450 -6.40 25.31 30.44
N LEU A 451 -7.39 25.68 29.64
CA LEU A 451 -7.33 26.96 28.93
C LEU A 451 -7.34 28.13 29.90
N PHE A 452 -8.28 28.10 30.86
CA PHE A 452 -8.35 29.13 31.89
C PHE A 452 -6.96 29.39 32.48
N THR A 453 -6.36 28.31 32.97
CA THR A 453 -5.13 28.42 33.70
C THR A 453 -3.99 28.90 32.79
N ALA A 454 -3.88 28.38 31.58
CA ALA A 454 -2.80 28.79 30.72
C ALA A 454 -2.89 30.26 30.33
N LEU A 455 -4.04 30.90 30.55
CA LEU A 455 -4.22 32.29 30.20
C LEU A 455 -3.90 33.26 31.32
N GLY A 456 -3.56 32.78 32.52
CA GLY A 456 -3.51 33.70 33.64
C GLY A 456 -4.32 33.25 34.84
N GLY A 457 -5.39 32.50 34.60
CA GLY A 457 -5.90 31.54 35.56
C GLY A 457 -6.54 32.12 36.81
N GLY A 458 -6.55 31.30 37.86
CA GLY A 458 -7.32 31.61 39.03
C GLY A 458 -6.54 32.40 40.05
N TRP A 459 -6.02 33.55 39.63
CA TRP A 459 -5.50 34.51 40.59
C TRP A 459 -6.66 35.32 41.15
N VAL A 460 -7.39 36.04 40.28
CA VAL A 460 -8.47 36.91 40.75
C VAL A 460 -9.75 36.10 40.90
N GLU A 461 -10.53 36.43 41.94
CA GLU A 461 -11.89 35.92 42.07
C GLU A 461 -12.95 37.00 41.97
N LYS A 462 -12.63 38.18 41.45
CA LYS A 462 -13.61 39.26 41.33
C LYS A 462 -14.12 39.43 39.90
N CYS B 18 29.23 28.81 78.59
CA CYS B 18 28.74 28.61 77.23
C CYS B 18 27.21 28.69 77.21
N VAL B 19 26.66 29.30 76.15
CA VAL B 19 25.21 29.49 75.95
C VAL B 19 24.82 28.91 74.60
N SER B 20 23.64 28.30 74.55
CA SER B 20 23.00 27.92 73.28
C SER B 20 21.73 28.71 73.11
N LEU B 21 21.67 29.49 72.05
CA LEU B 21 20.51 30.29 71.75
C LEU B 21 19.51 29.55 70.87
N ALA B 22 19.88 28.37 70.36
CA ALA B 22 18.97 27.60 69.51
C ALA B 22 17.71 27.25 70.28
N PRO B 23 16.58 27.08 69.61
CA PRO B 23 15.35 26.76 70.33
C PRO B 23 15.25 25.29 70.71
N GLU B 24 14.36 25.02 71.66
CA GLU B 24 14.06 23.65 72.04
C GLU B 24 13.32 22.95 70.91
N TYR B 25 13.63 21.69 70.70
CA TYR B 25 12.95 20.98 69.64
C TYR B 25 11.57 20.54 70.09
N GLN B 26 10.56 20.92 69.33
CA GLN B 26 9.22 20.37 69.43
C GLN B 26 8.93 19.69 68.10
N ARG B 27 8.38 18.49 68.14
CA ARG B 27 8.00 17.82 66.90
C ARG B 27 6.65 18.36 66.42
N PRO B 28 6.54 18.82 65.18
CA PRO B 28 5.25 19.31 64.69
C PRO B 28 4.21 18.21 64.72
N PRO B 29 3.01 18.53 65.16
CA PRO B 29 1.93 17.54 65.16
C PRO B 29 1.62 17.14 63.72
N ALA B 30 1.43 15.84 63.52
CA ALA B 30 1.32 15.28 62.15
C ALA B 30 -0.02 15.65 61.54
N PRO B 31 -0.03 16.29 60.42
CA PRO B 31 -1.30 16.82 59.88
C PRO B 31 -2.05 15.79 59.04
N VAL B 32 -2.40 14.66 59.67
CA VAL B 32 -3.16 13.59 59.03
C VAL B 32 -4.10 12.93 60.02
N PRO B 33 -5.13 12.21 59.55
CA PRO B 33 -6.00 11.46 60.46
C PRO B 33 -5.18 10.55 61.37
N GLN B 34 -5.66 10.35 62.62
CA GLN B 34 -4.91 9.47 63.53
C GLN B 34 -4.94 8.03 63.08
N GLN B 35 -5.93 7.68 62.26
CA GLN B 35 -6.09 6.32 61.80
C GLN B 35 -6.20 6.31 60.29
N PHE B 36 -5.77 5.19 59.70
CA PHE B 36 -6.17 4.86 58.35
C PHE B 36 -7.58 4.29 58.39
N SER B 37 -8.34 4.54 57.32
CA SER B 37 -9.74 4.17 57.31
C SER B 37 -9.91 2.65 57.44
N LEU B 38 -9.27 1.88 56.55
CA LEU B 38 -9.27 0.39 56.62
C LEU B 38 -10.68 -0.20 56.57
N ASN B 48 -2.75 -7.89 65.85
CA ASN B 48 -2.73 -7.33 67.21
C ASN B 48 -1.93 -6.03 67.33
N SER B 49 -0.71 -6.06 66.79
CA SER B 49 0.24 -4.94 66.76
C SER B 49 1.10 -5.16 65.53
N TYR B 50 1.37 -4.09 64.77
CA TYR B 50 2.24 -4.26 63.62
C TYR B 50 3.70 -4.32 64.07
N GLN B 51 4.43 -5.31 63.55
CA GLN B 51 5.87 -5.41 63.76
C GLN B 51 6.56 -5.58 62.40
N ASP B 52 7.82 -5.14 62.33
CA ASP B 52 8.65 -5.29 61.13
C ASP B 52 9.41 -6.61 61.26
N THR B 53 8.75 -7.69 60.82
CA THR B 53 9.45 -8.91 60.47
C THR B 53 10.33 -8.63 59.26
N GLY B 54 11.57 -9.11 59.30
CA GLY B 54 12.53 -8.78 58.24
C GLY B 54 12.08 -9.02 56.81
N TRP B 55 12.78 -8.44 55.83
CA TRP B 55 12.36 -8.67 54.46
C TRP B 55 12.62 -10.10 54.01
N ARG B 56 13.21 -10.91 54.88
CA ARG B 56 13.35 -12.33 54.59
C ARG B 56 12.03 -13.06 54.78
N ASN B 57 11.25 -12.69 55.82
CA ASN B 57 9.89 -13.23 56.01
C ASN B 57 8.95 -12.84 54.88
N PHE B 58 8.99 -11.56 54.48
CA PHE B 58 8.04 -11.03 53.51
C PHE B 58 8.25 -11.65 52.15
N PHE B 59 9.50 -11.77 51.73
CA PHE B 59 9.78 -12.37 50.43
C PHE B 59 9.93 -13.87 50.60
N VAL B 60 8.85 -14.57 50.29
CA VAL B 60 8.82 -16.02 50.41
C VAL B 60 9.74 -16.66 49.36
N ASP B 61 9.61 -16.22 48.09
CA ASP B 61 10.44 -16.71 46.98
C ASP B 61 11.92 -16.58 47.29
N PRO B 62 12.70 -17.65 47.23
CA PRO B 62 14.12 -17.54 47.53
C PRO B 62 14.90 -16.81 46.43
N GLN B 63 14.34 -16.69 45.23
CA GLN B 63 15.07 -15.99 44.18
C GLN B 63 15.13 -14.51 44.47
N VAL B 64 14.00 -13.91 44.86
CA VAL B 64 14.02 -12.48 45.16
C VAL B 64 14.94 -12.19 46.34
N SER B 65 15.04 -13.12 47.29
CA SER B 65 15.98 -12.96 48.39
C SER B 65 17.40 -12.96 47.88
N ARG B 66 17.70 -13.81 46.91
CA ARG B 66 19.08 -13.92 46.46
C ARG B 66 19.48 -12.74 45.58
N LEU B 67 18.54 -12.21 44.78
CA LEU B 67 18.86 -11.08 43.92
C LEU B 67 19.02 -9.79 44.73
N ILE B 68 18.23 -9.65 45.80
CA ILE B 68 18.37 -8.53 46.74
C ILE B 68 19.75 -8.54 47.36
N GLY B 69 20.22 -9.72 47.78
CA GLY B 69 21.57 -9.81 48.29
C GLY B 69 22.57 -9.37 47.25
N GLU B 70 22.41 -9.82 46.02
CA GLU B 70 23.38 -9.45 44.99
C GLU B 70 23.35 -7.95 44.77
N ALA B 71 22.15 -7.36 44.79
CA ALA B 71 22.01 -5.94 44.53
C ALA B 71 22.57 -5.10 45.67
N LEU B 72 22.31 -5.53 46.91
CA LEU B 72 22.82 -4.82 48.07
C LEU B 72 24.33 -4.67 48.04
N ASN B 73 25.03 -5.45 47.24
CA ASN B 73 26.47 -5.33 47.15
C ASN B 73 26.96 -4.81 45.82
N ASN B 74 26.07 -4.44 44.91
CA ASN B 74 26.52 -3.98 43.60
C ASN B 74 25.76 -2.83 43.03
N ASN B 75 24.58 -2.53 43.52
CA ASN B 75 23.87 -1.39 42.97
C ASN B 75 24.67 -0.11 43.16
N ARG B 76 24.81 0.66 42.08
CA ARG B 76 25.53 1.94 42.13
C ARG B 76 24.76 3.01 42.90
N ASP B 77 23.44 2.99 42.88
CA ASP B 77 22.69 4.03 43.61
C ASP B 77 22.85 3.90 45.11
N LEU B 78 22.83 2.68 45.63
CA LEU B 78 23.10 2.54 47.04
C LEU B 78 24.55 2.94 47.34
N ARG B 79 25.49 2.60 46.45
CA ARG B 79 26.87 3.07 46.63
C ARG B 79 26.94 4.58 46.76
N MET B 80 26.26 5.31 45.87
CA MET B 80 26.28 6.77 45.96
C MET B 80 25.66 7.26 47.27
N ALA B 81 24.61 6.59 47.76
CA ALA B 81 23.96 7.02 48.99
C ALA B 81 24.89 6.89 50.19
N ALA B 82 25.71 5.85 50.18
CA ALA B 82 26.73 5.66 51.20
C ALA B 82 27.78 6.76 51.13
N LEU B 83 28.33 7.00 49.94
CA LEU B 83 29.32 8.05 49.78
C LEU B 83 28.78 9.39 50.26
N LYS B 84 27.48 9.59 50.15
CA LYS B 84 26.90 10.85 50.58
C LYS B 84 26.88 10.94 52.10
N VAL B 85 26.76 9.80 52.76
CA VAL B 85 26.84 9.78 54.22
C VAL B 85 28.26 10.10 54.64
N GLU B 86 29.23 9.63 53.87
CA GLU B 86 30.62 9.88 54.22
C GLU B 86 30.95 11.33 53.99
N GLU B 87 30.46 11.89 52.88
CA GLU B 87 30.59 13.31 52.61
C GLU B 87 30.08 14.13 53.79
N ALA B 88 28.91 13.76 54.30
CA ALA B 88 28.26 14.52 55.37
C ALA B 88 29.06 14.52 56.66
N ARG B 89 29.64 13.38 57.01
CA ARG B 89 30.53 13.27 58.16
C ARG B 89 31.81 14.07 57.98
N ALA B 90 32.45 13.95 56.81
CA ALA B 90 33.55 14.84 56.51
C ALA B 90 33.12 16.31 56.61
N GLN B 91 31.96 16.65 56.03
CA GLN B 91 31.55 18.05 56.10
C GLN B 91 31.41 18.51 57.54
N PHE B 92 31.06 17.61 58.46
CA PHE B 92 30.92 18.00 59.85
C PHE B 92 32.27 18.29 60.49
N ASN B 93 33.31 17.57 60.06
CA ASN B 93 34.63 17.75 60.66
C ASN B 93 35.28 19.03 60.17
N VAL B 94 34.99 19.40 58.92
CA VAL B 94 35.40 20.70 58.39
C VAL B 94 34.83 21.84 59.20
N THR B 95 33.54 21.77 59.52
CA THR B 95 32.88 22.84 60.25
C THR B 95 33.23 22.84 61.74
N ASP B 96 33.45 21.66 62.31
CA ASP B 96 33.76 21.52 63.74
C ASP B 96 35.17 22.02 64.10
N ALA B 97 36.07 22.11 63.11
CA ALA B 97 37.45 22.54 63.34
C ALA B 97 37.54 23.96 63.91
N ASP B 98 36.54 24.79 63.61
CA ASP B 98 36.51 26.17 64.05
C ASP B 98 36.38 26.26 65.57
N ARG B 99 35.98 25.18 66.22
CA ARG B 99 35.79 25.28 67.65
C ARG B 99 37.08 25.07 68.43
N TYR B 100 38.17 24.73 67.78
CA TYR B 100 39.37 24.30 68.49
C TYR B 100 40.48 25.34 68.33
N PRO B 101 41.47 25.36 69.25
CA PRO B 101 42.62 26.27 69.05
C PRO B 101 43.36 25.88 67.78
N GLN B 102 44.04 26.87 67.19
CA GLN B 102 44.66 26.76 65.88
C GLN B 102 46.09 27.25 65.96
N LEU B 103 47.05 26.52 65.39
CA LEU B 103 48.46 26.88 65.48
C LEU B 103 49.07 27.05 64.09
N ASN B 104 49.73 28.19 63.86
CA ASN B 104 50.28 28.51 62.55
C ASN B 104 51.62 29.23 62.71
N ALA B 105 52.54 28.97 61.78
CA ALA B 105 53.88 29.54 61.76
C ALA B 105 54.13 30.30 60.46
N SER B 106 55.00 31.30 60.54
CA SER B 106 55.28 32.13 59.38
C SER B 106 56.62 32.80 59.56
N SER B 107 57.39 32.84 58.49
CA SER B 107 58.64 33.58 58.42
C SER B 107 58.49 34.70 57.41
N GLY B 108 59.50 35.56 57.40
CA GLY B 108 59.48 36.67 56.46
C GLY B 108 60.60 37.66 56.63
N ILE B 109 61.11 38.14 55.50
CA ILE B 109 62.06 39.25 55.42
C ILE B 109 61.35 40.47 54.89
N THR B 110 61.70 41.64 55.41
CA THR B 110 61.11 42.90 54.97
C THR B 110 62.20 43.87 54.60
N TYR B 111 62.24 44.27 53.34
CA TYR B 111 63.14 45.27 52.82
C TYR B 111 62.43 46.61 52.78
N ASN B 112 63.20 47.68 53.00
CA ASN B 112 62.61 48.99 53.25
C ASN B 112 63.65 50.06 52.92
N GLY B 113 63.36 50.96 51.98
CA GLY B 113 64.31 51.96 51.56
C GLY B 113 63.61 53.20 51.03
N GLY B 114 64.41 54.23 50.70
CA GLY B 114 63.89 55.42 50.06
C GLY B 114 64.24 55.48 48.58
N LEU B 115 63.50 56.32 47.83
CA LEU B 115 63.71 56.47 46.39
C LEU B 115 64.89 57.39 46.06
N LYS B 116 64.93 58.58 46.67
CA LYS B 116 65.99 59.55 46.40
C LYS B 116 66.89 59.79 47.61
N GLY B 117 66.34 59.78 48.82
CA GLY B 117 67.12 59.92 50.04
C GLY B 117 68.13 58.81 50.23
N ASP B 118 69.36 59.18 50.60
CA ASP B 118 70.45 58.22 50.66
C ASP B 118 70.32 57.25 51.84
N LYS B 119 69.23 57.35 52.63
CA LYS B 119 68.94 56.46 53.75
C LYS B 119 69.23 55.02 53.34
N PRO B 120 70.19 54.36 53.99
CA PRO B 120 70.51 52.98 53.65
C PRO B 120 69.25 52.10 53.72
N THR B 121 69.23 51.05 52.89
CA THR B 121 68.08 50.15 52.80
C THR B 121 68.04 49.13 53.95
N THR B 122 66.92 49.10 54.67
CA THR B 122 66.71 48.27 55.85
C THR B 122 66.39 46.83 55.44
N GLN B 123 66.68 45.91 56.36
CA GLN B 123 66.39 44.49 56.18
C GLN B 123 65.98 43.95 57.53
N GLU B 124 64.74 43.47 57.64
CA GLU B 124 64.19 43.01 58.91
C GLU B 124 63.65 41.60 58.73
N TYR B 125 64.26 40.66 59.45
CA TYR B 125 63.94 39.26 59.38
C TYR B 125 63.00 38.89 60.52
N ASP B 126 62.06 38.00 60.25
CA ASP B 126 61.05 37.69 61.25
C ASP B 126 60.64 36.24 61.11
N ALA B 127 60.31 35.64 62.25
CA ALA B 127 59.75 34.30 62.33
C ALA B 127 58.79 34.27 63.51
N GLY B 128 57.73 33.47 63.39
CA GLY B 128 56.62 33.58 64.32
C GLY B 128 55.76 32.33 64.41
N LEU B 129 55.13 32.19 65.57
CA LEU B 129 54.28 31.03 65.88
C LEU B 129 53.03 31.57 66.58
N GLU B 130 51.86 31.42 65.96
CA GLU B 130 50.66 32.07 66.47
C GLU B 130 49.62 31.01 66.81
N LEU B 131 48.95 31.21 67.94
CA LEU B 131 47.93 30.31 68.47
C LEU B 131 46.64 31.10 68.64
N SER B 132 45.69 30.85 67.76
CA SER B 132 44.43 31.57 67.71
C SER B 132 43.35 30.70 68.36
N TYR B 133 42.38 31.34 69.00
CA TYR B 133 41.28 30.58 69.59
C TYR B 133 40.06 31.47 69.73
N GLU B 134 38.95 31.06 69.10
CA GLU B 134 37.66 31.73 69.29
C GLU B 134 36.96 31.14 70.51
N LEU B 135 36.60 32.00 71.47
CA LEU B 135 35.87 31.56 72.65
C LEU B 135 34.53 30.91 72.30
N ASP B 136 33.65 31.64 71.60
CA ASP B 136 32.28 31.21 71.27
C ASP B 136 31.42 31.10 72.52
N PHE B 137 31.32 32.20 73.26
CA PHE B 137 30.62 32.18 74.54
C PHE B 137 29.12 31.99 74.36
N PHE B 138 28.59 32.34 73.20
CA PHE B 138 27.15 32.32 72.96
C PHE B 138 26.74 31.22 71.98
N GLY B 139 27.65 30.31 71.66
CA GLY B 139 27.35 29.11 70.92
C GLY B 139 26.99 29.34 69.48
N LYS B 140 27.80 30.12 68.75
CA LYS B 140 27.65 30.26 67.31
C LYS B 140 28.30 29.11 66.56
N LEU B 141 29.60 28.92 66.78
CA LEU B 141 30.25 27.80 66.12
C LEU B 141 29.69 26.48 66.62
N LYS B 142 29.32 26.42 67.90
CA LYS B 142 28.75 25.19 68.43
C LYS B 142 27.42 24.87 67.77
N ASN B 143 26.55 25.87 67.59
CA ASN B 143 25.29 25.60 66.89
C ASN B 143 25.53 25.26 65.44
N MET B 144 26.54 25.84 64.80
CA MET B 144 26.76 25.53 63.39
C MET B 144 27.34 24.15 63.19
N SER B 145 28.20 23.71 64.08
CA SER B 145 28.55 22.31 64.02
C SER B 145 27.33 21.42 64.25
N GLU B 146 26.40 21.82 65.14
CA GLU B 146 25.27 20.93 65.43
C GLU B 146 24.33 20.82 64.24
N ALA B 147 24.13 21.91 63.51
CA ALA B 147 23.35 21.85 62.30
C ALA B 147 23.95 20.84 61.31
N ASP B 148 25.29 20.71 61.32
CA ASP B 148 25.92 19.75 60.43
C ASP B 148 25.87 18.34 60.99
N ARG B 149 25.89 18.19 62.31
CA ARG B 149 25.59 16.90 62.91
C ARG B 149 24.21 16.44 62.48
N GLN B 150 23.20 17.30 62.67
CA GLN B 150 21.85 16.95 62.29
C GLN B 150 21.79 16.57 60.82
N ASN B 151 22.51 17.31 59.99
CA ASN B 151 22.46 17.08 58.54
C ASN B 151 23.13 15.76 58.14
N TYR B 152 23.99 15.23 58.98
CA TYR B 152 24.58 13.92 58.73
C TYR B 152 23.61 12.82 59.09
N PHE B 153 22.92 12.99 60.20
CA PHE B 153 21.82 12.12 60.49
C PHE B 153 20.83 12.12 59.34
N ALA B 154 20.59 13.28 58.76
CA ALA B 154 19.67 13.33 57.64
C ALA B 154 20.18 12.45 56.50
N SER B 155 21.46 12.55 56.19
CA SER B 155 22.02 11.78 55.09
C SER B 155 22.00 10.30 55.37
N GLU B 156 22.09 9.92 56.66
CA GLU B 156 21.94 8.54 57.04
C GLU B 156 20.52 8.04 56.74
N GLU B 157 19.50 8.77 57.20
CA GLU B 157 18.14 8.38 56.85
C GLU B 157 17.92 8.36 55.34
N ALA B 158 18.63 9.20 54.60
CA ALA B 158 18.53 9.18 53.15
C ALA B 158 19.08 7.89 52.54
N ARG B 159 20.25 7.46 53.01
CA ARG B 159 20.73 6.14 52.62
C ARG B 159 19.67 5.07 52.86
N ARG B 160 19.04 5.10 54.04
CA ARG B 160 18.06 4.08 54.40
C ARG B 160 16.90 4.06 53.43
N ALA B 161 16.41 5.25 53.07
CA ALA B 161 15.38 5.40 52.07
C ALA B 161 15.83 4.83 50.74
N VAL B 162 17.06 5.17 50.31
CA VAL B 162 17.58 4.62 49.07
C VAL B 162 17.69 3.10 49.16
N HIS B 163 17.96 2.59 50.37
CA HIS B 163 18.09 1.16 50.57
C HIS B 163 16.75 0.46 50.36
N ILE B 164 15.71 0.88 51.08
CA ILE B 164 14.45 0.16 50.94
C ILE B 164 13.88 0.36 49.55
N LEU B 165 14.08 1.54 48.95
CA LEU B 165 13.66 1.72 47.56
C LEU B 165 14.43 0.80 46.66
N LEU B 166 15.68 0.48 47.01
CA LEU B 166 16.42 -0.47 46.19
C LEU B 166 15.75 -1.82 46.26
N VAL B 167 15.44 -2.26 47.48
CA VAL B 167 14.69 -3.49 47.68
C VAL B 167 13.41 -3.50 46.83
N SER B 168 12.64 -2.40 46.89
CA SER B 168 11.40 -2.41 46.12
C SER B 168 11.67 -2.56 44.63
N ASN B 169 12.67 -1.86 44.11
CA ASN B 169 12.92 -1.94 42.67
C ASN B 169 13.44 -3.31 42.28
N VAL B 170 14.25 -3.94 43.12
CA VAL B 170 14.80 -5.23 42.76
C VAL B 170 13.68 -6.25 42.66
N SER B 171 12.79 -6.26 43.66
CA SER B 171 11.75 -7.29 43.69
C SER B 171 10.74 -7.09 42.56
N GLN B 172 10.27 -5.85 42.36
CA GLN B 172 9.34 -5.62 41.27
C GLN B 172 9.98 -5.93 39.92
N SER B 173 11.28 -5.72 39.79
CA SER B 173 11.94 -6.05 38.53
C SER B 173 11.92 -7.54 38.27
N TYR B 174 12.18 -8.33 39.31
CA TYR B 174 12.15 -9.77 39.16
C TYR B 174 10.74 -10.23 38.88
N PHE B 175 9.81 -9.84 39.74
CA PHE B 175 8.42 -10.21 39.52
C PHE B 175 7.96 -9.79 38.12
N SER B 176 8.37 -8.60 37.67
CA SER B 176 8.01 -8.19 36.32
C SER B 176 8.61 -9.11 35.29
N GLN B 177 9.85 -9.54 35.50
CA GLN B 177 10.48 -10.49 34.59
C GLN B 177 9.65 -11.77 34.47
N GLN B 178 9.29 -12.36 35.62
CA GLN B 178 8.46 -13.55 35.69
C GLN B 178 7.15 -13.38 34.92
N LEU B 179 6.49 -12.22 35.08
CA LEU B 179 5.28 -11.93 34.32
C LEU B 179 5.53 -12.02 32.81
N ALA B 180 6.64 -11.43 32.36
CA ALA B 180 7.03 -11.54 30.96
C ALA B 180 7.15 -13.00 30.55
N TYR B 181 7.64 -13.84 31.46
CA TYR B 181 7.87 -15.24 31.14
C TYR B 181 6.56 -15.97 30.93
N GLU B 182 5.61 -15.78 31.87
CA GLU B 182 4.28 -16.38 31.75
C GLU B 182 3.57 -15.89 30.49
N GLN B 183 3.49 -14.58 30.30
CA GLN B 183 2.75 -14.05 29.17
C GLN B 183 3.27 -14.63 27.87
N LEU B 184 4.58 -14.70 27.72
CA LEU B 184 5.15 -15.37 26.57
C LEU B 184 4.68 -16.81 26.50
N ARG B 185 4.61 -17.51 27.65
CA ARG B 185 4.41 -18.93 27.57
C ARG B 185 2.98 -19.25 27.16
N ILE B 186 2.02 -18.59 27.79
CA ILE B 186 0.63 -18.80 27.41
C ILE B 186 0.35 -18.30 26.01
N ALA B 187 1.10 -17.34 25.48
CA ALA B 187 0.87 -16.96 24.10
C ALA B 187 1.35 -18.08 23.18
N ARG B 188 2.50 -18.66 23.47
CA ARG B 188 2.92 -19.83 22.71
C ARG B 188 1.91 -20.95 22.81
N GLU B 189 1.33 -21.15 24.00
CA GLU B 189 0.37 -22.24 24.14
C GLU B 189 -0.95 -21.92 23.43
N THR B 190 -1.42 -20.68 23.50
CA THR B 190 -2.60 -20.31 22.71
C THR B 190 -2.36 -20.59 21.24
N LEU B 191 -1.14 -20.37 20.79
CA LEU B 191 -0.84 -20.53 19.37
C LEU B 191 -0.96 -21.98 18.95
N LYS B 192 -0.53 -22.91 19.80
CA LYS B 192 -0.73 -24.29 19.45
C LYS B 192 -2.22 -24.62 19.48
N ASN B 193 -2.97 -23.94 20.34
CA ASN B 193 -4.38 -24.21 20.41
C ASN B 193 -5.05 -23.79 19.12
N TYR B 194 -4.73 -22.59 18.64
CA TYR B 194 -5.37 -22.07 17.44
C TYR B 194 -4.93 -22.80 16.18
N GLU B 195 -3.76 -23.46 16.21
CA GLU B 195 -3.33 -24.32 15.12
C GLU B 195 -4.15 -25.60 15.07
N GLN B 196 -4.55 -26.11 16.24
CA GLN B 196 -5.45 -27.24 16.33
C GLN B 196 -6.87 -26.87 15.90
N SER B 197 -7.34 -25.69 16.30
CA SER B 197 -8.57 -25.16 15.73
C SER B 197 -8.48 -25.14 14.22
N TYR B 198 -7.36 -24.66 13.68
CA TYR B 198 -7.24 -24.60 12.23
C TYR B 198 -7.29 -25.98 11.63
N ALA B 199 -6.75 -26.97 12.33
CA ALA B 199 -6.78 -28.34 11.84
C ALA B 199 -8.20 -28.88 11.85
N PHE B 200 -8.89 -28.65 12.95
CA PHE B 200 -10.29 -29.03 13.12
C PHE B 200 -11.15 -28.47 11.99
N VAL B 201 -10.92 -27.21 11.61
CA VAL B 201 -11.67 -26.60 10.52
C VAL B 201 -11.20 -27.10 9.16
N GLU B 202 -9.87 -27.18 8.97
CA GLU B 202 -9.29 -27.72 7.75
C GLU B 202 -9.87 -29.06 7.34
N GLN B 203 -10.07 -29.96 8.31
CA GLN B 203 -10.50 -31.31 7.97
C GLN B 203 -11.97 -31.33 7.58
N GLN B 204 -12.79 -30.45 8.13
CA GLN B 204 -14.18 -30.41 7.71
C GLN B 204 -14.39 -29.69 6.38
N LEU B 205 -13.40 -28.95 5.89
CA LEU B 205 -13.50 -28.31 4.59
C LEU B 205 -12.91 -29.18 3.47
N VAL B 206 -11.92 -30.02 3.77
CA VAL B 206 -11.47 -31.07 2.85
C VAL B 206 -12.61 -32.01 2.48
N THR B 207 -13.61 -32.13 3.35
CA THR B 207 -14.76 -33.01 3.16
C THR B 207 -16.10 -32.25 3.16
N GLY B 208 -16.08 -30.95 2.89
CA GLY B 208 -17.26 -30.18 2.50
C GLY B 208 -18.28 -29.85 3.58
N SER B 209 -18.05 -30.20 4.85
CA SER B 209 -19.08 -30.00 5.86
C SER B 209 -19.32 -28.50 6.16
N THR B 210 -18.25 -27.71 6.22
CA THR B 210 -18.31 -26.29 6.57
C THR B 210 -18.11 -25.40 5.34
N ASN B 211 -17.93 -24.11 5.60
CA ASN B 211 -17.57 -23.16 4.57
C ASN B 211 -16.12 -22.74 4.76
N VAL B 212 -15.64 -21.93 3.82
CA VAL B 212 -14.25 -21.50 3.87
C VAL B 212 -14.09 -20.23 4.73
N LEU B 213 -15.19 -19.65 5.22
CA LEU B 213 -15.13 -18.47 6.08
C LEU B 213 -14.57 -18.81 7.45
N ALA B 214 -14.93 -19.99 7.94
CA ALA B 214 -14.34 -20.50 9.17
C ALA B 214 -12.83 -20.63 9.02
N LEU B 215 -12.38 -21.18 7.89
CA LEU B 215 -10.97 -21.44 7.75
C LEU B 215 -10.17 -20.14 7.68
N GLU B 216 -10.74 -19.07 7.10
CA GLU B 216 -9.95 -17.83 7.09
C GLU B 216 -10.00 -17.13 8.43
N GLN B 217 -11.11 -17.30 9.16
CA GLN B 217 -11.15 -16.89 10.56
C GLN B 217 -10.09 -17.57 11.40
N ALA B 218 -10.01 -18.90 11.35
CA ALA B 218 -8.94 -19.56 12.11
C ALA B 218 -7.56 -19.16 11.62
N ARG B 219 -7.39 -18.96 10.31
CA ARG B 219 -6.07 -18.54 9.85
C ARG B 219 -5.71 -17.20 10.47
N GLY B 220 -6.70 -16.32 10.60
CA GLY B 220 -6.43 -15.01 11.19
C GLY B 220 -5.89 -15.13 12.60
N GLN B 221 -6.62 -15.85 13.46
CA GLN B 221 -6.22 -16.04 14.84
C GLN B 221 -4.78 -16.49 14.94
N ILE B 222 -4.39 -17.39 14.05
CA ILE B 222 -3.02 -17.90 14.06
C ILE B 222 -2.03 -16.76 13.87
N GLU B 223 -2.22 -15.96 12.82
CA GLU B 223 -1.26 -14.91 12.50
C GLU B 223 -1.29 -13.81 13.55
N SER B 224 -2.49 -13.42 13.99
CA SER B 224 -2.64 -12.52 15.13
C SER B 224 -1.80 -12.99 16.32
N THR B 225 -2.06 -14.19 16.82
CA THR B 225 -1.30 -14.70 17.95
C THR B 225 0.19 -14.74 17.68
N ARG B 226 0.61 -15.09 16.46
CA ARG B 226 2.01 -14.95 16.10
C ARG B 226 2.54 -13.53 16.40
N ALA B 227 1.78 -12.49 16.08
CA ALA B 227 2.23 -11.15 16.45
C ALA B 227 2.45 -11.05 17.95
N GLU B 228 1.42 -11.39 18.74
CA GLU B 228 1.50 -11.30 20.20
C GLU B 228 2.77 -11.93 20.72
N ILE B 229 3.08 -13.16 20.27
CA ILE B 229 4.32 -13.82 20.71
C ILE B 229 5.51 -12.90 20.46
N ALA B 230 5.56 -12.25 19.29
CA ALA B 230 6.67 -11.33 19.02
C ALA B 230 6.71 -10.23 20.06
N LYS B 231 5.55 -9.68 20.42
CA LYS B 231 5.53 -8.60 21.39
C LYS B 231 5.98 -9.08 22.76
N ARG B 232 5.55 -10.27 23.18
CA ARG B 232 5.92 -10.79 24.50
C ARG B 232 7.41 -11.12 24.60
N GLU B 233 8.03 -11.61 23.52
CA GLU B 233 9.48 -11.83 23.51
C GLU B 233 10.22 -10.51 23.74
N GLY B 234 9.80 -9.43 23.05
CA GLY B 234 10.40 -8.13 23.28
C GLY B 234 10.25 -7.65 24.71
N ASP B 235 9.09 -7.88 25.32
CA ASP B 235 8.87 -7.55 26.71
C ASP B 235 9.83 -8.32 27.60
N LEU B 236 9.94 -9.62 27.37
CA LEU B 236 10.87 -10.43 28.14
C LEU B 236 12.30 -9.90 28.03
N ALA B 237 12.75 -9.58 26.82
CA ALA B 237 14.11 -9.09 26.71
C ALA B 237 14.26 -7.85 27.56
N GLN B 238 13.32 -6.92 27.44
CA GLN B 238 13.50 -5.65 28.15
C GLN B 238 13.43 -5.85 29.65
N ALA B 239 12.64 -6.82 30.13
CA ALA B 239 12.58 -7.07 31.57
C ALA B 239 13.88 -7.68 32.08
N ASN B 240 14.57 -8.43 31.23
CA ASN B 240 15.89 -8.96 31.60
C ASN B 240 16.90 -7.84 31.76
N ASN B 241 16.96 -6.94 30.78
CA ASN B 241 17.91 -5.84 30.81
C ASN B 241 17.68 -4.91 31.99
N ALA B 242 16.42 -4.63 32.31
CA ALA B 242 16.16 -3.79 33.47
C ALA B 242 16.50 -4.53 34.76
N LEU B 243 16.31 -5.84 34.80
CA LEU B 243 16.71 -6.59 35.99
C LEU B 243 18.20 -6.56 36.19
N GLN B 244 18.96 -6.60 35.11
CA GLN B 244 20.41 -6.59 35.24
C GLN B 244 20.94 -5.22 35.60
N LEU B 245 20.25 -4.16 35.16
CA LEU B 245 20.66 -2.79 35.51
C LEU B 245 20.61 -2.59 37.02
N VAL B 246 19.49 -3.00 37.62
CA VAL B 246 19.22 -2.78 39.04
C VAL B 246 20.09 -3.66 39.90
N LEU B 247 20.33 -4.90 39.47
CA LEU B 247 21.29 -5.76 40.14
C LEU B 247 22.69 -5.12 40.17
N GLY B 248 23.10 -4.50 39.06
CA GLY B 248 24.46 -4.04 38.90
C GLY B 248 25.47 -5.11 38.55
N THR B 249 25.03 -6.36 38.36
CA THR B 249 25.88 -7.46 37.90
C THR B 249 25.15 -8.18 36.75
N TYR B 250 25.93 -8.73 35.82
CA TYR B 250 25.37 -9.18 34.56
C TYR B 250 25.39 -10.70 34.41
N ARG B 251 25.30 -11.40 35.54
CA ARG B 251 25.30 -12.85 35.52
C ARG B 251 23.97 -13.35 34.95
N ALA B 252 23.88 -14.67 34.79
CA ALA B 252 22.73 -15.26 34.12
C ALA B 252 21.45 -14.89 34.83
N VAL B 253 20.51 -14.31 34.10
CA VAL B 253 19.25 -13.88 34.70
C VAL B 253 18.43 -15.10 35.10
N PRO B 254 17.57 -14.96 36.09
CA PRO B 254 16.70 -16.07 36.48
C PRO B 254 15.74 -16.48 35.37
N SER B 255 15.49 -17.77 35.29
CA SER B 255 14.54 -18.31 34.33
C SER B 255 13.14 -18.21 34.90
N GLU B 256 12.21 -18.96 34.32
CA GLU B 256 10.84 -18.91 34.80
C GLU B 256 10.67 -19.88 35.94
N LYS B 257 9.89 -19.48 36.94
CA LYS B 257 9.55 -20.36 38.05
C LYS B 257 8.45 -21.37 37.65
N GLY B 258 8.71 -22.66 37.90
CA GLY B 258 7.70 -23.67 37.56
C GLY B 258 6.48 -23.61 38.46
N ILE B 259 6.67 -23.28 39.77
CA ILE B 259 5.61 -23.05 40.75
C ILE B 259 5.11 -21.61 40.62
N LYS B 260 3.79 -21.41 40.72
CA LYS B 260 3.26 -20.06 40.80
C LYS B 260 2.42 -19.96 42.06
N GLY B 261 2.63 -18.90 42.83
CA GLY B 261 1.83 -18.67 44.02
C GLY B 261 2.60 -18.73 45.33
N GLY B 262 2.27 -17.82 46.24
CA GLY B 262 2.86 -17.85 47.56
C GLY B 262 4.19 -17.15 47.67
N GLU B 263 4.60 -16.43 46.63
CA GLU B 263 5.90 -15.79 46.58
C GLU B 263 6.07 -14.71 47.64
N ILE B 264 4.99 -14.08 48.08
CA ILE B 264 5.04 -13.00 49.07
C ILE B 264 4.15 -13.34 50.26
N ALA B 265 4.58 -12.92 51.45
CA ALA B 265 3.75 -13.03 52.65
C ALA B 265 3.25 -11.64 53.03
N PRO B 266 2.02 -11.27 52.67
CA PRO B 266 1.53 -9.90 52.91
C PRO B 266 1.73 -9.37 54.32
N VAL B 267 1.61 -8.06 54.50
CA VAL B 267 1.73 -7.48 55.84
C VAL B 267 0.45 -7.69 56.63
N LYS B 268 0.57 -8.23 57.83
CA LYS B 268 -0.59 -8.37 58.70
C LYS B 268 -0.82 -7.04 59.41
N LEU B 269 -2.01 -6.52 59.31
CA LEU B 269 -2.28 -5.21 59.87
C LEU B 269 -3.31 -5.29 60.97
N PRO B 270 -3.15 -4.57 62.07
CA PRO B 270 -4.13 -4.64 63.19
C PRO B 270 -5.44 -3.97 62.82
N PRO B 271 -6.53 -4.20 63.61
CA PRO B 271 -7.83 -3.57 63.28
C PRO B 271 -7.75 -2.08 63.02
N ASN B 272 -7.55 -1.26 64.05
CA ASN B 272 -7.37 0.19 63.88
C ASN B 272 -5.87 0.47 63.86
N LEU B 273 -5.35 0.93 62.72
CA LEU B 273 -3.91 1.15 62.59
C LEU B 273 -3.62 2.64 62.75
N SER B 274 -2.48 2.96 63.39
CA SER B 274 -2.15 4.35 63.73
C SER B 274 -1.30 5.01 62.63
N SER B 275 -1.56 6.31 62.38
CA SER B 275 -0.72 7.07 61.43
C SER B 275 0.72 7.17 61.90
N GLN B 276 0.91 7.14 63.22
CA GLN B 276 2.24 7.20 63.81
C GLN B 276 3.24 6.30 63.12
N ILE B 277 2.80 5.15 62.57
CA ILE B 277 3.71 4.26 61.84
C ILE B 277 4.50 5.05 60.79
N LEU B 278 3.85 5.96 60.06
CA LEU B 278 4.53 6.80 59.09
C LEU B 278 5.75 7.52 59.69
N LEU B 279 5.68 7.91 60.95
CA LEU B 279 6.71 8.81 61.48
C LEU B 279 8.08 8.17 61.53
N GLN B 280 8.17 6.85 61.39
CA GLN B 280 9.47 6.20 61.35
C GLN B 280 9.92 5.93 59.93
N ARG B 281 9.22 6.49 58.95
CA ARG B 281 9.67 6.34 57.58
C ARG B 281 11.00 7.06 57.39
N PRO B 282 11.87 6.57 56.50
CA PRO B 282 13.14 7.27 56.29
C PRO B 282 12.97 8.68 55.78
N ASP B 283 12.12 8.87 54.76
CA ASP B 283 11.98 10.19 54.16
C ASP B 283 11.47 11.20 55.17
N ILE B 284 10.60 10.77 56.06
CA ILE B 284 10.05 11.68 57.05
C ILE B 284 11.05 11.92 58.15
N MET B 285 11.77 10.88 58.57
CA MET B 285 12.84 11.10 59.52
C MET B 285 13.90 12.06 58.96
N GLU B 286 14.22 11.92 57.67
CA GLU B 286 15.18 12.81 57.05
C GLU B 286 14.68 14.25 57.05
N ALA B 287 13.37 14.45 56.90
CA ALA B 287 12.81 15.79 57.00
C ALA B 287 12.87 16.27 58.43
N GLU B 288 12.75 15.35 59.38
CA GLU B 288 12.81 15.75 60.78
C GLU B 288 14.21 16.22 61.15
N TYR B 289 15.23 15.48 60.73
CA TYR B 289 16.59 15.88 61.07
C TYR B 289 16.93 17.22 60.44
N GLN B 290 16.45 17.48 59.24
CA GLN B 290 16.69 18.78 58.61
C GLN B 290 15.96 19.88 59.36
N LEU B 291 14.84 19.55 60.00
CA LEU B 291 14.09 20.50 60.83
C LEU B 291 14.85 20.84 62.11
N LYS B 292 15.51 19.85 62.69
CA LYS B 292 16.44 20.08 63.77
C LYS B 292 17.60 20.96 63.30
N ALA B 293 18.17 20.67 62.13
CA ALA B 293 19.31 21.46 61.69
C ALA B 293 18.91 22.92 61.52
N ALA B 294 17.67 23.18 61.11
CA ALA B 294 17.22 24.56 60.95
C ALA B 294 17.07 25.28 62.28
N ASP B 295 16.76 24.56 63.36
CA ASP B 295 16.74 25.19 64.67
C ASP B 295 18.15 25.64 65.04
N ALA B 296 19.13 24.74 64.88
CA ALA B 296 20.51 25.11 65.19
C ALA B 296 20.93 26.35 64.43
N ASN B 297 20.54 26.47 63.17
CA ASN B 297 20.90 27.66 62.41
C ASN B 297 20.25 28.91 63.00
N ILE B 298 19.06 28.78 63.57
CA ILE B 298 18.43 29.89 64.28
C ILE B 298 19.29 30.30 65.46
N GLY B 299 19.86 29.30 66.15
CA GLY B 299 20.75 29.58 67.26
C GLY B 299 22.00 30.31 66.83
N ALA B 300 22.59 29.91 65.70
CA ALA B 300 23.72 30.67 65.21
C ALA B 300 23.28 32.07 64.76
N ALA B 301 22.08 32.20 64.21
CA ALA B 301 21.64 33.51 63.77
C ALA B 301 21.53 34.46 64.95
N ARG B 302 21.17 33.93 66.11
CA ARG B 302 20.95 34.76 67.27
C ARG B 302 22.25 35.09 67.98
N ALA B 303 23.18 34.14 67.99
CA ALA B 303 24.52 34.38 68.51
C ALA B 303 25.16 35.57 67.80
N ALA B 304 24.77 35.83 66.55
CA ALA B 304 25.37 36.92 65.78
C ALA B 304 25.18 38.26 66.44
N PHE B 305 24.20 38.38 67.32
CA PHE B 305 23.98 39.65 67.96
C PHE B 305 24.97 39.94 69.10
N PHE B 306 25.49 38.89 69.75
CA PHE B 306 26.22 39.04 71.02
C PHE B 306 27.71 39.21 70.77
N PRO B 307 28.50 39.63 71.77
CA PRO B 307 29.93 39.83 71.52
C PRO B 307 30.63 38.50 71.26
N SER B 308 31.84 38.63 70.73
CA SER B 308 32.71 37.50 70.47
C SER B 308 34.04 37.80 71.15
N ILE B 309 34.66 36.76 71.70
CA ILE B 309 35.88 36.90 72.46
C ILE B 309 36.93 36.01 71.83
N THR B 310 38.05 36.59 71.46
CA THR B 310 39.08 35.84 70.76
C THR B 310 40.43 36.05 71.43
N LEU B 311 41.06 34.94 71.79
CA LEU B 311 42.42 34.93 72.28
C LEU B 311 43.39 34.71 71.13
N THR B 312 44.59 35.28 71.24
CA THR B 312 45.60 35.09 70.19
C THR B 312 47.00 35.38 70.74
N SER B 313 47.67 34.33 71.19
CA SER B 313 49.00 34.38 71.77
C SER B 313 50.08 33.96 70.77
N GLY B 314 51.27 34.49 70.98
CA GLY B 314 52.32 34.39 69.97
C GLY B 314 53.71 34.39 70.57
N LEU B 315 54.61 33.70 69.88
CA LEU B 315 56.03 33.70 70.18
C LEU B 315 56.75 34.00 68.88
N SER B 316 57.37 35.16 68.79
CA SER B 316 58.04 35.53 67.56
C SER B 316 59.52 35.78 67.81
N SER B 317 60.26 36.01 66.73
CA SER B 317 61.68 36.32 66.87
C SER B 317 62.08 37.15 65.66
N SER B 318 62.51 38.39 65.89
CA SER B 318 62.91 39.28 64.81
C SER B 318 64.36 39.69 64.97
N SER B 319 64.95 40.15 63.88
CA SER B 319 66.35 40.61 63.86
C SER B 319 66.54 41.59 62.72
N THR B 320 67.77 42.08 62.57
CA THR B 320 68.14 42.95 61.47
C THR B 320 69.23 42.37 60.57
N GLU B 321 69.94 41.35 61.02
CA GLU B 321 70.73 40.50 60.14
C GLU B 321 70.45 39.03 60.41
N LEU B 322 70.44 38.25 59.32
CA LEU B 322 70.03 36.86 59.41
C LEU B 322 70.94 36.07 60.35
N SER B 323 72.16 36.55 60.56
CA SER B 323 73.11 35.82 61.39
C SER B 323 72.55 35.53 62.78
N SER B 324 71.78 36.47 63.34
CA SER B 324 71.30 36.36 64.71
C SER B 324 69.77 36.27 64.79
N LEU B 325 69.14 35.55 63.86
CA LEU B 325 67.67 35.45 63.84
C LEU B 325 67.14 34.63 65.01
N PHE B 326 67.77 33.50 65.29
CA PHE B 326 67.37 32.68 66.41
C PHE B 326 68.46 32.80 67.48
N THR B 327 68.56 34.00 68.04
CA THR B 327 69.49 34.23 69.14
C THR B 327 68.74 34.63 70.39
N SER B 328 69.43 35.29 71.33
CA SER B 328 68.93 35.51 72.67
C SER B 328 68.08 36.77 72.80
N GLY B 329 68.61 37.90 72.34
CA GLY B 329 67.91 39.17 72.41
C GLY B 329 66.73 39.33 71.50
N SER B 330 66.29 38.29 70.81
CA SER B 330 65.31 38.46 69.74
C SER B 330 63.96 37.87 70.07
N GLY B 331 63.91 36.90 70.97
CA GLY B 331 62.67 36.20 71.22
C GLY B 331 61.70 37.08 71.99
N MET B 332 60.44 37.04 71.57
CA MET B 332 59.40 37.87 72.17
C MET B 332 58.09 37.09 72.24
N TRP B 333 57.33 37.31 73.32
CA TRP B 333 56.06 36.65 73.51
C TRP B 333 54.94 37.69 73.49
N ASN B 334 53.70 37.19 73.41
CA ASN B 334 52.55 38.01 73.05
C ASN B 334 51.27 37.32 73.51
N PHE B 335 50.27 38.13 73.89
CA PHE B 335 49.01 37.53 74.33
C PHE B 335 47.93 38.60 74.26
N ILE B 336 47.02 38.47 73.31
CA ILE B 336 46.05 39.52 73.08
C ILE B 336 44.64 38.95 73.14
N PRO B 337 43.93 39.11 74.25
CA PRO B 337 42.48 38.88 74.22
C PRO B 337 41.77 40.07 73.59
N LYS B 338 40.70 39.78 72.84
CA LYS B 338 39.94 40.85 72.22
C LYS B 338 38.47 40.53 72.36
N ILE B 339 37.62 41.55 72.46
CA ILE B 339 36.18 41.34 72.41
C ILE B 339 35.57 42.36 71.45
N GLU B 340 34.79 41.87 70.49
CA GLU B 340 34.16 42.69 69.46
C GLU B 340 32.64 42.56 69.54
N ILE B 341 31.97 43.70 69.48
CA ILE B 341 30.54 43.81 69.68
C ILE B 341 29.91 44.49 68.46
N PRO B 342 28.82 43.96 67.93
CA PRO B 342 28.08 44.71 66.91
C PRO B 342 27.09 45.67 67.56
N ILE B 343 26.94 46.86 66.95
CA ILE B 343 26.12 47.95 67.48
C ILE B 343 25.07 48.42 66.48
N PHE B 344 25.48 48.73 65.26
CA PHE B 344 24.51 49.07 64.25
C PHE B 344 25.00 48.51 62.93
N ASN B 345 24.27 47.53 62.39
CA ASN B 345 24.60 46.95 61.11
C ASN B 345 23.53 47.18 60.06
N ALA B 346 22.71 48.23 60.19
CA ALA B 346 21.64 48.50 59.24
C ALA B 346 20.66 47.33 59.17
N GLY B 347 20.58 46.59 60.27
CA GLY B 347 19.69 45.45 60.39
C GLY B 347 20.12 44.19 59.67
N ARG B 348 21.41 43.99 59.45
CA ARG B 348 21.84 42.74 58.83
C ARG B 348 21.58 41.55 59.75
N ASN B 349 21.89 41.70 61.04
CA ASN B 349 21.73 40.54 61.90
C ASN B 349 20.26 40.21 62.05
N LYS B 350 19.41 41.23 62.15
CA LYS B 350 17.97 41.01 62.19
C LYS B 350 17.49 40.26 60.95
N ALA B 351 17.86 40.76 59.77
CA ALA B 351 17.41 40.14 58.52
C ALA B 351 17.96 38.74 58.40
N ASN B 352 19.18 38.52 58.86
CA ASN B 352 19.68 37.15 58.87
C ASN B 352 18.97 36.30 59.88
N LEU B 353 18.37 36.91 60.89
CA LEU B 353 17.60 36.09 61.81
C LEU B 353 16.26 35.73 61.22
N LYS B 354 15.63 36.67 60.54
CA LYS B 354 14.37 36.37 59.91
C LYS B 354 14.54 35.25 58.88
N LEU B 355 15.57 35.33 58.01
CA LEU B 355 15.91 34.27 57.07
C LEU B 355 15.97 32.91 57.75
N ALA B 356 16.67 32.84 58.89
CA ALA B 356 16.75 31.58 59.62
C ALA B 356 15.37 31.10 60.05
N GLU B 357 14.61 31.97 60.73
CA GLU B 357 13.32 31.56 61.24
C GLU B 357 12.39 31.17 60.10
N ILE B 358 12.47 31.90 59.00
CA ILE B 358 11.62 31.59 57.85
C ILE B 358 11.98 30.24 57.27
N ARG B 359 13.28 30.01 57.04
CA ARG B 359 13.69 28.72 56.55
C ARG B 359 13.34 27.62 57.54
N GLN B 360 13.19 27.94 58.82
CA GLN B 360 12.79 26.90 59.76
C GLN B 360 11.33 26.51 59.56
N GLN B 361 10.48 27.51 59.39
CA GLN B 361 9.10 27.25 59.00
C GLN B 361 9.04 26.48 57.69
N GLN B 362 9.96 26.77 56.78
CA GLN B 362 10.00 25.96 55.58
C GLN B 362 10.24 24.51 55.91
N SER B 363 11.08 24.24 56.90
CA SER B 363 11.45 22.87 57.23
C SER B 363 10.29 22.16 57.86
N VAL B 364 9.51 22.89 58.65
CA VAL B 364 8.26 22.40 59.17
C VAL B 364 7.32 22.02 58.04
N VAL B 365 7.09 22.95 57.10
CA VAL B 365 6.23 22.63 55.98
C VAL B 365 6.74 21.42 55.22
N ASN B 366 8.04 21.38 54.89
CA ASN B 366 8.56 20.20 54.21
C ASN B 366 8.22 18.93 54.99
N TYR B 367 8.43 18.92 56.31
CA TYR B 367 8.05 17.78 57.16
C TYR B 367 6.59 17.37 56.97
N GLU B 368 5.67 18.31 57.13
CA GLU B 368 4.24 18.04 56.91
C GLU B 368 3.99 17.43 55.54
N GLN B 369 4.64 17.97 54.50
CA GLN B 369 4.43 17.45 53.14
C GLN B 369 4.85 16.00 53.03
N LYS B 370 5.96 15.63 53.67
CA LYS B 370 6.43 14.26 53.54
C LYS B 370 5.47 13.29 54.22
N ILE B 371 4.85 13.76 55.31
CA ILE B 371 3.86 12.96 56.04
C ILE B 371 2.57 12.80 55.22
N GLN B 372 2.00 13.92 54.77
CA GLN B 372 0.74 13.85 54.06
C GLN B 372 0.83 12.93 52.85
N SER B 373 1.96 12.97 52.14
CA SER B 373 2.12 12.09 50.99
C SER B 373 2.25 10.65 51.43
N ALA B 374 3.06 10.41 52.45
CA ALA B 374 3.17 9.07 52.99
C ALA B 374 1.81 8.52 53.30
N PHE B 375 0.98 9.31 53.98
CA PHE B 375 -0.34 8.83 54.37
C PHE B 375 -1.23 8.53 53.18
N LYS B 376 -1.15 9.35 52.13
CA LYS B 376 -1.91 9.06 50.91
C LYS B 376 -1.50 7.70 50.35
N ASP B 377 -0.22 7.54 50.05
CA ASP B 377 0.32 6.29 49.54
C ASP B 377 -0.21 5.08 50.28
N VAL B 378 -0.07 5.06 51.61
CA VAL B 378 -0.53 3.88 52.35
C VAL B 378 -2.03 3.71 52.17
N SER B 379 -2.82 4.78 52.35
CA SER B 379 -4.26 4.72 52.13
C SER B 379 -4.61 4.19 50.74
N ASP B 380 -3.75 4.42 49.74
CA ASP B 380 -4.01 3.92 48.40
C ASP B 380 -3.78 2.41 48.31
N THR B 381 -2.67 1.92 48.84
CA THR B 381 -2.39 0.49 48.72
C THR B 381 -3.35 -0.33 49.54
N LEU B 382 -3.88 0.25 50.60
CA LEU B 382 -4.90 -0.42 51.38
C LEU B 382 -6.19 -0.54 50.58
N ALA B 383 -6.63 0.56 49.99
CA ALA B 383 -7.73 0.49 49.07
C ALA B 383 -7.45 -0.58 48.02
N LEU B 384 -6.27 -0.51 47.40
CA LEU B 384 -5.98 -1.37 46.28
C LEU B 384 -5.97 -2.84 46.67
N ARG B 385 -5.56 -3.11 47.90
CA ARG B 385 -5.61 -4.46 48.41
C ARG B 385 -7.00 -5.07 48.19
N ASP B 386 -8.05 -4.32 48.54
CA ASP B 386 -9.39 -4.86 48.36
C ASP B 386 -9.81 -4.79 46.91
N SER B 387 -9.46 -3.70 46.21
CA SER B 387 -9.89 -3.58 44.82
C SER B 387 -9.35 -4.73 43.97
N LEU B 388 -8.09 -5.10 44.20
CA LEU B 388 -7.43 -6.11 43.37
C LEU B 388 -7.85 -7.52 43.72
N SER B 389 -8.07 -7.81 44.99
CA SER B 389 -8.57 -9.13 45.32
C SER B 389 -9.93 -9.37 44.65
N GLN B 390 -10.84 -8.41 44.75
CA GLN B 390 -12.15 -8.61 44.15
C GLN B 390 -12.09 -8.67 42.63
N GLN B 391 -11.34 -7.76 42.00
CA GLN B 391 -11.10 -7.87 40.57
C GLN B 391 -10.63 -9.26 40.16
N LEU B 392 -9.58 -9.74 40.81
CA LEU B 392 -8.98 -10.99 40.40
C LEU B 392 -9.95 -12.16 40.61
N GLU B 393 -10.75 -12.11 41.69
CA GLU B 393 -11.67 -13.23 41.96
C GLU B 393 -12.78 -13.27 40.94
N SER B 394 -13.35 -12.12 40.62
CA SER B 394 -14.40 -12.06 39.61
C SER B 394 -13.85 -12.36 38.23
N GLN B 395 -12.57 -12.07 38.00
CA GLN B 395 -11.99 -12.37 36.69
C GLN B 395 -11.80 -13.88 36.49
N GLN B 396 -11.43 -14.59 37.54
CA GLN B 396 -11.36 -16.04 37.44
C GLN B 396 -12.75 -16.59 37.13
N ARG B 397 -13.79 -16.07 37.79
CA ARG B 397 -15.13 -16.58 37.51
C ARG B 397 -15.51 -16.34 36.05
N TYR B 398 -15.18 -15.16 35.51
CA TYR B 398 -15.42 -14.91 34.10
C TYR B 398 -14.63 -15.89 33.24
N LEU B 399 -13.38 -16.15 33.64
CA LEU B 399 -12.59 -17.20 33.00
C LEU B 399 -13.37 -18.51 32.91
N ASP B 400 -13.66 -19.13 34.06
CA ASP B 400 -14.43 -20.39 34.10
C ASP B 400 -15.64 -20.33 33.18
N SER B 401 -16.42 -19.26 33.27
CA SER B 401 -17.59 -19.16 32.41
C SER B 401 -17.18 -19.08 30.94
N LEU B 402 -16.05 -18.45 30.64
CA LEU B 402 -15.65 -18.37 29.25
C LEU B 402 -15.19 -19.70 28.70
N GLN B 403 -14.56 -20.57 29.53
CA GLN B 403 -14.14 -21.90 29.07
C GLN B 403 -15.32 -22.78 28.67
N ILE B 404 -16.41 -22.70 29.45
CA ILE B 404 -17.65 -23.39 29.11
C ILE B 404 -18.23 -22.82 27.82
N THR B 405 -18.18 -21.51 27.68
CA THR B 405 -18.71 -20.90 26.46
C THR B 405 -17.97 -21.42 25.23
N LEU B 406 -16.64 -21.42 25.28
CA LEU B 406 -15.83 -21.92 24.18
C LEU B 406 -16.17 -23.37 23.84
N GLN B 407 -16.15 -24.27 24.82
CA GLN B 407 -16.52 -25.65 24.53
C GLN B 407 -17.90 -25.75 23.90
N ARG B 408 -18.86 -24.99 24.41
CA ARG B 408 -20.18 -25.09 23.84
C ARG B 408 -20.21 -24.54 22.42
N ALA B 409 -19.61 -23.39 22.18
CA ALA B 409 -19.55 -22.85 20.82
C ALA B 409 -18.89 -23.83 19.85
N ARG B 410 -17.80 -24.50 20.27
CA ARG B 410 -17.17 -25.48 19.39
C ARG B 410 -18.07 -26.67 19.15
N GLY B 411 -18.84 -27.08 20.15
CA GLY B 411 -19.73 -28.23 19.97
C GLY B 411 -20.90 -27.93 19.05
N LEU B 412 -21.46 -26.73 19.17
CA LEU B 412 -22.60 -26.39 18.32
C LEU B 412 -22.16 -26.00 16.91
N TYR B 413 -20.93 -25.50 16.76
CA TYR B 413 -20.37 -25.24 15.43
C TYR B 413 -20.11 -26.53 14.67
N ALA B 414 -19.63 -27.56 15.37
CA ALA B 414 -19.35 -28.87 14.79
C ALA B 414 -20.61 -29.60 14.37
N SER B 415 -21.77 -29.13 14.81
CA SER B 415 -23.05 -29.68 14.42
C SER B 415 -23.87 -28.72 13.55
N GLY B 416 -23.29 -27.61 13.09
CA GLY B 416 -23.97 -26.75 12.13
C GLY B 416 -24.98 -25.81 12.72
N ALA B 417 -25.05 -25.70 14.05
CA ALA B 417 -26.04 -24.93 14.81
C ALA B 417 -25.71 -23.44 14.96
N VAL B 418 -24.43 -23.07 14.91
CA VAL B 418 -23.97 -21.70 15.06
C VAL B 418 -22.80 -21.52 14.11
N SER B 419 -22.52 -20.28 13.78
CA SER B 419 -21.39 -20.13 12.86
C SER B 419 -20.10 -20.02 13.66
N TYR B 420 -18.98 -20.03 12.94
CA TYR B 420 -17.72 -20.13 13.65
C TYR B 420 -17.41 -18.88 14.46
N ILE B 421 -18.05 -17.77 14.13
CA ILE B 421 -17.76 -16.52 14.83
C ILE B 421 -17.96 -16.69 16.33
N GLU B 422 -18.86 -17.58 16.73
CA GLU B 422 -19.08 -17.81 18.15
C GLU B 422 -17.87 -18.48 18.78
N VAL B 423 -17.18 -19.34 18.03
CA VAL B 423 -15.94 -19.90 18.54
C VAL B 423 -14.88 -18.83 18.60
N LEU B 424 -14.83 -18.00 17.56
CA LEU B 424 -13.83 -16.95 17.49
C LEU B 424 -13.93 -16.07 18.71
N ASP B 425 -15.14 -15.58 18.98
CA ASP B 425 -15.34 -14.69 20.11
C ASP B 425 -14.84 -15.33 21.38
N ALA B 426 -15.26 -16.56 21.65
CA ALA B 426 -14.90 -17.22 22.91
C ALA B 426 -13.38 -17.35 23.04
N GLU B 427 -12.71 -17.82 21.99
CA GLU B 427 -11.26 -17.91 22.04
C GLU B 427 -10.63 -16.54 22.28
N ARG B 428 -11.19 -15.52 21.63
CA ARG B 428 -10.73 -14.16 21.83
C ARG B 428 -10.92 -13.73 23.28
N SER B 429 -12.18 -13.74 23.75
CA SER B 429 -12.45 -13.33 25.12
C SER B 429 -11.56 -14.09 26.10
N LEU B 430 -11.30 -15.37 25.82
CA LEU B 430 -10.56 -16.22 26.74
C LEU B 430 -9.07 -15.83 26.79
N PHE B 431 -8.47 -15.55 25.63
CA PHE B 431 -7.09 -15.06 25.62
C PHE B 431 -6.95 -13.76 26.43
N ALA B 432 -7.81 -12.78 26.15
CA ALA B 432 -7.76 -11.50 26.86
C ALA B 432 -7.88 -11.67 28.36
N THR B 433 -8.73 -12.59 28.79
CA THR B 433 -8.96 -12.81 30.20
C THR B 433 -7.77 -13.53 30.83
N GLN B 434 -7.17 -14.47 30.11
CA GLN B 434 -5.95 -15.08 30.64
C GLN B 434 -4.83 -14.05 30.81
N GLN B 435 -4.72 -13.11 29.88
CA GLN B 435 -3.69 -12.09 30.02
C GLN B 435 -3.99 -11.14 31.18
N THR B 436 -5.24 -10.75 31.32
CA THR B 436 -5.58 -9.86 32.41
C THR B 436 -5.40 -10.51 33.78
N ILE B 437 -5.75 -11.78 33.91
CA ILE B 437 -5.53 -12.41 35.20
C ILE B 437 -4.05 -12.41 35.54
N LEU B 438 -3.20 -12.71 34.57
CA LEU B 438 -1.75 -12.62 34.77
C LEU B 438 -1.32 -11.23 35.23
N ASP B 439 -1.69 -10.19 34.48
CA ASP B 439 -1.43 -8.80 34.87
C ASP B 439 -2.01 -8.48 36.26
N LEU B 440 -3.13 -9.11 36.65
CA LEU B 440 -3.79 -8.77 37.90
C LEU B 440 -3.01 -9.27 39.11
N THR B 441 -2.71 -10.57 39.16
CA THR B 441 -1.94 -11.09 40.28
C THR B 441 -0.60 -10.39 40.39
N TYR B 442 -0.02 -9.96 39.26
CA TYR B 442 1.15 -9.09 39.29
C TYR B 442 0.85 -7.84 40.09
N SER B 443 -0.10 -7.05 39.60
CA SER B 443 -0.54 -5.86 40.32
C SER B 443 -0.75 -6.19 41.79
N ARG B 444 -1.34 -7.35 42.07
CA ARG B 444 -1.63 -7.70 43.45
C ARG B 444 -0.36 -7.78 44.28
N GLN B 445 0.65 -8.48 43.78
CA GLN B 445 1.80 -8.70 44.64
C GLN B 445 2.78 -7.53 44.61
N VAL B 446 2.78 -6.72 43.56
CA VAL B 446 3.53 -5.47 43.61
C VAL B 446 2.89 -4.51 44.61
N ASN B 447 1.56 -4.39 44.58
CA ASN B 447 0.83 -3.60 45.56
C ASN B 447 1.26 -4.01 46.96
N GLU B 448 1.36 -5.31 47.21
CA GLU B 448 1.79 -5.78 48.50
C GLU B 448 3.21 -5.27 48.84
N ILE B 449 4.16 -5.47 47.93
CA ILE B 449 5.47 -4.86 48.06
C ILE B 449 5.33 -3.37 48.33
N ASN B 450 4.43 -2.70 47.64
CA ASN B 450 4.32 -1.27 47.87
C ASN B 450 3.83 -0.96 49.26
N LEU B 451 2.98 -1.80 49.83
CA LEU B 451 2.58 -1.57 51.23
C LEU B 451 3.76 -1.76 52.17
N PHE B 452 4.50 -2.85 52.00
CA PHE B 452 5.68 -3.11 52.82
C PHE B 452 6.58 -1.90 52.86
N THR B 453 6.95 -1.42 51.68
CA THR B 453 7.91 -0.35 51.55
C THR B 453 7.37 0.97 52.12
N ALA B 454 6.11 1.27 51.87
CA ALA B 454 5.53 2.50 52.40
C ALA B 454 5.56 2.54 53.91
N LEU B 455 5.60 1.37 54.56
CA LEU B 455 5.55 1.26 56.02
C LEU B 455 6.91 1.32 56.70
N GLY B 456 8.01 1.44 55.96
CA GLY B 456 9.28 1.22 56.61
C GLY B 456 10.13 0.19 55.90
N GLY B 457 9.49 -0.84 55.33
CA GLY B 457 10.06 -1.65 54.26
C GLY B 457 11.30 -2.47 54.61
N GLY B 458 12.16 -2.58 53.62
CA GLY B 458 13.25 -3.53 53.69
C GLY B 458 14.50 -2.91 54.24
N TRP B 459 14.44 -2.46 55.49
CA TRP B 459 15.67 -2.14 56.20
C TRP B 459 16.17 -3.38 56.94
N VAL B 460 15.38 -3.91 57.86
CA VAL B 460 15.82 -5.05 58.66
C VAL B 460 15.59 -6.34 57.90
N GLU B 461 16.34 -7.39 58.26
CA GLU B 461 16.06 -8.75 57.82
C GLU B 461 15.50 -9.58 58.96
N CYS C 18 57.85 24.03 40.71
CA CYS C 18 56.41 23.83 40.85
C CYS C 18 56.07 22.35 41.01
N VAL C 19 55.08 22.05 41.86
CA VAL C 19 54.64 20.69 42.18
C VAL C 19 53.14 20.57 41.97
N SER C 20 52.71 19.42 41.42
CA SER C 20 51.30 19.04 41.38
C SER C 20 51.09 17.82 42.25
N LEU C 21 50.28 17.97 43.28
CA LEU C 21 49.99 16.87 44.17
C LEU C 21 48.83 16.01 43.69
N ALA C 22 48.13 16.43 42.63
CA ALA C 22 46.98 15.70 42.13
C ALA C 22 47.39 14.29 41.71
N PRO C 23 46.46 13.34 41.70
CA PRO C 23 46.81 11.98 41.28
C PRO C 23 46.79 11.82 39.75
N GLU C 24 47.47 10.77 39.31
CA GLU C 24 47.43 10.41 37.90
C GLU C 24 46.08 9.84 37.55
N TYR C 25 45.59 10.19 36.37
CA TYR C 25 44.29 9.74 35.94
C TYR C 25 44.37 8.30 35.48
N GLN C 26 43.50 7.46 36.02
CA GLN C 26 43.23 6.13 35.50
C GLN C 26 41.75 6.10 35.14
N ARG C 27 41.43 5.55 34.00
CA ARG C 27 40.02 5.45 33.63
C ARG C 27 39.42 4.27 34.38
N PRO C 28 38.32 4.45 35.12
CA PRO C 28 37.66 3.30 35.75
C PRO C 28 37.24 2.26 34.73
N PRO C 29 37.38 0.99 35.10
CA PRO C 29 36.96 -0.10 34.22
C PRO C 29 35.45 -0.10 34.11
N ALA C 30 34.95 -0.26 32.88
CA ALA C 30 33.50 -0.12 32.62
C ALA C 30 32.73 -1.31 33.15
N PRO C 31 31.81 -1.12 34.02
CA PRO C 31 31.16 -2.25 34.69
C PRO C 31 30.00 -2.80 33.86
N VAL C 32 30.32 -3.32 32.69
CA VAL C 32 29.31 -3.89 31.80
C VAL C 32 29.97 -5.01 31.01
N PRO C 33 29.18 -5.96 30.49
CA PRO C 33 29.73 -7.00 29.61
C PRO C 33 30.58 -6.42 28.48
N GLN C 34 31.56 -7.19 28.02
CA GLN C 34 32.41 -6.68 26.94
C GLN C 34 31.68 -6.63 25.62
N GLN C 35 30.55 -7.31 25.51
CA GLN C 35 29.81 -7.39 24.28
C GLN C 35 28.34 -7.24 24.59
N PHE C 36 27.63 -6.69 23.60
CA PHE C 36 26.18 -6.81 23.57
C PHE C 36 25.81 -8.21 23.07
N SER C 37 24.61 -8.67 23.46
CA SER C 37 24.26 -10.05 23.13
C SER C 37 24.14 -10.24 21.62
N LEU C 38 23.29 -9.43 20.95
CA LEU C 38 23.09 -9.48 19.47
C LEU C 38 22.71 -10.86 18.94
N ASN C 48 31.59 -5.05 9.39
CA ASN C 48 32.99 -5.35 9.70
C ASN C 48 33.47 -4.56 10.91
N SER C 49 33.16 -3.26 10.92
CA SER C 49 33.49 -2.31 11.99
C SER C 49 32.41 -1.23 11.97
N TYR C 50 31.96 -0.79 13.14
CA TYR C 50 31.00 0.31 13.17
C TYR C 50 31.70 1.64 12.95
N GLN C 51 31.16 2.45 12.04
CA GLN C 51 31.62 3.82 11.79
C GLN C 51 30.43 4.79 11.90
N ASP C 52 30.72 6.06 12.22
CA ASP C 52 29.71 7.12 12.28
C ASP C 52 29.69 7.82 10.93
N THR C 53 28.96 7.22 10.00
CA THR C 53 28.49 7.95 8.84
C THR C 53 27.54 9.06 9.31
N GLY C 54 27.76 10.28 8.83
CA GLY C 54 26.96 11.41 9.30
C GLY C 54 25.44 11.23 9.35
N TRP C 55 24.75 12.09 10.11
CA TRP C 55 23.30 11.94 10.17
C TRP C 55 22.62 12.24 8.86
N ARG C 56 23.37 12.68 7.84
CA ARG C 56 22.80 12.82 6.51
C ARG C 56 22.61 11.47 5.85
N ASN C 57 23.53 10.52 6.09
CA ASN C 57 23.33 9.15 5.59
C ASN C 57 22.13 8.50 6.25
N PHE C 58 22.01 8.68 7.57
CA PHE C 58 21.00 7.96 8.35
C PHE C 58 19.62 8.42 7.97
N PHE C 59 19.43 9.73 7.87
CA PHE C 59 18.09 10.25 7.56
C PHE C 59 17.94 10.36 6.05
N VAL C 60 17.36 9.31 5.47
CA VAL C 60 17.14 9.27 4.03
C VAL C 60 16.18 10.38 3.60
N ASP C 61 15.03 10.50 4.30
CA ASP C 61 14.02 11.53 4.03
C ASP C 61 14.63 12.92 4.03
N PRO C 62 14.43 13.72 2.97
CA PRO C 62 15.08 15.04 2.94
C PRO C 62 14.37 16.07 3.79
N GLN C 63 13.14 15.79 4.21
CA GLN C 63 12.41 16.71 5.05
C GLN C 63 13.01 16.76 6.45
N VAL C 64 13.24 15.59 7.05
CA VAL C 64 13.88 15.56 8.36
C VAL C 64 15.25 16.21 8.32
N SER C 65 16.00 16.04 7.22
CA SER C 65 17.25 16.78 7.08
C SER C 65 17.02 18.27 7.17
N ARG C 66 16.01 18.77 6.47
CA ARG C 66 15.78 20.21 6.46
C ARG C 66 15.31 20.71 7.82
N LEU C 67 14.51 19.92 8.54
CA LEU C 67 13.99 20.41 9.81
C LEU C 67 15.08 20.44 10.87
N ILE C 68 15.91 19.39 10.92
CA ILE C 68 17.11 19.38 11.76
C ILE C 68 17.94 20.62 11.51
N GLY C 69 18.21 20.91 10.23
CA GLY C 69 18.98 22.10 9.92
C GLY C 69 18.31 23.32 10.48
N GLU C 70 16.99 23.38 10.33
CA GLU C 70 16.26 24.53 10.84
C GLU C 70 16.41 24.62 12.35
N ALA C 71 16.22 23.52 13.05
CA ALA C 71 16.27 23.52 14.50
C ALA C 71 17.67 23.84 15.03
N LEU C 72 18.70 23.26 14.41
CA LEU C 72 20.08 23.51 14.82
C LEU C 72 20.43 24.98 14.90
N ASN C 73 19.65 25.86 14.27
CA ASN C 73 19.91 27.28 14.31
C ASN C 73 18.88 28.06 15.10
N ASN C 74 17.89 27.40 15.68
CA ASN C 74 16.83 28.14 16.37
C ASN C 74 16.33 27.51 17.65
N ASN C 75 16.58 26.24 17.88
CA ASN C 75 16.14 25.67 19.14
C ASN C 75 16.77 26.40 20.33
N ARG C 76 15.91 26.79 21.28
CA ARG C 76 16.36 27.54 22.46
C ARG C 76 17.19 26.67 23.40
N ASP C 77 16.89 25.37 23.49
CA ASP C 77 17.65 24.52 24.40
C ASP C 77 19.08 24.36 23.93
N LEU C 78 19.30 24.16 22.65
CA LEU C 78 20.69 24.10 22.22
C LEU C 78 21.36 25.43 22.49
N ARG C 79 20.62 26.55 22.30
CA ARG C 79 21.16 27.88 22.61
C ARG C 79 21.61 28.00 24.06
N MET C 80 20.81 27.50 24.99
CA MET C 80 21.21 27.52 26.39
C MET C 80 22.46 26.67 26.63
N ALA C 81 22.59 25.56 25.90
CA ALA C 81 23.68 24.61 26.13
C ALA C 81 25.02 25.20 25.73
N ALA C 82 25.00 25.98 24.64
CA ALA C 82 26.18 26.68 24.18
C ALA C 82 26.56 27.81 25.13
N LEU C 83 25.58 28.59 25.58
CA LEU C 83 25.84 29.61 26.59
C LEU C 83 26.44 29.00 27.85
N LYS C 84 26.09 27.76 28.15
CA LYS C 84 26.62 27.11 29.34
C LYS C 84 28.09 26.76 29.15
N VAL C 85 28.47 26.47 27.91
CA VAL C 85 29.88 26.28 27.61
C VAL C 85 30.61 27.59 27.81
N GLU C 86 29.98 28.69 27.43
CA GLU C 86 30.66 29.99 27.54
C GLU C 86 30.76 30.39 29.01
N GLU C 87 29.72 30.12 29.77
CA GLU C 87 29.78 30.33 31.22
C GLU C 87 31.01 29.65 31.81
N ALA C 88 31.24 28.38 31.44
CA ALA C 88 32.31 27.59 32.03
C ALA C 88 33.70 28.05 31.58
N ARG C 89 33.81 28.58 30.37
CA ARG C 89 35.10 29.15 29.94
C ARG C 89 35.41 30.42 30.70
N ALA C 90 34.43 31.32 30.80
CA ALA C 90 34.60 32.49 31.64
C ALA C 90 34.89 32.12 33.10
N GLN C 91 34.26 31.04 33.60
CA GLN C 91 34.54 30.64 34.98
C GLN C 91 35.98 30.18 35.17
N PHE C 92 36.58 29.64 34.11
CA PHE C 92 37.97 29.20 34.19
C PHE C 92 38.92 30.39 34.23
N ASN C 93 38.54 31.47 33.55
CA ASN C 93 39.38 32.67 33.51
C ASN C 93 39.30 33.46 34.81
N VAL C 94 38.16 33.39 35.49
CA VAL C 94 38.01 33.94 36.83
C VAL C 94 38.91 33.23 37.82
N THR C 95 38.96 31.91 37.75
CA THR C 95 39.77 31.14 38.66
C THR C 95 41.26 31.20 38.28
N ASP C 96 41.60 31.26 36.99
CA ASP C 96 43.00 31.25 36.59
C ASP C 96 43.73 32.55 36.95
N ALA C 97 42.98 33.65 37.15
CA ALA C 97 43.56 34.95 37.42
C ALA C 97 44.43 34.94 38.67
N ASP C 98 44.08 34.10 39.64
CA ASP C 98 44.80 34.00 40.90
C ASP C 98 46.25 33.59 40.70
N ARG C 99 46.59 33.01 39.55
CA ARG C 99 47.94 32.48 39.39
C ARG C 99 48.94 33.55 38.97
N TYR C 100 48.49 34.75 38.73
CA TYR C 100 49.27 35.78 38.07
C TYR C 100 49.53 36.93 39.04
N PRO C 101 50.60 37.72 38.83
CA PRO C 101 50.83 38.86 39.72
C PRO C 101 49.68 39.85 39.61
N GLN C 102 49.51 40.67 40.66
CA GLN C 102 48.36 41.55 40.82
C GLN C 102 48.82 42.95 41.18
N LEU C 103 48.26 43.98 40.55
CA LEU C 103 48.69 45.36 40.80
C LEU C 103 47.52 46.25 41.23
N ASN C 104 47.66 46.90 42.38
CA ASN C 104 46.59 47.72 42.95
C ASN C 104 47.18 49.00 43.54
N ALA C 105 46.41 50.09 43.48
CA ALA C 105 46.80 51.40 43.99
C ALA C 105 45.76 51.90 44.98
N SER C 106 46.20 52.73 45.91
CA SER C 106 45.30 53.30 46.92
C SER C 106 45.87 54.59 47.45
N SER C 107 45.00 55.57 47.61
CA SER C 107 45.35 56.83 48.26
C SER C 107 44.60 56.96 49.57
N GLY C 108 44.99 57.96 50.34
CA GLY C 108 44.38 58.15 51.63
C GLY C 108 44.93 59.29 52.45
N ILE C 109 44.01 59.99 53.12
CA ILE C 109 44.31 60.94 54.17
C ILE C 109 43.93 60.34 55.51
N THR C 110 44.77 60.59 56.53
CA THR C 110 44.54 60.14 57.89
C THR C 110 44.59 61.32 58.84
N TYR C 111 43.45 61.66 59.43
CA TYR C 111 43.38 62.65 60.48
C TYR C 111 43.45 61.97 61.84
N ASN C 112 44.17 62.60 62.77
CA ASN C 112 44.50 61.96 64.04
C ASN C 112 44.70 63.05 65.09
N GLY C 113 43.90 63.05 66.15
CA GLY C 113 44.01 63.99 67.25
C GLY C 113 43.53 63.38 68.57
N GLY C 114 43.72 64.11 69.68
CA GLY C 114 43.23 63.70 70.99
C GLY C 114 41.95 64.41 71.40
N LEU C 115 41.22 63.83 72.38
CA LEU C 115 39.93 64.35 72.83
C LEU C 115 40.04 65.58 73.73
N LYS C 116 40.96 65.56 74.69
CA LYS C 116 41.18 66.68 75.60
C LYS C 116 42.50 67.39 75.39
N GLY C 117 43.57 66.63 75.16
CA GLY C 117 44.90 67.24 75.09
C GLY C 117 45.00 68.18 73.91
N ASP C 118 45.68 69.31 74.13
CA ASP C 118 45.75 70.33 73.09
C ASP C 118 46.62 69.91 71.91
N LYS C 119 47.29 68.77 72.01
CA LYS C 119 48.08 68.21 70.92
C LYS C 119 47.38 68.42 69.59
N PRO C 120 47.93 69.26 68.71
CA PRO C 120 47.27 69.56 67.43
C PRO C 120 46.92 68.30 66.66
N THR C 121 45.89 68.42 65.82
CA THR C 121 45.40 67.30 65.01
C THR C 121 46.30 67.07 63.79
N THR C 122 46.78 65.83 63.65
CA THR C 122 47.75 65.50 62.62
C THR C 122 47.02 65.33 61.27
N GLN C 123 47.80 65.36 60.20
CA GLN C 123 47.34 65.04 58.86
C GLN C 123 48.43 64.21 58.20
N GLU C 124 48.06 63.01 57.74
CA GLU C 124 48.96 62.06 57.07
C GLU C 124 48.37 61.74 55.70
N TYR C 125 49.05 62.19 54.65
CA TYR C 125 48.67 61.89 53.27
C TYR C 125 49.46 60.72 52.75
N ASP C 126 48.79 59.83 52.04
CA ASP C 126 49.44 58.61 51.61
C ASP C 126 48.93 58.19 50.23
N ALA C 127 49.83 57.62 49.44
CA ALA C 127 49.51 57.04 48.14
C ALA C 127 50.43 55.85 47.93
N GLY C 128 49.92 54.80 47.32
CA GLY C 128 50.64 53.54 47.27
C GLY C 128 50.31 52.71 46.05
N LEU C 129 51.27 51.88 45.65
CA LEU C 129 51.14 50.97 44.52
C LEU C 129 51.68 49.62 44.98
N GLU C 130 50.84 48.57 44.97
CA GLU C 130 51.23 47.30 45.56
C GLU C 130 51.09 46.18 44.55
N LEU C 131 52.06 45.27 44.58
CA LEU C 131 52.15 44.18 43.62
C LEU C 131 52.22 42.87 44.41
N SER C 132 51.13 42.13 44.39
CA SER C 132 50.96 40.91 45.14
C SER C 132 51.18 39.73 44.20
N TYR C 133 51.68 38.62 44.74
CA TYR C 133 51.92 37.44 43.91
C TYR C 133 52.03 36.20 44.78
N GLU C 134 51.10 35.24 44.60
CA GLU C 134 51.21 33.93 45.25
C GLU C 134 52.12 33.03 44.43
N LEU C 135 53.15 32.49 45.08
CA LEU C 135 54.07 31.57 44.42
C LEU C 135 53.34 30.32 43.94
N ASP C 136 52.65 29.61 44.85
CA ASP C 136 51.96 28.35 44.56
C ASP C 136 52.96 27.26 44.23
N PHE C 137 53.90 27.04 45.15
CA PHE C 137 54.97 26.09 44.91
C PHE C 137 54.46 24.65 44.87
N PHE C 138 53.30 24.39 45.47
CA PHE C 138 52.78 23.04 45.56
C PHE C 138 51.52 22.86 44.72
N GLY C 139 51.22 23.83 43.87
CA GLY C 139 50.16 23.71 42.87
C GLY C 139 48.77 23.60 43.44
N LYS C 140 48.39 24.53 44.33
CA LYS C 140 47.00 24.63 44.77
C LYS C 140 46.16 25.40 43.76
N LEU C 141 46.57 26.62 43.46
CA LEU C 141 45.87 27.38 42.43
C LEU C 141 45.96 26.69 41.07
N LYS C 142 47.14 26.12 40.74
CA LYS C 142 47.26 25.46 39.44
C LYS C 142 46.30 24.29 39.34
N ASN C 143 46.13 23.52 40.42
CA ASN C 143 45.14 22.44 40.36
C ASN C 143 43.71 22.97 40.31
N MET C 144 43.41 24.08 40.98
CA MET C 144 42.04 24.58 40.93
C MET C 144 41.67 25.14 39.57
N SER C 145 42.62 25.76 38.89
CA SER C 145 42.34 26.11 37.51
C SER C 145 42.17 24.87 36.64
N GLU C 146 42.89 23.78 36.91
CA GLU C 146 42.73 22.61 36.07
C GLU C 146 41.38 21.95 36.28
N ALA C 147 40.89 21.93 37.52
CA ALA C 147 39.57 21.42 37.79
C ALA C 147 38.52 22.20 37.01
N ASP C 148 38.78 23.48 36.78
CA ASP C 148 37.86 24.28 36.01
C ASP C 148 38.08 24.13 34.51
N ARG C 149 39.31 23.89 34.09
CA ARG C 149 39.53 23.47 32.72
C ARG C 149 38.72 22.21 32.43
N GLN C 150 38.85 21.20 33.30
CA GLN C 150 38.16 19.94 33.07
C GLN C 150 36.66 20.12 33.07
N ASN C 151 36.15 21.01 33.92
CA ASN C 151 34.71 21.24 33.96
C ASN C 151 34.23 21.93 32.69
N TYR C 152 35.12 22.65 32.00
CA TYR C 152 34.73 23.25 30.74
C TYR C 152 34.63 22.19 29.67
N PHE C 153 35.58 21.27 29.66
CA PHE C 153 35.46 20.12 28.77
C PHE C 153 34.20 19.36 29.06
N ALA C 154 33.82 19.27 30.33
CA ALA C 154 32.57 18.62 30.65
C ALA C 154 31.40 19.37 30.01
N SER C 155 31.39 20.69 30.14
CA SER C 155 30.28 21.47 29.59
C SER C 155 30.23 21.41 28.07
N GLU C 156 31.36 21.18 27.42
CA GLU C 156 31.36 20.98 25.98
C GLU C 156 30.69 19.67 25.60
N GLU C 157 31.08 18.57 26.23
CA GLU C 157 30.39 17.30 25.94
C GLU C 157 28.91 17.41 26.26
N ALA C 158 28.56 18.20 27.26
CA ALA C 158 27.16 18.43 27.58
C ALA C 158 26.42 19.12 26.42
N ARG C 159 27.03 20.13 25.79
CA ARG C 159 26.43 20.72 24.60
C ARG C 159 26.17 19.66 23.55
N ARG C 160 27.15 18.79 23.33
CA ARG C 160 27.07 17.75 22.31
C ARG C 160 25.92 16.79 22.57
N ALA C 161 25.80 16.36 23.83
CA ALA C 161 24.67 15.55 24.26
C ALA C 161 23.34 16.24 24.00
N VAL C 162 23.24 17.53 24.32
CA VAL C 162 22.05 18.31 24.00
C VAL C 162 21.83 18.38 22.51
N HIS C 163 22.91 18.44 21.74
CA HIS C 163 22.81 18.51 20.29
C HIS C 163 22.19 17.23 19.75
N ILE C 164 22.79 16.08 20.07
CA ILE C 164 22.27 14.85 19.47
C ILE C 164 20.86 14.53 19.99
N LEU C 165 20.54 14.89 21.23
CA LEU C 165 19.17 14.72 21.73
C LEU C 165 18.21 15.63 20.99
N LEU C 166 18.66 16.85 20.64
CA LEU C 166 17.86 17.70 19.78
C LEU C 166 17.58 17.01 18.46
N VAL C 167 18.65 16.51 17.83
CA VAL C 167 18.48 15.76 16.59
C VAL C 167 17.42 14.68 16.78
N SER C 168 17.49 13.94 17.89
CA SER C 168 16.50 12.89 18.11
C SER C 168 15.09 13.46 18.17
N ASN C 169 14.88 14.46 19.02
CA ASN C 169 13.52 14.98 19.20
C ASN C 169 12.97 15.56 17.92
N VAL C 170 13.82 16.18 17.11
CA VAL C 170 13.29 16.81 15.90
C VAL C 170 12.74 15.73 14.98
N SER C 171 13.57 14.72 14.68
CA SER C 171 13.17 13.65 13.77
C SER C 171 11.94 12.90 14.30
N GLN C 172 11.98 12.46 15.55
CA GLN C 172 10.81 11.79 16.08
C GLN C 172 9.58 12.68 16.01
N SER C 173 9.73 13.98 16.23
CA SER C 173 8.59 14.89 16.15
C SER C 173 8.02 14.92 14.74
N TYR C 174 8.89 14.93 13.74
CA TYR C 174 8.42 14.94 12.37
C TYR C 174 7.78 13.61 12.06
N PHE C 175 8.45 12.53 12.39
CA PHE C 175 7.87 11.23 12.07
C PHE C 175 6.53 11.05 12.79
N SER C 176 6.40 11.61 14.00
CA SER C 176 5.17 11.50 14.74
C SER C 176 4.05 12.29 14.05
N GLN C 177 4.36 13.49 13.57
CA GLN C 177 3.42 14.27 12.76
C GLN C 177 2.93 13.46 11.56
N GLN C 178 3.86 12.82 10.84
CA GLN C 178 3.47 12.02 9.68
C GLN C 178 2.51 10.91 10.07
N LEU C 179 2.81 10.20 11.15
CA LEU C 179 1.90 9.18 11.66
C LEU C 179 0.49 9.75 11.88
N ALA C 180 0.39 10.94 12.44
CA ALA C 180 -0.93 11.55 12.61
C ALA C 180 -1.60 11.75 11.24
N TYR C 181 -0.80 12.11 10.24
CA TYR C 181 -1.33 12.36 8.89
C TYR C 181 -1.91 11.10 8.30
N GLU C 182 -1.18 9.99 8.42
CA GLU C 182 -1.68 8.69 7.95
C GLU C 182 -2.93 8.29 8.71
N GLN C 183 -2.87 8.30 10.05
CA GLN C 183 -3.99 7.79 10.81
C GLN C 183 -5.24 8.56 10.48
N LEU C 184 -5.12 9.88 10.39
CA LEU C 184 -6.25 10.68 9.97
C LEU C 184 -6.72 10.24 8.59
N ARG C 185 -5.79 9.96 7.68
CA ARG C 185 -6.18 9.73 6.30
C ARG C 185 -6.92 8.42 6.15
N ILE C 186 -6.39 7.35 6.73
CA ILE C 186 -7.08 6.08 6.65
C ILE C 186 -8.40 6.10 7.40
N ALA C 187 -8.54 6.91 8.44
CA ALA C 187 -9.85 6.96 9.08
C ALA C 187 -10.86 7.60 8.16
N ARG C 188 -10.47 8.69 7.50
CA ARG C 188 -11.34 9.23 6.48
C ARG C 188 -11.71 8.17 5.46
N GLU C 189 -10.74 7.35 5.07
CA GLU C 189 -11.02 6.36 4.04
C GLU C 189 -11.96 5.28 4.56
N THR C 190 -11.74 4.79 5.78
CA THR C 190 -12.66 3.84 6.38
C THR C 190 -14.08 4.37 6.38
N LEU C 191 -14.24 5.64 6.72
CA LEU C 191 -15.58 6.25 6.79
C LEU C 191 -16.27 6.19 5.44
N LYS C 192 -15.54 6.45 4.36
CA LYS C 192 -16.15 6.36 3.05
C LYS C 192 -16.47 4.92 2.72
N ASN C 193 -15.68 4.00 3.27
CA ASN C 193 -15.96 2.59 3.08
C ASN C 193 -17.22 2.20 3.79
N TYR C 194 -17.35 2.59 5.04
CA TYR C 194 -18.52 2.20 5.82
C TYR C 194 -19.78 2.89 5.30
N GLU C 195 -19.64 4.02 4.59
CA GLU C 195 -20.79 4.67 3.99
C GLU C 195 -21.31 3.89 2.79
N GLN C 196 -20.39 3.27 2.05
CA GLN C 196 -20.75 2.33 0.99
C GLN C 196 -21.39 1.07 1.55
N SER C 197 -20.83 0.51 2.63
CA SER C 197 -21.51 -0.58 3.33
C SER C 197 -22.94 -0.19 3.67
N TYR C 198 -23.14 1.00 4.23
CA TYR C 198 -24.50 1.40 4.60
C TYR C 198 -25.41 1.45 3.38
N ALA C 199 -24.84 1.79 2.22
CA ALA C 199 -25.62 1.89 0.99
C ALA C 199 -25.94 0.50 0.48
N PHE C 200 -24.97 -0.40 0.58
CA PHE C 200 -25.17 -1.79 0.24
C PHE C 200 -26.31 -2.37 1.07
N VAL C 201 -26.35 -2.04 2.36
CA VAL C 201 -27.43 -2.55 3.22
C VAL C 201 -28.73 -1.82 2.98
N GLU C 202 -28.66 -0.48 2.87
CA GLU C 202 -29.82 0.35 2.56
C GLU C 202 -30.61 -0.16 1.35
N GLN C 203 -29.93 -0.50 0.25
CA GLN C 203 -30.66 -0.87 -0.95
C GLN C 203 -31.33 -2.22 -0.81
N GLN C 204 -30.73 -3.15 -0.06
CA GLN C 204 -31.41 -4.42 0.15
C GLN C 204 -32.55 -4.35 1.17
N LEU C 205 -32.65 -3.27 1.94
CA LEU C 205 -33.79 -3.10 2.83
C LEU C 205 -34.96 -2.38 2.17
N VAL C 206 -34.69 -1.48 1.20
CA VAL C 206 -35.74 -0.90 0.37
C VAL C 206 -36.49 -1.98 -0.40
N THR C 207 -35.83 -3.12 -0.63
CA THR C 207 -36.37 -4.23 -1.41
C THR C 207 -36.43 -5.54 -0.60
N GLY C 208 -36.47 -5.46 0.73
CA GLY C 208 -36.89 -6.56 1.59
C GLY C 208 -35.93 -7.73 1.74
N SER C 209 -34.74 -7.70 1.13
CA SER C 209 -33.86 -8.87 1.21
C SER C 209 -33.34 -9.11 2.62
N THR C 210 -32.96 -8.05 3.35
CA THR C 210 -32.29 -8.14 4.65
C THR C 210 -33.23 -7.74 5.80
N ASN C 211 -32.65 -7.63 6.99
CA ASN C 211 -33.31 -7.08 8.15
C ASN C 211 -32.90 -5.63 8.32
N VAL C 212 -33.57 -4.96 9.25
CA VAL C 212 -33.18 -3.60 9.64
C VAL C 212 -32.08 -3.59 10.69
N LEU C 213 -31.69 -4.76 11.22
CA LEU C 213 -30.61 -4.82 12.21
C LEU C 213 -29.27 -4.55 11.56
N ALA C 214 -29.09 -5.08 10.35
CA ALA C 214 -27.89 -4.78 9.58
C ALA C 214 -27.77 -3.29 9.37
N LEU C 215 -28.86 -2.64 8.97
CA LEU C 215 -28.79 -1.22 8.70
C LEU C 215 -28.38 -0.45 9.95
N GLU C 216 -28.86 -0.83 11.14
CA GLU C 216 -28.46 -0.07 12.33
C GLU C 216 -27.04 -0.40 12.74
N GLN C 217 -26.61 -1.63 12.48
CA GLN C 217 -25.19 -1.96 12.64
C GLN C 217 -24.33 -1.12 11.71
N ALA C 218 -24.71 -0.98 10.44
CA ALA C 218 -23.94 -0.13 9.53
C ALA C 218 -24.02 1.33 9.94
N ARG C 219 -25.16 1.77 10.46
CA ARG C 219 -25.23 3.16 10.89
C ARG C 219 -24.33 3.38 12.11
N GLY C 220 -24.25 2.39 13.00
CA GLY C 220 -23.34 2.50 14.12
C GLY C 220 -21.92 2.79 13.67
N GLN C 221 -21.40 1.94 12.78
CA GLN C 221 -20.02 2.05 12.34
C GLN C 221 -19.72 3.45 11.83
N ILE C 222 -20.65 4.02 11.08
CA ILE C 222 -20.43 5.33 10.48
C ILE C 222 -20.20 6.38 11.57
N GLU C 223 -21.06 6.39 12.59
CA GLU C 223 -20.96 7.38 13.64
C GLU C 223 -19.74 7.11 14.52
N SER C 224 -19.48 5.84 14.82
CA SER C 224 -18.24 5.45 15.50
C SER C 224 -17.03 5.99 14.74
N THR C 225 -16.93 5.69 13.45
CA THR C 225 -15.78 6.15 12.70
C THR C 225 -15.71 7.67 12.65
N ARG C 226 -16.85 8.35 12.59
CA ARG C 226 -16.83 9.80 12.69
C ARG C 226 -16.12 10.28 13.94
N ALA C 227 -16.39 9.69 15.10
CA ALA C 227 -15.64 10.09 16.28
C ALA C 227 -14.14 9.93 16.04
N GLU C 228 -13.71 8.74 15.62
CA GLU C 228 -12.29 8.46 15.40
C GLU C 228 -11.64 9.57 14.60
N ILE C 229 -12.24 9.96 13.48
CA ILE C 229 -11.71 11.08 12.70
C ILE C 229 -11.53 12.32 13.57
N ALA C 230 -12.48 12.60 14.49
CA ALA C 230 -12.31 13.75 15.35
C ALA C 230 -11.09 13.57 16.26
N LYS C 231 -10.89 12.36 16.77
CA LYS C 231 -9.74 12.14 17.64
C LYS C 231 -8.44 12.35 16.86
N ARG C 232 -8.35 11.77 15.67
CA ARG C 232 -7.15 11.86 14.85
C ARG C 232 -6.84 13.29 14.41
N GLU C 233 -7.86 14.11 14.13
CA GLU C 233 -7.60 15.52 13.84
C GLU C 233 -6.88 16.17 15.02
N GLY C 234 -7.45 16.01 16.23
CA GLY C 234 -6.79 16.51 17.43
C GLY C 234 -5.34 16.06 17.55
N ASP C 235 -5.08 14.77 17.33
CA ASP C 235 -3.71 14.28 17.36
C ASP C 235 -2.84 15.03 16.38
N LEU C 236 -3.35 15.26 15.17
CA LEU C 236 -2.58 15.97 14.16
C LEU C 236 -2.32 17.41 14.57
N ALA C 237 -3.32 18.09 15.11
CA ALA C 237 -3.09 19.45 15.58
C ALA C 237 -1.96 19.44 16.60
N GLN C 238 -2.04 18.54 17.57
CA GLN C 238 -1.06 18.56 18.65
C GLN C 238 0.33 18.16 18.17
N ALA C 239 0.42 17.26 17.20
CA ALA C 239 1.74 16.92 16.66
C ALA C 239 2.35 18.09 15.90
N ASN C 240 1.53 18.91 15.25
CA ASN C 240 2.04 20.12 14.59
C ASN C 240 2.66 21.07 15.60
N ASN C 241 1.88 21.46 16.61
CA ASN C 241 2.35 22.39 17.64
C ASN C 241 3.61 21.91 18.35
N ALA C 242 3.75 20.61 18.53
CA ALA C 242 4.95 20.09 19.19
C ALA C 242 6.14 20.15 18.25
N LEU C 243 5.91 19.93 16.96
CA LEU C 243 6.98 20.07 15.98
C LEU C 243 7.49 21.50 15.96
N GLN C 244 6.57 22.48 15.92
CA GLN C 244 7.01 23.87 15.87
C GLN C 244 7.71 24.33 17.14
N LEU C 245 7.38 23.75 18.29
CA LEU C 245 8.05 24.10 19.55
C LEU C 245 9.50 23.67 19.52
N VAL C 246 9.75 22.47 19.00
CA VAL C 246 11.10 21.92 18.94
C VAL C 246 11.89 22.60 17.84
N LEU C 247 11.24 22.94 16.72
CA LEU C 247 11.92 23.71 15.69
C LEU C 247 12.38 25.07 16.23
N GLY C 248 11.56 25.71 17.08
CA GLY C 248 11.79 27.08 17.49
C GLY C 248 11.35 28.13 16.50
N THR C 249 10.86 27.74 15.32
CA THR C 249 10.34 28.67 14.32
C THR C 249 8.98 28.14 13.87
N TYR C 250 8.13 29.04 13.40
CA TYR C 250 6.72 28.73 13.25
C TYR C 250 6.26 28.76 11.81
N ARG C 251 7.21 28.56 10.87
CA ARG C 251 6.86 28.57 9.47
C ARG C 251 6.00 27.36 9.13
N ALA C 252 5.66 27.25 7.86
CA ALA C 252 4.66 26.27 7.47
C ALA C 252 5.12 24.86 7.80
N VAL C 253 4.28 24.13 8.52
CA VAL C 253 4.64 22.76 8.90
C VAL C 253 4.62 21.88 7.67
N PRO C 254 5.44 20.83 7.64
CA PRO C 254 5.36 19.87 6.54
C PRO C 254 4.00 19.22 6.47
N SER C 255 3.61 18.88 5.25
CA SER C 255 2.39 18.13 5.00
C SER C 255 2.72 16.65 5.04
N GLU C 256 1.81 15.84 4.52
CA GLU C 256 2.01 14.40 4.48
C GLU C 256 2.86 14.05 3.27
N LYS C 257 3.71 13.03 3.44
CA LYS C 257 4.54 12.55 2.35
C LYS C 257 3.75 11.54 1.52
N GLY C 258 3.85 11.66 0.18
CA GLY C 258 3.22 10.69 -0.70
C GLY C 258 3.96 9.37 -0.78
N ILE C 259 5.29 9.39 -0.53
CA ILE C 259 6.13 8.20 -0.43
C ILE C 259 6.03 7.61 0.98
N LYS C 260 5.90 6.29 1.09
CA LYS C 260 5.99 5.63 2.38
C LYS C 260 7.10 4.58 2.31
N GLY C 261 8.05 4.64 3.25
CA GLY C 261 9.13 3.67 3.32
C GLY C 261 10.52 4.13 2.91
N GLY C 262 11.53 3.62 3.60
CA GLY C 262 12.91 3.94 3.26
C GLY C 262 13.40 5.26 3.81
N GLU C 263 12.62 5.89 4.68
CA GLU C 263 12.96 7.19 5.24
C GLU C 263 14.23 7.14 6.07
N ILE C 264 14.56 6.00 6.68
CA ILE C 264 15.73 5.86 7.55
C ILE C 264 16.62 4.72 7.06
N ALA C 265 17.94 4.95 7.07
CA ALA C 265 18.87 3.86 6.75
C ALA C 265 19.44 3.29 8.04
N PRO C 266 18.95 2.16 8.52
CA PRO C 266 19.37 1.62 9.83
C PRO C 266 20.88 1.56 10.02
N VAL C 267 21.33 1.44 11.27
CA VAL C 267 22.77 1.36 11.55
C VAL C 267 23.24 -0.06 11.28
N LYS C 268 24.35 -0.19 10.57
CA LYS C 268 24.89 -1.51 10.29
C LYS C 268 25.84 -1.91 11.43
N LEU C 269 25.57 -3.02 12.07
CA LEU C 269 26.35 -3.37 13.24
C LEU C 269 27.19 -4.62 12.97
N PRO C 270 28.45 -4.66 13.40
CA PRO C 270 29.29 -5.85 13.13
C PRO C 270 28.80 -7.04 13.94
N PRO C 271 29.25 -8.31 13.60
CA PRO C 271 28.79 -9.48 14.36
C PRO C 271 28.91 -9.37 15.87
N ASN C 272 30.12 -9.32 16.41
CA ASN C 272 30.32 -9.12 17.85
C ASN C 272 30.61 -7.63 18.08
N LEU C 273 29.74 -6.96 18.82
CA LEU C 273 29.89 -5.51 19.01
C LEU C 273 30.41 -5.23 20.41
N SER C 274 31.32 -4.26 20.53
CA SER C 274 32.02 -3.98 21.79
C SER C 274 31.33 -2.89 22.60
N SER C 275 31.26 -3.11 23.94
CA SER C 275 30.74 -2.09 24.85
C SER C 275 31.51 -0.79 24.76
N GLN C 276 32.80 -0.89 24.43
CA GLN C 276 33.68 0.26 24.31
C GLN C 276 33.05 1.39 23.48
N ILE C 277 32.17 1.06 22.54
CA ILE C 277 31.50 2.12 21.76
C ILE C 277 30.84 3.12 22.71
N LEU C 278 30.26 2.64 23.80
CA LEU C 278 29.59 3.52 24.75
C LEU C 278 30.53 4.58 25.29
N LEU C 279 31.83 4.28 25.38
CA LEU C 279 32.73 5.18 26.08
C LEU C 279 32.85 6.52 25.39
N GLN C 280 32.53 6.61 24.10
CA GLN C 280 32.58 7.89 23.41
C GLN C 280 31.25 8.63 23.42
N ARG C 281 30.29 8.20 24.21
CA ARG C 281 29.03 8.93 24.33
C ARG C 281 29.21 10.26 25.05
N PRO C 282 28.39 11.27 24.74
CA PRO C 282 28.64 12.59 25.35
C PRO C 282 28.39 12.60 26.84
N ASP C 283 27.38 11.86 27.30
CA ASP C 283 27.02 11.89 28.71
C ASP C 283 28.09 11.20 29.54
N ILE C 284 28.70 10.17 28.96
CA ILE C 284 29.74 9.43 29.65
C ILE C 284 31.04 10.20 29.61
N MET C 285 31.36 10.78 28.46
CA MET C 285 32.53 11.64 28.38
C MET C 285 32.42 12.78 29.39
N GLU C 286 31.22 13.37 29.50
CA GLU C 286 31.00 14.44 30.47
C GLU C 286 31.17 13.96 31.92
N ALA C 287 30.83 12.69 32.19
CA ALA C 287 31.08 12.14 33.52
C ALA C 287 32.56 11.87 33.71
N GLU C 288 33.26 11.58 32.61
CA GLU C 288 34.71 11.35 32.67
C GLU C 288 35.46 12.64 32.96
N TYR C 289 35.02 13.74 32.36
CA TYR C 289 35.70 14.99 32.58
C TYR C 289 35.48 15.50 33.99
N GLN C 290 34.30 15.28 34.55
CA GLN C 290 34.02 15.65 35.92
C GLN C 290 34.87 14.83 36.88
N LEU C 291 35.08 13.56 36.54
CA LEU C 291 35.97 12.70 37.31
C LEU C 291 37.40 13.22 37.34
N LYS C 292 37.91 13.64 36.19
CA LYS C 292 39.18 14.33 36.11
C LYS C 292 39.17 15.60 36.98
N ALA C 293 38.12 16.41 36.85
CA ALA C 293 38.08 17.61 37.67
C ALA C 293 38.17 17.27 39.16
N ALA C 294 37.60 16.11 39.56
CA ALA C 294 37.63 15.73 40.98
C ALA C 294 39.02 15.29 41.43
N ASP C 295 39.84 14.80 40.51
CA ASP C 295 41.23 14.52 40.86
C ASP C 295 41.95 15.82 41.15
N ALA C 296 41.75 16.83 40.29
CA ALA C 296 42.46 18.10 40.49
C ALA C 296 42.10 18.71 41.83
N ASN C 297 40.83 18.58 42.25
CA ASN C 297 40.42 19.09 43.55
C ASN C 297 41.10 18.35 44.69
N ILE C 298 41.39 17.06 44.48
CA ILE C 298 42.20 16.29 45.43
C ILE C 298 43.60 16.90 45.53
N GLY C 299 44.16 17.27 44.39
CA GLY C 299 45.45 17.93 44.37
C GLY C 299 45.44 19.23 45.15
N ALA C 300 44.40 20.04 44.97
CA ALA C 300 44.33 21.26 45.75
C ALA C 300 44.08 20.97 47.24
N ALA C 301 43.36 19.89 47.55
CA ALA C 301 43.15 19.54 48.95
C ALA C 301 44.48 19.24 49.62
N ARG C 302 45.38 18.61 48.89
CA ARG C 302 46.64 18.18 49.47
C ARG C 302 47.63 19.33 49.56
N ALA C 303 47.62 20.23 48.58
CA ALA C 303 48.44 21.42 48.68
C ALA C 303 48.12 22.17 49.96
N ALA C 304 46.90 22.05 50.47
CA ALA C 304 46.51 22.79 51.66
C ALA C 304 47.36 22.44 52.86
N PHE C 305 48.04 21.31 52.83
CA PHE C 305 48.88 20.96 53.96
C PHE C 305 50.22 21.71 53.94
N PHE C 306 50.73 22.08 52.76
CA PHE C 306 52.12 22.51 52.55
C PHE C 306 52.23 24.04 52.66
N PRO C 307 53.46 24.58 52.81
CA PRO C 307 53.56 26.02 53.03
C PRO C 307 53.23 26.77 51.77
N SER C 308 52.93 28.05 51.95
CA SER C 308 52.70 28.94 50.81
C SER C 308 53.67 30.11 50.90
N ILE C 309 54.06 30.62 49.74
CA ILE C 309 55.06 31.66 49.63
C ILE C 309 54.45 32.81 48.84
N THR C 310 54.44 33.98 49.43
CA THR C 310 53.76 35.12 48.85
C THR C 310 54.71 36.30 48.82
N LEU C 311 54.91 36.86 47.64
CA LEU C 311 55.67 38.08 47.48
C LEU C 311 54.72 39.27 47.57
N THR C 312 55.26 40.42 48.00
CA THR C 312 54.43 41.63 48.12
C THR C 312 55.33 42.87 48.14
N SER C 313 55.60 43.41 46.96
CA SER C 313 56.44 44.58 46.76
C SER C 313 55.58 45.82 46.52
N GLY C 314 56.12 46.99 46.91
CA GLY C 314 55.32 48.20 46.96
C GLY C 314 56.15 49.45 46.81
N LEU C 315 55.55 50.47 46.20
CA LEU C 315 56.12 51.80 46.08
C LEU C 315 55.11 52.80 46.62
N SER C 316 55.40 53.41 47.76
CA SER C 316 54.47 54.34 48.38
C SER C 316 55.08 55.75 48.46
N SER C 317 54.25 56.69 48.92
CA SER C 317 54.70 58.06 49.13
C SER C 317 53.81 58.71 50.17
N SER C 318 54.36 59.01 51.34
CA SER C 318 53.61 59.62 52.41
C SER C 318 54.14 61.00 52.72
N SER C 319 53.31 61.82 53.35
CA SER C 319 53.64 63.20 53.64
C SER C 319 52.82 63.67 54.82
N THR C 320 53.09 64.91 55.26
CA THR C 320 52.34 65.53 56.32
C THR C 320 51.60 66.80 55.89
N GLU C 321 51.95 67.38 54.75
CA GLU C 321 51.10 68.34 54.08
C GLU C 321 50.97 67.99 52.61
N LEU C 322 49.77 68.23 52.06
CA LEU C 322 49.47 67.75 50.72
C LEU C 322 50.33 68.42 49.66
N SER C 323 50.90 69.58 49.97
CA SER C 323 51.73 70.30 49.02
C SER C 323 52.89 69.47 48.50
N SER C 324 53.48 68.62 49.35
CA SER C 324 54.68 67.85 49.01
C SER C 324 54.44 66.32 49.00
N LEU C 325 53.24 65.89 48.62
CA LEU C 325 52.91 64.46 48.59
C LEU C 325 53.74 63.71 47.56
N PHE C 326 53.88 64.27 46.36
CA PHE C 326 54.66 63.66 45.31
C PHE C 326 55.92 64.46 45.08
N THR C 327 56.76 64.48 46.11
CA THR C 327 58.06 65.14 46.07
C THR C 327 59.16 64.10 46.19
N SER C 328 60.37 64.53 46.54
CA SER C 328 61.53 63.63 46.45
C SER C 328 61.74 62.84 47.75
N GLY C 329 61.75 63.53 48.89
CA GLY C 329 61.96 62.93 50.18
C GLY C 329 60.84 62.05 50.71
N SER C 330 59.82 61.77 49.91
CA SER C 330 58.65 61.05 50.38
C SER C 330 58.55 59.65 49.82
N GLY C 331 59.20 59.43 48.67
CA GLY C 331 59.05 58.15 47.99
C GLY C 331 59.77 57.05 48.74
N MET C 332 59.12 55.89 48.78
CA MET C 332 59.59 54.74 49.56
C MET C 332 59.31 53.47 48.76
N TRP C 333 60.22 52.51 48.83
CA TRP C 333 59.93 51.20 48.26
C TRP C 333 59.94 50.14 49.36
N ASN C 334 59.55 48.92 48.99
CA ASN C 334 59.19 47.87 49.94
C ASN C 334 59.20 46.54 49.21
N PHE C 335 59.60 45.47 49.92
CA PHE C 335 59.61 44.15 49.28
C PHE C 335 59.56 43.08 50.37
N ILE C 336 58.42 42.40 50.46
CA ILE C 336 58.24 41.48 51.58
C ILE C 336 57.92 40.08 51.07
N PRO C 337 58.89 39.16 51.07
CA PRO C 337 58.55 37.74 50.92
C PRO C 337 58.04 37.18 52.24
N LYS C 338 57.05 36.29 52.14
CA LYS C 338 56.45 35.71 53.32
C LYS C 338 56.22 34.23 53.05
N ILE C 339 56.33 33.40 54.08
CA ILE C 339 55.97 31.99 53.97
C ILE C 339 55.17 31.59 55.21
N GLU C 340 53.97 31.06 54.98
CA GLU C 340 53.09 30.65 56.06
C GLU C 340 52.93 29.13 56.01
N ILE C 341 52.84 28.51 57.18
CA ILE C 341 52.75 27.05 57.28
C ILE C 341 51.62 26.69 58.22
N PRO C 342 50.81 25.70 57.89
CA PRO C 342 49.82 25.22 58.86
C PRO C 342 50.47 24.14 59.72
N ILE C 343 50.10 24.14 61.02
CA ILE C 343 50.65 23.23 62.03
C ILE C 343 49.55 22.42 62.71
N PHE C 344 48.58 23.09 63.29
CA PHE C 344 47.48 22.36 63.90
C PHE C 344 46.21 23.15 63.64
N ASN C 345 45.33 22.55 62.85
CA ASN C 345 44.03 23.13 62.50
C ASN C 345 42.87 22.28 63.02
N ALA C 346 43.10 21.45 64.03
CA ALA C 346 42.06 20.57 64.57
C ALA C 346 41.56 19.63 63.48
N GLY C 347 42.44 19.37 62.52
CA GLY C 347 42.16 18.52 61.39
C GLY C 347 41.16 19.04 60.39
N ARG C 348 41.10 20.36 60.16
CA ARG C 348 40.33 20.87 59.03
C ARG C 348 40.91 20.39 57.70
N ASN C 349 42.23 20.38 57.58
CA ASN C 349 42.78 20.02 56.29
C ASN C 349 42.52 18.56 55.98
N LYS C 350 42.69 17.68 56.97
CA LYS C 350 42.32 16.28 56.82
C LYS C 350 40.91 16.14 56.28
N ALA C 351 39.95 16.68 57.03
CA ALA C 351 38.55 16.57 56.65
C ALA C 351 38.33 17.11 55.25
N ASN C 352 39.02 18.19 54.89
CA ASN C 352 38.81 18.70 53.54
C ASN C 352 39.48 17.82 52.50
N LEU C 353 40.51 17.08 52.89
CA LEU C 353 41.05 16.09 51.98
C LEU C 353 40.11 14.90 51.87
N LYS C 354 39.50 14.49 52.97
CA LYS C 354 38.55 13.39 52.88
C LYS C 354 37.36 13.77 52.00
N LEU C 355 36.82 14.98 52.17
CA LEU C 355 35.75 15.47 51.29
C LEU C 355 36.12 15.32 49.83
N ALA C 356 37.32 15.78 49.46
CA ALA C 356 37.78 15.66 48.08
C ALA C 356 37.75 14.22 47.63
N GLU C 357 38.35 13.33 48.44
CA GLU C 357 38.52 11.96 48.00
C GLU C 357 37.19 11.24 47.95
N ILE C 358 36.28 11.60 48.86
CA ILE C 358 34.94 11.02 48.82
C ILE C 358 34.19 11.47 47.58
N ARG C 359 34.15 12.78 47.35
CA ARG C 359 33.51 13.27 46.14
C ARG C 359 34.12 12.63 44.89
N GLN C 360 35.42 12.39 44.87
CA GLN C 360 36.03 11.74 43.72
C GLN C 360 35.46 10.34 43.51
N GLN C 361 35.35 9.57 44.59
CA GLN C 361 34.67 8.29 44.50
C GLN C 361 33.23 8.47 44.06
N GLN C 362 32.59 9.56 44.46
CA GLN C 362 31.26 9.82 43.91
C GLN C 362 31.33 9.96 42.39
N SER C 363 32.43 10.54 41.88
CA SER C 363 32.54 10.79 40.44
C SER C 363 32.78 9.51 39.70
N VAL C 364 33.48 8.60 40.34
CA VAL C 364 33.61 7.26 39.81
C VAL C 364 32.24 6.60 39.70
N VAL C 365 31.48 6.60 40.81
CA VAL C 365 30.16 6.01 40.77
C VAL C 365 29.31 6.65 39.69
N ASN C 366 29.28 7.98 39.64
CA ASN C 366 28.51 8.65 38.61
C ASN C 366 28.90 8.16 37.22
N TYR C 367 30.21 8.10 36.93
CA TYR C 367 30.67 7.52 35.66
C TYR C 367 30.05 6.15 35.39
N GLU C 368 30.26 5.21 36.32
CA GLU C 368 29.72 3.87 36.15
C GLU C 368 28.22 3.89 35.84
N GLN C 369 27.45 4.68 36.60
CA GLN C 369 26.02 4.82 36.35
C GLN C 369 25.71 5.22 34.91
N LYS C 370 26.48 6.15 34.35
CA LYS C 370 26.20 6.63 33.00
C LYS C 370 26.46 5.53 31.97
N ILE C 371 27.50 4.72 32.21
CA ILE C 371 27.80 3.60 31.33
C ILE C 371 26.70 2.53 31.42
N GLN C 372 26.37 2.09 32.64
CA GLN C 372 25.44 0.97 32.82
C GLN C 372 24.09 1.26 32.20
N SER C 373 23.58 2.47 32.35
CA SER C 373 22.35 2.84 31.68
C SER C 373 22.55 2.85 30.17
N ALA C 374 23.63 3.48 29.73
CA ALA C 374 23.95 3.47 28.32
C ALA C 374 23.88 2.06 27.76
N PHE C 375 24.48 1.11 28.46
CA PHE C 375 24.48 -0.27 27.98
C PHE C 375 23.08 -0.86 27.94
N LYS C 376 22.26 -0.55 28.94
CA LYS C 376 20.87 -1.02 28.93
C LYS C 376 20.14 -0.53 27.69
N ASP C 377 20.08 0.79 27.53
CA ASP C 377 19.40 1.43 26.42
C ASP C 377 19.70 0.75 25.10
N VAL C 378 20.98 0.62 24.77
CA VAL C 378 21.37 0.01 23.50
C VAL C 378 20.84 -1.42 23.44
N SER C 379 21.17 -2.23 24.46
CA SER C 379 20.67 -3.59 24.53
C SER C 379 19.17 -3.68 24.32
N ASP C 380 18.43 -2.67 24.77
CA ASP C 380 16.98 -2.68 24.60
C ASP C 380 16.61 -2.47 23.14
N THR C 381 17.17 -1.43 22.52
CA THR C 381 16.82 -1.14 21.13
C THR C 381 17.21 -2.26 20.19
N LEU C 382 18.31 -2.94 20.47
CA LEU C 382 18.68 -4.13 19.70
C LEU C 382 17.60 -5.19 19.82
N ALA C 383 17.14 -5.42 21.03
CA ALA C 383 16.08 -6.37 21.24
C ALA C 383 14.82 -5.91 20.54
N LEU C 384 14.51 -4.63 20.60
CA LEU C 384 13.30 -4.11 19.99
C LEU C 384 13.34 -4.23 18.48
N ARG C 385 14.55 -4.05 17.92
CA ARG C 385 14.75 -4.21 16.50
C ARG C 385 14.13 -5.51 16.00
N ASP C 386 14.41 -6.62 16.69
CA ASP C 386 13.87 -7.90 16.25
C ASP C 386 12.41 -8.06 16.64
N SER C 387 12.07 -7.66 17.86
CA SER C 387 10.69 -7.77 18.29
C SER C 387 9.77 -7.03 17.33
N LEU C 388 10.15 -5.82 16.91
CA LEU C 388 9.29 -5.00 16.08
C LEU C 388 9.22 -5.49 14.65
N SER C 389 10.33 -5.96 14.09
CA SER C 389 10.28 -6.60 12.79
C SER C 389 9.27 -7.74 12.79
N GLN C 390 9.46 -8.71 13.67
CA GLN C 390 8.56 -9.86 13.64
C GLN C 390 7.11 -9.45 13.87
N GLN C 391 6.88 -8.56 14.82
CA GLN C 391 5.53 -8.05 15.03
C GLN C 391 4.93 -7.52 13.74
N LEU C 392 5.64 -6.63 13.07
CA LEU C 392 5.10 -5.96 11.91
C LEU C 392 4.80 -6.96 10.78
N GLU C 393 5.73 -7.89 10.50
CA GLU C 393 5.47 -8.88 9.44
C GLU C 393 4.27 -9.76 9.76
N SER C 394 4.16 -10.23 11.02
CA SER C 394 3.01 -11.06 11.39
C SER C 394 1.71 -10.27 11.41
N GLN C 395 1.78 -8.95 11.61
CA GLN C 395 0.58 -8.14 11.54
C GLN C 395 0.11 -7.97 10.10
N GLN C 396 1.04 -7.75 9.16
CA GLN C 396 0.64 -7.72 7.76
C GLN C 396 -0.05 -9.02 7.37
N ARG C 397 0.50 -10.17 7.79
CA ARG C 397 -0.14 -11.46 7.51
C ARG C 397 -1.55 -11.54 8.09
N TYR C 398 -1.74 -11.10 9.33
CA TYR C 398 -3.08 -11.02 9.89
C TYR C 398 -3.95 -10.07 9.07
N LEU C 399 -3.38 -8.94 8.63
CA LEU C 399 -4.07 -8.07 7.70
C LEU C 399 -4.62 -8.85 6.50
N ASP C 400 -3.71 -9.35 5.64
CA ASP C 400 -4.10 -10.11 4.44
C ASP C 400 -5.22 -11.10 4.74
N SER C 401 -5.08 -11.86 5.82
CA SER C 401 -6.14 -12.79 6.17
C SER C 401 -7.42 -12.06 6.52
N LEU C 402 -7.31 -10.88 7.12
CA LEU C 402 -8.52 -10.16 7.47
C LEU C 402 -9.27 -9.64 6.25
N GLN C 403 -8.54 -9.27 5.19
CA GLN C 403 -9.18 -8.76 3.98
C GLN C 403 -9.96 -9.83 3.26
N ILE C 404 -9.45 -11.06 3.29
CA ILE C 404 -10.16 -12.22 2.74
C ILE C 404 -11.39 -12.53 3.59
N THR C 405 -11.26 -12.47 4.89
CA THR C 405 -12.41 -12.72 5.76
C THR C 405 -13.52 -11.73 5.47
N LEU C 406 -13.18 -10.45 5.40
CA LEU C 406 -14.15 -9.40 5.10
C LEU C 406 -14.86 -9.65 3.77
N GLN C 407 -14.11 -9.97 2.70
CA GLN C 407 -14.75 -10.18 1.40
C GLN C 407 -15.64 -11.42 1.42
N ARG C 408 -15.18 -12.49 2.03
CA ARG C 408 -16.02 -13.66 2.19
C ARG C 408 -17.26 -13.35 3.01
N ALA C 409 -17.10 -12.65 4.13
CA ALA C 409 -18.27 -12.29 4.95
C ALA C 409 -19.28 -11.45 4.16
N ARG C 410 -18.82 -10.46 3.39
CA ARG C 410 -19.75 -9.69 2.56
C ARG C 410 -20.42 -10.57 1.52
N GLY C 411 -19.68 -11.51 0.95
CA GLY C 411 -20.27 -12.40 -0.02
C GLY C 411 -21.36 -13.27 0.57
N LEU C 412 -21.05 -13.95 1.68
CA LEU C 412 -22.01 -14.85 2.29
C LEU C 412 -23.20 -14.11 2.91
N TYR C 413 -23.00 -12.90 3.42
CA TYR C 413 -24.14 -12.12 3.90
C TYR C 413 -25.07 -11.73 2.75
N ALA C 414 -24.50 -11.41 1.59
CA ALA C 414 -25.28 -11.02 0.42
C ALA C 414 -26.11 -12.16 -0.12
N SER C 415 -25.85 -13.39 0.32
CA SER C 415 -26.62 -14.56 -0.06
C SER C 415 -27.39 -15.16 1.12
N GLY C 416 -27.41 -14.49 2.27
CA GLY C 416 -28.23 -14.90 3.40
C GLY C 416 -27.68 -16.04 4.24
N ALA C 417 -26.41 -16.40 4.05
CA ALA C 417 -25.74 -17.51 4.73
C ALA C 417 -25.27 -17.18 6.14
N VAL C 418 -24.99 -15.90 6.44
CA VAL C 418 -24.48 -15.44 7.72
C VAL C 418 -25.09 -14.08 7.99
N SER C 419 -25.12 -13.71 9.26
CA SER C 419 -25.74 -12.42 9.50
C SER C 419 -24.68 -11.33 9.39
N TYR C 420 -25.14 -10.08 9.46
CA TYR C 420 -24.21 -9.02 9.16
C TYR C 420 -23.18 -8.84 10.25
N ILE C 421 -23.32 -9.53 11.37
CA ILE C 421 -22.33 -9.35 12.42
C ILE C 421 -20.98 -9.86 11.95
N GLU C 422 -20.97 -10.79 11.01
CA GLU C 422 -19.71 -11.29 10.49
C GLU C 422 -19.03 -10.23 9.63
N VAL C 423 -19.82 -9.43 8.93
CA VAL C 423 -19.22 -8.32 8.20
C VAL C 423 -18.69 -7.28 9.17
N LEU C 424 -19.48 -6.96 10.20
CA LEU C 424 -19.11 -5.96 11.21
C LEU C 424 -17.78 -6.32 11.85
N ASP C 425 -17.66 -7.57 12.29
CA ASP C 425 -16.44 -8.01 12.95
C ASP C 425 -15.25 -7.81 12.04
N ALA C 426 -15.33 -8.33 10.82
CA ALA C 426 -14.19 -8.21 9.91
C ALA C 426 -13.80 -6.76 9.71
N GLU C 427 -14.76 -5.89 9.43
CA GLU C 427 -14.41 -4.48 9.23
C GLU C 427 -13.74 -3.93 10.48
N ARG C 428 -14.32 -4.21 11.64
CA ARG C 428 -13.73 -3.81 12.92
C ARG C 428 -12.28 -4.28 13.04
N SER C 429 -12.07 -5.60 13.08
CA SER C 429 -10.72 -6.15 13.12
C SER C 429 -9.83 -5.47 12.08
N LEU C 430 -10.34 -5.24 10.88
CA LEU C 430 -9.50 -4.71 9.82
C LEU C 430 -9.04 -3.30 10.16
N PHE C 431 -9.95 -2.47 10.68
CA PHE C 431 -9.57 -1.12 11.08
C PHE C 431 -8.48 -1.15 12.15
N ALA C 432 -8.71 -1.91 13.21
CA ALA C 432 -7.74 -2.00 14.31
C ALA C 432 -6.38 -2.40 13.81
N THR C 433 -6.35 -3.33 12.87
CA THR C 433 -5.09 -3.85 12.38
C THR C 433 -4.38 -2.82 11.51
N GLN C 434 -5.13 -2.13 10.64
CA GLN C 434 -4.52 -1.04 9.89
C GLN C 434 -3.92 0.00 10.83
N GLN C 435 -4.65 0.38 11.89
CA GLN C 435 -4.07 1.34 12.83
C GLN C 435 -2.81 0.82 13.50
N THR C 436 -2.82 -0.44 13.92
CA THR C 436 -1.67 -0.98 14.59
C THR C 436 -0.47 -1.08 13.67
N ILE C 437 -0.69 -1.43 12.41
CA ILE C 437 0.43 -1.50 11.51
C ILE C 437 1.09 -0.13 11.36
N LEU C 438 0.28 0.93 11.25
CA LEU C 438 0.82 2.29 11.19
C LEU C 438 1.64 2.63 12.43
N ASP C 439 1.09 2.36 13.62
CA ASP C 439 1.81 2.55 14.87
C ASP C 439 3.07 1.70 14.92
N LEU C 440 3.04 0.51 14.32
CA LEU C 440 4.17 -0.42 14.38
C LEU C 440 5.37 0.08 13.58
N THR C 441 5.17 0.44 12.31
CA THR C 441 6.29 0.95 11.53
C THR C 441 6.82 2.25 12.13
N TYR C 442 5.94 3.05 12.75
CA TYR C 442 6.41 4.17 13.54
C TYR C 442 7.36 3.68 14.61
N SER C 443 6.86 2.82 15.49
CA SER C 443 7.71 2.28 16.55
C SER C 443 9.02 1.80 15.95
N ARG C 444 8.96 1.13 14.80
CA ARG C 444 10.15 0.56 14.18
C ARG C 444 11.19 1.64 13.89
N GLN C 445 10.79 2.70 13.20
CA GLN C 445 11.80 3.67 12.78
C GLN C 445 12.20 4.61 13.91
N VAL C 446 11.33 4.84 14.90
CA VAL C 446 11.76 5.59 16.07
C VAL C 446 12.79 4.79 16.85
N ASN C 447 12.58 3.48 16.95
CA ASN C 447 13.55 2.59 17.60
C ASN C 447 14.89 2.74 16.89
N GLU C 448 14.87 2.75 15.56
CA GLU C 448 16.10 2.90 14.80
C GLU C 448 16.80 4.22 15.09
N ILE C 449 16.05 5.31 15.10
CA ILE C 449 16.58 6.56 15.62
C ILE C 449 17.15 6.35 17.01
N ASN C 450 16.48 5.56 17.85
CA ASN C 450 17.01 5.43 19.20
C ASN C 450 18.31 4.64 19.24
N LEU C 451 18.50 3.69 18.35
CA LEU C 451 19.80 3.03 18.27
C LEU C 451 20.88 4.02 17.83
N PHE C 452 20.59 4.80 16.80
CA PHE C 452 21.54 5.78 16.31
C PHE C 452 22.04 6.65 17.45
N THR C 453 21.11 7.24 18.17
CA THR C 453 21.42 8.23 19.17
C THR C 453 22.20 7.62 20.33
N ALA C 454 21.73 6.49 20.85
CA ALA C 454 22.46 5.86 21.95
C ALA C 454 23.89 5.52 21.57
N LEU C 455 24.24 5.50 20.29
CA LEU C 455 25.59 5.13 19.88
C LEU C 455 26.55 6.30 19.70
N GLY C 456 26.11 7.54 19.91
CA GLY C 456 26.97 8.65 19.56
C GLY C 456 26.32 9.59 18.57
N GLY C 457 25.33 9.10 17.84
CA GLY C 457 24.24 9.93 17.37
C GLY C 457 24.62 10.98 16.33
N GLY C 458 23.77 11.99 16.23
CA GLY C 458 23.92 13.01 15.21
C GLY C 458 24.75 14.19 15.68
N TRP C 459 26.01 13.93 16.02
CA TRP C 459 27.00 14.99 16.08
C TRP C 459 27.54 15.27 14.67
N VAL C 460 28.21 14.28 14.06
CA VAL C 460 28.79 14.47 12.74
C VAL C 460 27.70 14.35 11.69
N GLU C 461 27.82 15.13 10.61
CA GLU C 461 26.91 14.99 9.48
C GLU C 461 27.61 14.69 8.17
N LYS C 462 28.93 14.49 8.13
CA LYS C 462 29.58 14.12 6.87
C LYS C 462 30.89 13.39 7.16
N HIS C 463 30.96 12.10 6.80
CA HIS C 463 32.15 11.27 7.02
C HIS C 463 33.37 11.70 6.21
N CYS D 18 -23.14 -37.22 -77.61
CA CYS D 18 -23.09 -36.57 -76.31
C CYS D 18 -22.47 -35.18 -76.52
N VAL D 19 -22.99 -34.18 -75.81
CA VAL D 19 -22.50 -32.80 -75.88
C VAL D 19 -22.22 -32.31 -74.47
N SER D 20 -21.26 -31.39 -74.36
CA SER D 20 -21.04 -30.67 -73.11
C SER D 20 -21.44 -29.23 -73.32
N LEU D 21 -22.30 -28.74 -72.45
CA LEU D 21 -22.77 -27.37 -72.47
C LEU D 21 -21.89 -26.45 -71.62
N ALA D 22 -20.93 -27.00 -70.89
CA ALA D 22 -20.12 -26.16 -70.03
C ALA D 22 -19.31 -25.19 -70.89
N PRO D 23 -19.04 -23.99 -70.39
CA PRO D 23 -18.17 -23.08 -71.14
C PRO D 23 -16.72 -23.53 -71.06
N GLU D 24 -15.95 -23.07 -72.04
CA GLU D 24 -14.53 -23.37 -72.06
C GLU D 24 -13.83 -22.43 -71.09
N TYR D 25 -12.87 -22.97 -70.36
CA TYR D 25 -12.22 -22.24 -69.28
C TYR D 25 -11.28 -21.17 -69.83
N GLN D 26 -11.40 -19.94 -69.34
CA GLN D 26 -10.40 -18.91 -69.58
C GLN D 26 -9.93 -18.34 -68.25
N ARG D 27 -8.62 -18.25 -68.09
CA ARG D 27 -8.05 -17.83 -66.82
C ARG D 27 -8.17 -16.33 -66.65
N PRO D 28 -8.76 -15.83 -65.57
CA PRO D 28 -8.94 -14.40 -65.45
C PRO D 28 -7.60 -13.70 -65.45
N PRO D 29 -7.53 -12.56 -66.10
CA PRO D 29 -6.31 -11.76 -66.06
C PRO D 29 -6.07 -11.32 -64.63
N ALA D 30 -4.82 -11.42 -64.20
CA ALA D 30 -4.46 -11.08 -62.81
C ALA D 30 -4.51 -9.57 -62.57
N PRO D 31 -5.26 -9.10 -61.59
CA PRO D 31 -5.48 -7.65 -61.46
C PRO D 31 -4.42 -7.00 -60.57
N VAL D 32 -3.16 -7.16 -60.95
CA VAL D 32 -2.03 -6.67 -60.15
C VAL D 32 -0.92 -6.26 -61.10
N PRO D 33 0.02 -5.42 -60.67
CA PRO D 33 1.12 -5.00 -61.56
C PRO D 33 1.84 -6.20 -62.16
N GLN D 34 2.46 -5.97 -63.31
CA GLN D 34 3.16 -7.07 -63.97
C GLN D 34 4.45 -7.44 -63.26
N GLN D 35 4.97 -6.54 -62.42
CA GLN D 35 6.25 -6.72 -61.77
C GLN D 35 6.11 -6.28 -60.33
N PHE D 36 6.87 -6.93 -59.43
CA PHE D 36 7.00 -6.42 -58.06
C PHE D 36 7.92 -5.24 -58.03
N SER D 37 7.70 -4.39 -57.04
CA SER D 37 8.32 -3.07 -57.08
C SER D 37 9.84 -3.23 -57.05
N LEU D 38 10.37 -3.81 -55.98
CA LEU D 38 11.81 -4.06 -55.84
C LEU D 38 12.62 -2.77 -55.98
N VAL D 47 21.48 -13.49 -60.50
CA VAL D 47 20.27 -14.33 -60.59
C VAL D 47 19.52 -14.15 -61.90
N ASN D 48 19.53 -15.24 -62.69
CA ASN D 48 18.98 -15.24 -64.04
C ASN D 48 17.48 -15.56 -64.07
N SER D 49 17.03 -16.52 -63.25
CA SER D 49 15.60 -16.78 -63.10
C SER D 49 15.36 -17.38 -61.72
N TYR D 50 14.20 -17.07 -61.13
CA TYR D 50 13.90 -17.64 -59.83
C TYR D 50 13.50 -19.11 -59.97
N GLN D 51 14.11 -19.98 -59.18
CA GLN D 51 13.67 -21.37 -59.09
C GLN D 51 13.57 -21.76 -57.60
N ASP D 52 12.80 -22.82 -57.30
CA ASP D 52 12.61 -23.31 -55.92
C ASP D 52 13.60 -24.44 -55.67
N THR D 53 14.80 -24.10 -55.22
CA THR D 53 15.67 -25.12 -54.61
C THR D 53 15.07 -25.50 -53.26
N GLY D 54 15.04 -26.79 -52.98
CA GLY D 54 14.24 -27.30 -51.89
C GLY D 54 14.27 -26.56 -50.55
N TRP D 55 13.28 -26.78 -49.69
CA TRP D 55 13.40 -26.11 -48.40
C TRP D 55 14.58 -26.63 -47.59
N ARG D 56 15.24 -27.70 -48.03
CA ARG D 56 16.49 -28.12 -47.40
C ARG D 56 17.63 -27.13 -47.69
N ASN D 57 17.67 -26.56 -48.89
CA ASN D 57 18.63 -25.48 -49.17
C ASN D 57 18.32 -24.22 -48.38
N PHE D 58 17.03 -23.87 -48.26
CA PHE D 58 16.65 -22.63 -47.62
C PHE D 58 17.03 -22.65 -46.16
N PHE D 59 16.68 -23.71 -45.47
CA PHE D 59 16.95 -23.82 -44.04
C PHE D 59 18.32 -24.42 -43.88
N VAL D 60 19.29 -23.55 -43.55
CA VAL D 60 20.68 -23.94 -43.35
C VAL D 60 20.86 -24.62 -41.98
N ASP D 61 20.18 -24.14 -40.92
CA ASP D 61 20.22 -24.82 -39.62
C ASP D 61 19.70 -26.26 -39.78
N PRO D 62 20.45 -27.27 -39.31
CA PRO D 62 19.93 -28.65 -39.41
C PRO D 62 18.83 -28.94 -38.42
N GLN D 63 18.75 -28.20 -37.32
CA GLN D 63 17.70 -28.40 -36.34
C GLN D 63 16.32 -28.13 -36.91
N VAL D 64 16.15 -27.02 -37.64
CA VAL D 64 14.86 -26.75 -38.28
C VAL D 64 14.54 -27.81 -39.32
N SER D 65 15.56 -28.37 -39.96
CA SER D 65 15.31 -29.46 -40.90
C SER D 65 14.74 -30.67 -40.15
N ARG D 66 15.34 -31.00 -39.00
CA ARG D 66 14.86 -32.16 -38.27
C ARG D 66 13.47 -31.94 -37.71
N LEU D 67 13.15 -30.72 -37.30
CA LEU D 67 11.86 -30.47 -36.67
C LEU D 67 10.75 -30.37 -37.70
N ILE D 68 11.10 -30.04 -38.94
CA ILE D 68 10.10 -30.10 -39.99
C ILE D 68 9.79 -31.55 -40.29
N GLY D 69 10.83 -32.36 -40.49
CA GLY D 69 10.60 -33.77 -40.69
C GLY D 69 9.62 -34.29 -39.67
N GLU D 70 9.90 -34.02 -38.40
CA GLU D 70 9.12 -34.58 -37.31
C GLU D 70 7.67 -34.09 -37.39
N ALA D 71 7.47 -32.82 -37.74
CA ALA D 71 6.11 -32.29 -37.71
C ALA D 71 5.30 -32.78 -38.93
N LEU D 72 5.98 -33.02 -40.05
CA LEU D 72 5.37 -33.54 -41.26
C LEU D 72 4.78 -34.93 -41.06
N ASN D 73 5.16 -35.63 -40.00
CA ASN D 73 4.60 -36.93 -39.71
C ASN D 73 3.76 -36.93 -38.46
N ASN D 74 3.55 -35.77 -37.82
CA ASN D 74 2.80 -35.77 -36.58
C ASN D 74 1.83 -34.62 -36.42
N ASN D 75 1.99 -33.51 -37.14
CA ASN D 75 1.09 -32.37 -36.96
C ASN D 75 -0.34 -32.71 -37.33
N ARG D 76 -1.28 -32.44 -36.40
CA ARG D 76 -2.67 -32.87 -36.61
C ARG D 76 -3.35 -32.09 -37.73
N ASP D 77 -2.94 -30.83 -37.95
CA ASP D 77 -3.62 -29.97 -38.93
C ASP D 77 -3.35 -30.45 -40.35
N LEU D 78 -2.11 -30.85 -40.60
CA LEU D 78 -1.82 -31.46 -41.88
C LEU D 78 -2.58 -32.79 -42.01
N ARG D 79 -2.73 -33.55 -40.91
CA ARG D 79 -3.50 -34.78 -41.03
C ARG D 79 -4.92 -34.49 -41.45
N MET D 80 -5.54 -33.49 -40.85
CA MET D 80 -6.89 -33.13 -41.23
C MET D 80 -6.94 -32.79 -42.72
N ALA D 81 -5.97 -32.02 -43.20
CA ALA D 81 -5.96 -31.56 -44.59
C ALA D 81 -5.89 -32.72 -45.56
N ALA D 82 -5.11 -33.74 -45.20
CA ALA D 82 -5.01 -34.93 -46.00
C ALA D 82 -6.33 -35.70 -45.98
N LEU D 83 -6.94 -35.84 -44.81
CA LEU D 83 -8.26 -36.48 -44.74
C LEU D 83 -9.26 -35.73 -45.61
N LYS D 84 -9.19 -34.42 -45.60
CA LYS D 84 -10.09 -33.62 -46.41
C LYS D 84 -9.93 -33.93 -47.92
N VAL D 85 -8.71 -34.31 -48.34
CA VAL D 85 -8.49 -34.69 -49.74
C VAL D 85 -9.12 -36.04 -50.02
N GLU D 86 -9.12 -36.93 -49.00
CA GLU D 86 -9.82 -38.20 -49.14
C GLU D 86 -11.32 -38.06 -49.00
N GLU D 87 -11.79 -37.15 -48.18
CA GLU D 87 -13.19 -36.80 -48.28
C GLU D 87 -13.57 -36.46 -49.72
N ALA D 88 -12.83 -35.54 -50.34
CA ALA D 88 -13.25 -35.01 -51.64
C ALA D 88 -13.18 -36.05 -52.77
N ARG D 89 -12.23 -36.96 -52.68
CA ARG D 89 -12.17 -38.04 -53.65
C ARG D 89 -13.38 -38.96 -53.53
N ALA D 90 -13.71 -39.38 -52.30
CA ALA D 90 -14.90 -40.20 -52.08
C ALA D 90 -16.16 -39.49 -52.56
N GLN D 91 -16.28 -38.20 -52.26
CA GLN D 91 -17.42 -37.44 -52.75
C GLN D 91 -17.47 -37.46 -54.27
N PHE D 92 -16.33 -37.53 -54.95
CA PHE D 92 -16.37 -37.65 -56.41
C PHE D 92 -16.93 -39.00 -56.84
N ASN D 93 -16.61 -40.07 -56.09
CA ASN D 93 -17.07 -41.42 -56.44
C ASN D 93 -18.56 -41.63 -56.18
N VAL D 94 -19.10 -40.94 -55.18
CA VAL D 94 -20.54 -40.90 -54.98
C VAL D 94 -21.21 -40.23 -56.16
N THR D 95 -20.72 -39.05 -56.53
CA THR D 95 -21.36 -38.32 -57.60
C THR D 95 -21.17 -39.02 -58.94
N ASP D 96 -20.04 -39.70 -59.14
CA ASP D 96 -19.90 -40.40 -60.41
C ASP D 96 -20.76 -41.65 -60.48
N ALA D 97 -21.35 -42.10 -59.38
CA ALA D 97 -22.10 -43.36 -59.49
C ALA D 97 -23.31 -43.20 -60.38
N ASP D 98 -23.88 -42.00 -60.42
CA ASP D 98 -25.12 -41.71 -61.12
C ASP D 98 -25.01 -41.95 -62.62
N ARG D 99 -23.81 -42.02 -63.15
CA ARG D 99 -23.63 -42.10 -64.58
C ARG D 99 -23.65 -43.53 -65.11
N TYR D 100 -23.79 -44.49 -64.23
CA TYR D 100 -23.64 -45.87 -64.63
C TYR D 100 -24.96 -46.61 -64.45
N PRO D 101 -25.20 -47.70 -65.20
CA PRO D 101 -26.37 -48.56 -64.92
C PRO D 101 -26.47 -49.03 -63.47
N GLN D 102 -27.72 -49.18 -63.04
CA GLN D 102 -28.09 -49.48 -61.66
C GLN D 102 -28.92 -50.76 -61.62
N LEU D 103 -28.58 -51.67 -60.72
CA LEU D 103 -29.27 -52.95 -60.65
C LEU D 103 -29.82 -53.21 -59.25
N ASN D 104 -31.14 -53.38 -59.17
CA ASN D 104 -31.82 -53.57 -57.90
C ASN D 104 -32.83 -54.69 -58.03
N ALA D 105 -33.07 -55.37 -56.92
CA ALA D 105 -34.10 -56.39 -56.81
C ALA D 105 -35.11 -55.98 -55.75
N SER D 106 -36.30 -56.56 -55.86
CA SER D 106 -37.35 -56.37 -54.87
C SER D 106 -38.28 -57.58 -54.91
N SER D 107 -38.68 -58.05 -53.71
CA SER D 107 -39.70 -59.05 -53.50
C SER D 107 -40.86 -58.45 -52.72
N GLY D 108 -41.93 -59.23 -52.58
CA GLY D 108 -43.10 -58.73 -51.89
C GLY D 108 -44.41 -59.50 -52.07
N ILE D 109 -45.22 -59.51 -51.02
CA ILE D 109 -46.54 -60.12 -51.04
C ILE D 109 -47.58 -59.01 -51.13
N THR D 110 -48.65 -59.24 -51.88
CA THR D 110 -49.73 -58.27 -51.98
C THR D 110 -51.03 -58.96 -51.60
N TYR D 111 -51.66 -58.53 -50.52
CA TYR D 111 -52.97 -59.02 -50.14
C TYR D 111 -54.01 -57.97 -50.42
N ASN D 112 -55.03 -58.38 -51.14
CA ASN D 112 -56.06 -57.52 -51.72
C ASN D 112 -57.43 -58.15 -51.55
N GLY D 113 -58.31 -57.45 -50.85
CA GLY D 113 -59.68 -57.91 -50.68
C GLY D 113 -60.67 -56.76 -50.72
N GLY D 114 -61.94 -57.13 -50.62
CA GLY D 114 -63.00 -56.17 -50.42
C GLY D 114 -63.37 -56.09 -48.95
N LEU D 115 -63.97 -54.97 -48.59
CA LEU D 115 -64.55 -54.75 -47.28
C LEU D 115 -65.97 -55.29 -47.21
N LYS D 116 -66.52 -55.69 -48.35
CA LYS D 116 -67.83 -56.30 -48.51
C LYS D 116 -67.64 -57.81 -48.61
N GLY D 117 -68.60 -58.57 -48.09
CA GLY D 117 -68.43 -60.00 -48.03
C GLY D 117 -68.39 -60.78 -49.34
N ASP D 118 -68.17 -60.10 -50.47
CA ASP D 118 -67.84 -60.83 -51.69
C ASP D 118 -66.64 -61.75 -51.51
N LYS D 119 -65.87 -61.56 -50.44
CA LYS D 119 -64.72 -62.36 -50.10
C LYS D 119 -63.78 -62.59 -51.29
N PRO D 120 -63.29 -61.50 -51.95
CA PRO D 120 -62.33 -61.69 -53.06
C PRO D 120 -60.87 -61.50 -52.64
N THR D 121 -60.43 -62.13 -51.54
CA THR D 121 -59.10 -61.90 -50.96
C THR D 121 -58.01 -62.60 -51.79
N THR D 122 -57.16 -61.81 -52.43
CA THR D 122 -56.09 -62.28 -53.28
C THR D 122 -54.78 -62.43 -52.51
N GLN D 123 -53.90 -63.24 -53.07
CA GLN D 123 -52.49 -63.25 -52.73
C GLN D 123 -51.75 -63.10 -54.04
N GLU D 124 -50.89 -62.09 -54.13
CA GLU D 124 -50.01 -61.91 -55.30
C GLU D 124 -48.58 -61.83 -54.81
N TYR D 125 -47.83 -62.89 -55.06
CA TYR D 125 -46.41 -62.93 -54.75
C TYR D 125 -45.66 -62.35 -55.94
N ASP D 126 -44.64 -61.54 -55.67
CA ASP D 126 -43.93 -60.84 -56.74
C ASP D 126 -42.44 -60.80 -56.46
N ALA D 127 -41.65 -60.93 -57.51
CA ALA D 127 -40.21 -60.70 -57.44
C ALA D 127 -39.77 -59.93 -58.69
N GLY D 128 -38.88 -58.96 -58.51
CA GLY D 128 -38.45 -58.10 -59.61
C GLY D 128 -36.98 -57.78 -59.57
N LEU D 129 -36.41 -57.54 -60.76
CA LEU D 129 -34.99 -57.22 -60.98
C LEU D 129 -34.88 -56.08 -61.99
N GLU D 130 -34.55 -54.87 -61.56
CA GLU D 130 -34.63 -53.73 -62.45
C GLU D 130 -33.26 -53.16 -62.76
N LEU D 131 -33.06 -52.74 -64.00
CA LEU D 131 -31.81 -52.09 -64.42
C LEU D 131 -32.17 -50.71 -64.95
N SER D 132 -31.86 -49.68 -64.15
CA SER D 132 -32.11 -48.29 -64.49
C SER D 132 -30.83 -47.69 -65.10
N TYR D 133 -30.99 -46.71 -66.00
CA TYR D 133 -29.81 -46.08 -66.59
C TYR D 133 -30.17 -44.71 -67.16
N GLU D 134 -29.50 -43.66 -66.67
CA GLU D 134 -29.66 -42.31 -67.21
C GLU D 134 -28.69 -42.15 -68.37
N LEU D 135 -29.21 -41.71 -69.51
CA LEU D 135 -28.34 -41.55 -70.68
C LEU D 135 -27.40 -40.38 -70.49
N ASP D 136 -27.95 -39.19 -70.18
CA ASP D 136 -27.16 -37.96 -70.04
C ASP D 136 -26.57 -37.50 -71.36
N PHE D 137 -27.44 -37.38 -72.36
CA PHE D 137 -27.03 -37.03 -73.71
C PHE D 137 -26.47 -35.60 -73.78
N PHE D 138 -26.91 -34.72 -72.87
CA PHE D 138 -26.48 -33.33 -72.86
C PHE D 138 -25.54 -33.02 -71.71
N GLY D 139 -25.04 -34.05 -71.04
CA GLY D 139 -23.94 -33.93 -70.10
C GLY D 139 -24.24 -33.17 -68.83
N LYS D 140 -25.38 -33.45 -68.20
CA LYS D 140 -25.62 -32.91 -66.87
C LYS D 140 -24.82 -33.67 -65.83
N LEU D 141 -25.00 -34.98 -65.77
CA LEU D 141 -24.24 -35.76 -64.80
C LEU D 141 -22.75 -35.71 -65.10
N LYS D 142 -22.37 -35.61 -66.38
CA LYS D 142 -20.96 -35.49 -66.71
C LYS D 142 -20.40 -34.20 -66.14
N ASN D 143 -21.12 -33.10 -66.30
CA ASN D 143 -20.60 -31.84 -65.81
C ASN D 143 -20.60 -31.78 -64.29
N MET D 144 -21.52 -32.48 -63.63
CA MET D 144 -21.53 -32.43 -62.18
C MET D 144 -20.42 -33.27 -61.56
N SER D 145 -20.08 -34.41 -62.17
CA SER D 145 -18.92 -35.12 -61.67
C SER D 145 -17.66 -34.34 -61.96
N GLU D 146 -17.58 -33.67 -63.11
CA GLU D 146 -16.41 -32.87 -63.39
C GLU D 146 -16.27 -31.74 -62.37
N ALA D 147 -17.40 -31.11 -62.00
CA ALA D 147 -17.39 -30.18 -60.89
C ALA D 147 -16.76 -30.81 -59.65
N ASP D 148 -17.15 -32.04 -59.32
CA ASP D 148 -16.51 -32.65 -58.17
C ASP D 148 -15.08 -33.04 -58.44
N ARG D 149 -14.73 -33.36 -59.69
CA ARG D 149 -13.32 -33.59 -59.98
C ARG D 149 -12.52 -32.32 -59.76
N GLN D 150 -13.01 -31.16 -60.23
CA GLN D 150 -12.28 -29.92 -60.00
C GLN D 150 -12.18 -29.59 -58.53
N ASN D 151 -13.22 -29.93 -57.75
CA ASN D 151 -13.21 -29.61 -56.34
C ASN D 151 -12.26 -30.51 -55.60
N TYR D 152 -11.90 -31.64 -56.20
CA TYR D 152 -10.93 -32.52 -55.58
C TYR D 152 -9.53 -31.97 -55.81
N PHE D 153 -9.28 -31.42 -56.99
CA PHE D 153 -8.01 -30.74 -57.20
C PHE D 153 -7.87 -29.59 -56.22
N ALA D 154 -8.96 -28.86 -55.98
CA ALA D 154 -8.93 -27.75 -55.04
C ALA D 154 -8.48 -28.22 -53.66
N SER D 155 -9.05 -29.33 -53.18
CA SER D 155 -8.70 -29.82 -51.85
C SER D 155 -7.25 -30.27 -51.78
N GLU D 156 -6.67 -30.64 -52.93
CA GLU D 156 -5.29 -31.08 -52.95
C GLU D 156 -4.34 -29.90 -52.84
N GLU D 157 -4.63 -28.80 -53.52
CA GLU D 157 -3.85 -27.59 -53.37
C GLU D 157 -4.02 -27.03 -51.96
N ALA D 158 -5.23 -27.16 -51.39
CA ALA D 158 -5.45 -26.85 -50.00
C ALA D 158 -4.50 -27.61 -49.09
N ARG D 159 -4.44 -28.93 -49.22
CA ARG D 159 -3.47 -29.70 -48.43
C ARG D 159 -2.10 -29.02 -48.53
N ARG D 160 -1.75 -28.60 -49.75
CA ARG D 160 -0.42 -28.05 -50.04
C ARG D 160 -0.21 -26.71 -49.37
N ALA D 161 -1.25 -25.87 -49.37
CA ALA D 161 -1.22 -24.67 -48.55
C ALA D 161 -0.95 -25.00 -47.09
N VAL D 162 -1.65 -26.01 -46.55
CA VAL D 162 -1.48 -26.32 -45.12
C VAL D 162 -0.12 -26.93 -44.87
N HIS D 163 0.45 -27.55 -45.89
CA HIS D 163 1.79 -28.10 -45.77
C HIS D 163 2.81 -26.96 -45.60
N ILE D 164 2.79 -25.99 -46.52
CA ILE D 164 3.80 -24.93 -46.48
C ILE D 164 3.57 -24.00 -45.30
N LEU D 165 2.32 -23.80 -44.89
CA LEU D 165 2.08 -23.00 -43.70
C LEU D 165 2.54 -23.73 -42.47
N LEU D 166 2.45 -25.07 -42.47
CA LEU D 166 3.04 -25.84 -41.39
C LEU D 166 4.53 -25.58 -41.31
N VAL D 167 5.21 -25.69 -42.45
CA VAL D 167 6.66 -25.49 -42.47
C VAL D 167 6.99 -24.12 -41.91
N SER D 168 6.24 -23.11 -42.34
CA SER D 168 6.44 -21.75 -41.84
C SER D 168 6.27 -21.69 -40.33
N ASN D 169 5.21 -22.30 -39.80
CA ASN D 169 4.96 -22.19 -38.36
C ASN D 169 6.04 -22.90 -37.59
N VAL D 170 6.49 -24.04 -38.08
CA VAL D 170 7.48 -24.80 -37.35
C VAL D 170 8.76 -23.97 -37.20
N SER D 171 9.33 -23.55 -38.33
CA SER D 171 10.61 -22.83 -38.30
C SER D 171 10.50 -21.57 -37.44
N GLN D 172 9.45 -20.78 -37.62
CA GLN D 172 9.35 -19.54 -36.85
C GLN D 172 9.17 -19.85 -35.38
N SER D 173 8.53 -20.97 -35.06
CA SER D 173 8.36 -21.37 -33.66
C SER D 173 9.69 -21.81 -33.06
N TYR D 174 10.53 -22.45 -33.88
CA TYR D 174 11.86 -22.79 -33.41
C TYR D 174 12.69 -21.52 -33.23
N PHE D 175 12.68 -20.67 -34.24
CA PHE D 175 13.51 -19.48 -34.18
C PHE D 175 13.04 -18.57 -33.05
N SER D 176 11.74 -18.55 -32.80
CA SER D 176 11.22 -17.74 -31.69
C SER D 176 11.69 -18.31 -30.35
N GLN D 177 11.83 -19.63 -30.26
CA GLN D 177 12.36 -20.23 -29.05
C GLN D 177 13.81 -19.83 -28.83
N GLN D 178 14.62 -19.95 -29.88
CA GLN D 178 16.01 -19.53 -29.78
C GLN D 178 16.12 -18.09 -29.32
N LEU D 179 15.25 -17.21 -29.84
CA LEU D 179 15.26 -15.82 -29.39
C LEU D 179 15.09 -15.77 -27.88
N ALA D 180 14.01 -16.37 -27.38
CA ALA D 180 13.82 -16.48 -25.95
C ALA D 180 15.11 -16.90 -25.26
N TYR D 181 15.75 -17.94 -25.78
CA TYR D 181 17.00 -18.44 -25.18
C TYR D 181 18.06 -17.33 -25.08
N GLU D 182 18.26 -16.61 -26.18
CA GLU D 182 19.27 -15.56 -26.19
C GLU D 182 18.88 -14.46 -25.22
N GLN D 183 17.64 -14.01 -25.32
CA GLN D 183 17.20 -12.94 -24.44
C GLN D 183 17.41 -13.32 -23.00
N LEU D 184 16.96 -14.53 -22.61
CA LEU D 184 17.16 -15.01 -21.25
C LEU D 184 18.65 -14.97 -20.88
N ARG D 185 19.52 -15.38 -21.80
CA ARG D 185 20.94 -15.51 -21.48
C ARG D 185 21.59 -14.15 -21.28
N ILE D 186 21.23 -13.16 -22.08
CA ILE D 186 21.90 -11.87 -21.96
C ILE D 186 21.27 -11.04 -20.86
N ALA D 187 20.10 -11.45 -20.38
CA ALA D 187 19.60 -10.86 -19.16
C ALA D 187 20.42 -11.36 -17.98
N ARG D 188 20.60 -12.69 -17.88
CA ARG D 188 21.49 -13.24 -16.87
C ARG D 188 22.87 -12.58 -16.86
N GLU D 189 23.45 -12.37 -18.03
CA GLU D 189 24.77 -11.78 -18.14
C GLU D 189 24.77 -10.31 -17.76
N THR D 190 23.72 -9.58 -18.15
CA THR D 190 23.59 -8.21 -17.67
C THR D 190 23.55 -8.20 -16.15
N LEU D 191 22.87 -9.18 -15.55
CA LEU D 191 22.70 -9.19 -14.10
C LEU D 191 24.04 -9.30 -13.38
N LYS D 192 24.91 -10.17 -13.87
CA LYS D 192 26.22 -10.28 -13.27
C LYS D 192 27.01 -9.00 -13.46
N ASN D 193 26.79 -8.31 -14.56
CA ASN D 193 27.49 -7.07 -14.76
C ASN D 193 27.04 -6.07 -13.73
N TYR D 194 25.73 -5.97 -13.53
CA TYR D 194 25.23 -4.96 -12.60
C TYR D 194 25.61 -5.27 -11.16
N GLU D 195 25.79 -6.55 -10.80
CA GLU D 195 26.36 -6.91 -9.51
C GLU D 195 27.80 -6.40 -9.36
N GLN D 196 28.62 -6.56 -10.41
CA GLN D 196 29.98 -6.03 -10.39
C GLN D 196 29.97 -4.50 -10.32
N SER D 197 29.09 -3.86 -11.10
CA SER D 197 28.87 -2.43 -10.88
C SER D 197 28.61 -2.17 -9.40
N TYR D 198 27.72 -2.94 -8.78
CA TYR D 198 27.40 -2.66 -7.39
C TYR D 198 28.63 -2.83 -6.51
N ALA D 199 29.50 -3.78 -6.86
CA ALA D 199 30.75 -3.97 -6.11
C ALA D 199 31.65 -2.76 -6.27
N PHE D 200 31.78 -2.27 -7.50
CA PHE D 200 32.61 -1.11 -7.78
C PHE D 200 32.21 0.09 -6.93
N VAL D 201 30.91 0.40 -6.88
CA VAL D 201 30.41 1.51 -6.06
C VAL D 201 30.47 1.17 -4.58
N GLU D 202 29.98 -0.02 -4.19
CA GLU D 202 30.06 -0.50 -2.82
C GLU D 202 31.44 -0.26 -2.19
N GLN D 203 32.50 -0.58 -2.92
CA GLN D 203 33.81 -0.51 -2.30
C GLN D 203 34.30 0.92 -2.20
N GLN D 204 33.83 1.80 -3.07
CA GLN D 204 34.19 3.20 -2.86
C GLN D 204 33.32 3.86 -1.80
N LEU D 205 32.22 3.24 -1.38
CA LEU D 205 31.36 3.85 -0.38
C LEU D 205 31.77 3.46 1.05
N VAL D 206 32.22 2.21 1.25
CA VAL D 206 32.77 1.78 2.55
C VAL D 206 33.95 2.67 2.95
N THR D 207 34.59 3.33 1.97
CA THR D 207 35.71 4.21 2.22
C THR D 207 35.45 5.64 1.71
N GLY D 208 34.17 6.04 1.63
CA GLY D 208 33.77 7.43 1.54
C GLY D 208 34.05 8.16 0.25
N SER D 209 34.57 7.50 -0.78
CA SER D 209 34.94 8.23 -1.99
C SER D 209 33.72 8.86 -2.66
N THR D 210 32.60 8.11 -2.70
CA THR D 210 31.39 8.43 -3.45
C THR D 210 30.25 8.88 -2.55
N ASN D 211 29.07 9.01 -3.14
CA ASN D 211 27.83 9.23 -2.43
C ASN D 211 27.09 7.90 -2.29
N VAL D 212 26.01 7.93 -1.51
CA VAL D 212 25.17 6.76 -1.31
C VAL D 212 24.04 6.71 -2.34
N LEU D 213 23.88 7.76 -3.14
CA LEU D 213 22.89 7.75 -4.18
C LEU D 213 23.30 6.80 -5.31
N ALA D 214 24.58 6.74 -5.63
CA ALA D 214 25.03 5.80 -6.65
C ALA D 214 24.74 4.38 -6.21
N LEU D 215 24.98 4.08 -4.94
CA LEU D 215 24.76 2.73 -4.42
C LEU D 215 23.30 2.30 -4.53
N GLU D 216 22.37 3.23 -4.31
CA GLU D 216 20.96 2.89 -4.47
C GLU D 216 20.56 2.84 -5.93
N GLN D 217 21.19 3.67 -6.78
CA GLN D 217 20.99 3.54 -8.21
C GLN D 217 21.46 2.19 -8.72
N ALA D 218 22.62 1.72 -8.26
CA ALA D 218 23.07 0.38 -8.63
C ALA D 218 22.14 -0.71 -8.11
N ARG D 219 21.75 -0.61 -6.82
CA ARG D 219 20.88 -1.66 -6.30
C ARG D 219 19.56 -1.67 -7.06
N GLY D 220 19.13 -0.50 -7.52
CA GLY D 220 17.94 -0.42 -8.37
C GLY D 220 18.10 -1.25 -9.61
N GLN D 221 19.21 -1.06 -10.31
CA GLN D 221 19.48 -1.82 -11.52
C GLN D 221 19.37 -3.31 -11.25
N ILE D 222 20.04 -3.77 -10.21
CA ILE D 222 20.09 -5.20 -9.95
C ILE D 222 18.67 -5.74 -9.83
N GLU D 223 17.80 -5.05 -9.10
CA GLU D 223 16.46 -5.58 -8.86
C GLU D 223 15.58 -5.48 -10.11
N SER D 224 15.76 -4.41 -10.88
CA SER D 224 15.09 -4.27 -12.16
C SER D 224 15.50 -5.39 -13.12
N THR D 225 16.76 -5.77 -13.09
CA THR D 225 17.25 -6.79 -14.01
C THR D 225 16.75 -8.18 -13.60
N ARG D 226 16.71 -8.44 -12.30
CA ARG D 226 16.15 -9.70 -11.79
C ARG D 226 14.72 -9.92 -12.27
N ALA D 227 13.93 -8.84 -12.32
CA ALA D 227 12.60 -8.89 -12.88
C ALA D 227 12.65 -9.20 -14.36
N GLU D 228 13.63 -8.67 -15.08
CA GLU D 228 13.68 -8.98 -16.51
C GLU D 228 14.01 -10.43 -16.73
N ILE D 229 14.89 -11.00 -15.91
CA ILE D 229 15.16 -12.43 -16.02
C ILE D 229 13.88 -13.25 -15.83
N ALA D 230 13.06 -12.90 -14.82
CA ALA D 230 11.81 -13.62 -14.60
C ALA D 230 10.92 -13.62 -15.84
N LYS D 231 10.82 -12.45 -16.49
CA LYS D 231 10.05 -12.30 -17.71
C LYS D 231 10.57 -13.20 -18.81
N ARG D 232 11.88 -13.24 -19.00
CA ARG D 232 12.42 -14.02 -20.11
C ARG D 232 12.26 -15.53 -19.90
N GLU D 233 12.40 -16.02 -18.67
CA GLU D 233 12.10 -17.42 -18.40
C GLU D 233 10.67 -17.76 -18.82
N GLY D 234 9.69 -16.96 -18.38
CA GLY D 234 8.31 -17.18 -18.79
C GLY D 234 8.16 -17.24 -20.30
N ASP D 235 8.88 -16.37 -21.02
CA ASP D 235 8.86 -16.38 -22.47
C ASP D 235 9.43 -17.69 -23.01
N LEU D 236 10.57 -18.11 -22.47
CA LEU D 236 11.18 -19.37 -22.91
C LEU D 236 10.27 -20.58 -22.64
N ALA D 237 9.52 -20.52 -21.54
CA ALA D 237 8.63 -21.63 -21.24
C ALA D 237 7.54 -21.71 -22.29
N GLN D 238 6.94 -20.56 -22.59
CA GLN D 238 5.81 -20.58 -23.50
C GLN D 238 6.25 -20.86 -24.92
N ALA D 239 7.47 -20.46 -25.27
CA ALA D 239 7.98 -20.80 -26.60
C ALA D 239 8.17 -22.29 -26.73
N ASN D 240 8.63 -22.95 -25.68
CA ASN D 240 8.78 -24.39 -25.72
C ASN D 240 7.42 -25.05 -25.94
N ASN D 241 6.44 -24.70 -25.13
CA ASN D 241 5.15 -25.35 -25.22
C ASN D 241 4.54 -25.16 -26.59
N ALA D 242 4.75 -24.00 -27.19
CA ALA D 242 4.21 -23.75 -28.52
C ALA D 242 4.94 -24.59 -29.55
N LEU D 243 6.25 -24.70 -29.42
CA LEU D 243 6.99 -25.53 -30.34
C LEU D 243 6.48 -26.94 -30.26
N GLN D 244 6.27 -27.44 -29.04
CA GLN D 244 5.82 -28.82 -28.89
C GLN D 244 4.42 -29.03 -29.44
N LEU D 245 3.54 -28.02 -29.35
CA LEU D 245 2.19 -28.15 -29.90
C LEU D 245 2.23 -28.29 -31.41
N VAL D 246 3.08 -27.49 -32.06
CA VAL D 246 3.14 -27.52 -33.51
C VAL D 246 3.79 -28.80 -34.00
N LEU D 247 4.79 -29.31 -33.28
CA LEU D 247 5.43 -30.57 -33.67
C LEU D 247 4.44 -31.72 -33.66
N GLY D 248 3.58 -31.79 -32.63
CA GLY D 248 2.68 -32.90 -32.41
C GLY D 248 3.28 -34.04 -31.61
N THR D 249 4.53 -33.88 -31.17
CA THR D 249 5.29 -34.82 -30.34
C THR D 249 5.95 -34.04 -29.23
N TYR D 250 6.18 -34.71 -28.10
CA TYR D 250 6.58 -34.05 -26.87
C TYR D 250 7.99 -34.45 -26.44
N ARG D 251 8.90 -34.66 -27.41
CA ARG D 251 10.25 -35.05 -27.04
C ARG D 251 11.06 -33.82 -26.65
N ALA D 252 12.28 -34.07 -26.19
CA ALA D 252 13.10 -33.02 -25.60
C ALA D 252 13.26 -31.87 -26.58
N VAL D 253 12.80 -30.69 -26.18
CA VAL D 253 12.88 -29.48 -27.00
C VAL D 253 14.33 -29.15 -27.28
N PRO D 254 14.65 -28.56 -28.43
CA PRO D 254 16.03 -28.17 -28.70
C PRO D 254 16.49 -27.16 -27.66
N SER D 255 17.78 -27.21 -27.37
CA SER D 255 18.38 -26.22 -26.50
C SER D 255 18.89 -25.06 -27.37
N GLU D 256 19.66 -24.16 -26.78
CA GLU D 256 20.18 -22.99 -27.49
C GLU D 256 21.32 -23.40 -28.41
N LYS D 257 21.42 -22.78 -29.58
CA LYS D 257 22.52 -23.13 -30.45
C LYS D 257 23.76 -22.35 -30.05
N GLY D 258 24.90 -23.03 -30.00
CA GLY D 258 26.14 -22.36 -29.62
C GLY D 258 26.57 -21.31 -30.62
N ILE D 259 26.42 -21.63 -31.93
CA ILE D 259 26.74 -20.75 -33.05
C ILE D 259 25.54 -19.89 -33.39
N LYS D 260 25.78 -18.60 -33.63
CA LYS D 260 24.71 -17.72 -34.02
C LYS D 260 24.94 -17.23 -35.44
N GLY D 261 23.95 -17.40 -36.30
CA GLY D 261 23.96 -16.78 -37.59
C GLY D 261 24.11 -17.76 -38.73
N GLY D 262 23.65 -17.34 -39.91
CA GLY D 262 23.69 -18.14 -41.12
C GLY D 262 22.63 -19.19 -41.22
N GLU D 263 21.61 -19.13 -40.34
CA GLU D 263 20.64 -20.20 -40.18
C GLU D 263 19.76 -20.36 -41.39
N ILE D 264 19.62 -19.31 -42.20
CA ILE D 264 18.73 -19.30 -43.35
C ILE D 264 19.54 -18.81 -44.57
N ALA D 265 19.30 -19.45 -45.72
CA ALA D 265 19.84 -18.97 -46.98
C ALA D 265 18.75 -18.19 -47.69
N PRO D 266 18.79 -16.82 -47.69
CA PRO D 266 17.69 -16.05 -48.31
C PRO D 266 17.30 -16.44 -49.75
N VAL D 267 16.11 -16.03 -50.19
CA VAL D 267 15.76 -16.28 -51.59
C VAL D 267 16.51 -15.31 -52.48
N LYS D 268 17.06 -15.83 -53.58
CA LYS D 268 17.72 -15.01 -54.59
C LYS D 268 16.71 -14.67 -55.70
N LEU D 269 16.48 -13.37 -55.88
CA LEU D 269 15.44 -12.85 -56.75
C LEU D 269 16.03 -12.09 -57.93
N PRO D 270 15.54 -12.35 -59.13
CA PRO D 270 16.06 -11.67 -60.33
C PRO D 270 15.75 -10.18 -60.31
N PRO D 271 16.44 -9.38 -61.17
CA PRO D 271 16.30 -7.92 -61.12
C PRO D 271 14.87 -7.41 -61.19
N ASN D 272 14.16 -7.70 -62.28
CA ASN D 272 12.73 -7.46 -62.38
C ASN D 272 12.02 -8.82 -62.33
N LEU D 273 11.14 -8.99 -61.35
CA LEU D 273 10.47 -10.27 -61.10
C LEU D 273 9.02 -10.17 -61.52
N SER D 274 8.47 -11.26 -62.05
CA SER D 274 7.11 -11.24 -62.56
C SER D 274 6.12 -11.64 -61.49
N SER D 275 4.97 -10.93 -61.46
CA SER D 275 3.84 -11.34 -60.62
C SER D 275 3.45 -12.78 -60.85
N GLN D 276 3.58 -13.25 -62.11
CA GLN D 276 3.19 -14.60 -62.49
C GLN D 276 3.64 -15.67 -61.50
N ILE D 277 4.71 -15.40 -60.75
CA ILE D 277 5.12 -16.36 -59.73
C ILE D 277 3.98 -16.58 -58.72
N LEU D 278 3.16 -15.56 -58.50
CA LEU D 278 2.08 -15.71 -57.53
C LEU D 278 1.07 -16.72 -58.01
N LEU D 279 1.02 -16.97 -59.32
CA LEU D 279 -0.06 -17.79 -59.82
C LEU D 279 0.09 -19.25 -59.47
N GLN D 280 1.30 -19.70 -59.13
CA GLN D 280 1.50 -21.08 -58.71
C GLN D 280 1.35 -21.25 -57.19
N ARG D 281 0.88 -20.22 -56.48
CA ARG D 281 0.65 -20.33 -55.05
C ARG D 281 -0.51 -21.28 -54.77
N PRO D 282 -0.41 -22.11 -53.71
CA PRO D 282 -1.51 -23.05 -53.42
C PRO D 282 -2.87 -22.39 -53.26
N ASP D 283 -2.94 -21.23 -52.59
CA ASP D 283 -4.24 -20.62 -52.30
C ASP D 283 -4.89 -20.10 -53.56
N ILE D 284 -4.08 -19.61 -54.50
CA ILE D 284 -4.58 -19.10 -55.77
C ILE D 284 -4.96 -20.27 -56.68
N MET D 285 -4.14 -21.32 -56.69
CA MET D 285 -4.46 -22.52 -57.46
C MET D 285 -5.75 -23.17 -56.95
N GLU D 286 -5.95 -23.14 -55.64
CA GLU D 286 -7.21 -23.64 -55.08
C GLU D 286 -8.38 -22.77 -55.52
N ALA D 287 -8.15 -21.46 -55.68
CA ALA D 287 -9.18 -20.57 -56.19
C ALA D 287 -9.50 -20.88 -57.64
N GLU D 288 -8.47 -21.18 -58.42
CA GLU D 288 -8.68 -21.47 -59.83
C GLU D 288 -9.44 -22.78 -60.04
N TYR D 289 -9.10 -23.81 -59.26
CA TYR D 289 -9.84 -25.07 -59.37
C TYR D 289 -11.31 -24.90 -59.01
N GLN D 290 -11.60 -24.05 -58.03
CA GLN D 290 -12.99 -23.86 -57.64
C GLN D 290 -13.73 -23.01 -58.68
N LEU D 291 -13.00 -22.13 -59.36
CA LEU D 291 -13.60 -21.44 -60.49
C LEU D 291 -13.94 -22.43 -61.60
N LYS D 292 -13.01 -23.34 -61.90
CA LYS D 292 -13.32 -24.39 -62.87
C LYS D 292 -14.58 -25.15 -62.46
N ALA D 293 -14.63 -25.61 -61.22
CA ALA D 293 -15.81 -26.26 -60.68
C ALA D 293 -17.08 -25.46 -60.96
N ALA D 294 -17.03 -24.13 -60.90
CA ALA D 294 -18.24 -23.34 -61.09
C ALA D 294 -18.65 -23.29 -62.55
N ASP D 295 -17.68 -23.41 -63.46
CA ASP D 295 -18.02 -23.55 -64.87
C ASP D 295 -18.84 -24.82 -65.10
N ALA D 296 -18.30 -25.97 -64.68
CA ALA D 296 -19.03 -27.24 -64.77
C ALA D 296 -20.45 -27.09 -64.24
N ASN D 297 -20.63 -26.47 -63.07
CA ASN D 297 -21.98 -26.21 -62.57
C ASN D 297 -22.80 -25.39 -63.55
N ILE D 298 -22.15 -24.50 -64.30
CA ILE D 298 -22.88 -23.78 -65.35
C ILE D 298 -23.34 -24.75 -66.43
N GLY D 299 -22.44 -25.63 -66.89
CA GLY D 299 -22.83 -26.64 -67.84
C GLY D 299 -24.07 -27.40 -67.40
N ALA D 300 -24.02 -27.97 -66.19
CA ALA D 300 -25.15 -28.70 -65.65
C ALA D 300 -26.41 -27.83 -65.60
N ALA D 301 -26.27 -26.57 -65.20
CA ALA D 301 -27.44 -25.68 -65.20
C ALA D 301 -28.03 -25.56 -66.59
N ARG D 302 -27.19 -25.61 -67.61
CA ARG D 302 -27.68 -25.44 -68.97
C ARG D 302 -28.32 -26.72 -69.49
N ALA D 303 -27.75 -27.88 -69.12
CA ALA D 303 -28.32 -29.14 -69.53
C ALA D 303 -29.72 -29.32 -68.97
N ALA D 304 -30.03 -28.66 -67.85
CA ALA D 304 -31.37 -28.75 -67.26
C ALA D 304 -32.45 -28.30 -68.21
N PHE D 305 -32.11 -27.52 -69.23
CA PHE D 305 -33.14 -27.08 -70.15
C PHE D 305 -33.49 -28.15 -71.15
N PHE D 306 -32.58 -29.06 -71.44
CA PHE D 306 -32.73 -30.06 -72.49
C PHE D 306 -33.45 -31.29 -71.99
N PRO D 307 -33.92 -32.16 -72.88
CA PRO D 307 -34.66 -33.34 -72.43
C PRO D 307 -33.68 -34.38 -71.91
N SER D 308 -34.21 -35.37 -71.20
CA SER D 308 -33.39 -36.41 -70.58
C SER D 308 -33.87 -37.78 -71.01
N ILE D 309 -32.94 -38.70 -71.18
CA ILE D 309 -33.24 -39.98 -71.78
C ILE D 309 -32.88 -41.07 -70.79
N THR D 310 -33.85 -41.87 -70.40
CA THR D 310 -33.65 -42.90 -69.38
C THR D 310 -34.11 -44.27 -69.88
N LEU D 311 -33.19 -45.24 -69.87
CA LEU D 311 -33.54 -46.65 -70.07
C LEU D 311 -33.97 -47.26 -68.76
N THR D 312 -34.80 -48.30 -68.83
CA THR D 312 -35.31 -48.93 -67.58
C THR D 312 -35.88 -50.31 -67.97
N SER D 313 -35.02 -51.33 -67.93
CA SER D 313 -35.36 -52.70 -68.28
C SER D 313 -35.61 -53.55 -67.04
N GLY D 314 -36.56 -54.48 -67.15
CA GLY D 314 -37.09 -55.17 -65.98
C GLY D 314 -37.47 -56.61 -66.26
N LEU D 315 -37.15 -57.47 -65.29
CA LEU D 315 -37.44 -58.89 -65.33
C LEU D 315 -38.19 -59.24 -64.06
N SER D 316 -39.49 -59.49 -64.16
CA SER D 316 -40.30 -59.78 -63.00
C SER D 316 -40.95 -61.16 -63.12
N SER D 317 -41.61 -61.56 -62.03
CA SER D 317 -42.22 -62.88 -61.92
C SER D 317 -43.28 -62.77 -60.83
N SER D 318 -44.54 -62.85 -61.20
CA SER D 318 -45.60 -62.84 -60.20
C SER D 318 -46.32 -64.18 -60.20
N SER D 319 -46.94 -64.48 -59.06
CA SER D 319 -47.67 -65.73 -58.83
C SER D 319 -48.81 -65.47 -57.86
N THR D 320 -49.68 -66.47 -57.72
CA THR D 320 -50.80 -66.44 -56.79
C THR D 320 -50.64 -67.38 -55.61
N GLU D 321 -49.72 -68.34 -55.68
CA GLU D 321 -49.33 -69.13 -54.52
C GLU D 321 -47.81 -69.23 -54.55
N LEU D 322 -47.17 -69.24 -53.36
CA LEU D 322 -45.72 -69.15 -53.33
C LEU D 322 -45.04 -70.36 -53.96
N SER D 323 -45.74 -71.49 -54.06
CA SER D 323 -45.14 -72.70 -54.61
C SER D 323 -44.57 -72.47 -56.01
N SER D 324 -45.24 -71.66 -56.82
CA SER D 324 -44.87 -71.52 -58.21
C SER D 324 -44.37 -70.11 -58.53
N LEU D 325 -43.63 -69.51 -57.59
CA LEU D 325 -43.15 -68.13 -57.79
C LEU D 325 -42.09 -68.06 -58.87
N PHE D 326 -41.18 -69.03 -58.90
CA PHE D 326 -40.13 -69.07 -59.91
C PHE D 326 -40.36 -70.30 -60.79
N THR D 327 -41.42 -70.22 -61.57
CA THR D 327 -41.76 -71.30 -62.51
C THR D 327 -41.88 -70.71 -63.90
N SER D 328 -42.52 -71.42 -64.84
CA SER D 328 -42.37 -71.01 -66.22
C SER D 328 -43.37 -69.93 -66.63
N GLY D 329 -44.66 -70.15 -66.39
CA GLY D 329 -45.73 -69.27 -66.82
C GLY D 329 -45.86 -67.96 -66.08
N SER D 330 -44.90 -67.60 -65.24
CA SER D 330 -44.97 -66.39 -64.42
C SER D 330 -44.05 -65.28 -64.88
N GLY D 331 -42.91 -65.63 -65.46
CA GLY D 331 -41.89 -64.64 -65.76
C GLY D 331 -42.33 -63.68 -66.85
N MET D 332 -41.89 -62.43 -66.72
CA MET D 332 -42.26 -61.41 -67.67
C MET D 332 -41.08 -60.46 -67.74
N TRP D 333 -40.78 -59.97 -68.94
CA TRP D 333 -39.69 -59.04 -69.17
C TRP D 333 -40.26 -57.69 -69.60
N ASN D 334 -39.38 -56.71 -69.72
CA ASN D 334 -39.76 -55.31 -69.85
C ASN D 334 -38.57 -54.48 -70.29
N PHE D 335 -38.84 -53.40 -71.02
CA PHE D 335 -37.78 -52.54 -71.53
C PHE D 335 -38.38 -51.21 -71.95
N ILE D 336 -38.11 -50.15 -71.19
CA ILE D 336 -38.82 -48.90 -71.46
C ILE D 336 -37.88 -47.73 -71.73
N PRO D 337 -37.63 -47.36 -72.98
CA PRO D 337 -36.94 -46.10 -73.24
C PRO D 337 -37.89 -44.92 -73.06
N LYS D 338 -37.38 -43.84 -72.47
CA LYS D 338 -38.18 -42.69 -72.12
C LYS D 338 -37.38 -41.41 -72.36
N ILE D 339 -38.09 -40.35 -72.77
CA ILE D 339 -37.52 -39.02 -72.99
C ILE D 339 -38.43 -37.95 -72.40
N GLU D 340 -38.02 -37.36 -71.28
CA GLU D 340 -38.77 -36.32 -70.61
C GLU D 340 -38.28 -34.93 -71.00
N ILE D 341 -39.21 -33.99 -71.16
CA ILE D 341 -38.86 -32.65 -71.63
C ILE D 341 -39.51 -31.61 -70.72
N PRO D 342 -38.78 -30.56 -70.34
CA PRO D 342 -39.39 -29.45 -69.60
C PRO D 342 -39.94 -28.40 -70.54
N ILE D 343 -41.10 -27.87 -70.21
CA ILE D 343 -41.78 -26.90 -71.07
C ILE D 343 -41.92 -25.55 -70.36
N PHE D 344 -42.51 -25.55 -69.17
CA PHE D 344 -42.67 -24.28 -68.46
C PHE D 344 -42.61 -24.52 -66.97
N ASN D 345 -41.61 -23.91 -66.33
CA ASN D 345 -41.31 -24.10 -64.92
C ASN D 345 -41.48 -22.82 -64.13
N ALA D 346 -42.21 -21.83 -64.68
CA ALA D 346 -42.27 -20.49 -64.09
C ALA D 346 -40.86 -19.93 -63.89
N GLY D 347 -39.96 -20.32 -64.78
CA GLY D 347 -38.60 -19.80 -64.77
C GLY D 347 -37.68 -20.38 -63.74
N ARG D 348 -37.92 -21.62 -63.26
CA ARG D 348 -36.97 -22.20 -62.32
C ARG D 348 -35.62 -22.50 -63.00
N ASN D 349 -35.63 -22.96 -64.26
CA ASN D 349 -34.36 -23.33 -64.88
C ASN D 349 -33.53 -22.09 -65.20
N LYS D 350 -34.17 -21.05 -65.75
CA LYS D 350 -33.51 -19.76 -65.94
C LYS D 350 -32.84 -19.29 -64.66
N ALA D 351 -33.58 -19.29 -63.55
CA ALA D 351 -33.05 -18.81 -62.28
C ALA D 351 -31.90 -19.69 -61.78
N ASN D 352 -32.02 -21.00 -61.92
CA ASN D 352 -30.88 -21.83 -61.51
C ASN D 352 -29.69 -21.59 -62.39
N LEU D 353 -29.93 -21.31 -63.68
CA LEU D 353 -28.81 -20.90 -64.51
C LEU D 353 -28.25 -19.56 -64.03
N LYS D 354 -29.11 -18.61 -63.61
CA LYS D 354 -28.57 -17.36 -63.11
C LYS D 354 -27.74 -17.58 -61.84
N LEU D 355 -28.22 -18.41 -60.92
CA LEU D 355 -27.44 -18.78 -59.75
C LEU D 355 -26.09 -19.34 -60.17
N ALA D 356 -26.07 -20.24 -61.14
CA ALA D 356 -24.82 -20.83 -61.61
C ALA D 356 -23.85 -19.76 -62.05
N GLU D 357 -24.29 -18.86 -62.93
CA GLU D 357 -23.42 -17.86 -63.50
C GLU D 357 -23.02 -16.81 -62.49
N ILE D 358 -23.93 -16.45 -61.59
CA ILE D 358 -23.57 -15.52 -60.52
C ILE D 358 -22.47 -16.13 -59.65
N ARG D 359 -22.70 -17.34 -59.15
CA ARG D 359 -21.71 -17.98 -58.32
C ARG D 359 -20.40 -18.11 -59.04
N GLN D 360 -20.45 -18.35 -60.34
CA GLN D 360 -19.23 -18.42 -61.11
C GLN D 360 -18.50 -17.07 -61.08
N GLN D 361 -19.24 -15.97 -61.17
CA GLN D 361 -18.57 -14.67 -61.08
C GLN D 361 -18.07 -14.41 -59.66
N GLN D 362 -18.75 -14.94 -58.64
CA GLN D 362 -18.19 -14.87 -57.30
C GLN D 362 -16.85 -15.60 -57.25
N SER D 363 -16.73 -16.68 -58.02
CA SER D 363 -15.51 -17.49 -58.03
C SER D 363 -14.38 -16.73 -58.67
N VAL D 364 -14.72 -15.98 -59.70
CA VAL D 364 -13.79 -15.06 -60.33
C VAL D 364 -13.28 -14.05 -59.30
N VAL D 365 -14.20 -13.40 -58.59
CA VAL D 365 -13.79 -12.38 -57.64
C VAL D 365 -12.89 -12.99 -56.57
N ASN D 366 -13.30 -14.13 -56.02
CA ASN D 366 -12.48 -14.80 -55.02
C ASN D 366 -11.06 -15.00 -55.55
N TYR D 367 -10.94 -15.49 -56.77
CA TYR D 367 -9.63 -15.60 -57.41
C TYR D 367 -8.88 -14.27 -57.38
N GLU D 368 -9.52 -13.20 -57.85
CA GLU D 368 -8.87 -11.89 -57.88
C GLU D 368 -8.40 -11.50 -56.49
N GLN D 369 -9.21 -11.76 -55.47
CA GLN D 369 -8.86 -11.41 -54.10
C GLN D 369 -7.59 -12.12 -53.67
N LYS D 370 -7.57 -13.46 -53.77
CA LYS D 370 -6.38 -14.24 -53.45
C LYS D 370 -5.14 -13.67 -54.12
N ILE D 371 -5.25 -13.32 -55.39
CA ILE D 371 -4.11 -12.78 -56.10
C ILE D 371 -3.69 -11.45 -55.49
N GLN D 372 -4.63 -10.54 -55.30
CA GLN D 372 -4.26 -9.21 -54.81
C GLN D 372 -3.65 -9.27 -53.41
N SER D 373 -4.13 -10.17 -52.56
CA SER D 373 -3.51 -10.27 -51.24
C SER D 373 -2.11 -10.86 -51.36
N ALA D 374 -1.98 -11.95 -52.10
CA ALA D 374 -0.66 -12.49 -52.41
C ALA D 374 0.31 -11.40 -52.84
N PHE D 375 -0.12 -10.52 -53.74
CA PHE D 375 0.79 -9.50 -54.23
C PHE D 375 1.15 -8.54 -53.10
N LYS D 376 0.18 -8.20 -52.23
CA LYS D 376 0.48 -7.29 -51.13
C LYS D 376 1.54 -7.88 -50.20
N ASP D 377 1.29 -9.09 -49.70
CA ASP D 377 2.24 -9.79 -48.85
C ASP D 377 3.65 -9.74 -49.39
N VAL D 378 3.82 -10.23 -50.61
CA VAL D 378 5.16 -10.28 -51.18
C VAL D 378 5.77 -8.88 -51.18
N SER D 379 5.07 -7.91 -51.79
CA SER D 379 5.55 -6.53 -51.75
C SER D 379 5.94 -6.08 -50.35
N ASP D 380 5.23 -6.53 -49.31
CA ASP D 380 5.57 -6.14 -47.95
C ASP D 380 6.89 -6.74 -47.50
N THR D 381 7.11 -8.03 -47.74
CA THR D 381 8.35 -8.62 -47.27
C THR D 381 9.54 -8.06 -48.05
N LEU D 382 9.33 -7.70 -49.32
CA LEU D 382 10.39 -7.06 -50.10
C LEU D 382 10.80 -5.74 -49.47
N ALA D 383 9.81 -4.93 -49.13
CA ALA D 383 10.05 -3.70 -48.40
C ALA D 383 10.76 -4.00 -47.08
N LEU D 384 10.26 -4.96 -46.31
CA LEU D 384 10.76 -5.21 -44.98
C LEU D 384 12.17 -5.73 -44.99
N ARG D 385 12.55 -6.36 -46.10
CA ARG D 385 13.91 -6.86 -46.25
C ARG D 385 14.90 -5.71 -46.15
N ASP D 386 14.57 -4.54 -46.75
CA ASP D 386 15.48 -3.39 -46.71
C ASP D 386 15.38 -2.61 -45.41
N SER D 387 14.15 -2.22 -45.02
CA SER D 387 13.90 -1.58 -43.72
C SER D 387 14.62 -2.28 -42.60
N LEU D 388 14.48 -3.61 -42.53
CA LEU D 388 15.03 -4.36 -41.43
C LEU D 388 16.56 -4.40 -41.50
N SER D 389 17.11 -4.62 -42.69
CA SER D 389 18.57 -4.63 -42.81
C SER D 389 19.18 -3.32 -42.33
N GLN D 390 18.67 -2.21 -42.84
CA GLN D 390 19.25 -0.93 -42.45
C GLN D 390 19.05 -0.65 -40.97
N GLN D 391 17.84 -0.92 -40.45
CA GLN D 391 17.61 -0.84 -39.01
C GLN D 391 18.67 -1.57 -38.22
N LEU D 392 18.85 -2.87 -38.51
CA LEU D 392 19.77 -3.69 -37.76
C LEU D 392 21.19 -3.16 -37.79
N GLU D 393 21.64 -2.67 -38.96
CA GLU D 393 23.00 -2.17 -39.02
C GLU D 393 23.16 -0.84 -38.29
N SER D 394 22.17 0.05 -38.37
CA SER D 394 22.31 1.27 -37.60
C SER D 394 22.20 1.02 -36.11
N GLN D 395 21.56 -0.08 -35.74
CA GLN D 395 21.47 -0.40 -34.32
C GLN D 395 22.77 -0.97 -33.79
N GLN D 396 23.53 -1.64 -34.65
CA GLN D 396 24.84 -2.10 -34.22
C GLN D 396 25.78 -0.92 -34.07
N ARG D 397 25.59 0.13 -34.87
CA ARG D 397 26.43 1.32 -34.72
C ARG D 397 26.06 2.10 -33.46
N TYR D 398 24.78 2.26 -33.20
CA TYR D 398 24.38 2.85 -31.94
C TYR D 398 24.94 2.04 -30.80
N LEU D 399 24.93 0.71 -30.95
CA LEU D 399 25.52 -0.15 -29.93
C LEU D 399 26.97 0.25 -29.68
N ASP D 400 27.80 0.23 -30.72
CA ASP D 400 29.23 0.54 -30.60
C ASP D 400 29.47 1.91 -29.95
N SER D 401 28.68 2.89 -30.34
CA SER D 401 28.70 4.18 -29.69
C SER D 401 28.27 4.08 -28.23
N LEU D 402 27.32 3.19 -27.93
CA LEU D 402 26.89 3.06 -26.53
C LEU D 402 27.92 2.36 -25.65
N GLN D 403 28.77 1.49 -26.22
CA GLN D 403 29.83 0.86 -25.43
C GLN D 403 30.89 1.86 -25.01
N ILE D 404 31.22 2.79 -25.92
CA ILE D 404 32.23 3.83 -25.68
C ILE D 404 31.71 4.84 -24.68
N THR D 405 30.44 5.18 -24.82
CA THR D 405 29.79 6.03 -23.84
C THR D 405 29.91 5.41 -22.46
N LEU D 406 29.53 4.15 -22.34
CA LEU D 406 29.52 3.50 -21.03
C LEU D 406 30.90 3.47 -20.43
N GLN D 407 31.89 3.02 -21.19
CA GLN D 407 33.24 3.04 -20.67
C GLN D 407 33.66 4.43 -20.22
N ARG D 408 33.31 5.47 -20.98
CA ARG D 408 33.78 6.78 -20.59
C ARG D 408 33.07 7.28 -19.35
N ALA D 409 31.77 7.01 -19.23
CA ALA D 409 31.01 7.41 -18.04
C ALA D 409 31.52 6.72 -16.78
N ARG D 410 31.86 5.42 -16.86
CA ARG D 410 32.50 4.80 -15.71
C ARG D 410 33.82 5.48 -15.37
N GLY D 411 34.62 5.81 -16.39
CA GLY D 411 35.91 6.44 -16.15
C GLY D 411 35.81 7.80 -15.48
N LEU D 412 34.93 8.66 -15.98
CA LEU D 412 34.78 10.00 -15.44
C LEU D 412 34.01 9.98 -14.11
N TYR D 413 33.17 8.96 -13.89
CA TYR D 413 32.53 8.81 -12.59
C TYR D 413 33.56 8.43 -11.54
N ALA D 414 34.48 7.51 -11.87
CA ALA D 414 35.47 7.03 -10.91
C ALA D 414 36.47 8.11 -10.54
N SER D 415 36.41 9.26 -11.19
CA SER D 415 37.27 10.39 -10.93
C SER D 415 36.52 11.61 -10.41
N GLY D 416 35.26 11.46 -10.00
CA GLY D 416 34.48 12.61 -9.53
C GLY D 416 33.99 13.57 -10.59
N ALA D 417 34.25 13.33 -11.88
CA ALA D 417 33.95 14.27 -12.97
C ALA D 417 32.47 14.34 -13.38
N VAL D 418 31.70 13.25 -13.23
CA VAL D 418 30.27 13.19 -13.54
C VAL D 418 29.58 12.39 -12.46
N SER D 419 28.27 12.50 -12.39
CA SER D 419 27.63 11.70 -11.38
C SER D 419 27.25 10.35 -11.97
N TYR D 420 26.83 9.41 -11.11
CA TYR D 420 26.61 8.06 -11.57
C TYR D 420 25.40 7.91 -12.48
N ILE D 421 24.59 8.96 -12.63
CA ILE D 421 23.44 8.88 -13.53
C ILE D 421 23.89 8.67 -14.97
N GLU D 422 25.08 9.17 -15.32
CA GLU D 422 25.59 8.95 -16.68
C GLU D 422 25.91 7.49 -16.90
N VAL D 423 26.46 6.82 -15.88
CA VAL D 423 26.71 5.37 -16.00
C VAL D 423 25.39 4.61 -16.02
N LEU D 424 24.43 5.05 -15.21
CA LEU D 424 23.12 4.45 -15.20
C LEU D 424 22.50 4.53 -16.59
N ASP D 425 22.52 5.72 -17.18
CA ASP D 425 21.84 5.93 -18.44
C ASP D 425 22.45 5.03 -19.50
N ALA D 426 23.79 4.98 -19.54
CA ALA D 426 24.51 4.22 -20.57
C ALA D 426 24.22 2.73 -20.45
N GLU D 427 24.25 2.20 -19.23
CA GLU D 427 23.85 0.82 -19.01
C GLU D 427 22.41 0.61 -19.47
N ARG D 428 21.50 1.54 -19.12
CA ARG D 428 20.12 1.42 -19.55
C ARG D 428 20.01 1.31 -21.05
N SER D 429 20.53 2.31 -21.76
CA SER D 429 20.53 2.33 -23.22
C SER D 429 21.14 1.05 -23.79
N LEU D 430 22.27 0.61 -23.19
CA LEU D 430 23.02 -0.54 -23.70
C LEU D 430 22.20 -1.84 -23.61
N PHE D 431 21.45 -2.01 -22.54
CA PHE D 431 20.60 -3.18 -22.40
C PHE D 431 19.45 -3.13 -23.41
N ALA D 432 18.69 -2.04 -23.38
CA ALA D 432 17.66 -1.82 -24.37
C ALA D 432 18.15 -2.15 -25.76
N THR D 433 19.33 -1.69 -26.10
CA THR D 433 19.74 -1.87 -27.47
C THR D 433 20.12 -3.32 -27.74
N GLN D 434 20.81 -4.00 -26.81
CA GLN D 434 21.10 -5.42 -27.04
C GLN D 434 19.83 -6.24 -27.25
N GLN D 435 18.80 -5.98 -26.45
CA GLN D 435 17.50 -6.63 -26.64
C GLN D 435 16.89 -6.28 -28.00
N THR D 436 17.12 -5.04 -28.47
CA THR D 436 16.52 -4.65 -29.73
C THR D 436 17.26 -5.31 -30.87
N ILE D 437 18.58 -5.47 -30.73
CA ILE D 437 19.28 -6.14 -31.80
C ILE D 437 18.84 -7.59 -31.92
N LEU D 438 18.66 -8.29 -30.79
CA LEU D 438 18.16 -9.67 -30.84
C LEU D 438 16.79 -9.76 -31.53
N ASP D 439 15.86 -8.90 -31.12
CA ASP D 439 14.54 -8.86 -31.72
C ASP D 439 14.62 -8.53 -33.21
N LEU D 440 15.64 -7.77 -33.62
CA LEU D 440 15.76 -7.35 -35.02
C LEU D 440 16.24 -8.50 -35.91
N THR D 441 17.27 -9.21 -35.49
CA THR D 441 17.72 -10.33 -36.32
C THR D 441 16.61 -11.37 -36.42
N TYR D 442 15.81 -11.48 -35.37
CA TYR D 442 14.64 -12.37 -35.39
C TYR D 442 13.67 -11.94 -36.49
N SER D 443 13.14 -10.73 -36.38
CA SER D 443 12.27 -10.22 -37.43
C SER D 443 12.92 -10.40 -38.80
N ARG D 444 14.24 -10.19 -38.87
CA ARG D 444 14.93 -10.27 -40.16
C ARG D 444 14.77 -11.63 -40.82
N GLN D 445 15.02 -12.70 -40.07
CA GLN D 445 15.00 -14.04 -40.65
C GLN D 445 13.60 -14.63 -40.71
N VAL D 446 12.75 -14.24 -39.79
CA VAL D 446 11.31 -14.46 -39.95
C VAL D 446 10.81 -13.80 -41.24
N ASN D 447 11.19 -12.55 -41.49
CA ASN D 447 10.81 -11.89 -42.73
C ASN D 447 11.31 -12.66 -43.95
N GLU D 448 12.44 -13.34 -43.83
CA GLU D 448 12.93 -14.10 -44.97
C GLU D 448 12.14 -15.39 -45.17
N ILE D 449 11.80 -16.07 -44.09
CA ILE D 449 10.90 -17.21 -44.19
C ILE D 449 9.60 -16.82 -44.85
N ASN D 450 9.06 -15.66 -44.49
CA ASN D 450 7.79 -15.20 -45.08
C ASN D 450 7.88 -14.99 -46.59
N LEU D 451 9.01 -14.51 -47.07
CA LEU D 451 9.18 -14.34 -48.51
C LEU D 451 9.25 -15.70 -49.20
N PHE D 452 9.96 -16.64 -48.58
CA PHE D 452 10.01 -18.01 -49.08
C PHE D 452 8.60 -18.58 -49.21
N THR D 453 7.82 -18.46 -48.13
CA THR D 453 6.47 -18.99 -48.09
C THR D 453 5.52 -18.28 -49.05
N ALA D 454 5.60 -16.95 -49.16
CA ALA D 454 4.68 -16.26 -50.05
C ALA D 454 4.95 -16.57 -51.51
N LEU D 455 6.13 -17.12 -51.84
CA LEU D 455 6.48 -17.39 -53.23
C LEU D 455 6.23 -18.82 -53.64
N GLY D 456 5.71 -19.67 -52.76
CA GLY D 456 5.59 -21.08 -53.05
C GLY D 456 6.15 -21.98 -51.96
N GLY D 457 7.14 -21.47 -51.22
CA GLY D 457 7.46 -22.00 -49.91
C GLY D 457 7.99 -23.42 -49.91
N GLY D 458 7.72 -24.11 -48.81
CA GLY D 458 8.33 -25.40 -48.60
C GLY D 458 7.42 -26.52 -49.05
N TRP D 459 7.04 -26.55 -50.32
CA TRP D 459 6.49 -27.79 -50.84
C TRP D 459 7.62 -28.77 -51.16
N VAL D 460 8.44 -28.44 -52.17
CA VAL D 460 9.57 -29.26 -52.57
C VAL D 460 10.66 -29.19 -51.51
N GLU D 461 11.33 -30.31 -51.27
CA GLU D 461 12.53 -30.26 -50.46
C GLU D 461 13.84 -30.49 -51.21
N LYS D 462 13.81 -30.94 -52.47
CA LYS D 462 15.06 -31.16 -53.26
C LYS D 462 15.61 -29.90 -53.98
N CYS E 18 -33.34 -57.52 -34.61
CA CYS E 18 -32.82 -56.26 -35.12
C CYS E 18 -31.30 -56.27 -34.92
N VAL E 19 -30.55 -55.63 -35.82
CA VAL E 19 -29.09 -55.60 -35.79
C VAL E 19 -28.59 -54.16 -35.92
N SER E 20 -27.50 -53.87 -35.21
CA SER E 20 -26.76 -52.61 -35.42
C SER E 20 -25.42 -52.91 -36.03
N LEU E 21 -25.12 -52.20 -37.11
CA LEU E 21 -23.86 -52.34 -37.81
C LEU E 21 -22.84 -51.30 -37.36
N ALA E 22 -23.23 -50.42 -36.44
CA ALA E 22 -22.33 -49.39 -35.98
C ALA E 22 -21.17 -50.05 -35.23
N PRO E 23 -19.99 -49.45 -35.29
CA PRO E 23 -18.88 -49.99 -34.52
C PRO E 23 -18.99 -49.60 -33.05
N GLU E 24 -18.31 -50.37 -32.22
CA GLU E 24 -18.30 -50.06 -30.81
C GLU E 24 -17.33 -48.92 -30.61
N TYR E 25 -17.70 -47.99 -29.75
CA TYR E 25 -16.89 -46.79 -29.52
C TYR E 25 -15.65 -47.08 -28.70
N GLN E 26 -14.49 -46.68 -29.22
CA GLN E 26 -13.26 -46.69 -28.43
C GLN E 26 -12.67 -45.29 -28.36
N ARG E 27 -12.36 -44.86 -27.14
CA ARG E 27 -11.87 -43.51 -26.95
C ARG E 27 -10.44 -43.43 -27.48
N PRO E 28 -10.14 -42.50 -28.36
CA PRO E 28 -8.78 -42.37 -28.87
C PRO E 28 -7.83 -42.05 -27.74
N PRO E 29 -6.69 -42.73 -27.69
CA PRO E 29 -5.67 -42.36 -26.72
C PRO E 29 -5.30 -40.89 -26.88
N ALA E 30 -5.09 -40.24 -25.74
CA ALA E 30 -4.73 -38.82 -25.71
C ALA E 30 -3.26 -38.61 -26.11
N PRO E 31 -2.98 -37.82 -27.15
CA PRO E 31 -1.60 -37.70 -27.67
C PRO E 31 -0.84 -36.55 -27.01
N VAL E 32 -0.72 -36.60 -25.69
CA VAL E 32 -0.06 -35.60 -24.88
C VAL E 32 0.60 -36.30 -23.70
N PRO E 33 1.56 -35.67 -23.02
CA PRO E 33 2.25 -36.35 -21.92
C PRO E 33 1.24 -36.75 -20.86
N GLN E 34 1.59 -37.74 -20.06
CA GLN E 34 0.62 -38.19 -19.08
C GLN E 34 0.45 -37.19 -17.95
N GLN E 35 1.40 -36.28 -17.79
CA GLN E 35 1.46 -35.35 -16.66
C GLN E 35 1.95 -34.00 -17.14
N PHE E 36 1.42 -32.93 -16.54
CA PHE E 36 1.99 -31.61 -16.73
C PHE E 36 3.29 -31.53 -15.96
N SER E 37 4.20 -30.69 -16.45
CA SER E 37 5.55 -30.73 -15.90
C SER E 37 5.54 -30.25 -14.46
N LEU E 38 5.00 -29.04 -14.22
CA LEU E 38 4.78 -28.53 -12.86
C LEU E 38 6.04 -28.50 -12.04
N VAL E 47 -2.21 -31.01 -0.54
CA VAL E 47 -3.15 -31.29 -1.62
C VAL E 47 -3.11 -32.69 -2.24
N ASN E 48 -4.17 -33.49 -2.00
CA ASN E 48 -4.24 -34.91 -2.37
C ASN E 48 -4.73 -35.16 -3.80
N SER E 49 -5.85 -34.56 -4.18
CA SER E 49 -6.32 -34.64 -5.56
C SER E 49 -7.01 -33.34 -5.92
N TYR E 50 -7.04 -33.03 -7.21
CA TYR E 50 -7.74 -31.82 -7.61
C TYR E 50 -9.24 -32.06 -7.56
N GLN E 51 -9.97 -31.14 -6.92
CA GLN E 51 -11.43 -31.14 -6.87
C GLN E 51 -11.94 -29.75 -7.31
N ASP E 52 -13.15 -29.69 -7.86
CA ASP E 52 -13.80 -28.42 -8.27
C ASP E 52 -14.71 -27.98 -7.13
N THR E 53 -14.14 -27.27 -6.15
CA THR E 53 -14.99 -26.50 -5.24
C THR E 53 -15.55 -25.34 -6.04
N GLY E 54 -16.82 -25.04 -5.84
CA GLY E 54 -17.53 -24.14 -6.75
C GLY E 54 -16.86 -22.85 -7.15
N TRP E 55 -17.33 -22.20 -8.23
CA TRP E 55 -16.73 -20.90 -8.50
C TRP E 55 -17.07 -19.85 -7.43
N ARG E 56 -17.95 -20.18 -6.49
CA ARG E 56 -18.17 -19.33 -5.32
C ARG E 56 -16.97 -19.36 -4.38
N ASN E 57 -16.30 -20.51 -4.27
CA ASN E 57 -15.05 -20.54 -3.54
C ASN E 57 -13.97 -19.77 -4.28
N PHE E 58 -13.84 -20.01 -5.58
CA PHE E 58 -12.72 -19.45 -6.33
C PHE E 58 -12.74 -17.94 -6.26
N PHE E 59 -13.88 -17.35 -6.55
CA PHE E 59 -14.00 -15.90 -6.55
C PHE E 59 -14.31 -15.44 -5.15
N VAL E 60 -13.29 -14.86 -4.50
CA VAL E 60 -13.39 -14.38 -3.13
C VAL E 60 -14.11 -13.03 -3.06
N ASP E 61 -13.82 -12.11 -4.00
CA ASP E 61 -14.53 -10.85 -4.08
C ASP E 61 -16.02 -11.10 -4.28
N PRO E 62 -16.89 -10.56 -3.42
CA PRO E 62 -18.34 -10.77 -3.62
C PRO E 62 -18.89 -10.07 -4.86
N GLN E 63 -18.19 -9.09 -5.40
CA GLN E 63 -18.72 -8.34 -6.54
C GLN E 63 -18.72 -9.18 -7.79
N VAL E 64 -17.62 -9.90 -8.03
CA VAL E 64 -17.58 -10.77 -9.21
C VAL E 64 -18.61 -11.90 -9.06
N SER E 65 -18.86 -12.35 -7.84
CA SER E 65 -19.94 -13.33 -7.64
C SER E 65 -21.27 -12.74 -8.06
N ARG E 66 -21.54 -11.50 -7.65
CA ARG E 66 -22.80 -10.87 -7.98
C ARG E 66 -22.93 -10.60 -9.48
N LEU E 67 -21.84 -10.26 -10.14
CA LEU E 67 -21.93 -9.92 -11.56
C LEU E 67 -22.01 -11.18 -12.43
N ILE E 68 -21.49 -12.30 -11.94
CA ILE E 68 -21.67 -13.54 -12.66
C ILE E 68 -23.13 -13.95 -12.58
N GLY E 69 -23.74 -13.82 -11.41
CA GLY E 69 -25.15 -14.14 -11.30
C GLY E 69 -25.98 -13.41 -12.32
N GLU E 70 -25.79 -12.10 -12.37
CA GLU E 70 -26.56 -11.23 -13.25
C GLU E 70 -26.28 -11.57 -14.71
N ALA E 71 -25.03 -11.86 -15.04
CA ALA E 71 -24.71 -12.14 -16.43
C ALA E 71 -25.27 -13.50 -16.86
N LEU E 72 -25.34 -14.47 -15.93
CA LEU E 72 -25.93 -15.77 -16.19
C LEU E 72 -27.42 -15.71 -16.51
N ASN E 73 -28.08 -14.59 -16.23
CA ASN E 73 -29.49 -14.46 -16.56
C ASN E 73 -29.72 -13.44 -17.65
N ASN E 74 -28.67 -12.78 -18.15
CA ASN E 74 -28.89 -11.70 -19.11
C ASN E 74 -27.97 -11.74 -20.31
N ASN E 75 -26.82 -12.39 -20.25
CA ASN E 75 -25.92 -12.45 -21.37
C ASN E 75 -26.57 -13.10 -22.58
N ARG E 76 -26.53 -12.42 -23.73
CA ARG E 76 -27.24 -12.89 -24.91
C ARG E 76 -26.56 -14.10 -25.55
N ASP E 77 -25.23 -14.25 -25.34
CA ASP E 77 -24.51 -15.36 -25.96
C ASP E 77 -24.84 -16.66 -25.25
N LEU E 78 -25.02 -16.59 -23.94
CA LEU E 78 -25.43 -17.80 -23.26
C LEU E 78 -26.87 -18.17 -23.62
N ARG E 79 -27.76 -17.18 -23.81
CA ARG E 79 -29.10 -17.52 -24.27
C ARG E 79 -29.04 -18.22 -25.61
N MET E 80 -28.22 -17.70 -26.52
CA MET E 80 -28.08 -18.32 -27.83
C MET E 80 -27.65 -19.78 -27.70
N ALA E 81 -26.67 -20.05 -26.84
CA ALA E 81 -26.15 -21.41 -26.66
C ALA E 81 -27.22 -22.36 -26.14
N ALA E 82 -28.03 -21.87 -25.21
CA ALA E 82 -29.22 -22.59 -24.78
C ALA E 82 -30.14 -22.89 -25.95
N LEU E 83 -30.52 -21.85 -26.70
CA LEU E 83 -31.38 -22.06 -27.87
C LEU E 83 -30.80 -23.09 -28.81
N LYS E 84 -29.48 -23.11 -28.97
CA LYS E 84 -28.86 -24.09 -29.85
C LYS E 84 -29.05 -25.52 -29.33
N VAL E 85 -29.15 -25.71 -28.00
CA VAL E 85 -29.41 -27.04 -27.42
C VAL E 85 -30.84 -27.45 -27.65
N GLU E 86 -31.76 -26.49 -27.66
CA GLU E 86 -33.12 -26.84 -28.02
C GLU E 86 -33.30 -27.00 -29.53
N GLU E 87 -32.58 -26.25 -30.34
CA GLU E 87 -32.56 -26.58 -31.76
C GLU E 87 -32.20 -28.04 -31.96
N ALA E 88 -31.15 -28.53 -31.28
CA ALA E 88 -30.64 -29.89 -31.54
C ALA E 88 -31.55 -30.98 -31.02
N ARG E 89 -32.28 -30.71 -29.93
CA ARG E 89 -33.27 -31.67 -29.47
C ARG E 89 -34.43 -31.76 -30.45
N ALA E 90 -34.93 -30.62 -30.94
CA ALA E 90 -35.99 -30.68 -31.94
C ALA E 90 -35.51 -31.43 -33.19
N GLN E 91 -34.30 -31.11 -33.68
CA GLN E 91 -33.76 -31.84 -34.81
C GLN E 91 -33.72 -33.35 -34.54
N PHE E 92 -33.52 -33.74 -33.28
CA PHE E 92 -33.55 -35.16 -33.00
C PHE E 92 -34.96 -35.72 -33.20
N ASN E 93 -35.99 -34.93 -32.88
CA ASN E 93 -37.36 -35.45 -32.93
C ASN E 93 -37.87 -35.56 -34.35
N VAL E 94 -37.39 -34.67 -35.22
CA VAL E 94 -37.63 -34.77 -36.65
C VAL E 94 -37.03 -36.06 -37.18
N THR E 95 -35.76 -36.31 -36.88
CA THR E 95 -35.10 -37.50 -37.38
C THR E 95 -35.68 -38.76 -36.75
N ASP E 96 -36.09 -38.71 -35.50
CA ASP E 96 -36.63 -39.93 -34.94
C ASP E 96 -38.02 -40.26 -35.50
N ALA E 97 -38.74 -39.27 -36.07
CA ALA E 97 -40.07 -39.54 -36.55
C ALA E 97 -40.10 -40.69 -37.54
N ASP E 98 -39.04 -40.83 -38.33
CA ASP E 98 -39.00 -41.77 -39.44
C ASP E 98 -39.16 -43.20 -39.00
N ARG E 99 -38.96 -43.48 -37.71
CA ARG E 99 -38.91 -44.85 -37.24
C ARG E 99 -40.28 -45.40 -36.86
N TYR E 100 -41.28 -44.59 -36.97
CA TYR E 100 -42.56 -45.00 -36.48
C TYR E 100 -43.56 -45.10 -37.63
N PRO E 101 -44.57 -45.98 -37.54
CA PRO E 101 -45.64 -45.98 -38.55
C PRO E 101 -46.31 -44.62 -38.72
N GLN E 102 -46.68 -44.32 -39.97
CA GLN E 102 -47.28 -43.05 -40.32
C GLN E 102 -48.58 -43.23 -41.08
N LEU E 103 -49.54 -42.37 -40.76
CA LEU E 103 -50.90 -42.50 -41.27
C LEU E 103 -51.27 -41.22 -42.03
N ASN E 104 -51.72 -41.39 -43.27
CA ASN E 104 -52.11 -40.27 -44.10
C ASN E 104 -53.41 -40.59 -44.81
N ALA E 105 -54.20 -39.56 -45.07
CA ALA E 105 -55.43 -39.67 -45.85
C ALA E 105 -55.33 -38.81 -47.09
N SER E 106 -56.02 -39.25 -48.14
CA SER E 106 -56.09 -38.48 -49.38
C SER E 106 -57.40 -38.77 -50.10
N SER E 107 -58.03 -37.69 -50.56
CA SER E 107 -59.27 -37.69 -51.32
C SER E 107 -58.98 -37.10 -52.69
N GLY E 108 -59.88 -37.34 -53.64
CA GLY E 108 -59.65 -36.84 -54.97
C GLY E 108 -60.71 -37.27 -55.97
N ILE E 109 -61.00 -36.41 -56.95
CA ILE E 109 -61.85 -36.73 -58.08
C ILE E 109 -60.99 -36.96 -59.31
N THR E 110 -61.37 -37.92 -60.16
CA THR E 110 -60.65 -38.20 -61.39
C THR E 110 -61.63 -38.13 -62.54
N TYR E 111 -61.43 -37.20 -63.46
CA TYR E 111 -62.21 -37.15 -64.70
C TYR E 111 -61.35 -37.68 -65.83
N ASN E 112 -61.91 -38.61 -66.57
CA ASN E 112 -61.19 -39.33 -67.61
C ASN E 112 -62.08 -39.57 -68.81
N GLY E 113 -61.62 -39.11 -69.97
CA GLY E 113 -62.37 -39.23 -71.20
C GLY E 113 -61.46 -39.44 -72.37
N GLY E 114 -62.07 -39.66 -73.54
CA GLY E 114 -61.35 -39.68 -74.78
C GLY E 114 -61.38 -38.31 -75.42
N LEU E 115 -60.53 -38.14 -76.42
CA LEU E 115 -60.53 -36.95 -77.25
C LEU E 115 -61.54 -37.03 -78.39
N LYS E 116 -62.04 -38.23 -78.69
CA LYS E 116 -63.11 -38.48 -79.63
C LYS E 116 -64.35 -38.95 -78.87
N GLY E 117 -65.54 -38.65 -79.40
CA GLY E 117 -66.80 -39.01 -78.75
C GLY E 117 -67.05 -40.49 -78.46
N ASP E 118 -66.09 -41.36 -78.81
CA ASP E 118 -66.19 -42.80 -78.55
C ASP E 118 -66.10 -43.15 -77.07
N LYS E 119 -65.28 -42.41 -76.33
CA LYS E 119 -65.00 -42.68 -74.92
C LYS E 119 -65.76 -41.70 -74.03
N PRO E 120 -66.85 -42.12 -73.39
CA PRO E 120 -67.58 -41.19 -72.51
C PRO E 120 -66.78 -40.85 -71.25
N THR E 121 -66.97 -39.61 -70.78
CA THR E 121 -66.14 -39.08 -69.71
C THR E 121 -66.57 -39.65 -68.37
N THR E 122 -65.65 -40.36 -67.72
CA THR E 122 -65.91 -41.03 -66.48
C THR E 122 -65.68 -40.07 -65.30
N GLN E 123 -66.20 -40.45 -64.14
CA GLN E 123 -65.89 -39.81 -62.88
C GLN E 123 -65.52 -40.92 -61.93
N GLU E 124 -64.36 -40.79 -61.29
CA GLU E 124 -63.96 -41.67 -60.19
C GLU E 124 -63.75 -40.79 -58.95
N TYR E 125 -64.64 -40.94 -57.99
CA TYR E 125 -64.44 -40.33 -56.68
C TYR E 125 -63.65 -41.31 -55.83
N ASP E 126 -62.63 -40.82 -55.14
CA ASP E 126 -61.72 -41.71 -54.39
C ASP E 126 -61.38 -41.09 -53.04
N ALA E 127 -61.25 -41.96 -52.02
CA ALA E 127 -60.74 -41.58 -50.71
C ALA E 127 -59.89 -42.72 -50.14
N GLY E 128 -58.74 -42.38 -49.59
CA GLY E 128 -57.81 -43.40 -49.10
C GLY E 128 -57.22 -43.05 -47.74
N LEU E 129 -56.81 -44.10 -47.02
CA LEU E 129 -56.17 -43.99 -45.70
C LEU E 129 -54.99 -44.96 -45.68
N GLU E 130 -53.75 -44.46 -45.70
CA GLU E 130 -52.62 -45.35 -45.89
C GLU E 130 -51.67 -45.29 -44.70
N LEU E 131 -51.16 -46.44 -44.29
CA LEU E 131 -50.27 -46.53 -43.14
C LEU E 131 -48.95 -47.12 -43.62
N SER E 132 -47.92 -46.28 -43.70
CA SER E 132 -46.59 -46.66 -44.15
C SER E 132 -45.68 -46.88 -42.94
N TYR E 133 -44.72 -47.80 -43.07
CA TYR E 133 -43.84 -48.13 -41.94
C TYR E 133 -42.56 -48.82 -42.41
N GLU E 134 -41.42 -48.21 -42.15
CA GLU E 134 -40.12 -48.84 -42.41
C GLU E 134 -39.75 -49.76 -41.25
N LEU E 135 -39.35 -50.99 -41.58
CA LEU E 135 -38.98 -51.95 -40.54
C LEU E 135 -37.64 -51.58 -39.93
N ASP E 136 -36.63 -51.39 -40.78
CA ASP E 136 -35.27 -51.07 -40.33
C ASP E 136 -34.62 -52.24 -39.61
N PHE E 137 -34.67 -53.41 -40.25
CA PHE E 137 -34.11 -54.64 -39.71
C PHE E 137 -32.62 -54.48 -39.39
N PHE E 138 -31.88 -53.69 -40.19
CA PHE E 138 -30.45 -53.55 -40.02
C PHE E 138 -30.05 -52.20 -39.44
N GLY E 139 -31.01 -51.43 -38.96
CA GLY E 139 -30.72 -50.27 -38.15
C GLY E 139 -30.10 -49.09 -38.89
N LYS E 140 -30.65 -48.70 -40.03
CA LYS E 140 -30.22 -47.43 -40.61
C LYS E 140 -30.87 -46.26 -39.90
N LEU E 141 -32.18 -46.27 -39.83
CA LEU E 141 -32.83 -45.15 -39.16
C LEU E 141 -32.46 -45.12 -37.68
N LYS E 142 -32.24 -46.29 -37.08
CA LYS E 142 -31.85 -46.33 -35.67
C LYS E 142 -30.50 -45.67 -35.46
N ASN E 143 -29.55 -45.97 -36.35
CA ASN E 143 -28.24 -45.35 -36.19
C ASN E 143 -28.27 -43.86 -36.55
N MET E 144 -29.18 -43.42 -37.41
CA MET E 144 -29.20 -42.00 -37.76
C MET E 144 -29.79 -41.16 -36.64
N SER E 145 -30.82 -41.68 -35.97
CA SER E 145 -31.33 -40.99 -34.80
C SER E 145 -30.33 -41.02 -33.66
N GLU E 146 -29.51 -42.07 -33.58
CA GLU E 146 -28.47 -42.09 -32.56
C GLU E 146 -27.39 -41.05 -32.86
N ALA E 147 -27.07 -40.86 -34.13
CA ALA E 147 -26.15 -39.80 -34.49
C ALA E 147 -26.70 -38.44 -34.06
N ASP E 148 -28.01 -38.25 -34.21
CA ASP E 148 -28.59 -37.00 -33.72
C ASP E 148 -28.71 -36.95 -32.21
N ARG E 149 -28.87 -38.09 -31.55
CA ARG E 149 -28.77 -38.06 -30.09
C ARG E 149 -27.36 -37.68 -29.68
N GLN E 150 -26.34 -38.25 -30.31
CA GLN E 150 -24.99 -37.88 -29.91
C GLN E 150 -24.72 -36.42 -30.21
N ASN E 151 -25.37 -35.87 -31.24
CA ASN E 151 -25.11 -34.49 -31.59
C ASN E 151 -25.81 -33.54 -30.66
N TYR E 152 -26.83 -34.04 -29.96
CA TYR E 152 -27.53 -33.24 -28.98
C TYR E 152 -26.73 -33.17 -27.69
N PHE E 153 -26.00 -34.24 -27.35
CA PHE E 153 -25.07 -34.18 -26.23
C PHE E 153 -23.92 -33.23 -26.54
N ALA E 154 -23.48 -33.20 -27.79
CA ALA E 154 -22.41 -32.28 -28.16
C ALA E 154 -22.86 -30.84 -27.97
N SER E 155 -24.10 -30.53 -28.35
CA SER E 155 -24.57 -29.15 -28.24
C SER E 155 -24.71 -28.73 -26.78
N GLU E 156 -24.92 -29.70 -25.88
CA GLU E 156 -25.07 -29.44 -24.45
C GLU E 156 -23.72 -29.15 -23.80
N GLU E 157 -22.68 -29.87 -24.21
CA GLU E 157 -21.35 -29.54 -23.75
C GLU E 157 -20.90 -28.23 -24.35
N ALA E 158 -21.44 -27.88 -25.51
CA ALA E 158 -21.14 -26.59 -26.10
C ALA E 158 -21.71 -25.46 -25.25
N ARG E 159 -22.96 -25.61 -24.81
CA ARG E 159 -23.51 -24.64 -23.86
C ARG E 159 -22.57 -24.45 -22.69
N ARG E 160 -22.15 -25.58 -22.10
CA ARG E 160 -21.30 -25.57 -20.92
C ARG E 160 -20.01 -24.79 -21.15
N ALA E 161 -19.37 -25.02 -22.30
CA ALA E 161 -18.20 -24.23 -22.67
C ALA E 161 -18.54 -22.74 -22.75
N VAL E 162 -19.64 -22.40 -23.41
CA VAL E 162 -20.05 -21.00 -23.45
C VAL E 162 -20.29 -20.47 -22.05
N HIS E 163 -20.81 -21.33 -21.17
CA HIS E 163 -21.09 -20.93 -19.81
C HIS E 163 -19.80 -20.55 -19.08
N ILE E 164 -18.83 -21.48 -19.03
CA ILE E 164 -17.59 -21.21 -18.31
C ILE E 164 -16.80 -20.08 -18.96
N LEU E 165 -16.86 -19.96 -20.29
CA LEU E 165 -16.16 -18.86 -20.93
C LEU E 165 -16.84 -17.55 -20.61
N LEU E 166 -18.16 -17.56 -20.46
CA LEU E 166 -18.84 -16.35 -19.97
C LEU E 166 -18.28 -15.93 -18.63
N VAL E 167 -18.26 -16.88 -17.68
CA VAL E 167 -17.71 -16.64 -16.35
C VAL E 167 -16.34 -15.98 -16.44
N SER E 168 -15.43 -16.60 -17.21
CA SER E 168 -14.11 -16.04 -17.40
C SER E 168 -14.19 -14.59 -17.90
N ASN E 169 -14.97 -14.34 -18.94
CA ASN E 169 -15.07 -13.00 -19.50
C ASN E 169 -15.62 -11.99 -18.51
N VAL E 170 -16.57 -12.39 -17.68
CA VAL E 170 -17.15 -11.45 -16.75
C VAL E 170 -16.11 -11.03 -15.71
N SER E 171 -15.52 -12.01 -15.04
CA SER E 171 -14.55 -11.73 -13.99
C SER E 171 -13.39 -10.90 -14.53
N GLN E 172 -12.79 -11.30 -15.65
CA GLN E 172 -11.68 -10.55 -16.17
C GLN E 172 -12.10 -9.15 -16.60
N SER E 173 -13.31 -9.01 -17.11
CA SER E 173 -13.82 -7.68 -17.42
C SER E 173 -13.95 -6.84 -16.17
N TYR E 174 -14.46 -7.42 -15.08
CA TYR E 174 -14.54 -6.67 -13.84
C TYR E 174 -13.14 -6.34 -13.34
N PHE E 175 -12.26 -7.34 -13.29
CA PHE E 175 -10.94 -7.04 -12.76
C PHE E 175 -10.25 -5.98 -13.59
N SER E 176 -10.47 -6.00 -14.91
CA SER E 176 -9.86 -5.00 -15.79
C SER E 176 -10.40 -3.59 -15.54
N GLN E 177 -11.68 -3.50 -15.15
CA GLN E 177 -12.26 -2.21 -14.78
C GLN E 177 -11.61 -1.68 -13.53
N GLN E 178 -11.51 -2.54 -12.51
CA GLN E 178 -10.81 -2.19 -11.28
C GLN E 178 -9.40 -1.70 -11.60
N LEU E 179 -8.68 -2.42 -12.49
CA LEU E 179 -7.34 -1.98 -12.85
C LEU E 179 -7.38 -0.54 -13.34
N ALA E 180 -8.21 -0.26 -14.34
CA ALA E 180 -8.47 1.11 -14.77
C ALA E 180 -8.59 2.04 -13.58
N TYR E 181 -9.44 1.68 -12.61
CA TYR E 181 -9.69 2.55 -11.47
C TYR E 181 -8.41 2.89 -10.70
N GLU E 182 -7.63 1.85 -10.37
CA GLU E 182 -6.37 2.05 -9.66
C GLU E 182 -5.44 2.94 -10.46
N GLN E 183 -5.21 2.58 -11.72
CA GLN E 183 -4.30 3.35 -12.54
C GLN E 183 -4.71 4.82 -12.56
N LEU E 184 -5.99 5.09 -12.88
CA LEU E 184 -6.50 6.45 -12.82
C LEU E 184 -6.17 7.12 -11.49
N ARG E 185 -6.40 6.40 -10.39
CA ARG E 185 -6.28 7.02 -9.08
C ARG E 185 -4.83 7.33 -8.75
N ILE E 186 -3.90 6.47 -9.18
CA ILE E 186 -2.51 6.75 -8.87
C ILE E 186 -1.89 7.72 -9.88
N ALA E 187 -2.56 7.97 -10.99
CA ALA E 187 -2.12 9.05 -11.85
C ALA E 187 -2.56 10.37 -11.26
N ARG E 188 -3.76 10.40 -10.66
CA ARG E 188 -4.16 11.59 -9.93
C ARG E 188 -3.20 11.92 -8.78
N GLU E 189 -2.85 10.94 -7.95
CA GLU E 189 -2.00 11.29 -6.81
C GLU E 189 -0.56 11.56 -7.24
N THR E 190 -0.10 10.94 -8.32
CA THR E 190 1.18 11.37 -8.87
C THR E 190 1.13 12.85 -9.23
N LEU E 191 0.00 13.32 -9.75
CA LEU E 191 -0.10 14.70 -10.22
C LEU E 191 0.03 15.67 -9.07
N LYS E 192 -0.65 15.39 -7.95
CA LYS E 192 -0.51 16.24 -6.78
C LYS E 192 0.91 16.19 -6.25
N ASN E 193 1.56 15.04 -6.32
CA ASN E 193 2.93 14.99 -5.89
C ASN E 193 3.76 15.93 -6.74
N TYR E 194 3.59 15.84 -8.06
CA TYR E 194 4.42 16.66 -8.93
C TYR E 194 4.08 18.13 -8.81
N GLU E 195 2.85 18.45 -8.39
CA GLU E 195 2.56 19.84 -8.09
C GLU E 195 3.36 20.30 -6.88
N GLN E 196 3.49 19.45 -5.85
CA GLN E 196 4.29 19.81 -4.69
C GLN E 196 5.77 19.88 -5.04
N SER E 197 6.25 18.94 -5.85
CA SER E 197 7.57 19.13 -6.43
C SER E 197 7.68 20.54 -7.01
N TYR E 198 6.72 20.94 -7.85
CA TYR E 198 6.81 22.22 -8.51
C TYR E 198 6.86 23.35 -7.49
N ALA E 199 6.04 23.23 -6.42
CA ALA E 199 6.04 24.21 -5.34
C ALA E 199 7.41 24.30 -4.68
N PHE E 200 8.02 23.14 -4.39
CA PHE E 200 9.34 23.07 -3.75
C PHE E 200 10.41 23.79 -4.57
N VAL E 201 10.40 23.58 -5.89
CA VAL E 201 11.36 24.25 -6.77
C VAL E 201 10.97 25.72 -6.95
N GLU E 202 9.67 25.97 -7.19
CA GLU E 202 9.14 27.34 -7.27
C GLU E 202 9.60 28.21 -6.11
N GLN E 203 9.54 27.69 -4.88
CA GLN E 203 9.80 28.54 -3.73
C GLN E 203 11.27 28.89 -3.63
N GLN E 204 12.14 27.99 -4.06
CA GLN E 204 13.57 28.27 -4.09
C GLN E 204 13.97 29.13 -5.27
N LEU E 205 13.11 29.28 -6.28
CA LEU E 205 13.47 30.11 -7.43
C LEU E 205 13.06 31.57 -7.21
N VAL E 206 11.94 31.83 -6.53
CA VAL E 206 11.55 33.19 -6.14
C VAL E 206 12.63 33.84 -5.26
N THR E 207 13.46 33.03 -4.62
CA THR E 207 14.55 33.49 -3.77
C THR E 207 15.91 32.97 -4.23
N GLY E 208 16.04 32.65 -5.53
CA GLY E 208 17.31 32.51 -6.22
C GLY E 208 18.18 31.32 -5.87
N SER E 209 17.73 30.41 -5.02
CA SER E 209 18.60 29.30 -4.63
C SER E 209 18.93 28.41 -5.83
N THR E 210 17.95 28.15 -6.70
CA THR E 210 18.06 27.16 -7.78
C THR E 210 18.21 27.81 -9.15
N ASN E 211 18.15 26.97 -10.18
CA ASN E 211 18.07 27.37 -11.58
C ASN E 211 16.64 27.32 -12.06
N VAL E 212 16.45 27.89 -13.26
CA VAL E 212 15.15 27.90 -13.92
C VAL E 212 14.99 26.68 -14.81
N LEU E 213 16.03 25.87 -14.92
CA LEU E 213 15.90 24.60 -15.64
C LEU E 213 15.13 23.59 -14.80
N ALA E 214 15.38 23.53 -13.50
CA ALA E 214 14.60 22.64 -12.65
C ALA E 214 13.13 22.99 -12.74
N LEU E 215 12.81 24.28 -12.78
CA LEU E 215 11.43 24.72 -12.80
C LEU E 215 10.72 24.27 -14.08
N GLU E 216 11.42 24.28 -15.20
CA GLU E 216 10.81 23.79 -16.42
C GLU E 216 10.78 22.27 -16.45
N GLN E 217 11.75 21.60 -15.83
CA GLN E 217 11.64 20.15 -15.70
C GLN E 217 10.43 19.76 -14.87
N ALA E 218 10.19 20.45 -13.76
CA ALA E 218 9.02 20.10 -12.95
C ALA E 218 7.72 20.46 -13.67
N ARG E 219 7.68 21.61 -14.34
CA ARG E 219 6.49 21.93 -15.12
C ARG E 219 6.19 20.83 -16.12
N GLY E 220 7.23 20.35 -16.81
CA GLY E 220 7.04 19.28 -17.77
C GLY E 220 6.38 18.08 -17.14
N GLN E 221 6.92 17.63 -16.02
CA GLN E 221 6.33 16.51 -15.31
C GLN E 221 4.84 16.73 -15.12
N ILE E 222 4.46 17.92 -14.67
CA ILE E 222 3.05 18.15 -14.41
C ILE E 222 2.25 17.93 -15.70
N GLU E 223 2.65 18.60 -16.79
CA GLU E 223 1.87 18.51 -18.02
C GLU E 223 1.84 17.10 -18.60
N SER E 224 2.96 16.38 -18.45
CA SER E 224 3.04 14.99 -18.88
C SER E 224 2.10 14.10 -18.08
N THR E 225 1.96 14.40 -16.78
CA THR E 225 1.11 13.58 -15.95
C THR E 225 -0.36 13.86 -16.20
N ARG E 226 -0.71 15.14 -16.38
CA ARG E 226 -2.06 15.50 -16.83
C ARG E 226 -2.49 14.69 -18.05
N ALA E 227 -1.61 14.56 -19.04
CA ALA E 227 -1.90 13.72 -20.17
C ALA E 227 -2.20 12.29 -19.71
N GLU E 228 -1.37 11.75 -18.82
CA GLU E 228 -1.59 10.36 -18.40
C GLU E 228 -2.97 10.20 -17.79
N ILE E 229 -3.35 11.10 -16.89
CA ILE E 229 -4.70 11.08 -16.31
C ILE E 229 -5.77 11.00 -17.42
N ALA E 230 -5.67 11.87 -18.47
CA ALA E 230 -6.64 11.80 -19.56
C ALA E 230 -6.68 10.41 -20.19
N LYS E 231 -5.51 9.79 -20.39
CA LYS E 231 -5.47 8.44 -20.93
C LYS E 231 -6.22 7.46 -20.04
N ARG E 232 -6.00 7.55 -18.72
CA ARG E 232 -6.59 6.59 -17.80
C ARG E 232 -8.11 6.75 -17.66
N GLU E 233 -8.63 7.99 -17.71
CA GLU E 233 -10.08 8.17 -17.77
C GLU E 233 -10.65 7.43 -18.97
N GLY E 234 -10.09 7.68 -20.17
CA GLY E 234 -10.55 6.98 -21.37
C GLY E 234 -10.56 5.48 -21.21
N ASP E 235 -9.51 4.93 -20.61
CA ASP E 235 -9.46 3.50 -20.32
C ASP E 235 -10.59 3.10 -19.38
N LEU E 236 -10.85 3.89 -18.33
CA LEU E 236 -11.92 3.55 -17.41
C LEU E 236 -13.28 3.55 -18.09
N ALA E 237 -13.54 4.54 -18.94
CA ALA E 237 -14.82 4.63 -19.60
C ALA E 237 -15.08 3.38 -20.45
N GLN E 238 -14.12 3.04 -21.30
CA GLN E 238 -14.23 1.86 -22.14
C GLN E 238 -14.32 0.58 -21.31
N ALA E 239 -13.67 0.51 -20.15
CA ALA E 239 -13.79 -0.69 -19.34
C ALA E 239 -15.19 -0.83 -18.83
N ASN E 240 -15.83 0.27 -18.53
CA ASN E 240 -17.18 0.22 -18.01
C ASN E 240 -18.11 -0.30 -19.09
N ASN E 241 -17.96 0.21 -20.31
CA ASN E 241 -18.89 -0.11 -21.38
C ASN E 241 -18.77 -1.56 -21.79
N ALA E 242 -17.57 -2.11 -21.76
CA ALA E 242 -17.40 -3.52 -22.06
C ALA E 242 -17.96 -4.38 -20.95
N LEU E 243 -17.78 -3.96 -19.71
CA LEU E 243 -18.39 -4.69 -18.62
C LEU E 243 -19.88 -4.71 -18.80
N GLN E 244 -20.48 -3.56 -19.09
CA GLN E 244 -21.93 -3.55 -19.27
C GLN E 244 -22.38 -4.44 -20.43
N LEU E 245 -21.61 -4.47 -21.54
CA LEU E 245 -21.97 -5.30 -22.68
C LEU E 245 -21.97 -6.78 -22.31
N VAL E 246 -20.98 -7.20 -21.52
CA VAL E 246 -20.90 -8.59 -21.12
C VAL E 246 -21.98 -8.93 -20.09
N LEU E 247 -22.30 -8.00 -19.19
CA LEU E 247 -23.37 -8.28 -18.24
C LEU E 247 -24.70 -8.49 -18.97
N GLY E 248 -24.99 -7.64 -19.96
CA GLY E 248 -26.29 -7.62 -20.62
C GLY E 248 -27.31 -6.72 -19.95
N THR E 249 -26.95 -6.06 -18.84
CA THR E 249 -27.78 -5.07 -18.16
C THR E 249 -26.95 -3.83 -17.88
N TYR E 250 -27.63 -2.71 -17.79
CA TYR E 250 -26.98 -1.41 -17.85
C TYR E 250 -27.17 -0.63 -16.56
N ARG E 251 -27.19 -1.31 -15.41
CA ARG E 251 -27.30 -0.60 -14.17
C ARG E 251 -25.93 -0.05 -13.77
N ALA E 252 -25.88 0.65 -12.63
CA ALA E 252 -24.68 1.34 -12.22
C ALA E 252 -23.52 0.37 -12.06
N VAL E 253 -22.43 0.66 -12.78
CA VAL E 253 -21.23 -0.18 -12.76
C VAL E 253 -20.62 -0.14 -11.37
N PRO E 254 -19.99 -1.22 -10.93
CA PRO E 254 -19.25 -1.19 -9.67
C PRO E 254 -18.23 -0.06 -9.69
N SER E 255 -18.00 0.49 -8.52
CA SER E 255 -16.94 1.45 -8.29
C SER E 255 -15.68 0.72 -7.82
N GLU E 256 -14.67 1.49 -7.43
CA GLU E 256 -13.40 0.93 -7.01
C GLU E 256 -13.55 0.26 -5.65
N LYS E 257 -12.82 -0.81 -5.42
CA LYS E 257 -12.87 -1.46 -4.13
C LYS E 257 -11.86 -0.81 -3.21
N GLY E 258 -12.31 -0.45 -2.00
CA GLY E 258 -11.37 -0.03 -0.97
C GLY E 258 -10.39 -1.13 -0.56
N ILE E 259 -10.86 -2.39 -0.49
CA ILE E 259 -9.98 -3.54 -0.24
C ILE E 259 -9.19 -3.84 -1.50
N LYS E 260 -7.89 -4.08 -1.36
CA LYS E 260 -7.15 -4.62 -2.48
C LYS E 260 -6.41 -5.87 -2.03
N GLY E 261 -6.55 -6.94 -2.80
CA GLY E 261 -5.87 -8.18 -2.52
C GLY E 261 -6.77 -9.29 -2.03
N GLY E 262 -6.36 -10.52 -2.34
CA GLY E 262 -7.08 -11.73 -1.99
C GLY E 262 -8.39 -11.96 -2.72
N GLU E 263 -8.59 -11.33 -3.88
CA GLU E 263 -9.89 -11.38 -4.54
C GLU E 263 -10.19 -12.75 -5.10
N ILE E 264 -9.17 -13.56 -5.33
CA ILE E 264 -9.29 -14.86 -5.94
C ILE E 264 -8.60 -15.87 -5.04
N ALA E 265 -9.21 -17.04 -4.89
CA ALA E 265 -8.54 -18.14 -4.20
C ALA E 265 -7.94 -19.08 -5.24
N PRO E 266 -6.60 -19.07 -5.49
CA PRO E 266 -6.02 -19.92 -6.56
C PRO E 266 -6.46 -21.39 -6.54
N VAL E 267 -6.29 -22.10 -7.65
CA VAL E 267 -6.51 -23.55 -7.62
C VAL E 267 -5.32 -24.25 -6.95
N LYS E 268 -5.63 -25.22 -6.10
CA LYS E 268 -4.62 -26.04 -5.46
C LYS E 268 -4.45 -27.31 -6.28
N LEU E 269 -3.23 -27.59 -6.67
CA LEU E 269 -2.89 -28.65 -7.60
C LEU E 269 -1.99 -29.67 -6.94
N PRO E 270 -2.26 -30.96 -7.16
CA PRO E 270 -1.43 -32.01 -6.57
C PRO E 270 -0.02 -32.01 -7.14
N PRO E 271 0.91 -32.74 -6.49
CA PRO E 271 2.32 -32.68 -6.90
C PRO E 271 2.53 -33.04 -8.35
N ASN E 272 2.17 -34.28 -8.72
CA ASN E 272 2.09 -34.70 -10.12
C ASN E 272 0.62 -34.77 -10.52
N LEU E 273 0.22 -33.95 -11.49
CA LEU E 273 -1.16 -33.86 -11.93
C LEU E 273 -1.33 -34.59 -13.26
N SER E 274 -2.48 -35.25 -13.43
CA SER E 274 -2.75 -36.02 -14.63
C SER E 274 -3.35 -35.15 -15.72
N SER E 275 -2.81 -35.30 -16.94
CA SER E 275 -3.46 -34.78 -18.15
C SER E 275 -4.93 -35.13 -18.21
N GLN E 276 -5.28 -36.37 -17.80
CA GLN E 276 -6.67 -36.83 -17.81
C GLN E 276 -7.67 -35.77 -17.42
N ILE E 277 -7.27 -34.83 -16.54
CA ILE E 277 -8.20 -33.78 -16.13
C ILE E 277 -8.74 -33.04 -17.36
N LEU E 278 -7.94 -32.98 -18.44
CA LEU E 278 -8.37 -32.26 -19.64
C LEU E 278 -9.56 -32.95 -20.27
N LEU E 279 -9.73 -34.24 -19.99
CA LEU E 279 -10.73 -34.96 -20.77
C LEU E 279 -12.13 -34.56 -20.40
N GLN E 280 -12.33 -34.01 -19.19
CA GLN E 280 -13.65 -33.54 -18.80
C GLN E 280 -13.90 -32.08 -19.22
N ARG E 281 -13.04 -31.50 -20.05
CA ARG E 281 -13.26 -30.15 -20.55
C ARG E 281 -14.47 -30.14 -21.50
N PRO E 282 -15.27 -29.07 -21.50
CA PRO E 282 -16.44 -29.06 -22.40
C PRO E 282 -16.06 -29.18 -23.86
N ASP E 283 -15.01 -28.48 -24.28
CA ASP E 283 -14.67 -28.49 -25.70
C ASP E 283 -14.21 -29.89 -26.13
N ILE E 284 -13.55 -30.62 -25.26
CA ILE E 284 -13.07 -31.96 -25.58
C ILE E 284 -14.22 -32.94 -25.53
N MET E 285 -15.09 -32.79 -24.54
CA MET E 285 -16.30 -33.61 -24.47
C MET E 285 -17.20 -33.37 -25.68
N GLU E 286 -17.29 -32.13 -26.15
CA GLU E 286 -18.05 -31.87 -27.35
C GLU E 286 -17.43 -32.59 -28.54
N ALA E 287 -16.10 -32.69 -28.54
CA ALA E 287 -15.41 -33.39 -29.61
C ALA E 287 -15.67 -34.90 -29.51
N GLU E 288 -15.74 -35.41 -28.30
CA GLU E 288 -15.99 -36.83 -28.14
C GLU E 288 -17.40 -37.22 -28.55
N TYR E 289 -18.40 -36.40 -28.24
CA TYR E 289 -19.76 -36.70 -28.67
C TYR E 289 -19.90 -36.62 -30.19
N GLN E 290 -19.12 -35.75 -30.85
CA GLN E 290 -19.22 -35.65 -32.29
C GLN E 290 -18.53 -36.85 -32.96
N LEU E 291 -17.59 -37.44 -32.25
CA LEU E 291 -16.94 -38.65 -32.73
C LEU E 291 -17.88 -39.83 -32.64
N LYS E 292 -18.60 -39.91 -31.52
CA LYS E 292 -19.65 -40.92 -31.40
C LYS E 292 -20.67 -40.77 -32.54
N ALA E 293 -21.18 -39.56 -32.76
CA ALA E 293 -22.07 -39.30 -33.89
C ALA E 293 -21.51 -39.84 -35.21
N ALA E 294 -20.19 -39.76 -35.41
CA ALA E 294 -19.63 -40.19 -36.70
C ALA E 294 -19.59 -41.69 -36.82
N ASP E 295 -19.49 -42.38 -35.68
CA ASP E 295 -19.63 -43.83 -35.65
C ASP E 295 -21.04 -44.23 -36.07
N ALA E 296 -22.06 -43.62 -35.45
CA ALA E 296 -23.45 -43.88 -35.85
C ALA E 296 -23.64 -43.71 -37.36
N ASN E 297 -23.08 -42.64 -37.94
CA ASN E 297 -23.14 -42.48 -39.39
C ASN E 297 -22.46 -43.63 -40.11
N ILE E 298 -21.40 -44.19 -39.52
CA ILE E 298 -20.78 -45.38 -40.10
C ILE E 298 -21.76 -46.54 -40.10
N GLY E 299 -22.40 -46.81 -38.97
CA GLY E 299 -23.49 -47.78 -38.97
C GLY E 299 -24.43 -47.55 -40.14
N ALA E 300 -25.05 -46.37 -40.19
CA ALA E 300 -25.99 -46.04 -41.25
C ALA E 300 -25.42 -46.36 -42.63
N ALA E 301 -24.16 -45.98 -42.88
CA ALA E 301 -23.57 -46.22 -44.19
C ALA E 301 -23.42 -47.71 -44.47
N ARG E 302 -23.33 -48.52 -43.41
CA ARG E 302 -23.19 -49.95 -43.61
C ARG E 302 -24.54 -50.62 -43.81
N ALA E 303 -25.57 -50.18 -43.08
CA ALA E 303 -26.90 -50.70 -43.29
C ALA E 303 -27.37 -50.46 -44.72
N ALA E 304 -26.85 -49.43 -45.39
CA ALA E 304 -27.23 -49.15 -46.78
C ALA E 304 -26.95 -50.32 -47.70
N PHE E 305 -26.06 -51.22 -47.30
CA PHE E 305 -25.78 -52.35 -48.16
C PHE E 305 -26.87 -53.41 -48.06
N PHE E 306 -27.55 -53.51 -46.92
CA PHE E 306 -28.47 -54.60 -46.66
C PHE E 306 -29.88 -54.25 -47.15
N PRO E 307 -30.78 -55.23 -47.24
CA PRO E 307 -32.09 -54.93 -47.80
C PRO E 307 -32.94 -54.19 -46.78
N SER E 308 -34.01 -53.58 -47.27
CA SER E 308 -34.93 -52.81 -46.44
C SER E 308 -36.34 -53.36 -46.57
N ILE E 309 -37.09 -53.32 -45.46
CA ILE E 309 -38.37 -54.01 -45.36
C ILE E 309 -39.44 -53.01 -44.94
N THR E 310 -40.44 -52.82 -45.81
CA THR E 310 -41.45 -51.77 -45.64
C THR E 310 -42.86 -52.31 -45.76
N LEU E 311 -43.65 -52.16 -44.70
CA LEU E 311 -45.08 -52.42 -44.71
C LEU E 311 -45.82 -51.22 -45.28
N THR E 312 -46.98 -51.48 -45.89
CA THR E 312 -47.79 -50.39 -46.44
C THR E 312 -49.22 -50.90 -46.60
N SER E 313 -50.03 -50.70 -45.55
CA SER E 313 -51.42 -51.12 -45.53
C SER E 313 -52.35 -49.94 -45.81
N GLY E 314 -53.52 -50.25 -46.39
CA GLY E 314 -54.34 -49.24 -47.03
C GLY E 314 -55.79 -49.64 -47.14
N LEU E 315 -56.64 -48.65 -46.90
CA LEU E 315 -58.10 -48.79 -46.84
C LEU E 315 -58.70 -47.70 -47.71
N SER E 316 -59.17 -48.05 -48.91
CA SER E 316 -59.66 -47.06 -49.85
C SER E 316 -61.13 -47.31 -50.19
N SER E 317 -61.68 -46.40 -50.98
CA SER E 317 -63.11 -46.39 -51.31
C SER E 317 -63.27 -45.55 -52.56
N SER E 318 -63.55 -46.19 -53.69
CA SER E 318 -63.83 -45.41 -54.89
C SER E 318 -65.30 -45.54 -55.28
N SER E 319 -65.78 -44.57 -56.04
CA SER E 319 -67.17 -44.55 -56.51
C SER E 319 -67.22 -43.85 -57.87
N THR E 320 -68.38 -43.99 -58.54
CA THR E 320 -68.62 -43.35 -59.82
C THR E 320 -69.59 -42.17 -59.77
N GLU E 321 -70.39 -42.07 -58.71
CA GLU E 321 -71.13 -40.84 -58.44
C GLU E 321 -70.91 -40.51 -56.98
N LEU E 322 -70.82 -39.22 -56.64
CA LEU E 322 -70.44 -38.85 -55.27
C LEU E 322 -71.44 -39.28 -54.23
N SER E 323 -72.70 -39.53 -54.63
CA SER E 323 -73.74 -39.88 -53.66
C SER E 323 -73.37 -41.11 -52.85
N SER E 324 -72.69 -42.06 -53.46
CA SER E 324 -72.43 -43.35 -52.85
C SER E 324 -70.94 -43.58 -52.61
N LEU E 325 -70.21 -42.52 -52.28
CA LEU E 325 -68.77 -42.65 -52.07
C LEU E 325 -68.44 -43.49 -50.85
N PHE E 326 -69.18 -43.32 -49.75
CA PHE E 326 -68.94 -44.08 -48.54
C PHE E 326 -70.13 -45.02 -48.30
N THR E 327 -70.25 -46.01 -49.20
CA THR E 327 -71.28 -47.04 -49.12
C THR E 327 -70.63 -48.43 -49.07
N SER E 328 -71.39 -49.49 -49.35
CA SER E 328 -70.85 -50.80 -48.98
C SER E 328 -69.92 -51.39 -50.03
N GLY E 329 -70.38 -51.50 -51.30
CA GLY E 329 -69.67 -52.09 -52.42
C GLY E 329 -68.44 -51.34 -52.92
N SER E 330 -68.01 -50.30 -52.22
CA SER E 330 -66.88 -49.48 -52.66
C SER E 330 -65.60 -49.72 -51.86
N GLY E 331 -65.71 -50.13 -50.59
CA GLY E 331 -64.54 -50.21 -49.75
C GLY E 331 -63.62 -51.35 -50.15
N MET E 332 -62.32 -51.10 -50.02
CA MET E 332 -61.34 -52.07 -50.47
C MET E 332 -60.12 -51.90 -49.58
N TRP E 333 -59.55 -53.01 -49.14
CA TRP E 333 -58.41 -52.97 -48.24
C TRP E 333 -57.19 -53.50 -48.97
N ASN E 334 -56.04 -53.38 -48.31
CA ASN E 334 -54.75 -53.56 -48.96
C ASN E 334 -53.67 -53.74 -47.89
N PHE E 335 -52.61 -54.49 -48.23
CA PHE E 335 -51.54 -54.78 -47.27
C PHE E 335 -50.34 -55.32 -48.03
N ILE E 336 -49.26 -54.57 -48.12
CA ILE E 336 -48.18 -54.98 -49.01
C ILE E 336 -46.83 -55.05 -48.28
N PRO E 337 -46.39 -56.21 -47.84
CA PRO E 337 -44.99 -56.33 -47.40
C PRO E 337 -44.03 -56.36 -48.58
N LYS E 338 -42.92 -55.65 -48.42
CA LYS E 338 -41.96 -55.44 -49.50
C LYS E 338 -40.55 -55.56 -48.93
N ILE E 339 -39.64 -56.16 -49.70
CA ILE E 339 -38.23 -56.19 -49.35
C ILE E 339 -37.39 -55.81 -50.57
N GLU E 340 -36.71 -54.66 -50.49
CA GLU E 340 -35.89 -54.14 -51.57
C GLU E 340 -34.41 -54.37 -51.28
N ILE E 341 -33.66 -54.70 -52.32
CA ILE E 341 -32.25 -55.07 -52.18
C ILE E 341 -31.44 -54.29 -53.21
N PRO E 342 -30.28 -53.76 -52.82
CA PRO E 342 -29.38 -53.15 -53.80
C PRO E 342 -28.46 -54.21 -54.35
N ILE E 343 -28.19 -54.15 -55.66
CA ILE E 343 -27.31 -55.10 -56.33
C ILE E 343 -26.10 -54.41 -56.93
N PHE E 344 -26.31 -53.34 -57.69
CA PHE E 344 -25.16 -52.67 -58.27
C PHE E 344 -25.44 -51.18 -58.35
N ASN E 345 -24.59 -50.40 -57.67
CA ASN E 345 -24.76 -48.96 -57.57
C ASN E 345 -23.59 -48.22 -58.21
N ALA E 346 -22.81 -48.91 -59.05
CA ALA E 346 -21.55 -48.38 -59.55
C ALA E 346 -20.66 -47.93 -58.39
N GLY E 347 -20.75 -48.64 -57.27
CA GLY E 347 -19.99 -48.30 -56.09
C GLY E 347 -20.44 -47.11 -55.26
N ARG E 348 -21.72 -46.73 -55.31
CA ARG E 348 -22.15 -45.58 -54.51
C ARG E 348 -22.16 -45.90 -53.03
N ASN E 349 -22.57 -47.12 -52.65
CA ASN E 349 -22.67 -47.44 -51.24
C ASN E 349 -21.30 -47.57 -50.61
N LYS E 350 -20.38 -48.23 -51.32
CA LYS E 350 -19.00 -48.29 -50.87
C LYS E 350 -18.45 -46.88 -50.66
N ALA E 351 -18.62 -45.99 -51.64
CA ALA E 351 -18.09 -44.64 -51.52
C ALA E 351 -18.72 -43.91 -50.33
N ASN E 352 -20.03 -44.04 -50.15
CA ASN E 352 -20.62 -43.40 -48.99
C ASN E 352 -20.10 -44.01 -47.72
N LEU E 353 -19.77 -45.29 -47.74
CA LEU E 353 -19.11 -45.84 -46.56
C LEU E 353 -17.74 -45.20 -46.38
N LYS E 354 -16.96 -45.00 -47.45
CA LYS E 354 -15.67 -44.34 -47.27
C LYS E 354 -15.86 -42.92 -46.73
N LEU E 355 -16.86 -42.19 -47.22
CA LEU E 355 -17.14 -40.86 -46.69
C LEU E 355 -17.39 -40.91 -45.18
N ALA E 356 -18.17 -41.89 -44.72
CA ALA E 356 -18.42 -42.03 -43.29
C ALA E 356 -17.12 -42.25 -42.53
N GLU E 357 -16.33 -43.23 -42.97
CA GLU E 357 -15.17 -43.65 -42.20
C GLU E 357 -14.10 -42.58 -42.25
N ILE E 358 -14.04 -41.85 -43.35
CA ILE E 358 -13.11 -40.74 -43.45
C ILE E 358 -13.54 -39.63 -42.52
N ARG E 359 -14.82 -39.27 -42.57
CA ARG E 359 -15.26 -38.21 -41.70
C ARG E 359 -15.03 -38.58 -40.24
N GLN E 360 -15.24 -39.85 -39.92
CA GLN E 360 -15.01 -40.32 -38.57
C GLN E 360 -13.54 -40.17 -38.16
N GLN E 361 -12.60 -40.39 -39.07
CA GLN E 361 -11.22 -40.13 -38.72
C GLN E 361 -10.93 -38.64 -38.67
N GLN E 362 -11.70 -37.84 -39.39
CA GLN E 362 -11.61 -36.41 -39.18
C GLN E 362 -12.02 -36.07 -37.76
N SER E 363 -13.04 -36.77 -37.24
CA SER E 363 -13.55 -36.52 -35.91
C SER E 363 -12.55 -36.91 -34.86
N VAL E 364 -11.82 -37.98 -35.15
CA VAL E 364 -10.72 -38.39 -34.30
C VAL E 364 -9.67 -37.30 -34.25
N VAL E 365 -9.29 -36.78 -35.41
CA VAL E 365 -8.25 -35.76 -35.46
C VAL E 365 -8.69 -34.55 -34.66
N ASN E 366 -9.92 -34.11 -34.87
CA ASN E 366 -10.45 -32.97 -34.15
C ASN E 366 -10.34 -33.19 -32.65
N TYR E 367 -10.79 -34.34 -32.18
CA TYR E 367 -10.61 -34.72 -30.79
C TYR E 367 -9.15 -34.52 -30.35
N GLU E 368 -8.21 -35.11 -31.09
CA GLU E 368 -6.79 -34.96 -30.76
C GLU E 368 -6.41 -33.49 -30.67
N GLN E 369 -6.89 -32.67 -31.61
CA GLN E 369 -6.51 -31.26 -31.63
C GLN E 369 -6.97 -30.55 -30.37
N LYS E 370 -8.25 -30.72 -30.01
CA LYS E 370 -8.80 -30.12 -28.79
C LYS E 370 -7.98 -30.49 -27.55
N ILE E 371 -7.56 -31.74 -27.46
CA ILE E 371 -6.76 -32.16 -26.33
C ILE E 371 -5.40 -31.45 -26.35
N GLN E 372 -4.70 -31.54 -27.47
CA GLN E 372 -3.35 -30.98 -27.54
C GLN E 372 -3.32 -29.48 -27.29
N SER E 373 -4.32 -28.72 -27.75
CA SER E 373 -4.35 -27.31 -27.40
C SER E 373 -4.63 -27.13 -25.91
N ALA E 374 -5.63 -27.84 -25.41
CA ALA E 374 -5.94 -27.73 -24.00
C ALA E 374 -4.71 -28.00 -23.15
N PHE E 375 -3.90 -28.96 -23.56
CA PHE E 375 -2.69 -29.25 -22.81
C PHE E 375 -1.73 -28.07 -22.86
N LYS E 376 -1.57 -27.47 -24.04
CA LYS E 376 -0.69 -26.31 -24.14
C LYS E 376 -1.15 -25.17 -23.23
N ASP E 377 -2.40 -24.75 -23.37
CA ASP E 377 -2.97 -23.69 -22.52
C ASP E 377 -2.66 -23.89 -21.06
N VAL E 378 -2.93 -25.09 -20.56
CA VAL E 378 -2.72 -25.34 -19.15
C VAL E 378 -1.23 -25.19 -18.81
N SER E 379 -0.37 -25.88 -19.58
CA SER E 379 1.06 -25.74 -19.37
C SER E 379 1.54 -24.29 -19.44
N ASP E 380 0.87 -23.45 -20.22
CA ASP E 380 1.29 -22.05 -20.26
C ASP E 380 0.94 -21.34 -18.97
N THR E 381 -0.30 -21.47 -18.52
CA THR E 381 -0.69 -20.81 -17.27
C THR E 381 0.09 -21.34 -16.08
N LEU E 382 0.56 -22.59 -16.13
CA LEU E 382 1.39 -23.11 -15.05
C LEU E 382 2.75 -22.41 -15.02
N ALA E 383 3.42 -22.37 -16.18
CA ALA E 383 4.62 -21.58 -16.35
C ALA E 383 4.41 -20.12 -15.96
N LEU E 384 3.35 -19.49 -16.49
CA LEU E 384 3.07 -18.09 -16.20
C LEU E 384 2.91 -17.81 -14.71
N ARG E 385 2.38 -18.78 -13.97
CA ARG E 385 2.12 -18.60 -12.54
C ARG E 385 3.41 -18.27 -11.81
N ASP E 386 4.52 -18.91 -12.20
CA ASP E 386 5.83 -18.65 -11.60
C ASP E 386 6.50 -17.44 -12.22
N SER E 387 6.53 -17.36 -13.55
CA SER E 387 7.13 -16.18 -14.20
C SER E 387 6.54 -14.91 -13.62
N LEU E 388 5.22 -14.89 -13.42
CA LEU E 388 4.58 -13.66 -13.00
C LEU E 388 4.84 -13.36 -11.53
N SER E 389 4.76 -14.37 -10.67
CA SER E 389 4.98 -14.11 -9.25
C SER E 389 6.38 -13.53 -9.02
N GLN E 390 7.41 -14.13 -9.63
CA GLN E 390 8.76 -13.61 -9.42
C GLN E 390 8.93 -12.20 -9.99
N GLN E 391 8.43 -11.95 -11.20
CA GLN E 391 8.38 -10.60 -11.73
C GLN E 391 7.80 -9.60 -10.74
N LEU E 392 6.68 -9.96 -10.13
CA LEU E 392 6.01 -9.05 -9.20
C LEU E 392 6.84 -8.79 -7.95
N GLU E 393 7.56 -9.80 -7.47
CA GLU E 393 8.36 -9.60 -6.26
C GLU E 393 9.56 -8.71 -6.57
N SER E 394 10.34 -9.07 -7.58
CA SER E 394 11.49 -8.25 -7.97
C SER E 394 11.09 -6.84 -8.33
N GLN E 395 9.84 -6.62 -8.73
CA GLN E 395 9.42 -5.27 -9.06
C GLN E 395 9.04 -4.48 -7.82
N GLN E 396 8.57 -5.16 -6.78
CA GLN E 396 8.34 -4.48 -5.53
C GLN E 396 9.67 -4.12 -4.89
N ARG E 397 10.69 -4.98 -5.07
CA ARG E 397 12.04 -4.63 -4.58
C ARG E 397 12.62 -3.44 -5.35
N TYR E 398 12.47 -3.43 -6.65
CA TYR E 398 12.88 -2.28 -7.45
C TYR E 398 12.14 -1.03 -7.00
N LEU E 399 10.86 -1.18 -6.71
CA LEU E 399 10.09 -0.09 -6.16
C LEU E 399 10.77 0.47 -4.92
N ASP E 400 11.00 -0.39 -3.92
CA ASP E 400 11.60 0.02 -2.64
C ASP E 400 12.92 0.75 -2.83
N SER E 401 13.78 0.19 -3.66
CA SER E 401 14.97 0.90 -4.09
C SER E 401 14.64 2.24 -4.75
N LEU E 402 13.60 2.30 -5.58
CA LEU E 402 13.37 3.57 -6.24
C LEU E 402 12.95 4.66 -5.26
N GLN E 403 12.20 4.32 -4.20
CA GLN E 403 11.74 5.32 -3.22
C GLN E 403 12.89 5.93 -2.45
N ILE E 404 13.89 5.11 -2.12
CA ILE E 404 15.11 5.59 -1.44
C ILE E 404 15.91 6.47 -2.39
N THR E 405 16.01 6.04 -3.64
CA THR E 405 16.67 6.83 -4.67
C THR E 405 16.04 8.22 -4.76
N LEU E 406 14.72 8.28 -4.81
CA LEU E 406 14.05 9.55 -4.99
C LEU E 406 14.27 10.43 -3.78
N GLN E 407 14.07 9.89 -2.58
CA GLN E 407 14.35 10.68 -1.38
C GLN E 407 15.78 11.22 -1.36
N ARG E 408 16.76 10.40 -1.69
CA ARG E 408 18.13 10.91 -1.59
C ARG E 408 18.40 11.97 -2.64
N ALA E 409 17.85 11.81 -3.84
CA ALA E 409 17.99 12.83 -4.87
C ALA E 409 17.32 14.14 -4.47
N ARG E 410 16.12 14.09 -3.86
CA ARG E 410 15.51 15.31 -3.34
C ARG E 410 16.43 15.99 -2.36
N GLY E 411 17.01 15.21 -1.43
CA GLY E 411 17.89 15.77 -0.42
C GLY E 411 19.14 16.43 -0.97
N LEU E 412 19.81 15.76 -1.89
CA LEU E 412 21.08 16.25 -2.42
C LEU E 412 20.85 17.37 -3.45
N TYR E 413 19.69 17.38 -4.11
CA TYR E 413 19.31 18.48 -4.97
C TYR E 413 19.14 19.76 -4.15
N ALA E 414 18.38 19.67 -3.04
CA ALA E 414 18.08 20.79 -2.16
C ALA E 414 19.33 21.32 -1.46
N SER E 415 20.44 20.61 -1.54
CA SER E 415 21.71 21.07 -1.02
C SER E 415 22.72 21.37 -2.13
N GLY E 416 22.27 21.45 -3.37
CA GLY E 416 23.16 21.80 -4.47
C GLY E 416 24.19 20.74 -4.85
N ALA E 417 24.05 19.51 -4.35
CA ALA E 417 24.99 18.43 -4.61
C ALA E 417 24.80 17.72 -5.94
N VAL E 418 23.56 17.67 -6.45
CA VAL E 418 23.24 17.06 -7.75
C VAL E 418 22.22 17.96 -8.44
N SER E 419 22.03 17.71 -9.73
CA SER E 419 21.09 18.59 -10.40
C SER E 419 19.72 17.93 -10.38
N TYR E 420 18.70 18.71 -10.73
CA TYR E 420 17.35 18.20 -10.55
C TYR E 420 17.05 17.00 -11.45
N ILE E 421 17.88 16.73 -12.46
CA ILE E 421 17.63 15.60 -13.36
C ILE E 421 17.61 14.28 -12.59
N GLU E 422 18.34 14.20 -11.47
CA GLU E 422 18.32 12.99 -10.66
C GLU E 422 16.95 12.79 -9.99
N VAL E 423 16.36 13.87 -9.50
CA VAL E 423 14.99 13.81 -8.97
C VAL E 423 14.01 13.48 -10.08
N LEU E 424 14.18 14.11 -11.24
CA LEU E 424 13.35 13.83 -12.41
C LEU E 424 13.39 12.36 -12.79
N ASP E 425 14.59 11.79 -12.84
CA ASP E 425 14.73 10.40 -13.28
C ASP E 425 14.04 9.49 -12.28
N ALA E 426 14.31 9.72 -10.98
CA ALA E 426 13.76 8.86 -9.94
C ALA E 426 12.23 8.90 -9.94
N GLU E 427 11.66 10.10 -10.12
CA GLU E 427 10.21 10.21 -10.18
C GLU E 427 9.68 9.49 -11.40
N ARG E 428 10.36 9.65 -12.53
CA ARG E 428 9.96 8.93 -13.74
C ARG E 428 9.96 7.42 -13.48
N SER E 429 11.10 6.87 -13.02
CA SER E 429 11.21 5.45 -12.76
C SER E 429 10.12 4.98 -11.79
N LEU E 430 9.87 5.77 -10.75
CA LEU E 430 8.92 5.40 -9.70
C LEU E 430 7.51 5.29 -10.24
N PHE E 431 7.13 6.22 -11.12
CA PHE E 431 5.81 6.18 -11.73
C PHE E 431 5.67 4.95 -12.63
N ALA E 432 6.60 4.78 -13.57
CA ALA E 432 6.61 3.63 -14.44
C ALA E 432 6.45 2.35 -13.64
N THR E 433 7.23 2.24 -12.59
CA THR E 433 7.20 1.00 -11.85
C THR E 433 5.86 0.82 -11.13
N GLN E 434 5.35 1.85 -10.43
CA GLN E 434 4.03 1.71 -9.83
C GLN E 434 3.00 1.16 -10.82
N GLN E 435 2.93 1.75 -12.02
CA GLN E 435 2.03 1.28 -13.07
C GLN E 435 2.32 -0.17 -13.45
N THR E 436 3.60 -0.54 -13.55
CA THR E 436 3.91 -1.91 -13.90
C THR E 436 3.45 -2.87 -12.81
N ILE E 437 3.58 -2.44 -11.55
CA ILE E 437 3.13 -3.30 -10.47
C ILE E 437 1.62 -3.53 -10.53
N LEU E 438 0.84 -2.48 -10.79
CA LEU E 438 -0.61 -2.68 -10.97
C LEU E 438 -0.92 -3.66 -12.11
N ASP E 439 -0.32 -3.44 -13.28
CA ASP E 439 -0.51 -4.31 -14.42
C ASP E 439 -0.09 -5.74 -14.12
N LEU E 440 0.93 -5.91 -13.28
CA LEU E 440 1.42 -7.24 -12.95
C LEU E 440 0.43 -8.00 -12.08
N THR E 441 -0.06 -7.38 -11.02
CA THR E 441 -1.01 -8.12 -10.19
C THR E 441 -2.24 -8.48 -11.00
N TYR E 442 -2.61 -7.60 -11.95
CA TYR E 442 -3.73 -7.88 -12.84
C TYR E 442 -3.47 -9.14 -13.65
N SER E 443 -2.37 -9.16 -14.41
CA SER E 443 -2.03 -10.37 -15.13
C SER E 443 -2.07 -11.56 -14.19
N ARG E 444 -1.58 -11.37 -12.96
CA ARG E 444 -1.42 -12.45 -12.01
C ARG E 444 -2.76 -13.14 -11.71
N GLN E 445 -3.77 -12.37 -11.39
CA GLN E 445 -5.06 -12.95 -11.04
C GLN E 445 -5.85 -13.33 -12.29
N VAL E 446 -5.62 -12.61 -13.39
CA VAL E 446 -6.16 -13.04 -14.67
C VAL E 446 -5.59 -14.40 -15.05
N ASN E 447 -4.27 -14.56 -14.98
CA ASN E 447 -3.65 -15.86 -15.22
C ASN E 447 -4.23 -16.94 -14.31
N GLU E 448 -4.66 -16.56 -13.11
CA GLU E 448 -5.22 -17.54 -12.21
C GLU E 448 -6.64 -17.92 -12.60
N ILE E 449 -7.44 -16.97 -13.04
CA ILE E 449 -8.70 -17.28 -13.68
C ILE E 449 -8.50 -18.21 -14.88
N ASN E 450 -7.48 -17.97 -15.70
CA ASN E 450 -7.30 -18.83 -16.87
C ASN E 450 -6.96 -20.27 -16.54
N LEU E 451 -6.36 -20.53 -15.38
CA LEU E 451 -6.05 -21.91 -15.06
C LEU E 451 -7.30 -22.62 -14.54
N PHE E 452 -8.07 -21.91 -13.72
CA PHE E 452 -9.39 -22.36 -13.30
C PHE E 452 -10.25 -22.77 -14.49
N THR E 453 -10.33 -21.90 -15.50
CA THR E 453 -11.17 -22.13 -16.67
C THR E 453 -10.63 -23.25 -17.56
N ALA E 454 -9.31 -23.30 -17.76
CA ALA E 454 -8.75 -24.34 -18.62
C ALA E 454 -8.91 -25.73 -18.02
N LEU E 455 -9.15 -25.80 -16.71
CA LEU E 455 -9.28 -27.07 -16.02
C LEU E 455 -10.72 -27.52 -15.86
N GLY E 456 -11.69 -26.75 -16.34
CA GLY E 456 -13.08 -27.12 -16.13
C GLY E 456 -13.94 -25.98 -15.64
N GLY E 457 -13.31 -24.98 -15.03
CA GLY E 457 -13.85 -23.64 -14.89
C GLY E 457 -15.06 -23.52 -13.99
N GLY E 458 -15.86 -22.51 -14.29
CA GLY E 458 -17.03 -22.24 -13.49
C GLY E 458 -18.26 -22.91 -14.05
N TRP E 459 -18.30 -24.24 -14.10
CA TRP E 459 -19.59 -24.89 -14.28
C TRP E 459 -20.27 -25.02 -12.91
N VAL E 460 -19.67 -25.79 -12.01
CA VAL E 460 -20.24 -25.96 -10.67
C VAL E 460 -20.01 -24.68 -9.88
N GLU E 461 -21.01 -24.30 -9.08
CA GLU E 461 -20.79 -23.27 -8.08
C GLU E 461 -20.80 -23.78 -6.65
N LYS E 462 -21.26 -25.01 -6.40
CA LYS E 462 -21.29 -25.61 -5.04
C LYS E 462 -19.91 -25.78 -4.39
N CYS F 18 -57.48 -17.72 -49.55
CA CYS F 18 -56.12 -18.10 -49.20
C CYS F 18 -55.89 -17.60 -47.78
N VAL F 19 -55.04 -18.31 -47.03
CA VAL F 19 -54.73 -17.97 -45.64
C VAL F 19 -53.22 -17.96 -45.43
N SER F 20 -52.74 -17.02 -44.62
CA SER F 20 -51.36 -17.05 -44.16
C SER F 20 -51.36 -17.37 -42.68
N LEU F 21 -50.58 -18.36 -42.30
CA LEU F 21 -50.46 -18.77 -40.93
C LEU F 21 -49.29 -18.12 -40.22
N ALA F 22 -48.53 -17.29 -40.95
CA ALA F 22 -47.35 -16.69 -40.35
C ALA F 22 -47.79 -15.71 -39.27
N PRO F 23 -46.97 -15.51 -38.24
CA PRO F 23 -47.31 -14.50 -37.24
C PRO F 23 -47.05 -13.10 -37.76
N GLU F 24 -47.78 -12.14 -37.23
CA GLU F 24 -47.47 -10.79 -37.64
C GLU F 24 -46.23 -10.34 -36.88
N TYR F 25 -45.45 -9.48 -37.55
CA TYR F 25 -44.15 -9.08 -37.06
C TYR F 25 -44.24 -8.06 -35.94
N GLN F 26 -43.61 -8.35 -34.82
CA GLN F 26 -43.40 -7.37 -33.75
C GLN F 26 -41.92 -7.11 -33.59
N ARG F 27 -41.53 -5.85 -33.63
CA ARG F 27 -40.12 -5.53 -33.49
C ARG F 27 -39.69 -5.70 -32.04
N PRO F 28 -38.67 -6.51 -31.76
CA PRO F 28 -38.26 -6.71 -30.39
C PRO F 28 -37.78 -5.41 -29.80
N PRO F 29 -38.17 -5.14 -28.56
CA PRO F 29 -37.67 -3.96 -27.88
C PRO F 29 -36.16 -4.06 -27.76
N ALA F 30 -35.50 -2.91 -27.96
CA ALA F 30 -34.04 -2.82 -27.95
C ALA F 30 -33.53 -2.85 -26.52
N PRO F 31 -32.62 -3.76 -26.17
CA PRO F 31 -32.24 -3.94 -24.77
C PRO F 31 -31.00 -3.13 -24.44
N VAL F 32 -31.12 -1.81 -24.54
CA VAL F 32 -30.03 -0.89 -24.24
C VAL F 32 -30.65 0.37 -23.68
N PRO F 33 -29.87 1.25 -23.06
CA PRO F 33 -30.43 2.51 -22.54
C PRO F 33 -31.11 3.30 -23.65
N GLN F 34 -32.10 4.11 -23.27
CA GLN F 34 -32.79 4.91 -24.29
C GLN F 34 -31.90 5.98 -24.88
N GLN F 35 -30.83 6.36 -24.19
CA GLN F 35 -29.98 7.49 -24.54
C GLN F 35 -28.54 7.13 -24.24
N PHE F 36 -27.62 7.76 -24.98
CA PHE F 36 -26.21 7.68 -24.62
C PHE F 36 -25.90 8.67 -23.51
N SER F 37 -24.85 8.36 -22.75
CA SER F 37 -24.54 9.18 -21.59
C SER F 37 -24.03 10.55 -22.02
N LEU F 38 -23.02 10.58 -22.90
CA LEU F 38 -22.45 11.85 -23.39
C LEU F 38 -21.90 12.69 -22.26
N ALA F 46 -27.67 24.72 -31.55
CA ALA F 46 -26.45 24.14 -32.11
C ALA F 46 -26.80 22.96 -32.98
N VAL F 47 -27.42 21.96 -32.35
CA VAL F 47 -27.90 20.76 -33.04
C VAL F 47 -29.31 20.49 -32.58
N ASN F 48 -30.28 20.61 -33.50
CA ASN F 48 -31.66 20.26 -33.17
C ASN F 48 -31.93 18.77 -33.35
N SER F 49 -31.45 18.16 -34.43
CA SER F 49 -31.58 16.71 -34.61
C SER F 49 -30.37 16.23 -35.41
N TYR F 50 -29.94 15.01 -35.14
CA TYR F 50 -28.86 14.45 -35.95
C TYR F 50 -29.40 14.02 -37.30
N GLN F 51 -28.75 14.49 -38.37
CA GLN F 51 -29.03 14.00 -39.72
C GLN F 51 -27.70 13.65 -40.41
N ASP F 52 -27.76 12.75 -41.41
CA ASP F 52 -26.60 12.32 -42.21
C ASP F 52 -26.46 13.25 -43.40
N THR F 53 -25.70 14.33 -43.22
CA THR F 53 -25.17 15.04 -44.39
C THR F 53 -24.09 14.18 -45.00
N GLY F 54 -24.12 14.04 -46.34
CA GLY F 54 -23.30 13.09 -47.07
C GLY F 54 -21.88 12.84 -46.60
N TRP F 55 -21.29 11.70 -46.96
CA TRP F 55 -19.89 11.56 -46.57
C TRP F 55 -18.98 12.52 -47.30
N ARG F 56 -19.51 13.25 -48.30
CA ARG F 56 -18.77 14.37 -48.87
C ARG F 56 -18.58 15.50 -47.87
N ASN F 57 -19.62 15.80 -47.08
CA ASN F 57 -19.44 16.80 -46.03
C ASN F 57 -18.44 16.35 -44.97
N PHE F 58 -18.55 15.10 -44.53
CA PHE F 58 -17.75 14.58 -43.41
C PHE F 58 -16.28 14.63 -43.74
N PHE F 59 -15.91 14.13 -44.90
CA PHE F 59 -14.51 14.13 -45.33
C PHE F 59 -14.21 15.44 -46.01
N VAL F 60 -13.48 16.29 -45.30
CA VAL F 60 -13.09 17.60 -45.82
C VAL F 60 -11.93 17.47 -46.81
N ASP F 61 -10.94 16.62 -46.51
CA ASP F 61 -9.84 16.37 -47.44
C ASP F 61 -10.38 15.89 -48.78
N PRO F 62 -10.00 16.53 -49.89
CA PRO F 62 -10.48 16.04 -51.20
C PRO F 62 -9.80 14.77 -51.66
N GLN F 63 -8.67 14.41 -51.06
CA GLN F 63 -7.99 13.18 -51.46
C GLN F 63 -8.75 11.95 -51.02
N VAL F 64 -9.32 11.98 -49.81
CA VAL F 64 -10.12 10.83 -49.37
C VAL F 64 -11.38 10.72 -50.22
N SER F 65 -11.94 11.85 -50.65
CA SER F 65 -13.12 11.80 -51.52
C SER F 65 -12.80 11.11 -52.82
N ARG F 66 -11.64 11.41 -53.38
CA ARG F 66 -11.24 10.81 -54.65
C ARG F 66 -10.92 9.35 -54.48
N LEU F 67 -10.28 8.97 -53.38
CA LEU F 67 -9.92 7.57 -53.18
C LEU F 67 -11.14 6.71 -52.85
N ILE F 68 -12.16 7.29 -52.24
CA ILE F 68 -13.38 6.53 -52.03
C ILE F 68 -14.05 6.27 -53.36
N GLY F 69 -14.16 7.31 -54.19
CA GLY F 69 -14.73 7.11 -55.51
C GLY F 69 -14.06 5.96 -56.24
N GLU F 70 -12.73 6.00 -56.30
CA GLU F 70 -11.99 4.96 -57.01
C GLU F 70 -12.25 3.59 -56.40
N ALA F 71 -12.29 3.50 -55.06
CA ALA F 71 -12.43 2.18 -54.44
C ALA F 71 -13.85 1.63 -54.60
N LEU F 72 -14.85 2.51 -54.65
CA LEU F 72 -16.22 2.10 -54.93
C LEU F 72 -16.37 1.46 -56.29
N ASN F 73 -15.43 1.65 -57.21
CA ASN F 73 -15.56 1.04 -58.52
C ASN F 73 -14.58 -0.10 -58.70
N ASN F 74 -13.73 -0.35 -57.72
CA ASN F 74 -12.67 -1.33 -57.90
C ASN F 74 -12.46 -2.29 -56.74
N ASN F 75 -12.93 -2.00 -55.53
CA ASN F 75 -12.71 -2.92 -54.43
C ASN F 75 -13.42 -4.25 -54.65
N ARG F 76 -12.70 -5.36 -54.49
CA ARG F 76 -13.27 -6.67 -54.81
C ARG F 76 -14.30 -7.09 -53.76
N ASP F 77 -14.16 -6.60 -52.54
CA ASP F 77 -15.05 -7.03 -51.47
C ASP F 77 -16.43 -6.43 -51.67
N LEU F 78 -16.48 -5.18 -52.10
CA LEU F 78 -17.78 -4.66 -52.43
C LEU F 78 -18.38 -5.42 -53.61
N ARG F 79 -17.57 -5.75 -54.64
CA ARG F 79 -18.09 -6.55 -55.75
C ARG F 79 -18.66 -7.86 -55.26
N MET F 80 -17.93 -8.57 -54.41
CA MET F 80 -18.49 -9.81 -53.87
C MET F 80 -19.85 -9.56 -53.24
N ALA F 81 -19.99 -8.48 -52.47
CA ALA F 81 -21.22 -8.24 -51.74
C ALA F 81 -22.39 -7.96 -52.67
N ALA F 82 -22.11 -7.23 -53.75
CA ALA F 82 -23.07 -7.06 -54.83
C ALA F 82 -23.52 -8.41 -55.39
N LEU F 83 -22.56 -9.23 -55.84
CA LEU F 83 -22.87 -10.56 -56.35
C LEU F 83 -23.75 -11.33 -55.38
N LYS F 84 -23.46 -11.23 -54.10
CA LYS F 84 -24.27 -11.92 -53.11
C LYS F 84 -25.72 -11.44 -53.12
N VAL F 85 -25.95 -10.17 -53.52
CA VAL F 85 -27.31 -9.66 -53.60
C VAL F 85 -28.02 -10.22 -54.81
N GLU F 86 -27.27 -10.43 -55.90
CA GLU F 86 -27.86 -11.08 -57.05
C GLU F 86 -28.04 -12.57 -56.84
N GLU F 87 -27.12 -13.22 -56.13
CA GLU F 87 -27.40 -14.57 -55.70
C GLU F 87 -28.75 -14.69 -54.99
N ALA F 88 -29.03 -13.80 -54.03
CA ALA F 88 -30.25 -13.94 -53.24
C ALA F 88 -31.50 -13.63 -54.04
N ARG F 89 -31.39 -12.76 -55.03
CA ARG F 89 -32.55 -12.48 -55.88
C ARG F 89 -32.86 -13.65 -56.80
N ALA F 90 -31.83 -14.22 -57.44
CA ALA F 90 -32.03 -15.45 -58.20
C ALA F 90 -32.60 -16.56 -57.30
N GLN F 91 -32.03 -16.76 -56.11
CA GLN F 91 -32.59 -17.76 -55.22
C GLN F 91 -34.07 -17.51 -54.98
N PHE F 92 -34.50 -16.25 -54.93
CA PHE F 92 -35.91 -15.98 -54.71
C PHE F 92 -36.74 -16.46 -55.89
N ASN F 93 -36.17 -16.43 -57.09
CA ASN F 93 -36.91 -16.79 -58.31
C ASN F 93 -37.03 -18.30 -58.48
N VAL F 94 -36.02 -19.04 -58.02
CA VAL F 94 -36.10 -20.48 -57.89
C VAL F 94 -37.21 -20.87 -56.92
N THR F 95 -37.25 -20.24 -55.75
CA THR F 95 -38.25 -20.62 -54.77
C THR F 95 -39.65 -20.19 -55.15
N ASP F 96 -39.80 -19.04 -55.80
CA ASP F 96 -41.14 -18.63 -56.24
C ASP F 96 -41.65 -19.45 -57.42
N ALA F 97 -40.79 -20.17 -58.16
CA ALA F 97 -41.29 -20.97 -59.28
C ALA F 97 -42.35 -21.96 -58.84
N ASP F 98 -42.21 -22.51 -57.63
CA ASP F 98 -43.06 -23.58 -57.14
C ASP F 98 -44.51 -23.17 -57.01
N ARG F 99 -44.82 -21.89 -57.08
CA ARG F 99 -46.19 -21.46 -56.84
C ARG F 99 -47.02 -21.45 -58.12
N TYR F 100 -46.42 -21.70 -59.25
CA TYR F 100 -47.04 -21.49 -60.53
C TYR F 100 -47.31 -22.83 -61.23
N PRO F 101 -48.25 -22.88 -62.20
CA PRO F 101 -48.44 -24.12 -62.97
C PRO F 101 -47.21 -24.50 -63.78
N GLN F 102 -47.09 -25.81 -63.97
CA GLN F 102 -45.89 -26.47 -64.49
C GLN F 102 -46.27 -27.35 -65.67
N LEU F 103 -45.53 -27.25 -66.77
CA LEU F 103 -45.87 -27.99 -67.97
C LEU F 103 -44.69 -28.83 -68.43
N ASN F 104 -44.94 -30.12 -68.63
CA ASN F 104 -43.90 -31.06 -69.02
C ASN F 104 -44.44 -32.07 -70.02
N ALA F 105 -43.54 -32.52 -70.89
CA ALA F 105 -43.84 -33.50 -71.90
C ALA F 105 -42.93 -34.71 -71.70
N SER F 106 -43.42 -35.87 -72.16
CA SER F 106 -42.68 -37.12 -72.11
C SER F 106 -43.18 -38.06 -73.22
N SER F 107 -42.23 -38.65 -73.96
CA SER F 107 -42.44 -39.73 -74.91
C SER F 107 -41.75 -40.99 -74.41
N GLY F 108 -42.04 -42.11 -75.07
CA GLY F 108 -41.47 -43.37 -74.68
C GLY F 108 -42.08 -44.56 -75.40
N ILE F 109 -41.25 -45.54 -75.71
CA ILE F 109 -41.68 -46.83 -76.23
C ILE F 109 -41.67 -47.83 -75.09
N THR F 110 -42.62 -48.76 -75.10
CA THR F 110 -42.68 -49.80 -74.09
C THR F 110 -42.71 -51.15 -74.76
N TYR F 111 -41.65 -51.94 -74.62
CA TYR F 111 -41.69 -53.29 -75.13
C TYR F 111 -41.98 -54.21 -73.96
N ASN F 112 -42.86 -55.19 -74.20
CA ASN F 112 -43.37 -56.01 -73.12
C ASN F 112 -43.74 -57.38 -73.66
N GLY F 113 -43.08 -58.42 -73.16
CA GLY F 113 -43.35 -59.78 -73.57
C GLY F 113 -43.34 -60.72 -72.39
N GLY F 114 -43.62 -61.99 -72.67
CA GLY F 114 -43.45 -63.04 -71.69
C GLY F 114 -42.09 -63.70 -71.83
N LEU F 115 -41.70 -64.39 -70.77
CA LEU F 115 -40.51 -65.24 -70.80
C LEU F 115 -40.81 -66.61 -71.38
N LYS F 116 -42.09 -67.00 -71.43
CA LYS F 116 -42.59 -68.26 -71.97
C LYS F 116 -43.16 -68.01 -73.36
N GLY F 117 -43.23 -69.08 -74.15
CA GLY F 117 -43.66 -68.93 -75.54
C GLY F 117 -45.08 -68.47 -75.80
N ASP F 118 -45.79 -67.98 -74.78
CA ASP F 118 -47.06 -67.32 -75.07
C ASP F 118 -46.89 -66.14 -75.99
N LYS F 119 -45.65 -65.74 -76.28
CA LYS F 119 -45.22 -64.67 -77.18
C LYS F 119 -46.21 -63.52 -77.25
N PRO F 120 -46.44 -62.78 -76.13
CA PRO F 120 -47.24 -61.55 -76.21
C PRO F 120 -46.42 -60.26 -76.38
N THR F 121 -45.39 -60.26 -77.24
CA THR F 121 -44.44 -59.13 -77.34
C THR F 121 -45.14 -57.89 -77.91
N THR F 122 -45.45 -56.94 -77.03
CA THR F 122 -46.17 -55.74 -77.41
C THR F 122 -45.20 -54.60 -77.72
N GLN F 123 -45.72 -53.61 -78.45
CA GLN F 123 -45.12 -52.29 -78.56
C GLN F 123 -46.19 -51.30 -78.14
N GLU F 124 -45.86 -50.44 -77.20
CA GLU F 124 -46.76 -49.38 -76.78
C GLU F 124 -46.00 -48.06 -76.92
N TYR F 125 -46.28 -47.34 -77.98
CA TYR F 125 -45.75 -46.01 -78.19
C TYR F 125 -46.64 -45.04 -77.43
N ASP F 126 -46.03 -44.10 -76.70
CA ASP F 126 -46.79 -43.19 -75.86
C ASP F 126 -46.18 -41.79 -75.92
N ALA F 127 -47.04 -40.77 -75.81
CA ALA F 127 -46.62 -39.39 -75.66
C ALA F 127 -47.57 -38.69 -74.70
N GLY F 128 -47.02 -37.86 -73.82
CA GLY F 128 -47.82 -37.21 -72.78
C GLY F 128 -47.42 -35.77 -72.55
N LEU F 129 -48.40 -34.99 -72.05
CA LEU F 129 -48.26 -33.56 -71.72
C LEU F 129 -48.99 -33.30 -70.41
N GLU F 130 -48.26 -33.04 -69.33
CA GLU F 130 -48.90 -32.92 -68.02
C GLU F 130 -48.74 -31.52 -67.48
N LEU F 131 -49.78 -31.00 -66.84
CA LEU F 131 -49.77 -29.69 -66.22
C LEU F 131 -50.06 -29.87 -64.74
N SER F 132 -49.05 -29.64 -63.90
CA SER F 132 -49.17 -29.79 -62.46
C SER F 132 -49.39 -28.41 -61.85
N TYR F 133 -50.06 -28.36 -60.69
CA TYR F 133 -50.25 -27.06 -60.02
C TYR F 133 -50.57 -27.29 -58.55
N GLU F 134 -49.76 -26.72 -57.65
CA GLU F 134 -50.02 -26.74 -56.22
C GLU F 134 -50.90 -25.56 -55.83
N LEU F 135 -52.00 -25.85 -55.15
CA LEU F 135 -52.92 -24.79 -54.79
C LEU F 135 -52.32 -23.90 -53.72
N ASP F 136 -51.92 -24.49 -52.59
CA ASP F 136 -51.37 -23.74 -51.47
C ASP F 136 -52.42 -22.90 -50.77
N PHE F 137 -53.52 -23.55 -50.41
CA PHE F 137 -54.64 -22.89 -49.75
C PHE F 137 -54.23 -22.29 -48.40
N PHE F 138 -53.25 -22.89 -47.73
CA PHE F 138 -52.85 -22.42 -46.41
C PHE F 138 -51.47 -21.75 -46.44
N GLY F 139 -50.98 -21.43 -47.64
CA GLY F 139 -49.82 -20.57 -47.78
C GLY F 139 -48.53 -21.15 -47.26
N LYS F 140 -48.19 -22.37 -47.67
CA LYS F 140 -46.86 -22.87 -47.36
C LYS F 140 -45.84 -22.32 -48.34
N LEU F 141 -46.12 -22.47 -49.63
CA LEU F 141 -45.19 -21.97 -50.62
C LEU F 141 -45.15 -20.45 -50.59
N LYS F 142 -46.26 -19.82 -50.26
CA LYS F 142 -46.28 -18.37 -50.15
C LYS F 142 -45.37 -17.92 -49.03
N ASN F 143 -45.47 -18.56 -47.88
CA ASN F 143 -44.61 -18.14 -46.79
C ASN F 143 -43.14 -18.46 -47.07
N MET F 144 -42.83 -19.48 -47.88
CA MET F 144 -41.42 -19.79 -48.09
C MET F 144 -40.78 -18.84 -49.09
N SER F 145 -41.52 -18.41 -50.10
CA SER F 145 -41.00 -17.39 -50.97
C SER F 145 -40.85 -16.07 -50.24
N GLU F 146 -41.76 -15.79 -49.30
CA GLU F 146 -41.62 -14.57 -48.51
C GLU F 146 -40.38 -14.62 -47.64
N ALA F 147 -40.08 -15.78 -47.06
CA ALA F 147 -38.82 -15.94 -46.34
C ALA F 147 -37.66 -15.64 -47.26
N ASP F 148 -37.73 -16.06 -48.51
CA ASP F 148 -36.64 -15.72 -49.39
C ASP F 148 -36.66 -14.25 -49.78
N ARG F 149 -37.84 -13.66 -49.92
CA ARG F 149 -37.89 -12.22 -50.13
C ARG F 149 -37.23 -11.49 -48.96
N GLN F 150 -37.57 -11.85 -47.72
CA GLN F 150 -36.96 -11.17 -46.58
C GLN F 150 -35.46 -11.41 -46.53
N ASN F 151 -35.00 -12.58 -46.99
CA ASN F 151 -33.57 -12.84 -46.95
C ASN F 151 -32.85 -12.08 -48.05
N TYR F 152 -33.58 -11.65 -49.08
CA TYR F 152 -32.97 -10.83 -50.12
C TYR F 152 -32.78 -9.41 -49.63
N PHE F 153 -33.72 -8.92 -48.82
CA PHE F 153 -33.55 -7.62 -48.19
C PHE F 153 -32.37 -7.63 -47.24
N ALA F 154 -32.17 -8.74 -46.51
CA ALA F 154 -31.02 -8.86 -45.62
C ALA F 154 -29.73 -8.72 -46.41
N SER F 155 -29.63 -9.40 -47.54
CA SER F 155 -28.41 -9.38 -48.33
C SER F 155 -28.12 -7.99 -48.88
N GLU F 156 -29.17 -7.19 -49.06
CA GLU F 156 -28.99 -5.82 -49.54
C GLU F 156 -28.44 -4.93 -48.44
N GLU F 157 -28.96 -5.07 -47.22
CA GLU F 157 -28.39 -4.36 -46.09
C GLU F 157 -26.97 -4.84 -45.80
N ALA F 158 -26.69 -6.12 -46.05
CA ALA F 158 -25.32 -6.59 -45.95
C ALA F 158 -24.41 -5.85 -46.93
N ARG F 159 -24.85 -5.71 -48.19
CA ARG F 159 -24.06 -4.92 -49.13
C ARG F 159 -23.76 -3.56 -48.54
N ARG F 160 -24.79 -2.92 -47.99
CA ARG F 160 -24.67 -1.58 -47.45
C ARG F 160 -23.62 -1.53 -46.35
N ALA F 161 -23.64 -2.52 -45.47
CA ALA F 161 -22.64 -2.65 -44.43
C ALA F 161 -21.24 -2.79 -45.02
N VAL F 162 -21.08 -3.63 -46.05
CA VAL F 162 -19.78 -3.75 -46.70
C VAL F 162 -19.38 -2.43 -47.36
N HIS F 163 -20.35 -1.71 -47.92
CA HIS F 163 -20.07 -0.42 -48.51
C HIS F 163 -19.47 0.54 -47.46
N ILE F 164 -20.15 0.71 -46.31
CA ILE F 164 -19.71 1.74 -45.36
C ILE F 164 -18.44 1.32 -44.64
N LEU F 165 -18.22 0.03 -44.46
CA LEU F 165 -16.95 -0.40 -43.89
C LEU F 165 -15.83 -0.18 -44.89
N LEU F 166 -16.15 -0.26 -46.18
CA LEU F 166 -15.14 0.00 -47.21
C LEU F 166 -14.69 1.44 -47.12
N VAL F 167 -15.66 2.36 -47.13
CA VAL F 167 -15.39 3.76 -46.86
C VAL F 167 -14.50 3.91 -45.64
N SER F 168 -14.89 3.31 -44.50
CA SER F 168 -14.07 3.41 -43.31
C SER F 168 -12.64 2.93 -43.55
N ASN F 169 -12.49 1.79 -44.23
CA ASN F 169 -11.15 1.22 -44.41
C ASN F 169 -10.32 2.08 -45.34
N VAL F 170 -10.94 2.65 -46.37
CA VAL F 170 -10.22 3.47 -47.31
C VAL F 170 -9.66 4.69 -46.59
N SER F 171 -10.53 5.42 -45.90
CA SER F 171 -10.14 6.66 -45.27
C SER F 171 -9.03 6.45 -44.23
N GLN F 172 -9.22 5.49 -43.33
CA GLN F 172 -8.21 5.24 -42.29
C GLN F 172 -6.92 4.78 -42.94
N SER F 173 -7.01 4.00 -44.02
CA SER F 173 -5.80 3.57 -44.72
C SER F 173 -5.04 4.77 -45.27
N TYR F 174 -5.75 5.73 -45.87
CA TYR F 174 -5.09 6.91 -46.39
C TYR F 174 -4.48 7.72 -45.25
N PHE F 175 -5.30 8.06 -44.25
CA PHE F 175 -4.80 8.83 -43.13
C PHE F 175 -3.62 8.13 -42.47
N SER F 176 -3.64 6.78 -42.42
CA SER F 176 -2.51 6.10 -41.79
C SER F 176 -1.25 6.28 -42.63
N GLN F 177 -1.40 6.33 -43.96
CA GLN F 177 -0.28 6.58 -44.84
C GLN F 177 0.29 7.97 -44.60
N GLN F 178 -0.58 8.98 -44.56
CA GLN F 178 -0.15 10.32 -44.21
C GLN F 178 0.62 10.33 -42.90
N LEU F 179 0.16 9.56 -41.90
CA LEU F 179 0.88 9.49 -40.63
C LEU F 179 2.30 9.02 -40.86
N ALA F 180 2.45 7.84 -41.48
CA ALA F 180 3.76 7.40 -41.94
C ALA F 180 4.56 8.55 -42.53
N TYR F 181 3.96 9.33 -43.45
CA TYR F 181 4.72 10.40 -44.13
C TYR F 181 5.27 11.43 -43.12
N GLU F 182 4.44 11.82 -42.16
CA GLU F 182 4.85 12.81 -41.16
C GLU F 182 5.92 12.24 -40.25
N GLN F 183 5.72 11.01 -39.79
CA GLN F 183 6.70 10.42 -38.88
C GLN F 183 8.04 10.29 -39.59
N LEU F 184 8.03 9.81 -40.83
CA LEU F 184 9.25 9.72 -41.60
C LEU F 184 9.93 11.08 -41.72
N ARG F 185 9.15 12.11 -42.02
CA ARG F 185 9.71 13.43 -42.26
C ARG F 185 10.27 14.04 -40.98
N ILE F 186 9.59 13.85 -39.84
CA ILE F 186 10.13 14.44 -38.62
C ILE F 186 11.27 13.60 -38.04
N ALA F 187 11.41 12.35 -38.42
CA ALA F 187 12.62 11.65 -38.06
C ALA F 187 13.78 12.20 -38.86
N ARG F 188 13.56 12.41 -40.16
CA ARG F 188 14.61 13.03 -40.95
C ARG F 188 15.08 14.34 -40.35
N GLU F 189 14.15 15.23 -39.96
CA GLU F 189 14.63 16.53 -39.52
C GLU F 189 15.20 16.44 -38.12
N THR F 190 14.77 15.48 -37.31
CA THR F 190 15.47 15.26 -36.06
C THR F 190 16.90 14.84 -36.32
N LEU F 191 17.12 14.09 -37.39
CA LEU F 191 18.48 13.62 -37.70
C LEU F 191 19.40 14.79 -38.00
N LYS F 192 18.96 15.73 -38.82
CA LYS F 192 19.80 16.86 -39.11
C LYS F 192 19.99 17.73 -37.87
N ASN F 193 18.97 17.84 -37.03
CA ASN F 193 19.18 18.54 -35.78
C ASN F 193 20.31 17.91 -35.01
N TYR F 194 20.24 16.60 -34.83
CA TYR F 194 21.24 15.91 -34.06
C TYR F 194 22.60 15.98 -34.73
N GLU F 195 22.67 16.11 -36.05
CA GLU F 195 23.97 16.31 -36.66
C GLU F 195 24.54 17.66 -36.26
N GLN F 196 23.67 18.69 -36.16
CA GLN F 196 24.11 20.01 -35.73
C GLN F 196 24.49 20.02 -34.26
N SER F 197 23.72 19.33 -33.40
CA SER F 197 24.24 19.04 -32.07
C SER F 197 25.66 18.50 -32.17
N TYR F 198 25.87 17.47 -33.00
CA TYR F 198 27.16 16.81 -33.01
C TYR F 198 28.24 17.79 -33.45
N ALA F 199 27.89 18.67 -34.39
CA ALA F 199 28.74 19.82 -34.75
C ALA F 199 29.10 20.64 -33.52
N PHE F 200 28.09 21.21 -32.87
CA PHE F 200 28.29 22.11 -31.73
C PHE F 200 29.26 21.53 -30.69
N VAL F 201 29.09 20.25 -30.35
CA VAL F 201 29.99 19.60 -29.41
C VAL F 201 31.37 19.40 -30.06
N GLU F 202 31.39 18.95 -31.32
CA GLU F 202 32.63 18.73 -32.07
C GLU F 202 33.57 19.94 -32.06
N GLN F 203 33.07 21.14 -32.34
CA GLN F 203 33.96 22.30 -32.34
C GLN F 203 34.45 22.62 -30.94
N GLN F 204 33.65 22.37 -29.91
CA GLN F 204 34.23 22.61 -28.59
C GLN F 204 35.20 21.52 -28.14
N LEU F 205 35.24 20.38 -28.81
CA LEU F 205 36.20 19.36 -28.43
C LEU F 205 37.54 19.53 -29.13
N VAL F 206 37.54 19.96 -30.40
CA VAL F 206 38.79 20.27 -31.12
C VAL F 206 39.59 21.35 -30.38
N THR F 207 38.91 22.15 -29.55
CA THR F 207 39.55 23.21 -28.78
C THR F 207 39.32 23.04 -27.27
N GLY F 208 39.08 21.81 -26.82
CA GLY F 208 39.21 21.40 -25.44
C GLY F 208 38.20 21.94 -24.45
N SER F 209 37.18 22.68 -24.89
CA SER F 209 36.26 23.25 -23.92
C SER F 209 35.54 22.15 -23.12
N THR F 210 35.14 21.07 -23.81
CA THR F 210 34.27 20.03 -23.27
C THR F 210 35.01 18.74 -23.00
N ASN F 211 34.25 17.69 -22.72
CA ASN F 211 34.75 16.34 -22.62
C ASN F 211 34.39 15.57 -23.88
N VAL F 212 34.91 14.34 -23.95
CA VAL F 212 34.65 13.45 -25.07
C VAL F 212 33.46 12.54 -24.79
N LEU F 213 32.88 12.65 -23.61
CA LEU F 213 31.67 11.90 -23.32
C LEU F 213 30.46 12.53 -23.98
N ALA F 214 30.39 13.86 -24.02
CA ALA F 214 29.32 14.52 -24.76
C ALA F 214 29.39 14.15 -26.23
N LEU F 215 30.60 14.07 -26.78
CA LEU F 215 30.77 13.75 -28.19
C LEU F 215 30.28 12.34 -28.49
N GLU F 216 30.51 11.40 -27.59
CA GLU F 216 29.98 10.06 -27.82
C GLU F 216 28.49 10.00 -27.53
N GLN F 217 28.00 10.83 -26.62
CA GLN F 217 26.56 10.91 -26.43
C GLN F 217 25.85 11.48 -27.66
N ALA F 218 26.45 12.49 -28.29
CA ALA F 218 25.83 13.01 -29.51
C ALA F 218 25.90 11.99 -30.64
N ARG F 219 27.07 11.37 -30.82
CA ARG F 219 27.19 10.40 -31.92
C ARG F 219 26.20 9.26 -31.74
N GLY F 220 25.93 8.88 -30.50
CA GLY F 220 24.88 7.91 -30.24
C GLY F 220 23.56 8.39 -30.80
N GLN F 221 23.15 9.60 -30.43
CA GLN F 221 21.89 10.13 -30.89
C GLN F 221 21.77 9.98 -32.39
N ILE F 222 22.81 10.39 -33.10
CA ILE F 222 22.77 10.31 -34.55
C ILE F 222 22.45 8.89 -34.99
N GLU F 223 23.19 7.90 -34.48
CA GLU F 223 23.04 6.52 -34.97
C GLU F 223 21.70 5.93 -34.56
N SER F 224 21.21 6.32 -33.39
CA SER F 224 19.90 5.90 -32.91
C SER F 224 18.80 6.43 -33.81
N THR F 225 18.96 7.66 -34.27
CA THR F 225 17.94 8.30 -35.08
C THR F 225 17.91 7.70 -36.49
N ARG F 226 19.09 7.47 -37.07
CA ARG F 226 19.20 6.77 -38.35
C ARG F 226 18.39 5.47 -38.33
N ALA F 227 18.48 4.72 -37.23
CA ALA F 227 17.66 3.54 -37.08
C ALA F 227 16.19 3.90 -37.19
N GLU F 228 15.75 4.96 -36.53
CA GLU F 228 14.34 5.32 -36.56
C GLU F 228 13.90 5.66 -37.97
N ILE F 229 14.73 6.41 -38.70
CA ILE F 229 14.42 6.66 -40.11
C ILE F 229 14.18 5.35 -40.88
N ALA F 230 15.07 4.34 -40.72
CA ALA F 230 14.86 3.07 -41.43
C ALA F 230 13.52 2.46 -41.09
N LYS F 231 13.12 2.57 -39.82
CA LYS F 231 11.85 2.00 -39.36
C LYS F 231 10.69 2.71 -40.01
N ARG F 232 10.75 4.04 -40.07
CA ARG F 232 9.65 4.81 -40.63
C ARG F 232 9.50 4.60 -42.15
N GLU F 233 10.62 4.47 -42.89
CA GLU F 233 10.51 4.12 -44.30
C GLU F 233 9.75 2.81 -44.47
N GLY F 234 10.16 1.77 -43.74
CA GLY F 234 9.44 0.51 -43.79
C GLY F 234 7.97 0.68 -43.52
N ASP F 235 7.62 1.49 -42.52
CA ASP F 235 6.22 1.79 -42.26
C ASP F 235 5.57 2.43 -43.47
N LEU F 236 6.24 3.41 -44.08
CA LEU F 236 5.62 4.11 -45.20
C LEU F 236 5.37 3.16 -46.38
N ALA F 237 6.30 2.26 -46.66
CA ALA F 237 6.08 1.31 -47.75
C ALA F 237 4.85 0.47 -47.48
N GLN F 238 4.77 -0.12 -46.31
CA GLN F 238 3.65 -1.02 -46.03
C GLN F 238 2.33 -0.26 -46.00
N ALA F 239 2.36 1.00 -45.58
CA ALA F 239 1.16 1.81 -45.64
C ALA F 239 0.73 2.01 -47.08
N ASN F 240 1.68 2.17 -47.98
CA ASN F 240 1.32 2.34 -49.36
C ASN F 240 0.62 1.09 -49.88
N ASN F 241 1.26 -0.07 -49.69
CA ASN F 241 0.77 -1.33 -50.24
C ASN F 241 -0.61 -1.71 -49.72
N ALA F 242 -0.90 -1.34 -48.48
CA ALA F 242 -2.22 -1.59 -47.93
C ALA F 242 -3.24 -0.64 -48.52
N LEU F 243 -2.85 0.61 -48.73
CA LEU F 243 -3.74 1.54 -49.38
C LEU F 243 -4.06 1.04 -50.77
N GLN F 244 -3.05 0.56 -51.50
CA GLN F 244 -3.31 0.06 -52.85
C GLN F 244 -4.18 -1.19 -52.87
N LEU F 245 -4.05 -2.06 -51.87
CA LEU F 245 -4.88 -3.25 -51.82
C LEU F 245 -6.33 -2.87 -51.63
N VAL F 246 -6.57 -1.92 -50.74
CA VAL F 246 -7.94 -1.52 -50.45
C VAL F 246 -8.55 -0.78 -51.62
N LEU F 247 -7.75 0.00 -52.35
CA LEU F 247 -8.27 0.68 -53.52
C LEU F 247 -8.73 -0.32 -54.56
N GLY F 248 -7.95 -1.40 -54.75
CA GLY F 248 -8.13 -2.29 -55.88
C GLY F 248 -7.42 -1.87 -57.16
N THR F 249 -6.83 -0.68 -57.17
CA THR F 249 -6.08 -0.16 -58.31
C THR F 249 -4.70 0.26 -57.84
N TYR F 250 -3.76 0.27 -58.76
CA TYR F 250 -2.35 0.38 -58.44
C TYR F 250 -1.72 1.64 -59.05
N ARG F 251 -2.51 2.70 -59.19
CA ARG F 251 -1.94 3.94 -59.68
C ARG F 251 -1.13 4.62 -58.58
N ALA F 252 -0.51 5.73 -58.92
CA ALA F 252 0.43 6.41 -58.03
C ALA F 252 -0.25 6.79 -56.73
N VAL F 253 0.31 6.31 -55.62
CA VAL F 253 -0.24 6.59 -54.28
C VAL F 253 -0.15 8.07 -53.97
N PRO F 254 -1.08 8.61 -53.16
CA PRO F 254 -0.98 10.02 -52.79
C PRO F 254 0.34 10.30 -52.11
N SER F 255 0.80 11.51 -52.23
CA SER F 255 1.96 11.92 -51.47
C SER F 255 1.51 12.58 -50.16
N GLU F 256 2.44 13.24 -49.47
CA GLU F 256 2.13 13.89 -48.22
C GLU F 256 1.36 15.18 -48.47
N LYS F 257 0.46 15.51 -47.54
CA LYS F 257 -0.18 16.80 -47.62
C LYS F 257 0.75 17.86 -47.03
N GLY F 258 1.04 18.89 -47.80
CA GLY F 258 1.92 19.94 -47.30
C GLY F 258 1.30 20.69 -46.14
N ILE F 259 -0.01 20.89 -46.18
CA ILE F 259 -0.79 21.58 -45.16
C ILE F 259 -1.51 20.52 -44.33
N LYS F 260 -1.45 20.67 -43.02
CA LYS F 260 -2.03 19.68 -42.13
C LYS F 260 -3.17 20.31 -41.38
N GLY F 261 -4.28 19.58 -41.25
CA GLY F 261 -5.33 19.97 -40.34
C GLY F 261 -6.66 20.25 -41.02
N GLY F 262 -7.75 19.93 -40.32
CA GLY F 262 -9.08 20.19 -40.81
C GLY F 262 -9.67 19.16 -41.74
N GLU F 263 -9.09 17.95 -41.79
CA GLU F 263 -9.38 16.98 -42.86
C GLU F 263 -10.72 16.29 -42.70
N ILE F 264 -11.33 16.38 -41.54
CA ILE F 264 -12.58 15.71 -41.26
C ILE F 264 -13.46 16.73 -40.56
N ALA F 265 -14.74 16.71 -40.90
CA ALA F 265 -15.72 17.51 -40.18
C ALA F 265 -16.47 16.63 -39.18
N PRO F 266 -16.19 16.73 -37.86
CA PRO F 266 -16.85 15.81 -36.90
C PRO F 266 -18.38 15.75 -36.97
N VAL F 267 -18.97 14.67 -36.50
CA VAL F 267 -20.42 14.61 -36.42
C VAL F 267 -20.91 15.52 -35.30
N LYS F 268 -21.94 16.30 -35.59
CA LYS F 268 -22.56 17.14 -34.57
C LYS F 268 -23.73 16.39 -33.96
N LEU F 269 -23.71 16.26 -32.66
CA LEU F 269 -24.66 15.42 -31.96
C LEU F 269 -25.52 16.25 -31.03
N PRO F 270 -26.83 16.02 -31.01
CA PRO F 270 -27.72 16.77 -30.11
C PRO F 270 -27.42 16.50 -28.64
N PRO F 271 -27.99 17.34 -27.72
CA PRO F 271 -27.69 17.23 -26.28
C PRO F 271 -27.91 15.83 -25.72
N ASN F 272 -29.17 15.36 -25.72
CA ASN F 272 -29.52 13.97 -25.44
C ASN F 272 -29.84 13.27 -26.77
N LEU F 273 -29.11 12.19 -27.08
CA LEU F 273 -29.28 11.46 -28.32
C LEU F 273 -29.94 10.10 -28.08
N SER F 274 -30.80 9.70 -29.00
CA SER F 274 -31.54 8.46 -28.82
C SER F 274 -30.73 7.29 -29.35
N SER F 275 -30.75 6.19 -28.57
CA SER F 275 -30.30 4.89 -29.05
C SER F 275 -30.97 4.51 -30.37
N GLN F 276 -32.22 4.94 -30.57
CA GLN F 276 -32.95 4.59 -31.79
C GLN F 276 -32.11 4.76 -33.04
N ILE F 277 -31.14 5.67 -33.03
CA ILE F 277 -30.32 5.90 -34.22
C ILE F 277 -29.64 4.60 -34.65
N LEU F 278 -29.37 3.71 -33.69
CA LEU F 278 -28.67 2.46 -34.00
C LEU F 278 -29.55 1.56 -34.83
N LEU F 279 -30.86 1.74 -34.73
CA LEU F 279 -31.75 0.78 -35.38
C LEU F 279 -31.66 0.84 -36.89
N GLN F 280 -31.17 1.94 -37.45
CA GLN F 280 -30.96 2.06 -38.90
C GLN F 280 -29.56 1.64 -39.32
N ARG F 281 -28.80 1.00 -38.44
CA ARG F 281 -27.49 0.47 -38.83
C ARG F 281 -27.66 -0.70 -39.77
N PRO F 282 -26.80 -0.86 -40.78
CA PRO F 282 -27.01 -1.96 -41.74
C PRO F 282 -26.97 -3.32 -41.07
N ASP F 283 -26.09 -3.50 -40.09
CA ASP F 283 -25.94 -4.82 -39.47
C ASP F 283 -27.19 -5.17 -38.67
N ILE F 284 -27.81 -4.18 -38.04
CA ILE F 284 -28.99 -4.41 -37.24
C ILE F 284 -30.20 -4.61 -38.14
N MET F 285 -30.25 -3.86 -39.22
CA MET F 285 -31.32 -4.05 -40.19
C MET F 285 -31.21 -5.44 -40.82
N GLU F 286 -29.99 -5.87 -41.13
CA GLU F 286 -29.83 -7.21 -41.67
C GLU F 286 -30.32 -8.25 -40.67
N ALA F 287 -30.09 -8.00 -39.38
CA ALA F 287 -30.62 -8.88 -38.34
C ALA F 287 -32.14 -8.84 -38.32
N GLU F 288 -32.74 -7.70 -38.65
CA GLU F 288 -34.18 -7.57 -38.57
C GLU F 288 -34.86 -8.30 -39.73
N TYR F 289 -34.30 -8.19 -40.94
CA TYR F 289 -34.85 -8.88 -42.09
C TYR F 289 -34.72 -10.39 -41.97
N GLN F 290 -33.64 -10.87 -41.34
CA GLN F 290 -33.52 -12.30 -41.13
C GLN F 290 -34.53 -12.80 -40.10
N LEU F 291 -34.87 -11.94 -39.15
CA LEU F 291 -35.89 -12.30 -38.17
C LEU F 291 -37.24 -12.44 -38.84
N LYS F 292 -37.57 -11.48 -39.72
CA LYS F 292 -38.79 -11.59 -40.52
C LYS F 292 -38.79 -12.88 -41.34
N ALA F 293 -37.70 -13.16 -42.05
CA ALA F 293 -37.55 -14.43 -42.74
C ALA F 293 -37.92 -15.61 -41.81
N ALA F 294 -37.53 -15.55 -40.54
CA ALA F 294 -37.76 -16.68 -39.64
C ALA F 294 -39.21 -16.77 -39.22
N ASP F 295 -39.92 -15.65 -39.26
CA ASP F 295 -41.36 -15.68 -39.05
C ASP F 295 -42.05 -16.42 -40.20
N ALA F 296 -41.74 -16.03 -41.44
CA ALA F 296 -42.27 -16.72 -42.61
C ALA F 296 -42.05 -18.23 -42.52
N ASN F 297 -40.85 -18.65 -42.11
CA ASN F 297 -40.61 -20.07 -41.89
C ASN F 297 -41.54 -20.66 -40.85
N ILE F 298 -41.88 -19.89 -39.82
CA ILE F 298 -42.87 -20.37 -38.87
C ILE F 298 -44.21 -20.58 -39.56
N GLY F 299 -44.65 -19.61 -40.36
CA GLY F 299 -45.87 -19.83 -41.14
C GLY F 299 -45.82 -21.12 -41.92
N ALA F 300 -44.75 -21.33 -42.70
CA ALA F 300 -44.59 -22.55 -43.47
C ALA F 300 -44.64 -23.79 -42.57
N ALA F 301 -44.00 -23.74 -41.41
CA ALA F 301 -44.06 -24.86 -40.49
C ALA F 301 -45.49 -25.16 -40.08
N ARG F 302 -46.29 -24.11 -39.95
CA ARG F 302 -47.67 -24.30 -39.51
C ARG F 302 -48.54 -24.85 -40.64
N ALA F 303 -48.37 -24.31 -41.86
CA ALA F 303 -49.14 -24.83 -42.98
C ALA F 303 -48.91 -26.32 -43.18
N ALA F 304 -47.76 -26.84 -42.74
CA ALA F 304 -47.48 -28.26 -42.90
C ALA F 304 -48.53 -29.14 -42.23
N PHE F 305 -49.23 -28.62 -41.24
CA PHE F 305 -50.26 -29.40 -40.56
C PHE F 305 -51.51 -29.57 -41.42
N PHE F 306 -51.80 -28.61 -42.30
CA PHE F 306 -53.09 -28.55 -43.00
C PHE F 306 -53.03 -29.32 -44.31
N PRO F 307 -54.17 -29.58 -44.94
CA PRO F 307 -54.14 -30.38 -46.17
C PRO F 307 -53.62 -29.56 -47.33
N SER F 308 -53.27 -30.25 -48.41
CA SER F 308 -52.72 -29.64 -49.60
C SER F 308 -53.53 -30.07 -50.82
N ILE F 309 -53.75 -29.14 -51.74
CA ILE F 309 -54.67 -29.37 -52.85
C ILE F 309 -53.88 -29.22 -54.14
N THR F 310 -53.91 -30.23 -55.00
CA THR F 310 -53.06 -30.28 -56.18
C THR F 310 -53.88 -30.65 -57.42
N LEU F 311 -53.86 -29.79 -58.43
CA LEU F 311 -54.42 -30.12 -59.74
C LEU F 311 -53.37 -30.85 -60.55
N THR F 312 -53.82 -31.69 -61.49
CA THR F 312 -52.87 -32.36 -62.39
C THR F 312 -53.67 -32.83 -63.61
N SER F 313 -53.68 -32.01 -64.67
CA SER F 313 -54.38 -32.30 -65.92
C SER F 313 -53.40 -32.81 -66.97
N GLY F 314 -53.90 -33.57 -67.93
CA GLY F 314 -53.03 -34.36 -68.78
C GLY F 314 -53.66 -34.80 -70.09
N LEU F 315 -52.85 -34.78 -71.14
CA LEU F 315 -53.26 -35.11 -72.49
C LEU F 315 -52.27 -36.13 -73.05
N SER F 316 -52.67 -37.39 -73.15
CA SER F 316 -51.78 -38.44 -73.61
C SER F 316 -52.30 -39.07 -74.90
N SER F 317 -51.46 -39.93 -75.48
CA SER F 317 -51.72 -40.56 -76.76
C SER F 317 -50.85 -41.80 -76.85
N SER F 318 -51.45 -42.97 -76.79
CA SER F 318 -50.69 -44.20 -76.93
C SER F 318 -51.09 -44.90 -78.23
N SER F 319 -50.17 -45.71 -78.76
CA SER F 319 -50.42 -46.46 -79.98
C SER F 319 -49.65 -47.79 -79.90
N THR F 320 -49.90 -48.66 -80.89
CA THR F 320 -49.23 -49.95 -81.00
C THR F 320 -48.27 -50.05 -82.19
N GLU F 321 -48.34 -49.14 -83.15
CA GLU F 321 -47.32 -49.02 -84.17
C GLU F 321 -47.03 -47.52 -84.31
N LEU F 322 -45.77 -47.15 -84.54
CA LEU F 322 -45.42 -45.73 -84.52
C LEU F 322 -46.15 -44.93 -85.60
N SER F 323 -46.60 -45.58 -86.67
CA SER F 323 -47.23 -44.88 -87.78
C SER F 323 -48.42 -44.04 -87.30
N SER F 324 -49.19 -44.57 -86.36
CA SER F 324 -50.44 -43.93 -85.96
C SER F 324 -50.39 -43.41 -84.52
N LEU F 325 -49.21 -42.95 -84.07
CA LEU F 325 -49.10 -42.47 -82.69
C LEU F 325 -49.88 -41.18 -82.44
N PHE F 326 -49.85 -40.26 -83.38
CA PHE F 326 -50.61 -39.03 -83.27
C PHE F 326 -51.76 -39.04 -84.26
N THR F 327 -52.73 -39.91 -84.01
CA THR F 327 -53.93 -40.01 -84.82
C THR F 327 -55.17 -39.78 -83.97
N SER F 328 -56.35 -40.17 -84.46
CA SER F 328 -57.56 -39.70 -83.80
C SER F 328 -57.97 -40.56 -82.60
N GLY F 329 -58.09 -41.88 -82.79
CA GLY F 329 -58.53 -42.87 -81.81
C GLY F 329 -57.57 -43.18 -80.68
N SER F 330 -56.46 -42.43 -80.55
CA SER F 330 -55.44 -42.66 -79.54
C SER F 330 -55.47 -41.67 -78.40
N GLY F 331 -55.85 -40.44 -78.67
CA GLY F 331 -55.73 -39.37 -77.69
C GLY F 331 -56.67 -39.58 -76.51
N MET F 332 -56.21 -39.17 -75.33
CA MET F 332 -56.99 -39.35 -74.13
C MET F 332 -56.63 -38.20 -73.20
N TRP F 333 -57.62 -37.64 -72.51
CA TRP F 333 -57.42 -36.52 -71.61
C TRP F 333 -57.65 -36.95 -70.16
N ASN F 334 -57.36 -36.02 -69.26
CA ASN F 334 -57.20 -36.36 -67.85
C ASN F 334 -57.21 -35.08 -67.02
N PHE F 335 -57.76 -35.17 -65.81
CA PHE F 335 -57.86 -34.00 -64.94
C PHE F 335 -58.10 -34.47 -63.50
N ILE F 336 -57.09 -34.36 -62.65
CA ILE F 336 -57.23 -34.96 -61.32
C ILE F 336 -57.04 -33.96 -60.19
N PRO F 337 -58.11 -33.40 -59.63
CA PRO F 337 -57.99 -32.70 -58.35
C PRO F 337 -57.77 -33.67 -57.20
N LYS F 338 -56.89 -33.29 -56.28
CA LYS F 338 -56.43 -34.14 -55.19
C LYS F 338 -56.26 -33.30 -53.92
N ILE F 339 -56.54 -33.93 -52.77
CA ILE F 339 -56.35 -33.30 -51.46
C ILE F 339 -55.75 -34.31 -50.51
N GLU F 340 -54.53 -34.05 -50.07
CA GLU F 340 -53.83 -34.91 -49.15
C GLU F 340 -53.82 -34.29 -47.76
N ILE F 341 -53.85 -35.14 -46.74
CA ILE F 341 -53.97 -34.66 -45.37
C ILE F 341 -53.01 -35.48 -44.52
N PRO F 342 -52.28 -34.85 -43.60
CA PRO F 342 -51.47 -35.61 -42.64
C PRO F 342 -52.30 -35.98 -41.42
N ILE F 343 -52.09 -37.21 -40.93
CA ILE F 343 -52.83 -37.74 -39.80
C ILE F 343 -51.90 -38.09 -38.63
N PHE F 344 -50.87 -38.89 -38.89
CA PHE F 344 -49.93 -39.14 -37.80
C PHE F 344 -48.52 -39.25 -38.34
N ASN F 345 -47.64 -38.37 -37.87
CA ASN F 345 -46.27 -38.30 -38.36
C ASN F 345 -45.25 -38.66 -37.30
N ALA F 346 -45.69 -39.33 -36.22
CA ALA F 346 -44.86 -39.55 -35.03
C ALA F 346 -44.25 -38.23 -34.56
N GLY F 347 -44.99 -37.15 -34.71
CA GLY F 347 -44.54 -35.83 -34.29
C GLY F 347 -43.50 -35.13 -35.16
N ARG F 348 -43.40 -35.45 -36.45
CA ARG F 348 -42.47 -34.69 -37.28
C ARG F 348 -42.93 -33.25 -37.50
N ASN F 349 -44.23 -33.04 -37.73
CA ASN F 349 -44.68 -31.67 -38.02
C ASN F 349 -44.57 -30.78 -36.79
N LYS F 350 -44.91 -31.32 -35.61
CA LYS F 350 -44.73 -30.60 -34.35
C LYS F 350 -43.28 -30.20 -34.18
N ALA F 351 -42.37 -31.17 -34.37
CA ALA F 351 -40.95 -30.92 -34.21
C ALA F 351 -40.45 -29.87 -35.20
N ASN F 352 -40.90 -29.94 -36.46
CA ASN F 352 -40.41 -28.93 -37.39
C ASN F 352 -41.01 -27.58 -37.09
N LEU F 353 -42.15 -27.56 -36.40
CA LEU F 353 -42.62 -26.28 -35.90
C LEU F 353 -41.74 -25.80 -34.75
N LYS F 354 -41.29 -26.71 -33.87
CA LYS F 354 -40.41 -26.24 -32.80
C LYS F 354 -39.11 -25.69 -33.39
N LEU F 355 -38.52 -26.40 -34.35
CA LEU F 355 -37.33 -25.91 -35.03
C LEU F 355 -37.56 -24.50 -35.57
N ALA F 356 -38.71 -24.27 -36.21
CA ALA F 356 -39.01 -22.95 -36.74
C ALA F 356 -39.02 -21.91 -35.63
N GLU F 357 -39.72 -22.21 -34.53
CA GLU F 357 -39.93 -21.21 -33.47
C GLU F 357 -38.68 -21.04 -32.63
N ILE F 358 -37.95 -22.13 -32.43
CA ILE F 358 -36.65 -22.00 -31.78
C ILE F 358 -35.74 -21.10 -32.61
N ARG F 359 -35.57 -21.45 -33.88
CA ARG F 359 -34.70 -20.64 -34.72
C ARG F 359 -35.14 -19.19 -34.74
N GLN F 360 -36.43 -18.96 -34.70
CA GLN F 360 -36.93 -17.60 -34.70
C GLN F 360 -36.47 -16.87 -33.44
N GLN F 361 -36.56 -17.52 -32.28
CA GLN F 361 -36.02 -16.89 -31.09
C GLN F 361 -34.51 -16.75 -31.14
N GLN F 362 -33.82 -17.65 -31.83
CA GLN F 362 -32.42 -17.40 -32.12
C GLN F 362 -32.24 -16.09 -32.88
N SER F 363 -33.17 -15.82 -33.83
CA SER F 363 -33.04 -14.65 -34.68
C SER F 363 -33.27 -13.39 -33.89
N VAL F 364 -34.19 -13.47 -32.93
CA VAL F 364 -34.33 -12.42 -31.93
C VAL F 364 -33.03 -12.20 -31.18
N VAL F 365 -32.42 -13.26 -30.68
CA VAL F 365 -31.22 -13.08 -29.88
C VAL F 365 -30.13 -12.42 -30.71
N ASN F 366 -30.00 -12.84 -31.96
CA ASN F 366 -29.00 -12.24 -32.83
C ASN F 366 -29.25 -10.74 -32.95
N TYR F 367 -30.49 -10.37 -33.23
CA TYR F 367 -30.87 -8.96 -33.27
C TYR F 367 -30.37 -8.22 -32.03
N GLU F 368 -30.77 -8.68 -30.85
CA GLU F 368 -30.37 -8.05 -29.61
C GLU F 368 -28.85 -7.89 -29.53
N GLN F 369 -28.12 -8.91 -29.99
CA GLN F 369 -26.67 -8.87 -29.89
C GLN F 369 -26.09 -7.73 -30.73
N LYS F 370 -26.52 -7.66 -32.01
CA LYS F 370 -26.09 -6.56 -32.89
C LYS F 370 -26.38 -5.20 -32.30
N ILE F 371 -27.57 -5.05 -31.72
CA ILE F 371 -27.89 -3.79 -31.06
C ILE F 371 -26.92 -3.53 -29.92
N GLN F 372 -26.75 -4.51 -29.03
CA GLN F 372 -25.93 -4.27 -27.84
C GLN F 372 -24.48 -3.96 -28.19
N SER F 373 -23.94 -4.61 -29.21
CA SER F 373 -22.58 -4.27 -29.63
C SER F 373 -22.54 -2.88 -30.22
N ALA F 374 -23.43 -2.60 -31.16
CA ALA F 374 -23.51 -1.26 -31.72
C ALA F 374 -23.55 -0.21 -30.62
N PHE F 375 -24.32 -0.45 -29.57
CA PHE F 375 -24.39 0.55 -28.51
C PHE F 375 -23.04 0.70 -27.83
N LYS F 376 -22.33 -0.40 -27.64
CA LYS F 376 -21.01 -0.34 -27.00
C LYS F 376 -20.04 0.48 -27.84
N ASP F 377 -19.93 0.14 -29.11
CA ASP F 377 -19.07 0.88 -30.03
C ASP F 377 -19.29 2.38 -29.93
N VAL F 378 -20.53 2.80 -30.09
CA VAL F 378 -20.80 4.23 -30.11
C VAL F 378 -20.37 4.86 -28.78
N SER F 379 -20.77 4.25 -27.67
CA SER F 379 -20.39 4.77 -26.36
C SER F 379 -18.87 4.85 -26.19
N ASP F 380 -18.13 3.90 -26.76
CA ASP F 380 -16.69 3.98 -26.66
C ASP F 380 -16.14 5.18 -27.40
N THR F 381 -16.58 5.38 -28.65
CA THR F 381 -16.01 6.49 -29.43
C THR F 381 -16.43 7.83 -28.85
N LEU F 382 -17.59 7.89 -28.22
CA LEU F 382 -18.00 9.11 -27.52
C LEU F 382 -17.04 9.39 -26.35
N ALA F 383 -16.78 8.36 -25.55
CA ALA F 383 -15.76 8.42 -24.52
C ALA F 383 -14.43 8.87 -25.11
N LEU F 384 -14.00 8.22 -26.18
CA LEU F 384 -12.69 8.42 -26.74
C LEU F 384 -12.53 9.82 -27.28
N ARG F 385 -13.63 10.42 -27.73
CA ARG F 385 -13.61 11.79 -28.23
C ARG F 385 -13.07 12.74 -27.18
N ASP F 386 -13.47 12.53 -25.90
CA ASP F 386 -13.00 13.42 -24.82
C ASP F 386 -11.62 13.01 -24.31
N SER F 387 -11.42 11.71 -24.06
CA SER F 387 -10.10 11.23 -23.65
C SER F 387 -9.02 11.71 -24.59
N LEU F 388 -9.28 11.62 -25.89
CA LEU F 388 -8.23 11.92 -26.84
C LEU F 388 -7.98 13.41 -26.97
N SER F 389 -9.04 14.23 -26.98
CA SER F 389 -8.80 15.66 -27.11
C SER F 389 -7.95 16.16 -25.93
N GLN F 390 -8.29 15.75 -24.72
CA GLN F 390 -7.55 16.22 -23.55
C GLN F 390 -6.10 15.75 -23.58
N GLN F 391 -5.88 14.48 -23.92
CA GLN F 391 -4.52 13.96 -24.14
C GLN F 391 -3.72 14.81 -25.12
N LEU F 392 -4.32 15.15 -26.25
CA LEU F 392 -3.60 15.90 -27.27
C LEU F 392 -3.21 17.29 -26.78
N GLU F 393 -4.10 17.94 -26.06
CA GLU F 393 -3.78 19.30 -25.62
C GLU F 393 -2.77 19.29 -24.47
N SER F 394 -2.93 18.38 -23.51
CA SER F 394 -1.89 18.29 -22.47
C SER F 394 -0.56 17.87 -23.03
N GLN F 395 -0.55 17.17 -24.15
CA GLN F 395 0.73 16.78 -24.73
C GLN F 395 1.38 17.93 -25.46
N GLN F 396 0.60 18.80 -26.10
CA GLN F 396 1.19 19.98 -26.70
C GLN F 396 1.79 20.86 -25.62
N ARG F 397 1.14 20.96 -24.44
CA ARG F 397 1.71 21.75 -23.35
C ARG F 397 3.01 21.14 -22.82
N TYR F 398 3.03 19.84 -22.59
CA TYR F 398 4.28 19.16 -22.31
C TYR F 398 5.31 19.47 -23.38
N LEU F 399 4.87 19.49 -24.64
CA LEU F 399 5.80 19.81 -25.72
C LEU F 399 6.44 21.16 -25.48
N ASP F 400 5.61 22.20 -25.36
CA ASP F 400 6.10 23.56 -25.18
C ASP F 400 7.06 23.65 -24.01
N SER F 401 6.71 22.97 -22.93
CA SER F 401 7.58 22.91 -21.76
C SER F 401 8.88 22.23 -22.08
N LEU F 402 8.83 21.18 -22.90
CA LEU F 402 10.05 20.48 -23.27
C LEU F 402 10.97 21.35 -24.12
N GLN F 403 10.44 22.18 -25.02
CA GLN F 403 11.29 23.01 -25.87
C GLN F 403 12.08 24.03 -25.07
N ILE F 404 11.45 24.59 -24.03
CA ILE F 404 12.12 25.51 -23.09
C ILE F 404 13.18 24.77 -22.32
N THR F 405 12.83 23.59 -21.81
CA THR F 405 13.83 22.77 -21.15
C THR F 405 15.02 22.55 -22.06
N LEU F 406 14.79 22.13 -23.30
CA LEU F 406 15.92 21.84 -24.19
C LEU F 406 16.77 23.07 -24.41
N GLN F 407 16.14 24.22 -24.71
CA GLN F 407 16.94 25.43 -24.91
C GLN F 407 17.77 25.76 -23.67
N ARG F 408 17.20 25.62 -22.49
CA ARG F 408 17.97 26.01 -21.31
C ARG F 408 19.08 25.03 -21.03
N ALA F 409 18.88 23.75 -21.36
CA ALA F 409 19.93 22.77 -21.15
C ALA F 409 21.10 23.01 -22.09
N ARG F 410 20.84 23.35 -23.36
CA ARG F 410 21.91 23.76 -24.26
C ARG F 410 22.65 24.99 -23.75
N GLY F 411 21.90 25.99 -23.26
CA GLY F 411 22.52 27.19 -22.74
C GLY F 411 23.43 26.93 -21.57
N LEU F 412 22.99 26.12 -20.62
CA LEU F 412 23.78 25.88 -19.42
C LEU F 412 24.87 24.84 -19.67
N TYR F 413 24.66 23.94 -20.62
CA TYR F 413 25.76 23.05 -21.04
C TYR F 413 26.89 23.86 -21.67
N ALA F 414 26.56 24.78 -22.59
CA ALA F 414 27.55 25.60 -23.28
C ALA F 414 28.33 26.53 -22.36
N SER F 415 27.90 26.64 -21.12
CA SER F 415 28.58 27.44 -20.12
C SER F 415 29.19 26.60 -19.00
N GLY F 416 29.19 25.28 -19.14
CA GLY F 416 29.79 24.42 -18.13
C GLY F 416 28.93 24.15 -16.92
N ALA F 417 27.72 24.68 -16.88
CA ALA F 417 26.86 24.61 -15.70
C ALA F 417 26.21 23.26 -15.47
N VAL F 418 25.99 22.46 -16.54
CA VAL F 418 25.37 21.14 -16.44
C VAL F 418 26.08 20.23 -17.43
N SER F 419 25.88 18.94 -17.25
CA SER F 419 26.56 18.11 -18.21
C SER F 419 25.63 17.83 -19.38
N TYR F 420 26.19 17.32 -20.47
CA TYR F 420 25.40 17.18 -21.68
C TYR F 420 24.24 16.21 -21.52
N ILE F 421 24.21 15.40 -20.45
CA ILE F 421 23.12 14.44 -20.27
C ILE F 421 21.76 15.15 -20.16
N GLU F 422 21.75 16.41 -19.69
CA GLU F 422 20.51 17.18 -19.65
C GLU F 422 20.04 17.54 -21.06
N VAL F 423 20.99 17.83 -21.95
CA VAL F 423 20.64 18.08 -23.35
C VAL F 423 20.16 16.81 -24.01
N LEU F 424 20.86 15.71 -23.73
CA LEU F 424 20.48 14.41 -24.26
C LEU F 424 19.05 14.08 -23.89
N ASP F 425 18.72 14.23 -22.59
CA ASP F 425 17.41 13.83 -22.08
C ASP F 425 16.33 14.65 -22.76
N ALA F 426 16.55 15.97 -22.83
CA ALA F 426 15.54 16.87 -23.38
C ALA F 426 15.30 16.58 -24.86
N GLU F 427 16.35 16.29 -25.62
CA GLU F 427 16.20 15.91 -27.01
C GLU F 427 15.44 14.60 -27.14
N ARG F 428 15.83 13.59 -26.35
CA ARG F 428 15.08 12.35 -26.22
C ARG F 428 13.60 12.62 -25.94
N SER F 429 13.30 13.26 -24.79
CA SER F 429 11.91 13.56 -24.45
C SER F 429 11.20 14.25 -25.59
N LEU F 430 11.89 15.18 -26.27
CA LEU F 430 11.25 16.02 -27.26
C LEU F 430 10.84 15.21 -28.49
N PHE F 431 11.68 14.25 -28.85
CA PHE F 431 11.37 13.38 -29.97
C PHE F 431 10.17 12.46 -29.67
N ALA F 432 10.22 11.74 -28.54
CA ALA F 432 9.10 10.91 -28.14
C ALA F 432 7.80 11.68 -28.21
N THR F 433 7.83 12.91 -27.75
CA THR F 433 6.57 13.62 -27.62
C THR F 433 6.04 14.05 -28.98
N GLN F 434 6.91 14.55 -29.87
CA GLN F 434 6.48 14.86 -31.23
C GLN F 434 5.86 13.67 -31.94
N GLN F 435 6.47 12.49 -31.77
CA GLN F 435 5.88 11.26 -32.29
C GLN F 435 4.53 10.96 -31.64
N THR F 436 4.43 11.20 -30.32
CA THR F 436 3.17 10.91 -29.66
C THR F 436 2.09 11.88 -30.10
N ILE F 437 2.46 13.13 -30.33
CA ILE F 437 1.48 14.07 -30.82
C ILE F 437 0.98 13.67 -32.21
N LEU F 438 1.88 13.27 -33.12
CA LEU F 438 1.40 12.75 -34.40
C LEU F 438 0.43 11.57 -34.24
N ASP F 439 0.85 10.55 -33.48
CA ASP F 439 -0.01 9.40 -33.23
C ASP F 439 -1.37 9.80 -32.66
N LEU F 440 -1.40 10.86 -31.86
CA LEU F 440 -2.61 11.25 -31.16
C LEU F 440 -3.61 11.93 -32.08
N THR F 441 -3.15 12.82 -32.96
CA THR F 441 -4.07 13.42 -33.91
C THR F 441 -4.63 12.37 -34.86
N TYR F 442 -3.81 11.36 -35.17
CA TYR F 442 -4.25 10.22 -35.95
C TYR F 442 -5.40 9.47 -35.27
N SER F 443 -5.13 8.89 -34.10
CA SER F 443 -6.23 8.31 -33.33
C SER F 443 -7.43 9.27 -33.29
N ARG F 444 -7.17 10.57 -33.13
CA ARG F 444 -8.26 11.52 -32.96
C ARG F 444 -9.20 11.53 -34.17
N GLN F 445 -8.65 11.57 -35.37
CA GLN F 445 -9.50 11.67 -36.54
C GLN F 445 -9.98 10.31 -37.01
N VAL F 446 -9.19 9.27 -36.76
CA VAL F 446 -9.68 7.91 -36.91
C VAL F 446 -10.87 7.67 -36.00
N ASN F 447 -10.75 8.04 -34.72
CA ASN F 447 -11.88 7.93 -33.79
C ASN F 447 -13.12 8.64 -34.31
N GLU F 448 -12.93 9.75 -35.02
CA GLU F 448 -14.08 10.47 -35.54
C GLU F 448 -14.71 9.77 -36.75
N ILE F 449 -13.90 9.18 -37.62
CA ILE F 449 -14.44 8.31 -38.65
C ILE F 449 -15.24 7.17 -38.03
N ASN F 450 -14.78 6.62 -36.90
CA ASN F 450 -15.50 5.51 -36.28
C ASN F 450 -16.87 5.90 -35.72
N LEU F 451 -17.00 7.12 -35.21
CA LEU F 451 -18.31 7.58 -34.76
C LEU F 451 -19.26 7.80 -35.93
N PHE F 452 -18.73 8.32 -37.04
CA PHE F 452 -19.47 8.46 -38.28
C PHE F 452 -19.99 7.12 -38.77
N THR F 453 -19.10 6.14 -38.88
CA THR F 453 -19.45 4.82 -39.36
C THR F 453 -20.39 4.08 -38.40
N ALA F 454 -20.16 4.20 -37.09
CA ALA F 454 -21.05 3.46 -36.19
C ALA F 454 -22.48 3.97 -36.24
N LEU F 455 -22.70 5.20 -36.71
CA LEU F 455 -24.02 5.81 -36.70
C LEU F 455 -24.78 5.64 -38.01
N GLY F 456 -24.22 4.95 -39.01
CA GLY F 456 -24.87 4.87 -40.30
C GLY F 456 -23.94 5.18 -41.46
N GLY F 457 -22.89 5.95 -41.17
CA GLY F 457 -21.68 5.95 -41.96
C GLY F 457 -21.82 6.61 -43.31
N GLY F 458 -21.00 6.14 -44.24
CA GLY F 458 -21.00 6.67 -45.57
C GLY F 458 -21.83 5.81 -46.49
N TRP F 459 -23.13 5.72 -46.24
CA TRP F 459 -24.00 5.28 -47.32
C TRP F 459 -24.29 6.48 -48.22
N VAL F 460 -25.00 7.48 -47.69
CA VAL F 460 -25.38 8.63 -48.51
C VAL F 460 -24.14 9.50 -48.71
N GLU F 461 -24.02 10.09 -49.89
CA GLU F 461 -22.98 11.07 -50.08
C GLU F 461 -23.46 12.49 -50.33
N LYS F 462 -24.76 12.74 -50.55
CA LYS F 462 -25.24 14.13 -50.69
C LYS F 462 -26.56 14.41 -49.97
#